data_4QII
#
_entry.id   4QII
#
_cell.length_a   91.470
_cell.length_b   147.720
_cell.length_c   140.820
_cell.angle_alpha   90.00
_cell.angle_beta   103.45
_cell.angle_gamma   90.00
#
_symmetry.space_group_name_H-M   'P 1 21 1'
#
loop_
_entity.id
_entity.type
_entity.pdbx_description
1 polymer '1,4-Dihydroxy-2-naphthoyl-CoA synthase'
2 non-polymer 'Salicylyl CoA'
3 non-polymer 'TRIETHYLENE GLYCOL'
4 water water
#
_entity_poly.entity_id   1
_entity_poly.type   'polypeptide(L)'
_entity_poly.pdbx_seq_one_letter_code
;MGSSHHHHHHSSGLVPRGSHMVAPAGEQGRSSTALSDNPFDAKAWRLVDGFDDLTDITYHRHVDDATVRVAFNRPEVRNA
FRPHTVDELYRVLDHARMSPDVGVVLLTGNGPSPKDGGWAFCSGGDQRIRGRSGYQYASGDTADTVDVARAGRLHILEVQ
RLIRFMPKVVICLVNGWAAGGGHSLHVVCDLTLASREYARFKQTDADVGSFDGGYGSAYLARQVGQKFAREIFFLGRTYT
AEQMHQMGAVNAVAEHAELETVGLQWAAEINAKSPQAQRMLKFAFNLLDDGLVGQQLFAGEATRLAYMTDEAVEGRDAFL
QKRPPDWSPFPRYF
;
_entity_poly.pdbx_strand_id   A,B,C,D,E,F,G,H,I,J,K,L
#
# COMPACT_ATOMS: atom_id res chain seq x y z
N LEU A 35 -20.49 14.19 16.06
CA LEU A 35 -20.22 12.86 15.51
C LEU A 35 -20.90 11.78 16.34
N SER A 36 -21.76 10.97 15.70
CA SER A 36 -22.46 9.94 16.43
C SER A 36 -21.58 8.73 16.68
N ASP A 37 -21.66 8.18 17.89
CA ASP A 37 -20.98 6.93 18.21
C ASP A 37 -21.81 5.74 17.73
N ASN A 38 -22.99 6.02 17.18
CA ASN A 38 -23.94 4.98 16.82
C ASN A 38 -24.31 5.01 15.34
N PRO A 39 -24.13 3.87 14.65
CA PRO A 39 -24.45 3.71 13.23
C PRO A 39 -25.96 3.78 12.95
N PHE A 40 -26.77 3.59 13.99
CA PHE A 40 -28.22 3.51 13.83
C PHE A 40 -28.88 4.88 13.70
N ASP A 41 -29.62 5.08 12.62
CA ASP A 41 -30.38 6.31 12.38
C ASP A 41 -31.87 6.01 12.60
N ALA A 42 -32.38 6.36 13.77
CA ALA A 42 -33.75 5.96 14.15
C ALA A 42 -34.81 6.48 13.18
N LYS A 43 -34.53 7.62 12.56
CA LYS A 43 -35.47 8.21 11.62
C LYS A 43 -35.65 7.38 10.35
N ALA A 44 -34.72 6.48 10.08
CA ALA A 44 -34.71 5.79 8.79
C ALA A 44 -35.42 4.45 8.83
N TRP A 45 -35.81 4.02 10.03
CA TRP A 45 -36.26 2.65 10.24
C TRP A 45 -37.60 2.60 10.96
N ARG A 46 -38.46 1.68 10.54
CA ARG A 46 -39.70 1.44 11.27
C ARG A 46 -39.76 -0.03 11.75
N LEU A 47 -40.37 -0.25 12.90
CA LEU A 47 -40.55 -1.63 13.36
C LEU A 47 -41.43 -2.42 12.41
N VAL A 48 -41.10 -3.69 12.20
CA VAL A 48 -41.92 -4.57 11.38
C VAL A 48 -43.08 -5.09 12.22
N ASP A 49 -44.29 -5.03 11.66
CA ASP A 49 -45.49 -5.48 12.39
C ASP A 49 -45.44 -6.96 12.72
N GLY A 50 -45.91 -7.30 13.92
CA GLY A 50 -46.03 -8.70 14.29
C GLY A 50 -44.88 -9.21 15.12
N PHE A 51 -43.92 -8.33 15.43
CA PHE A 51 -42.72 -8.75 16.14
C PHE A 51 -42.49 -8.01 17.44
N ASP A 52 -43.55 -7.56 18.10
CA ASP A 52 -43.35 -6.79 19.33
C ASP A 52 -42.89 -7.66 20.50
N ASP A 53 -42.92 -8.98 20.33
CA ASP A 53 -42.47 -9.88 21.39
C ASP A 53 -40.96 -10.19 21.35
N LEU A 54 -40.24 -9.67 20.36
CA LEU A 54 -38.80 -9.94 20.27
C LEU A 54 -38.02 -9.41 21.46
N THR A 55 -37.11 -10.21 22.01
CA THR A 55 -36.28 -9.77 23.12
C THR A 55 -34.78 -9.70 22.81
N ASP A 56 -34.30 -10.62 21.99
CA ASP A 56 -32.84 -10.77 21.76
C ASP A 56 -32.38 -10.23 20.40
N ILE A 57 -33.35 -9.84 19.59
CA ILE A 57 -33.13 -9.43 18.20
C ILE A 57 -33.99 -8.19 17.94
N THR A 58 -33.53 -7.25 17.10
CA THR A 58 -34.42 -6.22 16.60
C THR A 58 -34.61 -6.37 15.10
N TYR A 59 -35.73 -5.87 14.61
CA TYR A 59 -36.13 -6.07 13.20
C TYR A 59 -36.83 -4.82 12.69
N HIS A 60 -36.20 -4.13 11.75
CA HIS A 60 -36.76 -2.93 11.16
C HIS A 60 -36.84 -3.02 9.65
N ARG A 61 -37.76 -2.28 9.07
CA ARG A 61 -37.87 -2.10 7.64
C ARG A 61 -37.55 -0.63 7.33
N HIS A 62 -36.76 -0.37 6.30
CA HIS A 62 -36.41 1.02 5.96
C HIS A 62 -37.66 1.80 5.56
N VAL A 63 -37.68 3.10 5.87
CA VAL A 63 -38.87 3.89 5.61
C VAL A 63 -39.16 4.09 4.12
N ASP A 64 -38.13 3.99 3.29
CA ASP A 64 -38.27 4.16 1.84
C ASP A 64 -37.82 2.95 1.02
N ASP A 65 -36.76 2.28 1.48
CA ASP A 65 -36.07 1.28 0.65
C ASP A 65 -36.56 -0.14 0.88
N ALA A 66 -36.26 -1.01 -0.08
CA ALA A 66 -36.56 -2.43 0.01
C ALA A 66 -35.49 -3.16 0.79
N THR A 67 -35.26 -2.71 2.02
CA THR A 67 -34.14 -3.15 2.82
C THR A 67 -34.61 -3.30 4.26
N VAL A 68 -34.21 -4.37 4.91
CA VAL A 68 -34.51 -4.54 6.33
C VAL A 68 -33.22 -4.56 7.15
N ARG A 69 -33.36 -4.27 8.44
CA ARG A 69 -32.28 -4.28 9.40
C ARG A 69 -32.55 -5.32 10.49
N VAL A 70 -31.70 -6.33 10.55
CA VAL A 70 -31.84 -7.43 11.50
C VAL A 70 -30.64 -7.37 12.42
N ALA A 71 -30.85 -7.25 13.74
CA ALA A 71 -29.70 -7.01 14.61
C ALA A 71 -29.76 -7.76 15.93
N PHE A 72 -28.59 -8.22 16.36
CA PHE A 72 -28.47 -8.77 17.72
C PHE A 72 -28.74 -7.69 18.74
N ASN A 73 -29.45 -8.06 19.79
CA ASN A 73 -29.87 -7.10 20.80
C ASN A 73 -29.53 -7.57 22.20
N ARG A 74 -28.30 -8.09 22.37
CA ARG A 74 -27.80 -8.41 23.71
C ARG A 74 -26.43 -7.77 23.93
N PRO A 75 -26.35 -6.44 23.78
CA PRO A 75 -25.02 -5.82 23.79
C PRO A 75 -24.33 -5.91 25.16
N GLU A 76 -25.10 -6.17 26.21
CA GLU A 76 -24.52 -6.31 27.54
C GLU A 76 -23.59 -7.53 27.62
N VAL A 77 -23.84 -8.55 26.80
CA VAL A 77 -22.89 -9.66 26.72
C VAL A 77 -22.24 -9.75 25.33
N ARG A 78 -21.93 -8.60 24.75
CA ARG A 78 -21.24 -8.52 23.47
C ARG A 78 -22.02 -9.26 22.38
N ASN A 79 -23.33 -9.24 22.52
CA ASN A 79 -24.23 -9.81 21.52
C ASN A 79 -23.97 -11.30 21.26
N ALA A 80 -23.64 -12.02 22.34
CA ALA A 80 -23.58 -13.47 22.29
C ALA A 80 -24.98 -14.03 22.09
N PHE A 81 -25.12 -15.07 21.27
CA PHE A 81 -26.46 -15.66 21.09
C PHE A 81 -26.69 -16.89 21.96
N ARG A 82 -27.90 -17.00 22.47
CA ARG A 82 -28.36 -18.20 23.16
C ARG A 82 -29.43 -18.85 22.27
N PRO A 83 -29.90 -20.07 22.62
CA PRO A 83 -30.84 -20.71 21.69
C PRO A 83 -32.08 -19.86 21.37
N HIS A 84 -32.61 -19.13 22.33
CA HIS A 84 -33.75 -18.26 22.07
C HIS A 84 -33.39 -17.17 21.05
N THR A 85 -32.17 -16.65 21.14
CA THR A 85 -31.69 -15.66 20.16
C THR A 85 -31.74 -16.27 18.77
N VAL A 86 -31.28 -17.51 18.65
CA VAL A 86 -31.20 -18.18 17.38
C VAL A 86 -32.60 -18.37 16.80
N ASP A 87 -33.55 -18.76 17.66
CA ASP A 87 -34.94 -18.92 17.24
C ASP A 87 -35.53 -17.62 16.71
N GLU A 88 -35.29 -16.52 17.43
CA GLU A 88 -35.78 -15.22 17.00
C GLU A 88 -35.12 -14.79 15.68
N LEU A 89 -33.82 -15.01 15.59
CA LEU A 89 -33.08 -14.65 14.39
C LEU A 89 -33.61 -15.42 13.17
N TYR A 90 -33.87 -16.72 13.36
CA TYR A 90 -34.38 -17.54 12.27
C TYR A 90 -35.75 -17.03 11.84
N ARG A 91 -36.62 -16.80 12.82
CA ARG A 91 -37.97 -16.31 12.57
C ARG A 91 -37.96 -15.00 11.77
N VAL A 92 -37.07 -14.10 12.15
CA VAL A 92 -37.00 -12.78 11.52
C VAL A 92 -36.44 -12.87 10.10
N LEU A 93 -35.39 -13.66 9.93
CA LEU A 93 -34.79 -13.85 8.60
C LEU A 93 -35.75 -14.59 7.66
N ASP A 94 -36.51 -15.53 8.21
CA ASP A 94 -37.46 -16.28 7.41
C ASP A 94 -38.58 -15.34 6.93
N HIS A 95 -39.02 -14.44 7.82
CA HIS A 95 -40.01 -13.44 7.45
C HIS A 95 -39.49 -12.50 6.35
N ALA A 96 -38.23 -12.06 6.48
CA ALA A 96 -37.63 -11.24 5.44
C ALA A 96 -37.54 -12.01 4.12
N ARG A 97 -37.18 -13.29 4.18
CA ARG A 97 -37.11 -14.13 3.00
C ARG A 97 -38.46 -14.15 2.26
N MET A 98 -39.53 -14.23 3.05
CA MET A 98 -40.87 -14.37 2.47
C MET A 98 -41.55 -13.02 2.21
N SER A 99 -40.79 -11.92 2.33
CA SER A 99 -41.33 -10.58 2.08
C SER A 99 -40.97 -10.11 0.66
N PRO A 100 -41.95 -10.14 -0.26
CA PRO A 100 -41.69 -9.81 -1.66
C PRO A 100 -41.20 -8.38 -1.87
N ASP A 101 -41.50 -7.49 -0.95
CA ASP A 101 -41.11 -6.09 -1.09
C ASP A 101 -39.75 -5.78 -0.45
N VAL A 102 -39.04 -6.84 -0.07
CA VAL A 102 -37.71 -6.68 0.52
C VAL A 102 -36.68 -7.38 -0.36
N GLY A 103 -35.62 -6.64 -0.75
CA GLY A 103 -34.58 -7.23 -1.57
C GLY A 103 -33.28 -7.51 -0.85
N VAL A 104 -33.00 -6.75 0.21
CA VAL A 104 -31.70 -6.88 0.91
C VAL A 104 -31.86 -6.92 2.42
N VAL A 105 -31.07 -7.78 3.06
CA VAL A 105 -31.04 -7.84 4.51
C VAL A 105 -29.73 -7.26 5.01
N LEU A 106 -29.79 -6.29 5.92
CA LEU A 106 -28.59 -5.82 6.61
C LEU A 106 -28.56 -6.51 7.97
N LEU A 107 -27.53 -7.33 8.19
CA LEU A 107 -27.39 -8.07 9.46
C LEU A 107 -26.32 -7.41 10.32
N THR A 108 -26.66 -7.00 11.54
CA THR A 108 -25.69 -6.27 12.35
C THR A 108 -25.92 -6.52 13.85
N GLY A 109 -25.25 -5.74 14.70
CA GLY A 109 -25.45 -5.85 16.14
C GLY A 109 -25.79 -4.48 16.70
N ASN A 110 -26.65 -4.43 17.71
CA ASN A 110 -26.96 -3.18 18.38
C ASN A 110 -25.95 -2.91 19.47
N GLY A 111 -25.80 -1.64 19.81
CA GLY A 111 -24.93 -1.28 20.92
C GLY A 111 -24.97 0.21 21.18
N PRO A 112 -23.99 0.70 21.96
CA PRO A 112 -22.97 -0.14 22.58
C PRO A 112 -23.48 -0.82 23.84
N SER A 113 -22.62 -1.58 24.50
CA SER A 113 -22.96 -2.12 25.80
C SER A 113 -23.27 -0.97 26.74
N PRO A 114 -24.39 -1.06 27.47
CA PRO A 114 -24.62 -0.04 28.50
C PRO A 114 -23.70 -0.24 29.70
N LYS A 115 -23.04 -1.39 29.79
CA LYS A 115 -22.15 -1.66 30.90
C LYS A 115 -20.80 -0.96 30.77
N ASP A 116 -20.25 -0.94 29.55
CA ASP A 116 -18.90 -0.38 29.39
C ASP A 116 -18.69 0.36 28.08
N GLY A 117 -19.76 0.54 27.31
CA GLY A 117 -19.66 1.26 26.05
C GLY A 117 -18.97 0.49 24.95
N GLY A 118 -18.72 -0.80 25.18
CA GLY A 118 -18.06 -1.64 24.19
C GLY A 118 -18.99 -2.00 23.05
N TRP A 119 -18.42 -2.17 21.86
CA TRP A 119 -19.16 -2.45 20.64
C TRP A 119 -18.96 -3.87 20.14
N ALA A 120 -20.06 -4.52 19.77
CA ALA A 120 -20.01 -5.89 19.26
C ALA A 120 -21.01 -6.10 18.14
N PHE A 121 -20.57 -6.77 17.09
CA PHE A 121 -21.52 -7.36 16.15
C PHE A 121 -22.12 -8.60 16.82
N CYS A 122 -21.25 -9.55 17.14
CA CYS A 122 -21.70 -10.83 17.67
C CYS A 122 -20.49 -11.60 18.19
N SER A 123 -20.53 -12.01 19.46
CA SER A 123 -19.43 -12.76 20.05
C SER A 123 -19.67 -14.28 20.08
N GLY A 124 -20.66 -14.75 19.32
CA GLY A 124 -20.85 -16.18 19.21
C GLY A 124 -21.79 -16.73 20.27
N GLY A 125 -21.69 -18.03 20.50
CA GLY A 125 -22.58 -18.70 21.43
C GLY A 125 -22.28 -18.25 22.84
N ASP A 126 -23.37 -18.07 23.61
CA ASP A 126 -23.31 -17.66 25.00
C ASP A 126 -22.74 -18.79 25.86
N GLN A 127 -21.48 -18.66 26.25
CA GLN A 127 -20.79 -19.74 26.95
C GLN A 127 -21.44 -20.07 28.29
N ARG A 128 -22.20 -19.13 28.86
CA ARG A 128 -22.83 -19.37 30.15
C ARG A 128 -23.84 -20.51 30.12
N ILE A 129 -24.46 -20.75 28.97
CA ILE A 129 -25.46 -21.80 28.88
C ILE A 129 -25.02 -22.93 27.94
N ARG A 130 -23.72 -22.96 27.65
CA ARG A 130 -23.13 -24.07 26.90
C ARG A 130 -22.97 -25.28 27.83
N GLY A 131 -23.54 -26.41 27.43
CA GLY A 131 -23.43 -27.63 28.21
C GLY A 131 -22.74 -28.70 27.39
N ARG A 132 -22.70 -29.92 27.90
CA ARG A 132 -22.02 -30.99 27.19
C ARG A 132 -22.76 -31.38 25.92
N SER A 133 -24.06 -31.07 25.84
CA SER A 133 -24.82 -31.43 24.64
C SER A 133 -25.01 -30.25 23.67
N GLY A 134 -24.43 -29.10 24.00
CA GLY A 134 -24.57 -27.91 23.16
C GLY A 134 -25.16 -26.76 23.95
N TYR A 135 -25.67 -25.74 23.24
CA TYR A 135 -26.23 -24.58 23.93
C TYR A 135 -27.64 -24.87 24.38
N GLN A 136 -27.93 -24.56 25.63
CA GLN A 136 -29.19 -24.98 26.24
C GLN A 136 -30.10 -23.82 26.57
N TYR A 137 -31.39 -24.07 26.33
CA TYR A 137 -32.46 -23.19 26.77
C TYR A 137 -32.45 -23.05 28.28
N ALA A 138 -32.63 -21.82 28.75
CA ALA A 138 -32.58 -21.49 30.15
C ALA A 138 -33.66 -20.45 30.42
N SER A 139 -34.21 -20.47 31.63
CA SER A 139 -35.20 -19.47 32.00
C SER A 139 -34.52 -18.11 32.27
N GLY A 140 -33.25 -18.15 32.65
CA GLY A 140 -32.51 -16.95 32.99
C GLY A 140 -31.26 -16.79 32.14
N ASP A 141 -30.26 -16.11 32.68
CA ASP A 141 -29.02 -15.79 31.95
C ASP A 141 -27.89 -16.78 32.19
N THR A 142 -28.01 -17.57 33.25
CA THR A 142 -26.87 -18.33 33.73
C THR A 142 -27.14 -19.84 33.69
N ALA A 143 -26.08 -20.61 33.87
CA ALA A 143 -26.13 -22.06 33.79
C ALA A 143 -27.10 -22.69 34.80
N ASP A 144 -27.31 -22.03 35.94
CA ASP A 144 -28.18 -22.60 36.96
C ASP A 144 -29.65 -22.58 36.55
N THR A 145 -29.98 -21.79 35.53
CA THR A 145 -31.37 -21.69 35.09
C THR A 145 -31.66 -22.59 33.88
N VAL A 146 -30.67 -23.38 33.48
CA VAL A 146 -30.81 -24.29 32.35
C VAL A 146 -31.86 -25.38 32.58
N ASP A 147 -32.72 -25.60 31.59
CA ASP A 147 -33.67 -26.72 31.62
C ASP A 147 -32.95 -28.04 31.35
N VAL A 148 -32.60 -28.75 32.41
CA VAL A 148 -31.78 -29.96 32.29
C VAL A 148 -32.47 -31.11 31.53
N ALA A 149 -33.79 -31.06 31.44
CA ALA A 149 -34.54 -32.11 30.75
C ALA A 149 -34.47 -31.95 29.25
N ARG A 150 -33.98 -30.80 28.81
CA ARG A 150 -34.01 -30.44 27.40
C ARG A 150 -32.60 -30.38 26.81
N ALA A 151 -32.35 -31.19 25.78
CA ALA A 151 -31.00 -31.31 25.21
C ALA A 151 -30.55 -30.03 24.53
N GLY A 152 -29.23 -29.82 24.52
CA GLY A 152 -28.66 -28.66 23.87
C GLY A 152 -28.73 -28.72 22.36
N ARG A 153 -28.50 -27.59 21.72
CA ARG A 153 -28.56 -27.50 20.27
C ARG A 153 -27.42 -26.64 19.76
N LEU A 154 -27.09 -26.83 18.49
CA LEU A 154 -26.09 -26.00 17.82
C LEU A 154 -26.74 -25.33 16.62
N HIS A 155 -27.97 -24.88 16.77
CA HIS A 155 -28.75 -24.61 15.55
C HIS A 155 -28.55 -23.21 14.97
N ILE A 156 -27.52 -22.50 15.39
CA ILE A 156 -27.08 -21.36 14.57
C ILE A 156 -26.74 -21.89 13.16
N LEU A 157 -26.41 -23.18 13.04
CA LEU A 157 -26.18 -23.77 11.73
C LEU A 157 -27.43 -23.66 10.83
N GLU A 158 -28.62 -23.70 11.43
CA GLU A 158 -29.85 -23.57 10.66
C GLU A 158 -29.97 -22.14 10.12
N VAL A 159 -29.55 -21.18 10.92
CA VAL A 159 -29.53 -19.79 10.48
C VAL A 159 -28.50 -19.59 9.37
N GLN A 160 -27.34 -20.23 9.50
CA GLN A 160 -26.32 -20.16 8.44
C GLN A 160 -26.90 -20.64 7.12
N ARG A 161 -27.65 -21.75 7.16
CA ARG A 161 -28.26 -22.29 5.94
C ARG A 161 -29.35 -21.37 5.40
N LEU A 162 -30.15 -20.79 6.29
CA LEU A 162 -31.18 -19.84 5.89
C LEU A 162 -30.60 -18.64 5.14
N ILE A 163 -29.50 -18.10 5.65
CA ILE A 163 -28.79 -17.02 4.98
C ILE A 163 -28.21 -17.46 3.62
N ARG A 164 -27.60 -18.62 3.61
CA ARG A 164 -27.00 -19.19 2.40
C ARG A 164 -28.05 -19.41 1.31
N PHE A 165 -29.22 -19.93 1.68
CA PHE A 165 -30.19 -20.39 0.70
C PHE A 165 -31.23 -19.33 0.34
N MET A 166 -31.26 -18.22 1.06
CA MET A 166 -32.34 -17.28 0.75
C MET A 166 -31.99 -16.49 -0.53
N PRO A 167 -33.01 -16.29 -1.39
CA PRO A 167 -32.79 -15.71 -2.73
C PRO A 167 -32.65 -14.20 -2.67
N LYS A 168 -31.95 -13.70 -1.66
CA LYS A 168 -31.76 -12.27 -1.44
C LYS A 168 -30.37 -12.08 -0.90
N VAL A 169 -29.78 -10.92 -1.17
CA VAL A 169 -28.44 -10.63 -0.70
C VAL A 169 -28.49 -10.25 0.79
N VAL A 170 -27.62 -10.89 1.57
CA VAL A 170 -27.50 -10.56 2.99
C VAL A 170 -26.13 -9.91 3.22
N ILE A 171 -26.17 -8.66 3.66
CA ILE A 171 -24.95 -7.91 3.94
C ILE A 171 -24.70 -7.84 5.43
N CYS A 172 -23.54 -8.34 5.86
CA CYS A 172 -23.16 -8.29 7.28
C CYS A 172 -22.51 -6.92 7.55
N LEU A 173 -23.02 -6.19 8.53
CA LEU A 173 -22.39 -4.92 8.91
C LEU A 173 -21.68 -5.12 10.25
N VAL A 174 -20.37 -5.26 10.21
CA VAL A 174 -19.63 -5.60 11.40
C VAL A 174 -19.27 -4.31 12.13
N ASN A 175 -20.02 -4.05 13.18
CA ASN A 175 -19.95 -2.77 13.90
C ASN A 175 -19.12 -2.85 15.17
N GLY A 176 -18.43 -3.97 15.39
CA GLY A 176 -17.71 -4.16 16.63
C GLY A 176 -17.08 -5.54 16.59
N TRP A 177 -16.86 -6.14 17.75
CA TRP A 177 -16.35 -7.52 17.82
C TRP A 177 -17.16 -8.50 16.99
N ALA A 178 -16.45 -9.28 16.18
CA ALA A 178 -17.05 -10.43 15.52
C ALA A 178 -16.18 -11.61 15.93
N ALA A 179 -16.66 -12.37 16.91
CA ALA A 179 -15.84 -13.43 17.50
C ALA A 179 -16.57 -14.76 17.48
N GLY A 180 -15.81 -15.84 17.41
CA GLY A 180 -16.36 -17.19 17.42
C GLY A 180 -17.46 -17.40 16.41
N GLY A 181 -18.62 -17.85 16.88
CA GLY A 181 -19.78 -18.05 16.02
C GLY A 181 -20.23 -16.78 15.34
N GLY A 182 -19.95 -15.63 15.96
CA GLY A 182 -20.29 -14.34 15.35
C GLY A 182 -19.40 -14.07 14.14
N HIS A 183 -18.14 -14.45 14.26
CA HIS A 183 -17.24 -14.39 13.11
C HIS A 183 -17.75 -15.30 11.99
N SER A 184 -18.19 -16.49 12.34
CA SER A 184 -18.68 -17.40 11.29
C SER A 184 -19.94 -16.90 10.60
N LEU A 185 -20.80 -16.19 11.33
CA LEU A 185 -21.98 -15.59 10.67
C LEU A 185 -21.61 -14.56 9.61
N HIS A 186 -20.60 -13.77 9.93
CA HIS A 186 -20.02 -12.75 9.04
C HIS A 186 -19.60 -13.49 7.76
N VAL A 187 -18.87 -14.59 7.94
CA VAL A 187 -18.30 -15.33 6.82
C VAL A 187 -19.36 -15.85 5.86
N VAL A 188 -20.47 -16.35 6.38
CA VAL A 188 -21.47 -16.95 5.51
C VAL A 188 -22.35 -15.90 4.79
N CYS A 189 -22.39 -14.66 5.28
CA CYS A 189 -23.09 -13.59 4.55
C CYS A 189 -22.51 -13.37 3.16
N ASP A 190 -23.34 -12.85 2.25
CA ASP A 190 -22.90 -12.62 0.88
C ASP A 190 -21.83 -11.54 0.79
N LEU A 191 -22.01 -10.48 1.57
CA LEU A 191 -21.09 -9.35 1.60
C LEU A 191 -20.87 -8.90 3.04
N THR A 192 -19.73 -8.26 3.29
CA THR A 192 -19.44 -7.75 4.63
C THR A 192 -18.89 -6.33 4.54
N LEU A 193 -19.50 -5.40 5.27
CA LEU A 193 -18.93 -4.06 5.43
C LEU A 193 -18.50 -3.93 6.89
N ALA A 194 -17.40 -3.23 7.16
CA ALA A 194 -16.92 -3.22 8.53
C ALA A 194 -16.55 -1.82 9.01
N SER A 195 -16.83 -1.56 10.30
CA SER A 195 -16.50 -0.32 10.99
C SER A 195 -14.99 -0.13 11.16
N ARG A 196 -14.44 0.94 10.59
CA ARG A 196 -13.00 1.20 10.71
C ARG A 196 -12.55 1.20 12.16
N GLU A 197 -13.24 1.96 12.99
CA GLU A 197 -12.80 2.16 14.36
C GLU A 197 -13.04 0.95 15.25
N TYR A 198 -14.19 0.31 15.09
CA TYR A 198 -14.62 -0.64 16.10
C TYR A 198 -14.66 -2.11 15.68
N ALA A 199 -14.65 -2.40 14.38
CA ALA A 199 -14.68 -3.81 13.98
C ALA A 199 -13.41 -4.50 14.47
N ARG A 200 -13.59 -5.71 14.99
CA ARG A 200 -12.48 -6.54 15.43
C ARG A 200 -12.87 -7.97 15.14
N PHE A 201 -12.05 -8.65 14.35
CA PHE A 201 -12.34 -10.02 13.93
C PHE A 201 -11.43 -10.96 14.69
N LYS A 202 -12.02 -11.93 15.39
CA LYS A 202 -11.21 -12.84 16.18
C LYS A 202 -11.88 -14.19 16.27
N GLN A 203 -11.22 -15.20 15.73
CA GLN A 203 -11.79 -16.54 15.75
C GLN A 203 -11.27 -17.28 16.97
N THR A 204 -12.08 -17.22 18.02
CA THR A 204 -11.74 -17.73 19.35
C THR A 204 -12.19 -19.17 19.57
N ASP A 205 -12.77 -19.82 18.57
CA ASP A 205 -13.29 -21.19 18.73
C ASP A 205 -12.34 -22.10 19.51
N ALA A 206 -11.13 -22.28 19.00
CA ALA A 206 -10.21 -23.25 19.57
C ALA A 206 -9.76 -22.88 20.98
N ASP A 207 -9.82 -21.59 21.31
CA ASP A 207 -9.55 -21.15 22.69
C ASP A 207 -10.50 -21.76 23.71
N VAL A 208 -11.76 -21.96 23.33
CA VAL A 208 -12.74 -22.51 24.27
C VAL A 208 -13.11 -23.95 23.91
N GLY A 209 -12.29 -24.59 23.10
CA GLY A 209 -12.48 -25.98 22.76
C GLY A 209 -13.58 -26.26 21.76
N SER A 210 -14.01 -25.22 21.06
CA SER A 210 -15.04 -25.36 20.05
C SER A 210 -14.44 -25.34 18.64
N PHE A 211 -15.25 -25.60 17.63
CA PHE A 211 -14.86 -25.38 16.24
C PHE A 211 -16.08 -25.34 15.34
N ASP A 212 -16.04 -24.45 14.36
CA ASP A 212 -16.99 -24.46 13.26
C ASP A 212 -16.24 -25.10 12.10
N GLY A 213 -16.59 -26.35 11.82
CA GLY A 213 -15.90 -27.12 10.82
C GLY A 213 -16.65 -27.09 9.50
N GLY A 214 -17.58 -26.14 9.37
CA GLY A 214 -18.37 -25.98 8.15
C GLY A 214 -18.13 -24.64 7.47
N TYR A 215 -19.16 -23.79 7.40
CA TYR A 215 -19.00 -22.52 6.69
C TYR A 215 -18.00 -21.59 7.39
N GLY A 216 -17.88 -21.70 8.71
CA GLY A 216 -17.00 -20.77 9.42
C GLY A 216 -15.53 -20.88 9.05
N SER A 217 -15.09 -22.10 8.72
CA SER A 217 -13.69 -22.36 8.46
C SER A 217 -13.46 -22.64 6.98
N ALA A 218 -14.05 -23.72 6.48
CA ALA A 218 -13.88 -24.09 5.07
C ALA A 218 -14.32 -22.98 4.11
N TYR A 219 -15.44 -22.32 4.39
CA TYR A 219 -15.90 -21.28 3.49
C TYR A 219 -15.07 -19.99 3.65
N LEU A 220 -14.51 -19.76 4.84
CA LEU A 220 -13.56 -18.66 5.00
C LEU A 220 -12.37 -18.84 4.04
N ALA A 221 -11.91 -20.07 3.90
CA ALA A 221 -10.84 -20.34 2.94
C ALA A 221 -11.21 -19.96 1.51
N ARG A 222 -12.52 -19.94 1.20
CA ARG A 222 -12.94 -19.59 -0.15
C ARG A 222 -12.99 -18.07 -0.33
N GLN A 223 -12.66 -17.36 0.73
CA GLN A 223 -12.60 -15.90 0.67
C GLN A 223 -11.17 -15.39 0.77
N VAL A 224 -10.39 -15.96 1.69
CA VAL A 224 -9.06 -15.43 1.96
C VAL A 224 -7.95 -16.39 1.57
N GLY A 225 -8.33 -17.58 1.09
CA GLY A 225 -7.35 -18.59 0.75
C GLY A 225 -7.00 -19.48 1.94
N GLN A 226 -6.44 -20.65 1.64
CA GLN A 226 -6.20 -21.64 2.70
C GLN A 226 -5.18 -21.20 3.74
N LYS A 227 -4.13 -20.47 3.34
CA LYS A 227 -3.11 -20.09 4.31
C LYS A 227 -3.66 -19.11 5.34
N PHE A 228 -4.31 -18.05 4.87
CA PHE A 228 -4.86 -17.06 5.78
C PHE A 228 -5.99 -17.63 6.63
N ALA A 229 -6.84 -18.46 6.03
CA ALA A 229 -7.94 -19.05 6.82
C ALA A 229 -7.41 -19.90 7.97
N ARG A 230 -6.37 -20.68 7.69
CA ARG A 230 -5.76 -21.52 8.72
C ARG A 230 -5.13 -20.65 9.80
N GLU A 231 -4.48 -19.57 9.38
CA GLU A 231 -3.88 -18.66 10.36
C GLU A 231 -4.94 -18.09 11.32
N ILE A 232 -6.05 -17.64 10.74
CA ILE A 232 -7.13 -17.03 11.50
C ILE A 232 -7.66 -17.98 12.59
N PHE A 233 -7.88 -19.25 12.24
CA PHE A 233 -8.36 -20.22 13.21
C PHE A 233 -7.28 -20.78 14.14
N PHE A 234 -6.11 -21.12 13.60
CA PHE A 234 -5.09 -21.79 14.40
C PHE A 234 -4.46 -20.86 15.45
N LEU A 235 -4.34 -19.57 15.12
CA LEU A 235 -3.77 -18.63 16.09
C LEU A 235 -4.80 -17.77 16.83
N GLY A 236 -5.95 -17.56 16.22
CA GLY A 236 -7.01 -16.81 16.87
C GLY A 236 -6.62 -15.38 17.22
N ARG A 237 -5.81 -14.75 16.38
CA ARG A 237 -5.46 -13.36 16.59
C ARG A 237 -6.63 -12.43 16.26
N THR A 238 -6.55 -11.20 16.76
CA THR A 238 -7.52 -10.17 16.44
C THR A 238 -7.07 -9.38 15.21
N TYR A 239 -7.97 -9.19 14.26
CA TYR A 239 -7.69 -8.47 13.02
C TYR A 239 -8.59 -7.25 12.90
N THR A 240 -8.06 -6.21 12.27
CA THR A 240 -8.84 -5.00 12.01
C THR A 240 -9.68 -5.13 10.75
N ALA A 241 -10.58 -4.18 10.53
CA ALA A 241 -11.35 -4.15 9.30
C ALA A 241 -10.44 -4.07 8.07
N GLU A 242 -9.41 -3.23 8.13
CA GLU A 242 -8.51 -3.09 6.98
C GLU A 242 -7.74 -4.39 6.71
N GLN A 243 -7.33 -5.07 7.77
CA GLN A 243 -6.58 -6.31 7.60
C GLN A 243 -7.46 -7.35 6.93
N MET A 244 -8.71 -7.47 7.38
CA MET A 244 -9.63 -8.43 6.77
C MET A 244 -10.01 -8.05 5.35
N HIS A 245 -10.06 -6.76 5.06
CA HIS A 245 -10.33 -6.29 3.71
C HIS A 245 -9.18 -6.67 2.77
N GLN A 246 -7.94 -6.50 3.25
CA GLN A 246 -6.78 -6.87 2.47
C GLN A 246 -6.70 -8.37 2.22
N MET A 247 -7.21 -9.16 3.15
CA MET A 247 -7.16 -10.62 3.00
C MET A 247 -8.29 -11.16 2.12
N GLY A 248 -9.39 -10.40 2.04
CA GLY A 248 -10.48 -10.72 1.13
C GLY A 248 -11.78 -11.15 1.79
N ALA A 249 -11.90 -10.96 3.10
CA ALA A 249 -13.12 -11.38 3.80
C ALA A 249 -14.05 -10.22 4.08
N VAL A 250 -13.55 -9.00 3.92
CA VAL A 250 -14.36 -7.80 4.12
C VAL A 250 -14.39 -7.01 2.83
N ASN A 251 -15.58 -6.68 2.35
CA ASN A 251 -15.70 -6.01 1.06
C ASN A 251 -15.28 -4.56 1.11
N ALA A 252 -15.61 -3.88 2.20
CA ALA A 252 -15.22 -2.48 2.33
C ALA A 252 -15.24 -2.03 3.77
N VAL A 253 -14.43 -1.03 4.05
CA VAL A 253 -14.35 -0.44 5.38
C VAL A 253 -15.10 0.89 5.34
N ALA A 254 -15.89 1.16 6.37
CA ALA A 254 -16.64 2.41 6.47
C ALA A 254 -16.39 3.07 7.81
N GLU A 255 -16.55 4.39 7.88
CA GLU A 255 -16.58 5.04 9.19
C GLU A 255 -17.71 4.45 10.01
N HIS A 256 -17.46 4.26 11.31
CA HIS A 256 -18.47 3.68 12.19
C HIS A 256 -19.83 4.39 12.10
N ALA A 257 -19.83 5.73 12.19
CA ALA A 257 -21.08 6.48 12.13
C ALA A 257 -21.83 6.30 10.81
N GLU A 258 -21.11 5.96 9.74
CA GLU A 258 -21.66 5.83 8.40
C GLU A 258 -21.90 4.37 7.98
N LEU A 259 -21.66 3.43 8.89
CA LEU A 259 -21.66 2.02 8.49
C LEU A 259 -23.00 1.58 7.91
N GLU A 260 -24.09 2.02 8.54
CA GLU A 260 -25.41 1.63 8.05
C GLU A 260 -25.82 2.50 6.85
N THR A 261 -25.33 3.73 6.78
CA THR A 261 -25.58 4.55 5.59
C THR A 261 -24.95 3.91 4.36
N VAL A 262 -23.73 3.41 4.52
CA VAL A 262 -23.05 2.75 3.41
C VAL A 262 -23.77 1.43 3.10
N GLY A 263 -24.19 0.71 4.13
CA GLY A 263 -24.98 -0.49 3.92
C GLY A 263 -26.21 -0.24 3.06
N LEU A 264 -26.92 0.84 3.37
CA LEU A 264 -28.12 1.21 2.61
C LEU A 264 -27.78 1.59 1.18
N GLN A 265 -26.63 2.24 0.98
CA GLN A 265 -26.21 2.58 -0.38
C GLN A 265 -25.89 1.31 -1.17
N TRP A 266 -25.16 0.37 -0.55
CA TRP A 266 -24.88 -0.90 -1.23
C TRP A 266 -26.20 -1.62 -1.54
N ALA A 267 -27.12 -1.64 -0.58
CA ALA A 267 -28.43 -2.27 -0.82
C ALA A 267 -29.17 -1.63 -1.97
N ALA A 268 -29.10 -0.30 -2.07
CA ALA A 268 -29.81 0.40 -3.15
C ALA A 268 -29.22 0.01 -4.51
N GLU A 269 -27.90 -0.14 -4.57
CA GLU A 269 -27.29 -0.55 -5.83
C GLU A 269 -27.74 -1.96 -6.21
N ILE A 270 -27.80 -2.84 -5.22
CA ILE A 270 -28.27 -4.19 -5.46
C ILE A 270 -29.74 -4.22 -5.90
N ASN A 271 -30.56 -3.43 -5.22
CA ASN A 271 -31.99 -3.38 -5.50
C ASN A 271 -32.36 -2.70 -6.82
N ALA A 272 -31.38 -2.04 -7.47
CA ALA A 272 -31.65 -1.34 -8.73
C ALA A 272 -31.46 -2.25 -9.94
N LYS A 273 -31.06 -3.50 -9.68
CA LYS A 273 -30.85 -4.44 -10.77
C LYS A 273 -32.00 -5.42 -10.90
N SER A 274 -31.99 -6.19 -11.98
CA SER A 274 -33.00 -7.24 -12.20
C SER A 274 -33.05 -8.19 -11.01
N PRO A 275 -34.18 -8.25 -10.30
CA PRO A 275 -34.22 -9.17 -9.15
C PRO A 275 -34.07 -10.64 -9.56
N GLN A 276 -34.60 -10.98 -10.73
CA GLN A 276 -34.45 -12.33 -11.27
C GLN A 276 -32.98 -12.70 -11.49
N ALA A 277 -32.23 -11.77 -12.09
CA ALA A 277 -30.83 -12.01 -12.35
C ALA A 277 -30.03 -12.11 -11.05
N GLN A 278 -30.35 -11.25 -10.09
CA GLN A 278 -29.64 -11.27 -8.80
C GLN A 278 -29.84 -12.62 -8.09
N ARG A 279 -31.07 -13.10 -8.13
CA ARG A 279 -31.43 -14.40 -7.57
C ARG A 279 -30.62 -15.56 -8.19
N MET A 280 -30.58 -15.59 -9.52
CA MET A 280 -29.85 -16.63 -10.22
C MET A 280 -28.36 -16.53 -9.92
N LEU A 281 -27.85 -15.30 -9.86
CA LEU A 281 -26.43 -15.13 -9.57
C LEU A 281 -26.06 -15.67 -8.18
N LYS A 282 -26.87 -15.35 -7.18
CA LYS A 282 -26.55 -15.83 -5.85
C LYS A 282 -26.45 -17.36 -5.87
N PHE A 283 -27.41 -18.00 -6.51
CA PHE A 283 -27.37 -19.45 -6.52
C PHE A 283 -26.25 -20.03 -7.41
N ALA A 284 -25.85 -19.30 -8.45
CA ALA A 284 -24.69 -19.70 -9.24
C ALA A 284 -23.40 -19.66 -8.42
N PHE A 285 -23.25 -18.62 -7.59
CA PHE A 285 -22.08 -18.54 -6.72
C PHE A 285 -22.04 -19.66 -5.68
N ASN A 286 -23.21 -20.04 -5.17
CA ASN A 286 -23.29 -21.13 -4.17
C ASN A 286 -23.02 -22.52 -4.75
N LEU A 287 -23.39 -22.70 -6.03
CA LEU A 287 -23.71 -24.03 -6.60
C LEU A 287 -22.71 -25.13 -6.29
N LEU A 288 -21.54 -25.05 -6.92
CA LEU A 288 -20.59 -26.14 -6.85
C LEU A 288 -20.02 -26.35 -5.45
N ASP A 289 -19.75 -25.26 -4.73
CA ASP A 289 -19.26 -25.36 -3.35
C ASP A 289 -20.29 -26.16 -2.54
N ASP A 290 -21.58 -25.96 -2.85
CA ASP A 290 -22.66 -26.62 -2.11
C ASP A 290 -23.16 -27.95 -2.72
N GLY A 291 -22.41 -28.52 -3.68
CA GLY A 291 -22.76 -29.84 -4.18
C GLY A 291 -24.19 -29.99 -4.68
N LEU A 292 -24.82 -31.12 -4.34
CA LEU A 292 -26.19 -31.39 -4.74
C LEU A 292 -27.19 -30.39 -4.20
N VAL A 293 -26.92 -29.85 -3.02
CA VAL A 293 -27.81 -28.85 -2.44
C VAL A 293 -27.75 -27.58 -3.26
N GLY A 294 -26.53 -27.21 -3.66
CA GLY A 294 -26.34 -26.08 -4.53
C GLY A 294 -27.05 -26.29 -5.85
N GLN A 295 -26.91 -27.48 -6.42
CA GLN A 295 -27.59 -27.80 -7.68
C GLN A 295 -29.11 -27.73 -7.47
N GLN A 296 -29.61 -28.26 -6.35
CA GLN A 296 -31.04 -28.21 -6.09
C GLN A 296 -31.61 -26.78 -6.12
N LEU A 297 -30.88 -25.85 -5.51
CA LEU A 297 -31.37 -24.48 -5.41
C LEU A 297 -31.31 -23.77 -6.77
N PHE A 298 -30.19 -23.94 -7.48
CA PHE A 298 -30.07 -23.30 -8.78
C PHE A 298 -31.08 -23.92 -9.77
N ALA A 299 -31.16 -25.24 -9.79
CA ALA A 299 -32.06 -25.92 -10.73
C ALA A 299 -33.51 -25.58 -10.41
N GLY A 300 -33.80 -25.37 -9.14
CA GLY A 300 -35.12 -24.96 -8.70
C GLY A 300 -35.53 -23.66 -9.39
N GLU A 301 -34.60 -22.72 -9.44
CA GLU A 301 -34.87 -21.42 -10.05
C GLU A 301 -34.99 -21.58 -11.56
N ALA A 302 -34.18 -22.47 -12.14
CA ALA A 302 -34.33 -22.81 -13.55
C ALA A 302 -35.71 -23.40 -13.87
N THR A 303 -36.21 -24.27 -13.00
CA THR A 303 -37.56 -24.81 -13.16
C THR A 303 -38.60 -23.70 -13.16
N ARG A 304 -38.44 -22.73 -12.25
CA ARG A 304 -39.39 -21.63 -12.20
C ARG A 304 -39.40 -20.87 -13.52
N LEU A 305 -38.22 -20.65 -14.10
CA LEU A 305 -38.11 -19.94 -15.37
C LEU A 305 -38.80 -20.73 -16.48
N ALA A 306 -38.63 -22.04 -16.45
CA ALA A 306 -39.28 -22.90 -17.43
C ALA A 306 -40.82 -22.86 -17.27
N TYR A 307 -41.30 -22.80 -16.03
CA TYR A 307 -42.75 -22.78 -15.80
C TYR A 307 -43.42 -21.55 -16.43
N MET A 308 -42.66 -20.49 -16.64
CA MET A 308 -43.19 -19.27 -17.23
C MET A 308 -43.47 -19.39 -18.72
N THR A 309 -42.90 -20.41 -19.36
CA THR A 309 -42.94 -20.50 -20.82
C THR A 309 -44.25 -21.08 -21.34
N ASP A 310 -44.61 -20.71 -22.57
CA ASP A 310 -45.77 -21.30 -23.23
C ASP A 310 -45.63 -22.82 -23.31
N GLU A 311 -44.42 -23.30 -23.51
CA GLU A 311 -44.18 -24.73 -23.64
C GLU A 311 -44.58 -25.45 -22.35
N ALA A 312 -44.18 -24.91 -21.20
CA ALA A 312 -44.57 -25.51 -19.92
C ALA A 312 -46.09 -25.45 -19.73
N VAL A 313 -46.69 -24.35 -20.16
CA VAL A 313 -48.14 -24.20 -20.05
C VAL A 313 -48.85 -25.24 -20.93
N GLU A 314 -48.31 -25.53 -22.11
CA GLU A 314 -48.90 -26.56 -22.94
C GLU A 314 -48.82 -27.96 -22.28
N GLY A 315 -47.72 -28.23 -21.60
CA GLY A 315 -47.59 -29.49 -20.88
C GLY A 315 -48.70 -29.64 -19.83
N ARG A 316 -48.92 -28.59 -19.07
CA ARG A 316 -49.99 -28.56 -18.06
C ARG A 316 -51.36 -28.74 -18.70
N ASP A 317 -51.64 -27.94 -19.72
CA ASP A 317 -52.95 -27.94 -20.37
C ASP A 317 -53.30 -29.29 -20.97
N ALA A 318 -52.33 -29.92 -21.61
CA ALA A 318 -52.56 -31.23 -22.20
C ALA A 318 -52.92 -32.25 -21.14
N PHE A 319 -52.25 -32.20 -19.99
CA PHE A 319 -52.57 -33.12 -18.92
C PHE A 319 -54.00 -32.91 -18.42
N LEU A 320 -54.36 -31.66 -18.17
CA LEU A 320 -55.67 -31.34 -17.60
C LEU A 320 -56.79 -31.66 -18.58
N GLN A 321 -56.48 -31.51 -19.86
CA GLN A 321 -57.47 -31.72 -20.92
C GLN A 321 -57.47 -33.15 -21.45
N LYS A 322 -56.63 -33.99 -20.84
CA LYS A 322 -56.55 -35.42 -21.15
C LYS A 322 -56.32 -35.65 -22.65
N ARG A 323 -55.31 -34.97 -23.18
CA ARG A 323 -54.98 -35.03 -24.59
C ARG A 323 -53.46 -35.04 -24.73
N PRO A 324 -52.95 -35.51 -25.89
CA PRO A 324 -51.49 -35.47 -26.07
C PRO A 324 -51.01 -34.02 -26.20
N PRO A 325 -49.84 -33.71 -25.66
CA PRO A 325 -49.35 -32.34 -25.88
C PRO A 325 -48.88 -32.13 -27.32
N ASP A 326 -48.94 -30.90 -27.79
CA ASP A 326 -48.42 -30.55 -29.09
C ASP A 326 -47.20 -29.65 -28.93
N TRP A 327 -46.01 -30.20 -29.14
CA TRP A 327 -44.77 -29.47 -28.93
C TRP A 327 -44.27 -28.78 -30.19
N SER A 328 -45.00 -28.93 -31.28
CA SER A 328 -44.53 -28.38 -32.56
C SER A 328 -44.30 -26.86 -32.56
N PRO A 329 -45.03 -26.07 -31.74
CA PRO A 329 -44.69 -24.65 -31.80
C PRO A 329 -43.34 -24.27 -31.17
N PHE A 330 -42.70 -25.20 -30.47
CA PHE A 330 -41.55 -24.84 -29.65
C PHE A 330 -40.25 -25.41 -30.19
N PRO A 331 -39.40 -24.55 -30.75
CA PRO A 331 -38.15 -24.98 -31.38
C PRO A 331 -37.15 -25.58 -30.41
N ARG A 332 -36.37 -26.52 -30.91
CA ARG A 332 -35.19 -26.96 -30.21
C ARG A 332 -34.16 -25.83 -30.33
N TYR A 333 -33.43 -25.61 -29.26
CA TYR A 333 -32.37 -24.59 -29.23
C TYR A 333 -31.04 -25.27 -29.01
N PHE A 334 -29.96 -24.66 -29.47
CA PHE A 334 -28.63 -25.23 -29.26
C PHE A 334 -27.58 -24.14 -29.09
N ALA B 34 26.39 -7.34 15.80
CA ALA B 34 25.83 -8.48 16.53
C ALA B 34 24.67 -9.14 15.78
N LEU B 35 24.26 -8.56 14.65
CA LEU B 35 23.17 -9.15 13.87
C LEU B 35 23.57 -10.52 13.32
N SER B 36 22.84 -11.56 13.69
CA SER B 36 23.16 -12.89 13.19
C SER B 36 22.64 -13.11 11.77
N ASP B 37 23.46 -13.74 10.94
CA ASP B 37 23.04 -14.10 9.59
C ASP B 37 22.28 -15.41 9.63
N ASN B 38 22.15 -16.00 10.82
CA ASN B 38 21.58 -17.34 10.93
C ASN B 38 20.38 -17.37 11.87
N PRO B 39 19.23 -17.85 11.36
CA PRO B 39 18.00 -17.92 12.16
C PRO B 39 18.10 -18.95 13.28
N PHE B 40 19.07 -19.85 13.20
CA PHE B 40 19.15 -20.94 14.19
C PHE B 40 19.79 -20.50 15.50
N ASP B 41 19.08 -20.76 16.60
CA ASP B 41 19.58 -20.48 17.95
C ASP B 41 19.92 -21.79 18.65
N ALA B 42 21.20 -22.16 18.67
CA ALA B 42 21.61 -23.49 19.14
C ALA B 42 21.17 -23.78 20.58
N LYS B 43 21.07 -22.72 21.38
CA LYS B 43 20.74 -22.84 22.79
C LYS B 43 19.28 -23.24 23.02
N ALA B 44 18.45 -23.06 21.99
CA ALA B 44 17.02 -23.31 22.14
C ALA B 44 16.61 -24.72 21.74
N TRP B 45 17.56 -25.48 21.20
CA TRP B 45 17.22 -26.77 20.57
C TRP B 45 18.08 -27.92 21.04
N ARG B 46 17.47 -29.10 21.14
CA ARG B 46 18.18 -30.32 21.49
C ARG B 46 17.95 -31.40 20.44
N LEU B 47 18.96 -32.22 20.18
CA LEU B 47 18.81 -33.34 19.26
C LEU B 47 17.79 -34.34 19.79
N VAL B 48 17.03 -34.91 18.88
CA VAL B 48 16.08 -35.95 19.26
C VAL B 48 16.78 -37.31 19.33
N ASP B 49 16.54 -38.05 20.40
CA ASP B 49 17.14 -39.36 20.58
C ASP B 49 16.76 -40.33 19.48
N GLY B 50 17.74 -41.11 19.01
CA GLY B 50 17.50 -42.16 18.04
C GLY B 50 17.78 -41.74 16.61
N PHE B 51 18.29 -40.52 16.43
CA PHE B 51 18.47 -40.01 15.07
C PHE B 51 19.91 -39.61 14.76
N ASP B 52 20.86 -40.30 15.39
CA ASP B 52 22.28 -40.03 15.18
C ASP B 52 22.74 -40.31 13.76
N ASP B 53 21.99 -41.14 13.05
CA ASP B 53 22.42 -41.55 11.71
C ASP B 53 21.97 -40.59 10.60
N LEU B 54 21.25 -39.53 10.95
CA LEU B 54 20.77 -38.59 9.93
C LEU B 54 21.91 -37.87 9.22
N THR B 55 21.82 -37.79 7.89
CA THR B 55 22.86 -37.12 7.10
C THR B 55 22.35 -35.94 6.26
N ASP B 56 21.10 -36.01 5.82
CA ASP B 56 20.55 -35.02 4.87
C ASP B 56 19.55 -34.06 5.52
N ILE B 57 19.17 -34.37 6.76
CA ILE B 57 18.09 -33.72 7.48
C ILE B 57 18.58 -33.51 8.91
N THR B 58 18.20 -32.40 9.56
CA THR B 58 18.40 -32.32 11.00
C THR B 58 17.05 -32.30 11.70
N TYR B 59 17.07 -32.72 12.96
CA TYR B 59 15.85 -32.90 13.73
C TYR B 59 16.10 -32.51 15.18
N HIS B 60 15.46 -31.44 15.63
CA HIS B 60 15.58 -30.97 17.00
C HIS B 60 14.23 -30.81 17.69
N ARG B 61 14.25 -30.94 19.01
CA ARG B 61 13.08 -30.63 19.84
C ARG B 61 13.42 -29.40 20.67
N HIS B 62 12.47 -28.48 20.80
CA HIS B 62 12.73 -27.27 21.58
C HIS B 62 13.00 -27.63 23.05
N VAL B 63 13.87 -26.87 23.70
CA VAL B 63 14.20 -27.17 25.10
C VAL B 63 13.03 -26.97 26.07
N ASP B 64 12.07 -26.12 25.72
CA ASP B 64 10.91 -25.86 26.59
C ASP B 64 9.57 -26.20 25.93
N ASP B 65 9.44 -25.90 24.64
CA ASP B 65 8.14 -25.92 23.96
C ASP B 65 7.81 -27.25 23.27
N ALA B 66 6.51 -27.47 23.04
CA ALA B 66 6.02 -28.62 22.30
C ALA B 66 6.17 -28.40 20.80
N THR B 67 7.41 -28.18 20.37
CA THR B 67 7.70 -27.77 19.01
C THR B 67 8.98 -28.47 18.55
N VAL B 68 8.97 -28.98 17.33
CA VAL B 68 10.21 -29.51 16.76
C VAL B 68 10.65 -28.71 15.55
N ARG B 69 11.93 -28.87 15.21
CA ARG B 69 12.55 -28.23 14.06
C ARG B 69 13.07 -29.31 13.13
N VAL B 70 12.53 -29.35 11.92
CA VAL B 70 12.92 -30.31 10.90
C VAL B 70 13.52 -29.54 9.75
N ALA B 71 14.76 -29.84 9.38
CA ALA B 71 15.43 -29.01 8.38
C ALA B 71 16.24 -29.76 7.34
N PHE B 72 16.14 -29.31 6.09
CA PHE B 72 17.05 -29.80 5.04
C PHE B 72 18.49 -29.45 5.38
N ASN B 73 19.39 -30.39 5.11
CA ASN B 73 20.78 -30.22 5.53
C ASN B 73 21.75 -30.50 4.38
N ARG B 74 21.43 -29.98 3.21
CA ARG B 74 22.32 -30.07 2.04
C ARG B 74 22.52 -28.69 1.43
N PRO B 75 23.00 -27.73 2.22
CA PRO B 75 22.98 -26.34 1.73
C PRO B 75 23.95 -26.10 0.55
N GLU B 76 24.88 -27.02 0.32
CA GLU B 76 25.81 -26.89 -0.79
C GLU B 76 25.12 -27.01 -2.15
N VAL B 77 23.95 -27.67 -2.19
CA VAL B 77 23.16 -27.71 -3.43
C VAL B 77 21.78 -27.07 -3.21
N ARG B 78 21.77 -26.00 -2.41
CA ARG B 78 20.57 -25.22 -2.14
C ARG B 78 19.47 -26.11 -1.55
N ASN B 79 19.90 -27.07 -0.75
CA ASN B 79 19.00 -27.99 -0.03
C ASN B 79 18.07 -28.78 -0.94
N ALA B 80 18.60 -29.14 -2.10
CA ALA B 80 17.93 -30.08 -3.00
C ALA B 80 17.80 -31.45 -2.34
N PHE B 81 16.67 -32.12 -2.53
CA PHE B 81 16.52 -33.45 -1.95
C PHE B 81 16.78 -34.58 -2.94
N ARG B 82 17.46 -35.62 -2.46
CA ARG B 82 17.62 -36.85 -3.19
C ARG B 82 16.72 -37.90 -2.51
N PRO B 83 16.60 -39.09 -3.09
CA PRO B 83 15.67 -40.05 -2.47
C PRO B 83 16.00 -40.38 -1.01
N HIS B 84 17.28 -40.47 -0.65
CA HIS B 84 17.65 -40.67 0.74
C HIS B 84 17.16 -39.52 1.62
N THR B 85 17.24 -38.29 1.11
CA THR B 85 16.72 -37.14 1.84
C THR B 85 15.24 -37.32 2.15
N VAL B 86 14.49 -37.74 1.13
CA VAL B 86 13.05 -37.92 1.27
C VAL B 86 12.77 -38.99 2.32
N ASP B 87 13.56 -40.07 2.32
CA ASP B 87 13.38 -41.14 3.30
C ASP B 87 13.59 -40.61 4.73
N GLU B 88 14.65 -39.84 4.94
CA GLU B 88 14.93 -39.26 6.26
C GLU B 88 13.85 -38.28 6.68
N LEU B 89 13.43 -37.45 5.73
CA LEU B 89 12.38 -36.46 6.00
C LEU B 89 11.10 -37.15 6.43
N TYR B 90 10.73 -38.22 5.72
CA TYR B 90 9.53 -38.95 6.06
C TYR B 90 9.67 -39.57 7.45
N ARG B 91 10.81 -40.20 7.72
CA ARG B 91 11.04 -40.82 9.03
C ARG B 91 10.90 -39.83 10.15
N VAL B 92 11.51 -38.66 9.97
CA VAL B 92 11.50 -37.65 11.01
C VAL B 92 10.10 -37.06 11.22
N LEU B 93 9.40 -36.77 10.13
CA LEU B 93 8.06 -36.19 10.24
C LEU B 93 7.10 -37.19 10.84
N ASP B 94 7.29 -38.46 10.51
CA ASP B 94 6.47 -39.53 11.04
C ASP B 94 6.69 -39.67 12.56
N HIS B 95 7.93 -39.57 12.99
CA HIS B 95 8.26 -39.59 14.41
C HIS B 95 7.61 -38.42 15.13
N ALA B 96 7.68 -37.23 14.53
CA ALA B 96 7.03 -36.07 15.12
C ALA B 96 5.51 -36.28 15.23
N ARG B 97 4.94 -36.87 14.18
CA ARG B 97 3.50 -37.14 14.15
C ARG B 97 3.09 -37.99 15.34
N MET B 98 3.93 -38.97 15.65
CA MET B 98 3.63 -39.96 16.67
C MET B 98 4.15 -39.56 18.06
N SER B 99 4.59 -38.31 18.19
CA SER B 99 5.11 -37.79 19.48
C SER B 99 4.03 -36.98 20.19
N PRO B 100 3.40 -37.56 21.22
CA PRO B 100 2.26 -36.87 21.85
C PRO B 100 2.62 -35.56 22.56
N ASP B 101 3.88 -35.34 22.90
CA ASP B 101 4.25 -34.09 23.55
C ASP B 101 4.71 -33.04 22.55
N VAL B 102 4.45 -33.29 21.26
CA VAL B 102 4.76 -32.30 20.22
C VAL B 102 3.49 -31.83 19.52
N GLY B 103 3.29 -30.51 19.47
CA GLY B 103 2.09 -29.99 18.82
C GLY B 103 2.34 -29.33 17.48
N VAL B 104 3.54 -28.80 17.28
CA VAL B 104 3.82 -28.05 16.06
C VAL B 104 5.15 -28.45 15.46
N VAL B 105 5.19 -28.57 14.13
CA VAL B 105 6.41 -28.82 13.37
C VAL B 105 6.85 -27.55 12.63
N LEU B 106 8.09 -27.12 12.83
CA LEU B 106 8.68 -26.06 12.02
C LEU B 106 9.56 -26.71 10.96
N LEU B 107 9.20 -26.54 9.69
CA LEU B 107 9.96 -27.13 8.59
C LEU B 107 10.78 -26.03 7.89
N THR B 108 12.09 -26.21 7.84
CA THR B 108 12.93 -25.16 7.28
C THR B 108 14.17 -25.75 6.58
N GLY B 109 15.13 -24.90 6.26
CA GLY B 109 16.35 -25.37 5.63
C GLY B 109 17.54 -24.81 6.39
N ASN B 110 18.60 -25.60 6.48
CA ASN B 110 19.82 -25.14 7.15
C ASN B 110 20.69 -24.38 6.16
N GLY B 111 21.58 -23.54 6.68
CA GLY B 111 22.50 -22.84 5.80
C GLY B 111 23.45 -21.96 6.57
N PRO B 112 24.17 -21.08 5.86
CA PRO B 112 24.09 -20.93 4.41
C PRO B 112 24.97 -21.95 3.71
N SER B 113 25.02 -21.90 2.38
CA SER B 113 25.98 -22.73 1.64
C SER B 113 27.40 -22.43 2.10
N PRO B 114 28.16 -23.48 2.42
CA PRO B 114 29.57 -23.25 2.77
C PRO B 114 30.38 -22.83 1.54
N LYS B 115 29.81 -23.00 0.36
CA LYS B 115 30.48 -22.66 -0.89
C LYS B 115 30.39 -21.16 -1.22
N ASP B 116 29.18 -20.60 -1.16
CA ASP B 116 29.00 -19.22 -1.63
C ASP B 116 28.15 -18.35 -0.70
N GLY B 117 27.80 -18.88 0.47
CA GLY B 117 27.04 -18.13 1.46
C GLY B 117 25.58 -17.96 1.12
N GLY B 118 25.11 -18.64 0.07
CA GLY B 118 23.74 -18.52 -0.37
C GLY B 118 22.77 -19.28 0.53
N TRP B 119 21.57 -18.72 0.67
CA TRP B 119 20.55 -19.29 1.56
C TRP B 119 19.45 -20.00 0.80
N ALA B 120 19.06 -21.18 1.30
CA ALA B 120 17.97 -21.91 0.68
C ALA B 120 17.08 -22.60 1.69
N PHE B 121 15.78 -22.55 1.43
CA PHE B 121 14.87 -23.46 2.12
C PHE B 121 15.03 -24.84 1.49
N CYS B 122 14.76 -24.92 0.19
CA CYS B 122 14.80 -26.17 -0.54
C CYS B 122 14.66 -25.89 -2.03
N SER B 123 15.54 -26.46 -2.85
CA SER B 123 15.51 -26.24 -4.30
C SER B 123 14.90 -27.40 -5.08
N GLY B 124 14.17 -28.28 -4.42
CA GLY B 124 13.50 -29.36 -5.13
C GLY B 124 14.38 -30.58 -5.33
N GLY B 125 13.97 -31.44 -6.26
CA GLY B 125 14.67 -32.69 -6.51
C GLY B 125 16.06 -32.42 -7.04
N ASP B 126 17.00 -33.22 -6.54
CA ASP B 126 18.40 -33.12 -6.92
C ASP B 126 18.56 -33.59 -8.37
N GLN B 127 18.77 -32.64 -9.27
CA GLN B 127 18.82 -32.94 -10.70
C GLN B 127 19.99 -33.83 -11.11
N ARG B 128 21.03 -33.86 -10.28
CA ARG B 128 22.20 -34.69 -10.58
C ARG B 128 21.85 -36.16 -10.66
N ILE B 129 20.85 -36.59 -9.90
CA ILE B 129 20.52 -38.00 -9.84
C ILE B 129 19.12 -38.25 -10.40
N ARG B 130 18.60 -37.26 -11.12
CA ARG B 130 17.34 -37.44 -11.85
C ARG B 130 17.56 -38.24 -13.13
N GLY B 131 16.76 -39.29 -13.31
CA GLY B 131 16.86 -40.10 -14.51
C GLY B 131 15.52 -40.20 -15.20
N ARG B 132 15.43 -41.08 -16.20
CA ARG B 132 14.19 -41.18 -16.95
C ARG B 132 13.05 -41.77 -16.12
N SER B 133 13.39 -42.50 -15.05
CA SER B 133 12.35 -43.12 -14.22
C SER B 133 12.08 -42.36 -12.92
N GLY B 134 12.70 -41.19 -12.76
CA GLY B 134 12.54 -40.40 -11.55
C GLY B 134 13.86 -40.16 -10.85
N TYR B 135 13.80 -39.80 -9.58
CA TYR B 135 15.02 -39.52 -8.81
C TYR B 135 15.56 -40.83 -8.30
N GLN B 136 16.87 -41.05 -8.49
CA GLN B 136 17.43 -42.36 -8.21
C GLN B 136 18.42 -42.36 -7.07
N TYR B 137 18.39 -43.46 -6.31
CA TYR B 137 19.38 -43.73 -5.29
C TYR B 137 20.77 -43.84 -5.90
N ALA B 138 21.76 -43.29 -5.23
CA ALA B 138 23.14 -43.30 -5.71
C ALA B 138 24.07 -43.48 -4.52
N SER B 139 25.25 -44.05 -4.76
CA SER B 139 26.19 -44.27 -3.67
C SER B 139 26.91 -42.96 -3.33
N GLY B 140 26.97 -42.07 -4.32
CA GLY B 140 27.62 -40.78 -4.15
C GLY B 140 26.65 -39.65 -4.45
N ASP B 141 27.18 -38.48 -4.82
CA ASP B 141 26.34 -37.31 -5.05
C ASP B 141 26.02 -37.08 -6.53
N THR B 142 26.73 -37.77 -7.42
CA THR B 142 26.63 -37.47 -8.84
C THR B 142 26.04 -38.63 -9.64
N ALA B 143 25.74 -38.34 -10.91
CA ALA B 143 25.01 -39.27 -11.77
C ALA B 143 25.76 -40.59 -12.01
N ASP B 144 27.08 -40.56 -11.93
CA ASP B 144 27.88 -41.76 -12.22
C ASP B 144 27.83 -42.80 -11.10
N THR B 145 27.22 -42.46 -9.97
CA THR B 145 27.16 -43.38 -8.84
C THR B 145 25.73 -43.91 -8.62
N VAL B 146 24.85 -43.61 -9.58
CA VAL B 146 23.49 -44.10 -9.56
C VAL B 146 23.41 -45.62 -9.67
N ASP B 147 22.66 -46.25 -8.77
CA ASP B 147 22.34 -47.67 -8.89
C ASP B 147 21.40 -47.87 -10.07
N VAL B 148 21.97 -48.22 -11.22
CA VAL B 148 21.19 -48.33 -12.46
C VAL B 148 20.18 -49.48 -12.46
N ALA B 149 20.33 -50.42 -11.53
CA ALA B 149 19.43 -51.56 -11.47
C ALA B 149 18.13 -51.22 -10.75
N ARG B 150 18.11 -50.05 -10.10
CA ARG B 150 17.03 -49.67 -9.20
C ARG B 150 16.20 -48.53 -9.79
N ALA B 151 14.89 -48.74 -9.92
CA ALA B 151 14.03 -47.74 -10.54
C ALA B 151 13.96 -46.46 -9.71
N GLY B 152 13.71 -45.34 -10.39
CA GLY B 152 13.62 -44.06 -9.73
C GLY B 152 12.29 -43.88 -9.03
N ARG B 153 12.24 -42.88 -8.15
CA ARG B 153 11.04 -42.57 -7.40
C ARG B 153 10.74 -41.08 -7.42
N LEU B 154 9.47 -40.74 -7.20
CA LEU B 154 9.03 -39.37 -7.07
C LEU B 154 8.35 -39.23 -5.71
N HIS B 155 8.92 -39.83 -4.68
CA HIS B 155 8.13 -40.02 -3.47
C HIS B 155 8.18 -38.87 -2.45
N ILE B 156 8.66 -37.71 -2.87
CA ILE B 156 8.37 -36.51 -2.07
C ILE B 156 6.85 -36.34 -1.95
N LEU B 157 6.10 -36.92 -2.90
CA LEU B 157 4.64 -36.90 -2.82
C LEU B 157 4.14 -37.58 -1.54
N GLU B 158 4.85 -38.61 -1.09
CA GLU B 158 4.51 -39.28 0.18
C GLU B 158 4.72 -38.34 1.36
N VAL B 159 5.77 -37.53 1.30
CA VAL B 159 6.01 -36.55 2.36
C VAL B 159 4.94 -35.47 2.33
N GLN B 160 4.52 -35.06 1.13
CA GLN B 160 3.43 -34.09 1.02
C GLN B 160 2.17 -34.59 1.72
N ARG B 161 1.86 -35.87 1.52
CA ARG B 161 0.65 -36.42 2.12
C ARG B 161 0.81 -36.53 3.63
N LEU B 162 2.02 -36.85 4.09
CA LEU B 162 2.28 -36.95 5.53
C LEU B 162 2.03 -35.61 6.20
N ILE B 163 2.53 -34.54 5.59
CA ILE B 163 2.33 -33.19 6.10
C ILE B 163 0.84 -32.83 6.11
N ARG B 164 0.18 -33.16 5.01
CA ARG B 164 -1.23 -32.86 4.84
C ARG B 164 -2.11 -33.59 5.87
N PHE B 165 -1.81 -34.87 6.10
CA PHE B 165 -2.68 -35.71 6.92
C PHE B 165 -2.32 -35.71 8.40
N MET B 166 -1.20 -35.15 8.80
CA MET B 166 -0.85 -35.27 10.22
C MET B 166 -1.68 -34.29 11.04
N PRO B 167 -2.14 -34.75 12.22
CA PRO B 167 -3.07 -33.97 13.04
C PRO B 167 -2.36 -32.90 13.85
N LYS B 168 -1.36 -32.27 13.24
CA LYS B 168 -0.57 -31.23 13.87
C LYS B 168 -0.28 -30.16 12.85
N VAL B 169 -0.10 -28.91 13.32
CA VAL B 169 0.17 -27.82 12.41
C VAL B 169 1.64 -27.87 11.98
N VAL B 170 1.87 -27.78 10.67
CA VAL B 170 3.22 -27.73 10.12
C VAL B 170 3.43 -26.33 9.57
N ILE B 171 4.43 -25.62 10.08
CA ILE B 171 4.72 -24.26 9.65
C ILE B 171 6.00 -24.29 8.83
N CYS B 172 5.93 -23.87 7.57
CA CYS B 172 7.14 -23.77 6.76
C CYS B 172 7.83 -22.44 7.06
N LEU B 173 9.12 -22.47 7.39
CA LEU B 173 9.88 -21.23 7.59
C LEU B 173 10.80 -21.06 6.39
N VAL B 174 10.41 -20.21 5.44
CA VAL B 174 11.18 -20.10 4.23
C VAL B 174 12.32 -19.11 4.44
N ASN B 175 13.52 -19.68 4.56
CA ASN B 175 14.71 -18.95 4.99
C ASN B 175 15.62 -18.61 3.84
N GLY B 176 15.14 -18.83 2.61
CA GLY B 176 16.00 -18.72 1.44
C GLY B 176 15.21 -19.09 0.20
N TRP B 177 15.91 -19.47 -0.87
CA TRP B 177 15.25 -20.01 -2.07
C TRP B 177 14.26 -21.11 -1.73
N ALA B 178 13.06 -21.01 -2.31
CA ALA B 178 12.10 -22.09 -2.34
C ALA B 178 11.74 -22.27 -3.80
N ALA B 179 12.33 -23.31 -4.40
CA ALA B 179 12.21 -23.51 -5.85
C ALA B 179 11.78 -24.93 -6.19
N GLY B 180 11.05 -25.08 -7.29
CA GLY B 180 10.60 -26.38 -7.74
C GLY B 180 9.85 -27.11 -6.65
N GLY B 181 10.23 -28.35 -6.41
CA GLY B 181 9.60 -29.15 -5.36
C GLY B 181 9.73 -28.52 -3.99
N GLY B 182 10.75 -27.66 -3.80
CA GLY B 182 10.87 -26.96 -2.53
C GLY B 182 9.76 -25.95 -2.37
N HIS B 183 9.39 -25.31 -3.48
CA HIS B 183 8.27 -24.39 -3.48
C HIS B 183 6.97 -25.14 -3.17
N SER B 184 6.81 -26.31 -3.78
CA SER B 184 5.61 -27.10 -3.57
C SER B 184 5.48 -27.60 -2.13
N LEU B 185 6.61 -27.88 -1.47
CA LEU B 185 6.56 -28.24 -0.05
C LEU B 185 6.04 -27.09 0.81
N HIS B 186 6.51 -25.87 0.54
CA HIS B 186 5.98 -24.69 1.19
C HIS B 186 4.47 -24.58 1.01
N VAL B 187 4.01 -24.81 -0.20
CA VAL B 187 2.60 -24.68 -0.52
C VAL B 187 1.72 -25.62 0.32
N VAL B 188 2.15 -26.87 0.50
CA VAL B 188 1.32 -27.86 1.18
C VAL B 188 1.33 -27.71 2.71
N CYS B 189 2.31 -27.00 3.25
CA CYS B 189 2.33 -26.75 4.70
C CYS B 189 1.13 -25.91 5.12
N ASP B 190 0.73 -26.02 6.38
CA ASP B 190 -0.44 -25.30 6.85
C ASP B 190 -0.24 -23.79 6.87
N LEU B 191 0.96 -23.36 7.26
CA LEU B 191 1.30 -21.96 7.38
C LEU B 191 2.70 -21.76 6.86
N THR B 192 3.00 -20.56 6.38
CA THR B 192 4.34 -20.24 5.91
C THR B 192 4.77 -18.89 6.45
N LEU B 193 5.95 -18.82 7.06
CA LEU B 193 6.58 -17.56 7.45
C LEU B 193 7.82 -17.40 6.59
N ALA B 194 8.15 -16.18 6.17
CA ALA B 194 9.30 -16.04 5.27
C ALA B 194 10.27 -14.94 5.67
N SER B 195 11.55 -15.20 5.40
CA SER B 195 12.65 -14.28 5.62
C SER B 195 12.56 -13.09 4.70
N ARG B 196 12.42 -11.88 5.26
CA ARG B 196 12.38 -10.66 4.44
C ARG B 196 13.54 -10.60 3.47
N GLU B 197 14.74 -10.79 3.99
CA GLU B 197 15.93 -10.54 3.19
C GLU B 197 16.23 -11.66 2.23
N TYR B 198 16.04 -12.90 2.65
CA TYR B 198 16.58 -14.01 1.88
C TYR B 198 15.54 -14.92 1.20
N ALA B 199 14.26 -14.87 1.61
CA ALA B 199 13.28 -15.73 0.95
C ALA B 199 13.15 -15.33 -0.51
N ARG B 200 13.14 -16.34 -1.38
CA ARG B 200 12.88 -16.15 -2.81
C ARG B 200 12.04 -17.30 -3.28
N PHE B 201 10.87 -17.01 -3.84
CA PHE B 201 9.96 -18.03 -4.31
C PHE B 201 10.03 -18.12 -5.83
N LYS B 202 10.34 -19.30 -6.36
CA LYS B 202 10.49 -19.45 -7.81
C LYS B 202 10.08 -20.83 -8.28
N GLN B 203 9.00 -20.91 -9.05
CA GLN B 203 8.54 -22.21 -9.52
C GLN B 203 9.21 -22.54 -10.85
N THR B 204 10.30 -23.28 -10.74
CA THR B 204 11.18 -23.60 -11.87
C THR B 204 10.84 -24.90 -12.59
N ASP B 205 9.76 -25.56 -12.18
CA ASP B 205 9.36 -26.86 -12.75
C ASP B 205 9.45 -26.91 -14.27
N ALA B 206 8.74 -26.01 -14.95
CA ALA B 206 8.64 -26.11 -16.39
C ALA B 206 9.96 -25.77 -17.06
N ASP B 207 10.84 -25.05 -16.35
CA ASP B 207 12.17 -24.73 -16.87
C ASP B 207 12.99 -25.99 -17.11
N VAL B 208 12.79 -27.00 -16.27
CA VAL B 208 13.55 -28.24 -16.39
C VAL B 208 12.66 -29.39 -16.87
N GLY B 209 11.51 -29.06 -17.43
CA GLY B 209 10.63 -30.06 -18.02
C GLY B 209 9.87 -30.88 -17.01
N SER B 210 9.77 -30.38 -15.80
CA SER B 210 9.04 -31.09 -14.75
C SER B 210 7.73 -30.38 -14.44
N PHE B 211 6.87 -31.01 -13.65
CA PHE B 211 5.68 -30.32 -13.14
C PHE B 211 5.16 -31.04 -11.92
N ASP B 212 4.70 -30.25 -10.95
CA ASP B 212 3.93 -30.79 -9.84
C ASP B 212 2.48 -30.49 -10.16
N GLY B 213 1.75 -31.53 -10.57
CA GLY B 213 0.38 -31.34 -11.01
C GLY B 213 -0.63 -31.64 -9.92
N GLY B 214 -0.15 -31.69 -8.67
CA GLY B 214 -1.02 -31.96 -7.53
C GLY B 214 -1.08 -30.79 -6.57
N TYR B 215 -0.56 -30.97 -5.36
CA TYR B 215 -0.61 -29.93 -4.36
C TYR B 215 0.20 -28.70 -4.76
N GLY B 216 1.28 -28.89 -5.51
CA GLY B 216 2.14 -27.76 -5.82
C GLY B 216 1.47 -26.68 -6.66
N SER B 217 0.56 -27.10 -7.54
CA SER B 217 -0.08 -26.21 -8.49
C SER B 217 -1.53 -25.95 -8.14
N ALA B 218 -2.34 -27.00 -8.18
CA ALA B 218 -3.76 -26.87 -7.85
C ALA B 218 -4.00 -26.27 -6.46
N TYR B 219 -3.25 -26.73 -5.47
CA TYR B 219 -3.48 -26.24 -4.12
C TYR B 219 -2.92 -24.81 -3.95
N LEU B 220 -1.90 -24.45 -4.71
CA LEU B 220 -1.43 -23.06 -4.72
C LEU B 220 -2.57 -22.12 -5.16
N ALA B 221 -3.39 -22.57 -6.10
CA ALA B 221 -4.52 -21.77 -6.56
C ALA B 221 -5.53 -21.55 -5.43
N ARG B 222 -5.60 -22.47 -4.49
CA ARG B 222 -6.48 -22.31 -3.33
C ARG B 222 -5.93 -21.34 -2.28
N GLN B 223 -4.76 -20.79 -2.54
CA GLN B 223 -4.15 -19.81 -1.64
C GLN B 223 -4.11 -18.44 -2.31
N VAL B 224 -3.68 -18.41 -3.57
CA VAL B 224 -3.50 -17.14 -4.25
C VAL B 224 -4.50 -16.90 -5.39
N GLY B 225 -5.40 -17.84 -5.62
CA GLY B 225 -6.33 -17.72 -6.74
C GLY B 225 -5.75 -18.24 -8.04
N GLN B 226 -6.63 -18.55 -8.99
CA GLN B 226 -6.20 -19.19 -10.24
C GLN B 226 -5.31 -18.31 -11.11
N LYS B 227 -5.56 -17.01 -11.17
CA LYS B 227 -4.73 -16.16 -12.05
C LYS B 227 -3.30 -16.12 -11.58
N PHE B 228 -3.10 -15.86 -10.28
CA PHE B 228 -1.74 -15.73 -9.76
C PHE B 228 -1.03 -17.09 -9.75
N ALA B 229 -1.76 -18.16 -9.45
CA ALA B 229 -1.14 -19.48 -9.45
C ALA B 229 -0.62 -19.83 -10.84
N ARG B 230 -1.44 -19.55 -11.86
CA ARG B 230 -1.04 -19.79 -13.23
C ARG B 230 0.18 -18.94 -13.61
N GLU B 231 0.18 -17.67 -13.18
CA GLU B 231 1.34 -16.82 -13.43
C GLU B 231 2.63 -17.39 -12.82
N ILE B 232 2.52 -17.83 -11.57
CA ILE B 232 3.69 -18.33 -10.85
C ILE B 232 4.30 -19.51 -11.59
N PHE B 233 3.46 -20.44 -12.05
CA PHE B 233 3.97 -21.60 -12.77
C PHE B 233 4.35 -21.32 -14.23
N PHE B 234 3.51 -20.60 -14.97
CA PHE B 234 3.74 -20.45 -16.40
C PHE B 234 4.94 -19.58 -16.70
N LEU B 235 5.19 -18.57 -15.87
CA LEU B 235 6.33 -17.68 -16.13
C LEU B 235 7.55 -18.00 -15.27
N GLY B 236 7.33 -18.61 -14.10
CA GLY B 236 8.43 -19.03 -13.27
C GLY B 236 9.33 -17.89 -12.82
N ARG B 237 8.73 -16.74 -12.56
CA ARG B 237 9.47 -15.59 -12.06
C ARG B 237 9.84 -15.77 -10.59
N THR B 238 10.77 -14.96 -10.12
CA THR B 238 11.16 -14.97 -8.71
C THR B 238 10.37 -13.93 -7.96
N TYR B 239 9.78 -14.33 -6.82
CA TYR B 239 8.98 -13.45 -5.98
C TYR B 239 9.59 -13.30 -4.60
N THR B 240 9.41 -12.11 -4.03
CA THR B 240 9.85 -11.85 -2.67
C THR B 240 8.85 -12.35 -1.65
N ALA B 241 9.27 -12.38 -0.38
CA ALA B 241 8.37 -12.66 0.73
C ALA B 241 7.18 -11.73 0.74
N GLU B 242 7.43 -10.43 0.55
CA GLU B 242 6.32 -9.49 0.61
C GLU B 242 5.36 -9.72 -0.55
N GLN B 243 5.88 -10.02 -1.75
CA GLN B 243 5.00 -10.27 -2.89
C GLN B 243 4.12 -11.50 -2.66
N MET B 244 4.70 -12.57 -2.13
CA MET B 244 3.91 -13.76 -1.87
C MET B 244 2.92 -13.56 -0.73
N HIS B 245 3.30 -12.75 0.25
CA HIS B 245 2.38 -12.38 1.31
C HIS B 245 1.17 -11.62 0.75
N GLN B 246 1.43 -10.69 -0.16
CA GLN B 246 0.35 -9.93 -0.78
C GLN B 246 -0.57 -10.81 -1.63
N MET B 247 -0.02 -11.86 -2.22
CA MET B 247 -0.85 -12.75 -3.05
C MET B 247 -1.64 -13.77 -2.22
N GLY B 248 -1.14 -14.08 -1.02
CA GLY B 248 -1.86 -14.98 -0.12
C GLY B 248 -1.21 -16.33 0.18
N ALA B 249 0.05 -16.51 -0.21
CA ALA B 249 0.71 -17.80 0.00
C ALA B 249 1.67 -17.77 1.18
N VAL B 250 1.99 -16.57 1.64
CA VAL B 250 2.86 -16.41 2.81
C VAL B 250 2.08 -15.67 3.90
N ASN B 251 2.02 -16.24 5.10
CA ASN B 251 1.24 -15.68 6.19
C ASN B 251 1.85 -14.41 6.76
N ALA B 252 3.17 -14.40 6.91
CA ALA B 252 3.86 -13.24 7.46
C ALA B 252 5.31 -13.24 7.05
N VAL B 253 5.86 -12.03 7.02
CA VAL B 253 7.27 -11.81 6.74
C VAL B 253 7.98 -11.49 8.04
N ALA B 254 9.16 -12.07 8.24
CA ALA B 254 9.95 -11.83 9.45
C ALA B 254 11.38 -11.48 9.07
N GLU B 255 12.08 -10.77 9.96
CA GLU B 255 13.51 -10.56 9.79
C GLU B 255 14.21 -11.89 9.77
N HIS B 256 15.17 -12.07 8.87
CA HIS B 256 15.87 -13.35 8.76
C HIS B 256 16.37 -13.86 10.13
N ALA B 257 17.04 -12.99 10.89
CA ALA B 257 17.58 -13.38 12.18
C ALA B 257 16.52 -13.84 13.18
N GLU B 258 15.29 -13.38 12.97
CA GLU B 258 14.19 -13.66 13.89
C GLU B 258 13.23 -14.70 13.33
N LEU B 259 13.54 -15.30 12.19
CA LEU B 259 12.52 -16.14 11.50
C LEU B 259 12.08 -17.31 12.39
N GLU B 260 13.02 -17.94 13.09
CA GLU B 260 12.67 -19.09 13.92
C GLU B 260 12.10 -18.66 15.27
N THR B 261 12.51 -17.49 15.75
CA THR B 261 11.90 -16.91 16.93
C THR B 261 10.43 -16.63 16.70
N VAL B 262 10.11 -16.05 15.53
CA VAL B 262 8.72 -15.81 15.18
C VAL B 262 7.98 -17.13 14.96
N GLY B 263 8.64 -18.09 14.31
CA GLY B 263 8.03 -19.41 14.15
C GLY B 263 7.69 -20.02 15.51
N LEU B 264 8.58 -19.86 16.48
CA LEU B 264 8.32 -20.39 17.82
C LEU B 264 7.16 -19.67 18.49
N GLN B 265 7.02 -18.37 18.25
CA GLN B 265 5.91 -17.61 18.82
C GLN B 265 4.57 -18.05 18.24
N TRP B 266 4.54 -18.24 16.91
CA TRP B 266 3.34 -18.76 16.26
C TRP B 266 3.02 -20.15 16.82
N ALA B 267 4.05 -20.99 16.95
CA ALA B 267 3.81 -22.33 17.49
C ALA B 267 3.24 -22.25 18.91
N ALA B 268 3.74 -21.31 19.70
CA ALA B 268 3.25 -21.15 21.07
C ALA B 268 1.78 -20.71 21.10
N GLU B 269 1.37 -19.87 20.15
CA GLU B 269 -0.04 -19.47 20.11
C GLU B 269 -0.92 -20.67 19.69
N ILE B 270 -0.44 -21.46 18.75
CA ILE B 270 -1.15 -22.68 18.36
C ILE B 270 -1.25 -23.68 19.52
N ASN B 271 -0.16 -23.83 20.26
CA ASN B 271 -0.12 -24.83 21.33
C ASN B 271 -0.89 -24.40 22.57
N ALA B 272 -1.34 -23.16 22.62
CA ALA B 272 -2.10 -22.65 23.77
C ALA B 272 -3.58 -22.95 23.68
N LYS B 273 -4.03 -23.46 22.54
CA LYS B 273 -5.44 -23.73 22.32
C LYS B 273 -5.73 -25.20 22.51
N SER B 274 -7.01 -25.54 22.47
CA SER B 274 -7.44 -26.93 22.59
C SER B 274 -6.83 -27.82 21.51
N PRO B 275 -5.99 -28.80 21.89
CA PRO B 275 -5.40 -29.65 20.84
C PRO B 275 -6.46 -30.41 20.04
N GLN B 276 -7.54 -30.80 20.72
CA GLN B 276 -8.65 -31.46 20.05
C GLN B 276 -9.29 -30.57 18.99
N ALA B 277 -9.56 -29.32 19.35
CA ALA B 277 -10.17 -28.40 18.39
C ALA B 277 -9.22 -28.15 17.21
N GLN B 278 -7.92 -28.03 17.48
CA GLN B 278 -6.95 -27.73 16.40
C GLN B 278 -6.89 -28.87 15.39
N ARG B 279 -6.89 -30.10 15.90
CA ARG B 279 -6.95 -31.30 15.09
C ARG B 279 -8.19 -31.31 14.19
N MET B 280 -9.36 -31.05 14.78
CA MET B 280 -10.59 -31.08 14.00
C MET B 280 -10.60 -29.98 12.96
N LEU B 281 -10.05 -28.83 13.32
CA LEU B 281 -9.98 -27.73 12.39
C LEU B 281 -9.09 -28.04 11.19
N LYS B 282 -7.91 -28.60 11.45
CA LYS B 282 -7.04 -28.91 10.32
C LYS B 282 -7.75 -29.84 9.33
N PHE B 283 -8.41 -30.88 9.85
CA PHE B 283 -9.09 -31.80 8.94
C PHE B 283 -10.34 -31.18 8.30
N ALA B 284 -10.97 -30.22 8.95
CA ALA B 284 -12.08 -29.48 8.33
C ALA B 284 -11.60 -28.65 7.13
N PHE B 285 -10.46 -27.99 7.29
CA PHE B 285 -9.90 -27.22 6.20
C PHE B 285 -9.52 -28.12 5.02
N ASN B 286 -8.99 -29.31 5.32
CA ASN B 286 -8.57 -30.23 4.27
C ASN B 286 -9.77 -30.82 3.53
N LEU B 287 -10.87 -31.00 4.25
CA LEU B 287 -11.89 -32.01 3.89
C LEU B 287 -12.34 -32.04 2.44
N LEU B 288 -13.02 -31.00 2.00
CA LEU B 288 -13.68 -31.07 0.70
C LEU B 288 -12.68 -30.99 -0.44
N ASP B 289 -11.61 -30.18 -0.27
CA ASP B 289 -10.56 -30.18 -1.29
C ASP B 289 -10.03 -31.61 -1.47
N ASP B 290 -9.99 -32.38 -0.39
CA ASP B 290 -9.41 -33.73 -0.46
C ASP B 290 -10.44 -34.86 -0.68
N GLY B 291 -11.68 -34.53 -1.08
CA GLY B 291 -12.67 -35.55 -1.43
C GLY B 291 -12.87 -36.63 -0.39
N LEU B 292 -12.97 -37.89 -0.80
CA LEU B 292 -13.18 -39.01 0.12
C LEU B 292 -12.03 -39.18 1.11
N VAL B 293 -10.81 -38.84 0.71
CA VAL B 293 -9.69 -38.96 1.64
C VAL B 293 -9.86 -37.95 2.78
N GLY B 294 -10.19 -36.71 2.42
CA GLY B 294 -10.50 -35.69 3.39
C GLY B 294 -11.64 -36.09 4.32
N GLN B 295 -12.69 -36.68 3.74
CA GLN B 295 -13.78 -37.18 4.56
C GLN B 295 -13.29 -38.28 5.51
N GLN B 296 -12.49 -39.21 4.99
CA GLN B 296 -11.96 -40.28 5.82
C GLN B 296 -11.24 -39.77 7.06
N LEU B 297 -10.38 -38.76 6.87
CA LEU B 297 -9.63 -38.22 7.99
C LEU B 297 -10.50 -37.50 8.99
N PHE B 298 -11.41 -36.66 8.49
CA PHE B 298 -12.27 -35.89 9.40
C PHE B 298 -13.25 -36.84 10.09
N ALA B 299 -13.87 -37.74 9.33
CA ALA B 299 -14.80 -38.69 9.94
C ALA B 299 -14.09 -39.59 10.95
N GLY B 300 -12.82 -39.89 10.70
CA GLY B 300 -12.06 -40.71 11.60
C GLY B 300 -11.91 -40.04 12.95
N GLU B 301 -11.69 -38.73 12.95
CA GLU B 301 -11.60 -38.04 14.23
C GLU B 301 -12.98 -37.95 14.90
N ALA B 302 -14.04 -37.87 14.11
CA ALA B 302 -15.38 -37.88 14.67
C ALA B 302 -15.68 -39.24 15.33
N THR B 303 -15.18 -40.32 14.73
CA THR B 303 -15.35 -41.64 15.32
C THR B 303 -14.65 -41.68 16.67
N ARG B 304 -13.45 -41.10 16.73
CA ARG B 304 -12.72 -41.04 18.01
C ARG B 304 -13.55 -40.32 19.06
N LEU B 305 -14.12 -39.17 18.71
CA LEU B 305 -14.98 -38.46 19.66
C LEU B 305 -16.17 -39.32 20.11
N ALA B 306 -16.79 -40.05 19.19
CA ALA B 306 -17.88 -40.92 19.56
C ALA B 306 -17.42 -42.05 20.52
N TYR B 307 -16.24 -42.61 20.27
CA TYR B 307 -15.76 -43.68 21.14
C TYR B 307 -15.64 -43.24 22.60
N MET B 308 -15.46 -41.93 22.84
CA MET B 308 -15.30 -41.42 24.20
C MET B 308 -16.60 -41.43 25.00
N THR B 309 -17.73 -41.56 24.31
CA THR B 309 -19.04 -41.42 24.94
C THR B 309 -19.51 -42.69 25.66
N ASP B 310 -20.34 -42.50 26.68
CA ASP B 310 -20.95 -43.64 27.37
C ASP B 310 -21.75 -44.51 26.40
N GLU B 311 -22.38 -43.87 25.42
CA GLU B 311 -23.18 -44.60 24.45
C GLU B 311 -22.30 -45.59 23.69
N ALA B 312 -21.12 -45.16 23.26
CA ALA B 312 -20.23 -46.07 22.54
C ALA B 312 -19.73 -47.20 23.44
N VAL B 313 -19.44 -46.85 24.70
CA VAL B 313 -19.01 -47.86 25.66
C VAL B 313 -20.12 -48.89 25.91
N GLU B 314 -21.39 -48.47 25.89
CA GLU B 314 -22.48 -49.44 26.06
C GLU B 314 -22.54 -50.39 24.85
N GLY B 315 -22.26 -49.88 23.66
CA GLY B 315 -22.19 -50.72 22.48
C GLY B 315 -21.13 -51.81 22.62
N ARG B 316 -19.92 -51.40 23.03
CA ARG B 316 -18.86 -52.36 23.30
C ARG B 316 -19.26 -53.38 24.38
N ASP B 317 -19.72 -52.88 25.52
CA ASP B 317 -20.06 -53.74 26.66
C ASP B 317 -21.13 -54.76 26.33
N ALA B 318 -22.14 -54.35 25.58
CA ALA B 318 -23.22 -55.25 25.22
C ALA B 318 -22.67 -56.40 24.38
N PHE B 319 -21.78 -56.09 23.44
CA PHE B 319 -21.18 -57.13 22.62
C PHE B 319 -20.34 -58.11 23.45
N LEU B 320 -19.49 -57.57 24.32
CA LEU B 320 -18.60 -58.40 25.11
C LEU B 320 -19.39 -59.27 26.11
N GLN B 321 -20.50 -58.72 26.58
CA GLN B 321 -21.32 -59.42 27.57
C GLN B 321 -22.44 -60.25 26.96
N LYS B 322 -22.46 -60.31 25.63
CA LYS B 322 -23.44 -61.12 24.87
C LYS B 322 -24.87 -60.85 25.34
N ARG B 323 -25.24 -59.58 25.35
CA ARG B 323 -26.57 -59.13 25.73
C ARG B 323 -26.99 -58.03 24.76
N PRO B 324 -28.29 -57.74 24.67
CA PRO B 324 -28.67 -56.59 23.83
C PRO B 324 -28.22 -55.28 24.44
N PRO B 325 -27.87 -54.30 23.60
CA PRO B 325 -27.52 -53.00 24.20
C PRO B 325 -28.76 -52.24 24.64
N ASP B 326 -28.61 -51.40 25.66
CA ASP B 326 -29.71 -50.59 26.14
C ASP B 326 -29.39 -49.13 25.83
N TRP B 327 -30.03 -48.60 24.80
CA TRP B 327 -29.75 -47.24 24.38
C TRP B 327 -30.64 -46.21 25.08
N SER B 328 -31.52 -46.68 25.96
CA SER B 328 -32.47 -45.78 26.58
C SER B 328 -31.86 -44.61 27.37
N PRO B 329 -30.66 -44.78 27.97
CA PRO B 329 -30.11 -43.59 28.65
C PRO B 329 -29.62 -42.47 27.72
N PHE B 330 -29.61 -42.67 26.41
CA PHE B 330 -28.95 -41.73 25.50
C PHE B 330 -29.92 -41.03 24.56
N PRO B 331 -30.19 -39.76 24.82
CA PRO B 331 -31.18 -38.99 24.05
C PRO B 331 -30.79 -38.82 22.60
N ARG B 332 -31.79 -38.72 21.74
CA ARG B 332 -31.59 -38.31 20.37
C ARG B 332 -31.39 -36.80 20.36
N TYR B 333 -30.38 -36.35 19.63
CA TYR B 333 -30.12 -34.91 19.50
C TYR B 333 -30.52 -34.41 18.12
N PHE B 334 -30.88 -33.13 18.03
CA PHE B 334 -31.22 -32.56 16.73
C PHE B 334 -30.79 -31.10 16.63
N ALA C 34 5.23 11.85 -28.64
CA ALA C 34 5.42 10.58 -29.34
C ALA C 34 4.74 9.42 -28.60
N LEU C 35 4.00 9.72 -27.53
CA LEU C 35 3.28 8.67 -26.82
C LEU C 35 2.09 8.17 -27.62
N SER C 36 2.06 6.88 -27.91
CA SER C 36 0.98 6.32 -28.72
C SER C 36 -0.28 6.07 -27.88
N ASP C 37 -1.43 6.45 -28.41
CA ASP C 37 -2.69 6.11 -27.74
C ASP C 37 -3.08 4.68 -28.06
N ASN C 38 -2.31 4.01 -28.92
CA ASN C 38 -2.68 2.67 -29.40
C ASN C 38 -1.65 1.60 -29.05
N PRO C 39 -2.08 0.54 -28.36
CA PRO C 39 -1.17 -0.53 -27.98
C PRO C 39 -0.63 -1.32 -29.17
N PHE C 40 -1.28 -1.21 -30.33
CA PHE C 40 -0.92 -2.02 -31.50
C PHE C 40 0.28 -1.47 -32.25
N ASP C 41 1.31 -2.29 -32.37
CA ASP C 41 2.50 -1.99 -33.17
C ASP C 41 2.43 -2.72 -34.50
N ALA C 42 2.07 -2.01 -35.55
CA ALA C 42 1.80 -2.64 -36.85
C ALA C 42 3.02 -3.38 -37.41
N LYS C 43 4.21 -2.94 -37.04
CA LYS C 43 5.43 -3.55 -37.56
C LYS C 43 5.70 -4.93 -36.97
N ALA C 44 5.03 -5.26 -35.87
CA ALA C 44 5.33 -6.47 -35.13
C ALA C 44 4.44 -7.64 -35.54
N TRP C 45 3.42 -7.35 -36.34
CA TRP C 45 2.36 -8.31 -36.61
C TRP C 45 2.09 -8.51 -38.09
N ARG C 46 1.74 -9.73 -38.46
CA ARG C 46 1.40 -10.06 -39.84
C ARG C 46 0.10 -10.82 -39.88
N LEU C 47 -0.73 -10.50 -40.88
CA LEU C 47 -1.98 -11.20 -41.06
C LEU C 47 -1.75 -12.68 -41.32
N VAL C 48 -2.64 -13.50 -40.78
CA VAL C 48 -2.57 -14.95 -40.98
C VAL C 48 -3.24 -15.34 -42.30
N ASP C 49 -2.59 -16.19 -43.08
CA ASP C 49 -3.13 -16.60 -44.37
C ASP C 49 -4.43 -17.37 -44.22
N GLY C 50 -5.39 -17.08 -45.10
CA GLY C 50 -6.65 -17.81 -45.10
C GLY C 50 -7.77 -17.14 -44.34
N PHE C 51 -7.53 -15.92 -43.87
CA PHE C 51 -8.51 -15.22 -43.03
C PHE C 51 -8.86 -13.84 -43.58
N ASP C 52 -8.81 -13.68 -44.89
CA ASP C 52 -9.08 -12.41 -45.54
C ASP C 52 -10.54 -11.98 -45.40
N ASP C 53 -11.41 -12.92 -45.07
CA ASP C 53 -12.84 -12.63 -45.01
C ASP C 53 -13.32 -12.17 -43.63
N LEU C 54 -12.42 -12.07 -42.65
CA LEU C 54 -12.84 -11.64 -41.31
C LEU C 54 -13.35 -10.20 -41.31
N THR C 55 -14.44 -9.98 -40.60
CA THR C 55 -15.02 -8.64 -40.49
C THR C 55 -15.10 -8.15 -39.06
N ASP C 56 -15.39 -9.05 -38.13
CA ASP C 56 -15.66 -8.65 -36.74
C ASP C 56 -14.47 -8.89 -35.80
N ILE C 57 -13.45 -9.58 -36.32
CA ILE C 57 -12.29 -10.03 -35.56
C ILE C 57 -11.04 -9.77 -36.40
N THR C 58 -9.91 -9.45 -35.77
CA THR C 58 -8.63 -9.48 -36.49
C THR C 58 -7.75 -10.58 -35.91
N TYR C 59 -6.83 -11.06 -36.73
CA TYR C 59 -6.02 -12.23 -36.39
C TYR C 59 -4.63 -12.01 -36.98
N HIS C 60 -3.64 -11.82 -36.12
CA HIS C 60 -2.25 -11.65 -36.57
C HIS C 60 -1.33 -12.68 -35.93
N ARG C 61 -0.23 -12.97 -36.64
CA ARG C 61 0.86 -13.75 -36.08
C ARG C 61 2.08 -12.84 -35.90
N HIS C 62 2.79 -12.97 -34.78
CA HIS C 62 3.97 -12.12 -34.57
C HIS C 62 5.04 -12.42 -35.63
N VAL C 63 5.81 -11.39 -36.02
CA VAL C 63 6.82 -11.57 -37.06
C VAL C 63 7.97 -12.47 -36.62
N ASP C 64 8.19 -12.57 -35.30
CA ASP C 64 9.30 -13.37 -34.79
C ASP C 64 8.87 -14.47 -33.80
N ASP C 65 7.89 -14.15 -32.94
CA ASP C 65 7.57 -15.03 -31.81
C ASP C 65 6.47 -16.06 -32.10
N ALA C 66 6.41 -17.08 -31.26
CA ALA C 66 5.33 -18.09 -31.33
C ALA C 66 4.07 -17.59 -30.61
N THR C 67 3.58 -16.45 -31.06
CA THR C 67 2.52 -15.72 -30.39
C THR C 67 1.57 -15.17 -31.44
N VAL C 68 0.27 -15.27 -31.18
CA VAL C 68 -0.72 -14.65 -32.07
C VAL C 68 -1.52 -13.60 -31.34
N ARG C 69 -2.13 -12.71 -32.11
CA ARG C 69 -2.96 -11.64 -31.58
C ARG C 69 -4.37 -11.79 -32.15
N VAL C 70 -5.34 -11.96 -31.26
CA VAL C 70 -6.73 -12.16 -31.64
C VAL C 70 -7.53 -11.03 -31.01
N ALA C 71 -8.25 -10.25 -31.82
CA ALA C 71 -8.87 -9.05 -31.30
C ALA C 71 -10.27 -8.76 -31.83
N PHE C 72 -11.13 -8.30 -30.93
CA PHE C 72 -12.44 -7.77 -31.32
C PHE C 72 -12.26 -6.56 -32.21
N ASN C 73 -13.10 -6.45 -33.23
CA ASN C 73 -12.95 -5.41 -34.23
C ASN C 73 -14.27 -4.71 -34.53
N ARG C 74 -15.03 -4.41 -33.48
CA ARG C 74 -16.25 -3.61 -33.58
C ARG C 74 -16.21 -2.47 -32.56
N PRO C 75 -15.19 -1.60 -32.64
CA PRO C 75 -14.99 -0.61 -31.57
C PRO C 75 -16.09 0.46 -31.49
N GLU C 76 -16.87 0.61 -32.55
CA GLU C 76 -17.96 1.57 -32.57
C GLU C 76 -19.06 1.19 -31.55
N VAL C 77 -19.18 -0.10 -31.23
CA VAL C 77 -20.10 -0.50 -30.15
C VAL C 77 -19.36 -1.11 -28.96
N ARG C 78 -18.21 -0.52 -28.64
CA ARG C 78 -17.38 -0.97 -27.52
C ARG C 78 -17.04 -2.46 -27.64
N ASN C 79 -16.86 -2.91 -28.89
CA ASN C 79 -16.44 -4.27 -29.20
C ASN C 79 -17.43 -5.33 -28.70
N ALA C 80 -18.72 -5.01 -28.75
CA ALA C 80 -19.77 -5.97 -28.45
C ALA C 80 -19.79 -7.09 -29.50
N PHE C 81 -20.04 -8.33 -29.08
CA PHE C 81 -20.05 -9.40 -30.06
C PHE C 81 -21.47 -9.79 -30.44
N ARG C 82 -21.64 -10.10 -31.73
CA ARG C 82 -22.88 -10.67 -32.25
C ARG C 82 -22.58 -12.12 -32.63
N PRO C 83 -23.59 -12.90 -33.05
CA PRO C 83 -23.26 -14.30 -33.31
C PRO C 83 -22.18 -14.51 -34.38
N HIS C 84 -22.17 -13.69 -35.42
CA HIS C 84 -21.11 -13.75 -36.42
C HIS C 84 -19.72 -13.52 -35.80
N THR C 85 -19.65 -12.59 -34.86
CA THR C 85 -18.42 -12.33 -34.13
C THR C 85 -17.94 -13.59 -33.42
N VAL C 86 -18.87 -14.25 -32.73
CA VAL C 86 -18.55 -15.48 -32.00
C VAL C 86 -18.05 -16.56 -32.98
N ASP C 87 -18.71 -16.69 -34.12
CA ASP C 87 -18.27 -17.68 -35.12
C ASP C 87 -16.85 -17.40 -35.60
N GLU C 88 -16.54 -16.13 -35.86
CA GLU C 88 -15.20 -15.75 -36.30
C GLU C 88 -14.18 -16.01 -35.20
N LEU C 89 -14.53 -15.62 -33.99
CA LEU C 89 -13.64 -15.78 -32.84
C LEU C 89 -13.31 -17.26 -32.61
N TYR C 90 -14.34 -18.10 -32.65
CA TYR C 90 -14.13 -19.52 -32.49
C TYR C 90 -13.21 -20.06 -33.60
N ARG C 91 -13.49 -19.69 -34.84
CA ARG C 91 -12.70 -20.13 -35.99
C ARG C 91 -11.23 -19.76 -35.82
N VAL C 92 -10.98 -18.52 -35.42
CA VAL C 92 -9.62 -18.02 -35.26
C VAL C 92 -8.89 -18.71 -34.10
N LEU C 93 -9.56 -18.84 -32.96
CA LEU C 93 -8.94 -19.47 -31.82
C LEU C 93 -8.67 -20.95 -32.07
N ASP C 94 -9.57 -21.61 -32.84
CA ASP C 94 -9.41 -23.01 -33.19
C ASP C 94 -8.19 -23.19 -34.08
N HIS C 95 -8.05 -22.30 -35.06
CA HIS C 95 -6.86 -22.30 -35.90
C HIS C 95 -5.58 -22.12 -35.08
N ALA C 96 -5.60 -21.20 -34.12
CA ALA C 96 -4.44 -20.99 -33.26
C ALA C 96 -4.14 -22.25 -32.44
N ARG C 97 -5.20 -22.88 -31.94
CA ARG C 97 -5.07 -24.12 -31.18
C ARG C 97 -4.34 -25.19 -31.99
N MET C 98 -4.65 -25.29 -33.28
CA MET C 98 -4.10 -26.34 -34.13
C MET C 98 -2.82 -25.91 -34.85
N SER C 99 -2.27 -24.76 -34.47
CA SER C 99 -1.00 -24.25 -35.04
C SER C 99 0.19 -24.67 -34.19
N PRO C 100 0.97 -25.65 -34.64
CA PRO C 100 2.03 -26.18 -33.78
C PRO C 100 3.15 -25.17 -33.48
N ASP C 101 3.29 -24.12 -34.30
CA ASP C 101 4.34 -23.13 -34.07
C ASP C 101 3.82 -21.93 -33.28
N VAL C 102 2.65 -22.09 -32.66
CA VAL C 102 2.10 -21.04 -31.81
C VAL C 102 1.96 -21.56 -30.37
N GLY C 103 2.59 -20.85 -29.44
CA GLY C 103 2.54 -21.21 -28.05
C GLY C 103 1.55 -20.41 -27.21
N VAL C 104 1.33 -19.15 -27.57
CA VAL C 104 0.57 -18.25 -26.73
C VAL C 104 -0.41 -17.42 -27.56
N VAL C 105 -1.61 -17.26 -27.04
CA VAL C 105 -2.62 -16.41 -27.64
C VAL C 105 -2.78 -15.13 -26.83
N LEU C 106 -2.66 -13.97 -27.48
CA LEU C 106 -3.03 -12.70 -26.85
C LEU C 106 -4.42 -12.28 -27.34
N LEU C 107 -5.38 -12.24 -26.42
CA LEU C 107 -6.76 -11.90 -26.75
C LEU C 107 -7.04 -10.47 -26.30
N THR C 108 -7.45 -9.61 -27.22
CA THR C 108 -7.63 -8.20 -26.86
C THR C 108 -8.74 -7.55 -27.71
N GLY C 109 -8.85 -6.22 -27.68
CA GLY C 109 -9.83 -5.53 -28.50
C GLY C 109 -9.15 -4.41 -29.26
N ASN C 110 -9.56 -4.21 -30.51
CA ASN C 110 -9.02 -3.09 -31.28
C ASN C 110 -9.74 -1.79 -30.94
N GLY C 111 -9.10 -0.67 -31.24
CA GLY C 111 -9.73 0.62 -30.97
C GLY C 111 -8.88 1.77 -31.44
N PRO C 112 -9.25 3.00 -31.05
CA PRO C 112 -10.45 3.30 -30.26
C PRO C 112 -11.69 3.40 -31.14
N SER C 113 -12.83 3.69 -30.51
CA SER C 113 -14.03 3.98 -31.28
C SER C 113 -13.81 5.17 -32.22
N PRO C 114 -14.12 5.00 -33.50
CA PRO C 114 -14.04 6.13 -34.45
C PRO C 114 -15.08 7.20 -34.14
N LYS C 115 -16.08 6.86 -33.33
CA LYS C 115 -17.12 7.80 -32.95
C LYS C 115 -16.68 8.76 -31.84
N ASP C 116 -16.16 8.23 -30.74
CA ASP C 116 -15.81 9.10 -29.60
C ASP C 116 -14.40 8.87 -29.02
N GLY C 117 -13.60 8.05 -29.67
CA GLY C 117 -12.26 7.77 -29.19
C GLY C 117 -12.22 6.91 -27.93
N GLY C 118 -13.36 6.30 -27.58
CA GLY C 118 -13.44 5.47 -26.39
C GLY C 118 -12.82 4.10 -26.60
N TRP C 119 -12.22 3.56 -25.53
CA TRP C 119 -11.47 2.29 -25.61
C TRP C 119 -12.21 1.13 -24.96
N ALA C 120 -12.19 -0.01 -25.64
CA ALA C 120 -12.87 -1.20 -25.12
C ALA C 120 -12.12 -2.48 -25.46
N PHE C 121 -12.06 -3.38 -24.49
CA PHE C 121 -11.73 -4.78 -24.77
C PHE C 121 -12.95 -5.43 -25.41
N CYS C 122 -14.04 -5.47 -24.64
CA CYS C 122 -15.26 -6.14 -25.09
C CYS C 122 -16.41 -5.82 -24.15
N SER C 123 -17.54 -5.37 -24.70
CA SER C 123 -18.70 -5.04 -23.88
C SER C 123 -19.76 -6.13 -23.88
N GLY C 124 -19.40 -7.35 -24.26
CA GLY C 124 -20.34 -8.46 -24.16
C GLY C 124 -21.28 -8.57 -25.35
N GLY C 125 -22.39 -9.26 -25.16
CA GLY C 125 -23.31 -9.49 -26.28
C GLY C 125 -23.90 -8.20 -26.80
N ASP C 126 -24.01 -8.10 -28.12
CA ASP C 126 -24.60 -6.95 -28.79
C ASP C 126 -26.11 -6.88 -28.50
N GLN C 127 -26.51 -5.94 -27.66
CA GLN C 127 -27.89 -5.86 -27.20
C GLN C 127 -28.88 -5.52 -28.32
N ARG C 128 -28.39 -4.93 -29.41
CA ARG C 128 -29.25 -4.58 -30.52
C ARG C 128 -29.89 -5.80 -31.18
N ILE C 129 -29.22 -6.94 -31.14
CA ILE C 129 -29.78 -8.12 -31.81
C ILE C 129 -30.09 -9.24 -30.81
N ARG C 130 -30.20 -8.86 -29.54
CA ARG C 130 -30.64 -9.77 -28.50
C ARG C 130 -32.17 -9.92 -28.54
N GLY C 131 -32.64 -11.16 -28.63
CA GLY C 131 -34.06 -11.42 -28.63
C GLY C 131 -34.43 -12.30 -27.46
N ARG C 132 -35.67 -12.77 -27.42
CA ARG C 132 -36.11 -13.63 -26.35
C ARG C 132 -35.45 -15.00 -26.40
N SER C 133 -34.98 -15.41 -27.57
CA SER C 133 -34.28 -16.71 -27.69
C SER C 133 -32.76 -16.58 -27.62
N GLY C 134 -32.25 -15.37 -27.38
CA GLY C 134 -30.81 -15.15 -27.31
C GLY C 134 -30.33 -14.21 -28.39
N TYR C 135 -29.03 -14.23 -28.68
CA TYR C 135 -28.48 -13.30 -29.67
C TYR C 135 -28.71 -13.84 -31.07
N GLN C 136 -29.28 -12.99 -31.93
CA GLN C 136 -29.71 -13.47 -33.24
C GLN C 136 -28.89 -12.95 -34.41
N TYR C 137 -28.71 -13.83 -35.39
CA TYR C 137 -28.11 -13.47 -36.65
C TYR C 137 -28.99 -12.43 -37.34
N ALA C 138 -28.35 -11.43 -37.92
CA ALA C 138 -29.03 -10.36 -38.63
C ALA C 138 -28.22 -10.01 -39.87
N SER C 139 -28.91 -9.51 -40.90
CA SER C 139 -28.21 -9.12 -42.13
C SER C 139 -27.50 -7.77 -41.95
N GLY C 140 -27.97 -6.97 -41.01
CA GLY C 140 -27.37 -5.68 -40.71
C GLY C 140 -26.96 -5.58 -39.25
N ASP C 141 -26.79 -4.36 -38.76
CA ASP C 141 -26.33 -4.14 -37.39
C ASP C 141 -27.46 -4.00 -36.38
N THR C 142 -28.68 -3.82 -36.88
CA THR C 142 -29.80 -3.45 -36.01
C THR C 142 -30.91 -4.50 -35.97
N ALA C 143 -31.79 -4.37 -34.99
CA ALA C 143 -32.82 -5.37 -34.71
C ALA C 143 -33.77 -5.60 -35.88
N ASP C 144 -33.95 -4.58 -36.71
CA ASP C 144 -34.88 -4.69 -37.84
C ASP C 144 -34.34 -5.60 -38.95
N THR C 145 -33.08 -6.01 -38.85
CA THR C 145 -32.50 -6.86 -39.87
C THR C 145 -32.33 -8.30 -39.39
N VAL C 146 -32.84 -8.59 -38.20
CA VAL C 146 -32.77 -9.93 -37.63
C VAL C 146 -33.56 -10.95 -38.45
N ASP C 147 -32.95 -12.11 -38.68
CA ASP C 147 -33.63 -13.23 -39.34
C ASP C 147 -34.58 -13.89 -38.34
N VAL C 148 -35.87 -13.56 -38.45
CA VAL C 148 -36.86 -13.99 -37.47
C VAL C 148 -37.13 -15.49 -37.49
N ALA C 149 -36.73 -16.16 -38.58
CA ALA C 149 -36.95 -17.59 -38.73
C ALA C 149 -35.87 -18.40 -38.03
N ARG C 150 -34.86 -17.70 -37.50
CA ARG C 150 -33.67 -18.37 -36.97
C ARG C 150 -33.55 -18.13 -35.48
N ALA C 151 -33.41 -19.20 -34.69
CA ALA C 151 -33.38 -19.08 -33.25
C ALA C 151 -32.09 -18.42 -32.77
N GLY C 152 -32.19 -17.72 -31.65
CA GLY C 152 -31.04 -17.05 -31.05
C GLY C 152 -30.09 -18.05 -30.41
N ARG C 153 -28.87 -17.59 -30.14
CA ARG C 153 -27.86 -18.44 -29.54
C ARG C 153 -27.12 -17.70 -28.44
N LEU C 154 -26.52 -18.48 -27.55
CA LEU C 154 -25.69 -17.97 -26.47
C LEU C 154 -24.30 -18.58 -26.57
N HIS C 155 -23.76 -18.72 -27.78
CA HIS C 155 -22.62 -19.61 -27.91
C HIS C 155 -21.24 -18.98 -27.70
N ILE C 156 -21.18 -17.79 -27.11
CA ILE C 156 -19.89 -17.36 -26.55
C ILE C 156 -19.41 -18.40 -25.53
N LEU C 157 -20.35 -19.20 -25.00
CA LEU C 157 -19.99 -20.28 -24.09
C LEU C 157 -19.08 -21.31 -24.75
N GLU C 158 -19.26 -21.53 -26.05
CA GLU C 158 -18.40 -22.43 -26.80
C GLU C 158 -16.97 -21.87 -26.90
N VAL C 159 -16.88 -20.55 -27.07
CA VAL C 159 -15.59 -19.89 -27.10
C VAL C 159 -14.93 -19.95 -25.72
N GLN C 160 -15.73 -19.82 -24.66
CA GLN C 160 -15.19 -19.97 -23.31
C GLN C 160 -14.53 -21.34 -23.12
N ARG C 161 -15.22 -22.39 -23.57
CA ARG C 161 -14.69 -23.74 -23.44
C ARG C 161 -13.45 -23.93 -24.30
N LEU C 162 -13.45 -23.34 -25.48
CA LEU C 162 -12.29 -23.45 -26.38
C LEU C 162 -11.05 -22.86 -25.72
N ILE C 163 -11.22 -21.69 -25.09
CA ILE C 163 -10.12 -21.04 -24.38
C ILE C 163 -9.66 -21.90 -23.20
N ARG C 164 -10.63 -22.42 -22.45
CA ARG C 164 -10.37 -23.23 -21.28
C ARG C 164 -9.62 -24.52 -21.63
N PHE C 165 -10.05 -25.16 -22.72
CA PHE C 165 -9.55 -26.50 -23.02
C PHE C 165 -8.33 -26.48 -23.93
N MET C 166 -7.97 -25.34 -24.48
CA MET C 166 -6.86 -25.38 -25.44
C MET C 166 -5.53 -25.50 -24.68
N PRO C 167 -4.63 -26.35 -25.19
CA PRO C 167 -3.37 -26.70 -24.52
C PRO C 167 -2.31 -25.62 -24.70
N LYS C 168 -2.77 -24.37 -24.65
CA LYS C 168 -1.91 -23.20 -24.82
C LYS C 168 -2.37 -22.10 -23.89
N VAL C 169 -1.44 -21.27 -23.45
CA VAL C 169 -1.80 -20.19 -22.55
C VAL C 169 -2.49 -19.06 -23.33
N VAL C 170 -3.67 -18.66 -22.84
CA VAL C 170 -4.36 -17.51 -23.42
C VAL C 170 -4.25 -16.33 -22.45
N ILE C 171 -3.70 -15.23 -22.92
CA ILE C 171 -3.53 -14.06 -22.09
C ILE C 171 -4.47 -12.97 -22.55
N CYS C 172 -5.36 -12.52 -21.67
CA CYS C 172 -6.28 -11.43 -22.02
C CYS C 172 -5.56 -10.12 -21.81
N LEU C 173 -5.56 -9.26 -22.83
CA LEU C 173 -5.03 -7.91 -22.67
C LEU C 173 -6.18 -6.93 -22.62
N VAL C 174 -6.52 -6.46 -21.44
CA VAL C 174 -7.69 -5.59 -21.27
C VAL C 174 -7.26 -4.15 -21.52
N ASN C 175 -7.63 -3.66 -22.69
CA ASN C 175 -7.18 -2.37 -23.19
C ASN C 175 -8.22 -1.27 -23.02
N GLY C 176 -9.31 -1.57 -22.32
CA GLY C 176 -10.44 -0.65 -22.26
C GLY C 176 -11.53 -1.29 -21.42
N TRP C 177 -12.77 -0.86 -21.63
CA TRP C 177 -13.92 -1.50 -20.98
C TRP C 177 -13.93 -3.01 -21.14
N ALA C 178 -14.12 -3.71 -20.03
CA ALA C 178 -14.45 -5.14 -20.06
C ALA C 178 -15.73 -5.27 -19.29
N ALA C 179 -16.84 -5.45 -20.01
CA ALA C 179 -18.15 -5.41 -19.38
C ALA C 179 -19.00 -6.58 -19.83
N GLY C 180 -19.88 -7.04 -18.94
CA GLY C 180 -20.77 -8.14 -19.25
C GLY C 180 -20.00 -9.37 -19.69
N GLY C 181 -20.38 -9.93 -20.83
CA GLY C 181 -19.72 -11.11 -21.34
C GLY C 181 -18.27 -10.85 -21.69
N GLY C 182 -17.94 -9.59 -21.95
CA GLY C 182 -16.54 -9.21 -22.15
C GLY C 182 -15.74 -9.38 -20.87
N HIS C 183 -16.36 -9.04 -19.75
CA HIS C 183 -15.73 -9.25 -18.45
C HIS C 183 -15.54 -10.76 -18.22
N SER C 184 -16.56 -11.54 -18.55
CA SER C 184 -16.47 -12.98 -18.35
C SER C 184 -15.40 -13.63 -19.24
N LEU C 185 -15.16 -13.09 -20.42
CA LEU C 185 -14.08 -13.61 -21.27
C LEU C 185 -12.71 -13.38 -20.64
N HIS C 186 -12.51 -12.20 -20.04
CA HIS C 186 -11.30 -11.93 -19.28
C HIS C 186 -11.13 -12.95 -18.16
N VAL C 187 -12.22 -13.25 -17.45
CA VAL C 187 -12.15 -14.16 -16.32
C VAL C 187 -11.66 -15.55 -16.72
N VAL C 188 -12.12 -16.08 -17.85
CA VAL C 188 -11.80 -17.46 -18.22
C VAL C 188 -10.42 -17.61 -18.87
N CYS C 189 -9.80 -16.51 -19.29
CA CYS C 189 -8.43 -16.60 -19.81
C CYS C 189 -7.46 -16.97 -18.68
N ASP C 190 -6.33 -17.57 -19.05
CA ASP C 190 -5.37 -18.06 -18.06
C ASP C 190 -4.72 -16.93 -17.26
N LEU C 191 -4.41 -15.84 -17.96
CA LEU C 191 -3.74 -14.67 -17.39
C LEU C 191 -4.40 -13.42 -17.92
N THR C 192 -4.36 -12.33 -17.14
CA THR C 192 -4.89 -11.05 -17.62
C THR C 192 -3.91 -9.92 -17.32
N LEU C 193 -3.59 -9.13 -18.35
CA LEU C 193 -2.80 -7.90 -18.21
C LEU C 193 -3.73 -6.75 -18.54
N ALA C 194 -3.61 -5.62 -17.85
CA ALA C 194 -4.60 -4.56 -18.04
C ALA C 194 -3.96 -3.18 -18.18
N SER C 195 -4.53 -2.38 -19.08
CA SER C 195 -4.13 -0.99 -19.33
C SER C 195 -4.38 -0.10 -18.12
N ARG C 196 -3.33 0.51 -17.56
CA ARG C 196 -3.53 1.39 -16.40
C ARG C 196 -4.57 2.48 -16.64
N GLU C 197 -4.41 3.17 -17.76
CA GLU C 197 -5.22 4.34 -18.04
C GLU C 197 -6.63 4.00 -18.47
N TYR C 198 -6.79 2.95 -19.27
CA TYR C 198 -8.06 2.73 -19.94
C TYR C 198 -8.85 1.51 -19.50
N ALA C 199 -8.22 0.56 -18.82
CA ALA C 199 -8.99 -0.64 -18.44
C ALA C 199 -10.05 -0.24 -17.44
N ARG C 200 -11.26 -0.77 -17.65
CA ARG C 200 -12.37 -0.55 -16.74
C ARG C 200 -13.13 -1.86 -16.68
N PHE C 201 -13.25 -2.41 -15.48
CA PHE C 201 -13.95 -3.68 -15.31
C PHE C 201 -15.33 -3.42 -14.71
N LYS C 202 -16.38 -3.89 -15.38
CA LYS C 202 -17.73 -3.63 -14.89
C LYS C 202 -18.65 -4.78 -15.25
N GLN C 203 -19.16 -5.49 -14.25
CA GLN C 203 -20.06 -6.59 -14.56
C GLN C 203 -21.49 -6.08 -14.56
N THR C 204 -21.98 -5.83 -15.76
CA THR C 204 -23.26 -5.17 -16.00
C THR C 204 -24.40 -6.15 -16.24
N ASP C 205 -24.11 -7.45 -16.12
CA ASP C 205 -25.09 -8.50 -16.44
C ASP C 205 -26.47 -8.21 -15.86
N ALA C 206 -26.53 -8.03 -14.54
CA ALA C 206 -27.80 -7.93 -13.86
C ALA C 206 -28.53 -6.61 -14.18
N ASP C 207 -27.78 -5.61 -14.64
CA ASP C 207 -28.36 -4.35 -15.07
C ASP C 207 -29.28 -4.54 -16.27
N VAL C 208 -28.94 -5.49 -17.13
CA VAL C 208 -29.76 -5.72 -18.32
C VAL C 208 -30.52 -7.04 -18.24
N GLY C 209 -30.59 -7.61 -17.04
CA GLY C 209 -31.41 -8.79 -16.80
C GLY C 209 -30.77 -10.08 -17.32
N SER C 210 -29.46 -10.04 -17.53
CA SER C 210 -28.72 -11.23 -17.93
C SER C 210 -27.89 -11.75 -16.77
N PHE C 211 -27.27 -12.91 -16.96
CA PHE C 211 -26.30 -13.41 -15.99
C PHE C 211 -25.46 -14.49 -16.63
N ASP C 212 -24.18 -14.49 -16.30
CA ASP C 212 -23.29 -15.61 -16.62
C ASP C 212 -23.17 -16.41 -15.34
N GLY C 213 -23.84 -17.55 -15.30
CA GLY C 213 -23.86 -18.38 -14.10
C GLY C 213 -22.82 -19.47 -14.17
N GLY C 214 -21.86 -19.33 -15.09
CA GLY C 214 -20.82 -20.31 -15.23
C GLY C 214 -19.43 -19.79 -14.91
N TYR C 215 -18.55 -19.74 -15.90
CA TYR C 215 -17.18 -19.28 -15.67
C TYR C 215 -17.14 -17.79 -15.28
N GLY C 216 -18.09 -17.00 -15.77
CA GLY C 216 -18.02 -15.57 -15.52
C GLY C 216 -18.17 -15.21 -14.05
N SER C 217 -18.95 -16.00 -13.33
CA SER C 217 -19.26 -15.74 -11.92
C SER C 217 -18.55 -16.71 -10.98
N ALA C 218 -18.87 -18.00 -11.09
CA ALA C 218 -18.28 -18.98 -10.20
C ALA C 218 -16.75 -19.05 -10.32
N TYR C 219 -16.23 -18.94 -11.54
CA TYR C 219 -14.80 -19.01 -11.70
C TYR C 219 -14.12 -17.70 -11.27
N LEU C 220 -14.82 -16.58 -11.35
CA LEU C 220 -14.28 -15.33 -10.81
C LEU C 220 -14.00 -15.49 -9.32
N ALA C 221 -14.88 -16.21 -8.62
CA ALA C 221 -14.69 -16.44 -7.20
C ALA C 221 -13.42 -17.23 -6.94
N ARG C 222 -12.99 -18.03 -7.91
CA ARG C 222 -11.75 -18.80 -7.74
C ARG C 222 -10.51 -17.93 -7.99
N GLN C 223 -10.72 -16.65 -8.27
CA GLN C 223 -9.61 -15.71 -8.48
C GLN C 223 -9.58 -14.66 -7.38
N VAL C 224 -10.74 -14.12 -7.02
CA VAL C 224 -10.80 -13.03 -6.05
C VAL C 224 -11.46 -13.41 -4.73
N GLY C 225 -11.97 -14.64 -4.64
CA GLY C 225 -12.67 -15.10 -3.46
C GLY C 225 -14.16 -14.81 -3.55
N GLN C 226 -14.95 -15.51 -2.74
CA GLN C 226 -16.40 -15.37 -2.83
C GLN C 226 -16.95 -13.98 -2.47
N LYS C 227 -16.41 -13.30 -1.46
CA LYS C 227 -16.93 -11.97 -1.11
C LYS C 227 -16.74 -10.97 -2.24
N PHE C 228 -15.53 -10.87 -2.78
CA PHE C 228 -15.29 -9.90 -3.84
C PHE C 228 -16.05 -10.26 -5.11
N ALA C 229 -16.10 -11.55 -5.44
CA ALA C 229 -16.83 -11.96 -6.65
C ALA C 229 -18.32 -11.58 -6.56
N ARG C 230 -18.92 -11.81 -5.40
CA ARG C 230 -20.31 -11.43 -5.20
C ARG C 230 -20.51 -9.91 -5.30
N GLU C 231 -19.58 -9.14 -4.71
CA GLU C 231 -19.64 -7.68 -4.82
C GLU C 231 -19.62 -7.22 -6.29
N ILE C 232 -18.69 -7.79 -7.06
CA ILE C 232 -18.55 -7.41 -8.46
C ILE C 232 -19.84 -7.61 -9.24
N PHE C 233 -20.49 -8.77 -9.08
CA PHE C 233 -21.74 -9.02 -9.77
C PHE C 233 -22.96 -8.33 -9.14
N PHE C 234 -23.09 -8.33 -7.82
CA PHE C 234 -24.31 -7.83 -7.21
C PHE C 234 -24.45 -6.32 -7.32
N LEU C 235 -23.32 -5.60 -7.25
CA LEU C 235 -23.38 -4.14 -7.35
C LEU C 235 -23.01 -3.58 -8.72
N GLY C 236 -22.24 -4.34 -9.48
CA GLY C 236 -21.92 -3.94 -10.85
C GLY C 236 -21.16 -2.62 -10.94
N ARG C 237 -20.31 -2.36 -9.96
CA ARG C 237 -19.47 -1.16 -9.96
C ARG C 237 -18.35 -1.26 -10.98
N THR C 238 -17.78 -0.10 -11.33
CA THR C 238 -16.65 -0.07 -12.24
C THR C 238 -15.36 -0.13 -11.45
N TYR C 239 -14.44 -1.01 -11.84
CA TYR C 239 -13.16 -1.16 -11.14
C TYR C 239 -12.01 -0.83 -12.07
N THR C 240 -10.94 -0.28 -11.50
CA THR C 240 -9.70 -0.02 -12.24
C THR C 240 -8.82 -1.26 -12.34
N ALA C 241 -7.83 -1.20 -13.23
CA ALA C 241 -6.82 -2.25 -13.34
C ALA C 241 -6.14 -2.53 -11.99
N GLU C 242 -5.77 -1.46 -11.28
CA GLU C 242 -5.12 -1.65 -9.98
C GLU C 242 -6.03 -2.32 -8.97
N GLN C 243 -7.31 -1.93 -8.94
CA GLN C 243 -8.25 -2.55 -8.00
C GLN C 243 -8.42 -4.04 -8.31
N MET C 244 -8.53 -4.39 -9.59
CA MET C 244 -8.69 -5.81 -9.93
C MET C 244 -7.41 -6.60 -9.72
N HIS C 245 -6.27 -5.94 -9.86
CA HIS C 245 -4.99 -6.56 -9.52
C HIS C 245 -4.92 -6.86 -8.02
N GLN C 246 -5.34 -5.90 -7.20
CA GLN C 246 -5.33 -6.09 -5.75
C GLN C 246 -6.28 -7.20 -5.33
N MET C 247 -7.38 -7.35 -6.05
CA MET C 247 -8.36 -8.37 -5.69
C MET C 247 -7.93 -9.77 -6.17
N GLY C 248 -7.15 -9.85 -7.24
CA GLY C 248 -6.61 -11.13 -7.68
C GLY C 248 -7.03 -11.59 -9.07
N ALA C 249 -7.73 -10.72 -9.81
CA ALA C 249 -8.25 -11.09 -11.14
C ALA C 249 -7.38 -10.58 -12.29
N VAL C 250 -6.49 -9.65 -11.96
CA VAL C 250 -5.58 -9.10 -12.96
C VAL C 250 -4.14 -9.38 -12.53
N ASN C 251 -3.35 -10.00 -13.40
CA ASN C 251 -1.99 -10.38 -13.03
C ASN C 251 -1.04 -9.20 -12.91
N ALA C 252 -1.19 -8.26 -13.84
CA ALA C 252 -0.32 -7.09 -13.83
C ALA C 252 -0.97 -5.94 -14.57
N VAL C 253 -0.59 -4.73 -14.17
CA VAL C 253 -1.01 -3.50 -14.81
C VAL C 253 0.14 -3.01 -15.68
N ALA C 254 -0.16 -2.58 -16.90
CA ALA C 254 0.85 -2.03 -17.80
C ALA C 254 0.40 -0.70 -18.33
N GLU C 255 1.32 0.16 -18.74
CA GLU C 255 0.95 1.37 -19.47
C GLU C 255 0.21 0.96 -20.73
N HIS C 256 -0.84 1.69 -21.06
CA HIS C 256 -1.62 1.46 -22.27
C HIS C 256 -0.75 1.26 -23.52
N ALA C 257 0.18 2.17 -23.77
CA ALA C 257 0.98 2.10 -24.98
C ALA C 257 1.89 0.86 -25.00
N GLU C 258 2.16 0.30 -23.82
CA GLU C 258 3.07 -0.84 -23.69
C GLU C 258 2.32 -2.14 -23.41
N LEU C 259 0.98 -2.11 -23.43
CA LEU C 259 0.20 -3.30 -23.02
C LEU C 259 0.54 -4.54 -23.85
N GLU C 260 0.67 -4.37 -25.17
CA GLU C 260 0.95 -5.51 -26.04
C GLU C 260 2.44 -5.87 -25.99
N THR C 261 3.28 -4.87 -25.79
CA THR C 261 4.70 -5.13 -25.59
C THR C 261 4.92 -6.01 -24.35
N VAL C 262 4.21 -5.69 -23.28
CA VAL C 262 4.32 -6.47 -22.05
C VAL C 262 3.69 -7.85 -22.25
N GLY C 263 2.56 -7.89 -22.95
CA GLY C 263 1.95 -9.17 -23.29
C GLY C 263 2.93 -10.07 -24.05
N LEU C 264 3.67 -9.48 -24.98
CA LEU C 264 4.66 -10.22 -25.78
C LEU C 264 5.81 -10.71 -24.90
N GLN C 265 6.19 -9.92 -23.90
CA GLN C 265 7.25 -10.33 -22.97
C GLN C 265 6.81 -11.53 -22.13
N TRP C 266 5.58 -11.46 -21.61
CA TRP C 266 5.02 -12.56 -20.85
C TRP C 266 4.95 -13.80 -21.73
N ALA C 267 4.47 -13.63 -22.96
CA ALA C 267 4.38 -14.74 -23.90
C ALA C 267 5.76 -15.37 -24.13
N ALA C 268 6.79 -14.53 -24.24
CA ALA C 268 8.14 -15.05 -24.49
C ALA C 268 8.65 -15.86 -23.30
N GLU C 269 8.29 -15.43 -22.09
CA GLU C 269 8.71 -16.18 -20.91
C GLU C 269 8.00 -17.52 -20.86
N ILE C 270 6.72 -17.52 -21.20
CA ILE C 270 5.96 -18.77 -21.31
C ILE C 270 6.55 -19.70 -22.37
N ASN C 271 6.85 -19.14 -23.55
CA ASN C 271 7.38 -19.93 -24.65
C ASN C 271 8.81 -20.41 -24.46
N ALA C 272 9.49 -19.93 -23.42
CA ALA C 272 10.88 -20.35 -23.20
C ALA C 272 10.96 -21.62 -22.34
N LYS C 273 9.81 -22.08 -21.85
CA LYS C 273 9.79 -23.28 -21.02
C LYS C 273 9.40 -24.52 -21.82
N SER C 274 9.52 -25.69 -21.19
CA SER C 274 9.08 -26.95 -21.79
C SER C 274 7.61 -26.89 -22.20
N PRO C 275 7.33 -26.99 -23.51
CA PRO C 275 5.92 -26.91 -23.90
C PRO C 275 5.09 -28.06 -23.33
N GLN C 276 5.71 -29.23 -23.21
CA GLN C 276 5.07 -30.39 -22.61
C GLN C 276 4.66 -30.10 -21.16
N ALA C 277 5.57 -29.55 -20.38
CA ALA C 277 5.25 -29.22 -18.99
C ALA C 277 4.16 -28.16 -18.91
N GLN C 278 4.23 -27.16 -19.79
CA GLN C 278 3.23 -26.09 -19.75
C GLN C 278 1.82 -26.61 -20.02
N ARG C 279 1.71 -27.47 -21.04
CA ARG C 279 0.45 -28.14 -21.39
C ARG C 279 -0.14 -28.88 -20.18
N MET C 280 0.69 -29.71 -19.55
CA MET C 280 0.26 -30.52 -18.41
C MET C 280 -0.16 -29.62 -17.25
N LEU C 281 0.58 -28.53 -17.05
CA LEU C 281 0.27 -27.63 -15.94
C LEU C 281 -1.10 -26.97 -16.14
N LYS C 282 -1.40 -26.54 -17.36
CA LYS C 282 -2.66 -25.88 -17.60
C LYS C 282 -3.80 -26.82 -17.24
N PHE C 283 -3.68 -28.07 -17.66
CA PHE C 283 -4.75 -29.02 -17.43
C PHE C 283 -4.81 -29.43 -15.96
N ALA C 284 -3.66 -29.41 -15.27
CA ALA C 284 -3.65 -29.63 -13.82
C ALA C 284 -4.41 -28.53 -13.07
N PHE C 285 -4.20 -27.27 -13.45
CA PHE C 285 -4.94 -26.16 -12.83
C PHE C 285 -6.44 -26.26 -13.09
N ASN C 286 -6.81 -26.70 -14.29
CA ASN C 286 -8.22 -26.83 -14.65
C ASN C 286 -8.92 -27.97 -13.92
N LEU C 287 -8.18 -29.03 -13.63
CA LEU C 287 -8.75 -30.38 -13.42
C LEU C 287 -9.94 -30.47 -12.48
N LEU C 288 -9.69 -30.32 -11.18
CA LEU C 288 -10.73 -30.56 -10.20
C LEU C 288 -11.89 -29.60 -10.32
N ASP C 289 -11.61 -28.31 -10.57
CA ASP C 289 -12.68 -27.34 -10.82
C ASP C 289 -13.59 -27.82 -11.94
N ASP C 290 -13.01 -28.44 -12.96
CA ASP C 290 -13.75 -28.90 -14.14
C ASP C 290 -14.27 -30.35 -14.07
N GLY C 291 -14.23 -30.96 -12.88
CA GLY C 291 -14.78 -32.31 -12.70
C GLY C 291 -14.28 -33.33 -13.70
N LEU C 292 -15.19 -34.18 -14.19
CA LEU C 292 -14.86 -35.22 -15.18
C LEU C 292 -14.31 -34.67 -16.48
N VAL C 293 -14.73 -33.48 -16.88
CA VAL C 293 -14.20 -32.90 -18.11
C VAL C 293 -12.73 -32.55 -17.89
N GLY C 294 -12.43 -31.99 -16.72
CA GLY C 294 -11.07 -31.66 -16.36
C GLY C 294 -10.23 -32.93 -16.30
N GLN C 295 -10.79 -33.99 -15.71
CA GLN C 295 -10.07 -35.26 -15.69
C GLN C 295 -9.85 -35.78 -17.09
N GLN C 296 -10.86 -35.67 -17.95
CA GLN C 296 -10.73 -36.15 -19.32
C GLN C 296 -9.55 -35.50 -20.04
N LEU C 297 -9.43 -34.19 -19.89
CA LEU C 297 -8.37 -33.45 -20.58
C LEU C 297 -7.00 -33.76 -20.01
N PHE C 298 -6.88 -33.78 -18.69
CA PHE C 298 -5.59 -34.09 -18.10
C PHE C 298 -5.21 -35.54 -18.40
N ALA C 299 -6.14 -36.47 -18.20
CA ALA C 299 -5.87 -37.88 -18.48
C ALA C 299 -5.53 -38.11 -19.95
N GLY C 300 -6.16 -37.34 -20.83
CA GLY C 300 -5.85 -37.44 -22.26
C GLY C 300 -4.40 -37.14 -22.55
N GLU C 301 -3.87 -36.10 -21.91
CA GLU C 301 -2.46 -35.78 -22.05
C GLU C 301 -1.58 -36.86 -21.41
N ALA C 302 -2.02 -37.45 -20.31
CA ALA C 302 -1.26 -38.54 -19.71
C ALA C 302 -1.22 -39.75 -20.64
N THR C 303 -2.33 -40.00 -21.33
CA THR C 303 -2.37 -41.10 -22.29
C THR C 303 -1.34 -40.89 -23.40
N ARG C 304 -1.26 -39.65 -23.88
CA ARG C 304 -0.27 -39.33 -24.90
C ARG C 304 1.16 -39.59 -24.42
N LEU C 305 1.46 -39.16 -23.20
CA LEU C 305 2.77 -39.44 -22.61
C LEU C 305 3.02 -40.94 -22.57
N ALA C 306 2.01 -41.72 -22.22
CA ALA C 306 2.16 -43.17 -22.21
C ALA C 306 2.41 -43.74 -23.61
N TYR C 307 1.75 -43.17 -24.62
CA TYR C 307 1.93 -43.68 -26.00
C TYR C 307 3.37 -43.54 -26.47
N MET C 308 4.11 -42.61 -25.88
CA MET C 308 5.50 -42.40 -26.26
C MET C 308 6.43 -43.51 -25.76
N THR C 309 5.98 -44.29 -24.78
CA THR C 309 6.87 -45.27 -24.14
C THR C 309 7.03 -46.55 -24.94
N ASP C 310 8.20 -47.17 -24.78
CA ASP C 310 8.44 -48.50 -25.35
C ASP C 310 7.36 -49.50 -24.92
N GLU C 311 6.90 -49.36 -23.68
CA GLU C 311 5.88 -50.28 -23.16
C GLU C 311 4.58 -50.17 -23.98
N ALA C 312 4.10 -48.96 -24.25
CA ALA C 312 2.91 -48.81 -25.07
C ALA C 312 3.14 -49.32 -26.50
N VAL C 313 4.34 -49.10 -27.03
CA VAL C 313 4.65 -49.59 -28.36
C VAL C 313 4.60 -51.13 -28.41
N GLU C 314 5.10 -51.79 -27.35
CA GLU C 314 5.00 -53.25 -27.26
C GLU C 314 3.55 -53.71 -27.28
N GLY C 315 2.67 -52.99 -26.59
CA GLY C 315 1.26 -53.32 -26.61
C GLY C 315 0.66 -53.27 -28.00
N ARG C 316 0.97 -52.20 -28.73
CA ARG C 316 0.52 -52.07 -30.13
C ARG C 316 1.07 -53.22 -30.98
N ASP C 317 2.38 -53.43 -30.89
CA ASP C 317 3.08 -54.39 -31.73
C ASP C 317 2.56 -55.81 -31.52
N ALA C 318 2.29 -56.16 -30.27
CA ALA C 318 1.80 -57.49 -29.96
C ALA C 318 0.42 -57.72 -30.54
N PHE C 319 -0.41 -56.68 -30.53
CA PHE C 319 -1.74 -56.83 -31.11
C PHE C 319 -1.66 -57.01 -32.61
N LEU C 320 -0.86 -56.16 -33.25
CA LEU C 320 -0.74 -56.21 -34.70
C LEU C 320 -0.13 -57.54 -35.14
N GLN C 321 0.84 -58.02 -34.37
CA GLN C 321 1.55 -59.25 -34.72
C GLN C 321 0.86 -60.51 -34.21
N LYS C 322 -0.30 -60.33 -33.60
CA LYS C 322 -1.11 -61.44 -33.08
C LYS C 322 -0.27 -62.37 -32.22
N ARG C 323 0.31 -61.81 -31.17
CA ARG C 323 1.16 -62.55 -30.26
C ARG C 323 0.95 -61.99 -28.85
N PRO C 324 1.29 -62.76 -27.82
CA PRO C 324 1.16 -62.20 -26.47
C PRO C 324 2.17 -61.09 -26.25
N PRO C 325 1.75 -60.01 -25.58
CA PRO C 325 2.71 -58.95 -25.26
C PRO C 325 3.72 -59.42 -24.23
N ASP C 326 4.95 -58.94 -24.32
CA ASP C 326 5.97 -59.26 -23.34
C ASP C 326 6.29 -58.03 -22.50
N TRP C 327 5.75 -57.99 -21.28
CA TRP C 327 5.91 -56.84 -20.42
C TRP C 327 7.14 -56.94 -19.53
N SER C 328 7.90 -58.02 -19.65
CA SER C 328 9.02 -58.25 -18.74
C SER C 328 10.09 -57.13 -18.72
N PRO C 329 10.33 -56.44 -19.85
CA PRO C 329 11.32 -55.35 -19.75
C PRO C 329 10.87 -54.12 -18.96
N PHE C 330 9.62 -54.07 -18.53
CA PHE C 330 9.07 -52.84 -17.96
C PHE C 330 8.70 -53.00 -16.48
N PRO C 331 9.44 -52.32 -15.60
CA PRO C 331 9.29 -52.43 -14.14
C PRO C 331 8.00 -51.82 -13.58
N ARG C 332 7.58 -52.34 -12.44
CA ARG C 332 6.42 -51.85 -11.71
C ARG C 332 6.82 -50.73 -10.75
N TYR C 333 6.80 -49.51 -11.26
CA TYR C 333 7.23 -48.36 -10.49
C TYR C 333 6.31 -48.10 -9.30
N PHE C 334 6.89 -47.57 -8.23
CA PHE C 334 6.09 -47.19 -7.06
C PHE C 334 6.60 -45.90 -6.43
N SER D 36 -33.49 -61.61 -43.18
CA SER D 36 -32.30 -60.78 -43.08
C SER D 36 -32.01 -60.41 -41.62
N ASP D 37 -30.80 -60.74 -41.17
CA ASP D 37 -30.40 -60.47 -39.80
C ASP D 37 -29.68 -59.14 -39.64
N ASN D 38 -29.85 -58.24 -40.61
CA ASN D 38 -29.20 -56.93 -40.51
C ASN D 38 -30.14 -55.91 -39.88
N PRO D 39 -29.63 -55.19 -38.86
CA PRO D 39 -30.42 -54.18 -38.14
C PRO D 39 -30.86 -53.01 -39.00
N PHE D 40 -30.10 -52.73 -40.06
CA PHE D 40 -30.31 -51.56 -40.89
C PHE D 40 -31.45 -51.77 -41.90
N ASP D 41 -32.46 -50.91 -41.80
CA ASP D 41 -33.58 -50.90 -42.76
C ASP D 41 -33.42 -49.75 -43.73
N ALA D 42 -32.92 -50.04 -44.93
CA ALA D 42 -32.57 -49.01 -45.89
C ALA D 42 -33.73 -48.08 -46.22
N LYS D 43 -34.93 -48.65 -46.25
CA LYS D 43 -36.13 -47.88 -46.59
C LYS D 43 -36.46 -46.80 -45.57
N ALA D 44 -35.91 -46.92 -44.36
CA ALA D 44 -36.26 -46.01 -43.28
C ALA D 44 -35.39 -44.76 -43.23
N TRP D 45 -34.31 -44.76 -44.00
CA TRP D 45 -33.28 -43.74 -43.82
C TRP D 45 -32.98 -42.97 -45.11
N ARG D 46 -32.61 -41.70 -44.95
CA ARG D 46 -32.28 -40.83 -46.09
C ARG D 46 -30.92 -40.18 -45.88
N LEU D 47 -30.22 -39.93 -46.98
CA LEU D 47 -28.95 -39.21 -46.92
C LEU D 47 -29.16 -37.72 -46.60
N VAL D 48 -28.07 -37.04 -46.24
CA VAL D 48 -28.13 -35.66 -45.74
C VAL D 48 -27.30 -34.74 -46.62
N ASP D 49 -27.83 -33.56 -46.93
CA ASP D 49 -27.12 -32.56 -47.74
C ASP D 49 -25.72 -32.29 -47.23
N GLY D 50 -24.74 -32.35 -48.11
CA GLY D 50 -23.38 -31.92 -47.77
C GLY D 50 -22.44 -33.03 -47.35
N PHE D 51 -22.93 -34.26 -47.30
CA PHE D 51 -22.11 -35.37 -46.78
C PHE D 51 -21.81 -36.46 -47.80
N ASP D 52 -21.79 -36.07 -49.06
CA ASP D 52 -21.53 -37.00 -50.14
C ASP D 52 -20.09 -37.52 -50.10
N ASP D 53 -19.23 -36.79 -49.40
CA ASP D 53 -17.80 -37.11 -49.36
C ASP D 53 -17.41 -38.05 -48.20
N LEU D 54 -18.37 -38.50 -47.41
CA LEU D 54 -18.07 -39.39 -46.29
C LEU D 54 -17.51 -40.74 -46.72
N THR D 55 -16.44 -41.19 -46.05
CA THR D 55 -15.86 -42.51 -46.35
C THR D 55 -15.83 -43.48 -45.17
N ASP D 56 -15.60 -42.98 -43.96
CA ASP D 56 -15.40 -43.83 -42.78
C ASP D 56 -16.64 -43.94 -41.89
N ILE D 57 -17.62 -43.11 -42.18
CA ILE D 57 -18.81 -42.91 -41.36
C ILE D 57 -20.01 -42.86 -42.32
N THR D 58 -21.18 -43.34 -41.90
CA THR D 58 -22.41 -43.05 -42.63
C THR D 58 -23.32 -42.17 -41.78
N TYR D 59 -24.15 -41.38 -42.43
CA TYR D 59 -25.00 -40.40 -41.77
C TYR D 59 -26.35 -40.43 -42.47
N HIS D 60 -27.41 -40.75 -41.73
CA HIS D 60 -28.74 -40.73 -42.34
C HIS D 60 -29.71 -39.98 -41.45
N ARG D 61 -30.73 -39.39 -42.07
CA ARG D 61 -31.86 -38.84 -41.34
C ARG D 61 -33.06 -39.75 -41.57
N HIS D 62 -33.85 -39.98 -40.53
CA HIS D 62 -35.00 -40.85 -40.68
C HIS D 62 -36.02 -40.26 -41.64
N VAL D 63 -36.77 -41.12 -42.31
CA VAL D 63 -37.72 -40.67 -43.33
C VAL D 63 -38.84 -39.84 -42.72
N ASP D 64 -39.21 -40.14 -41.47
CA ASP D 64 -40.32 -39.44 -40.83
C ASP D 64 -39.93 -38.79 -39.49
N ASP D 65 -39.10 -39.48 -38.73
CA ASP D 65 -38.86 -39.11 -37.34
C ASP D 65 -37.73 -38.11 -37.17
N ALA D 66 -37.76 -37.42 -36.03
CA ALA D 66 -36.71 -36.46 -35.66
C ALA D 66 -35.49 -37.18 -35.10
N THR D 67 -34.95 -38.09 -35.89
CA THR D 67 -33.91 -39.01 -35.43
C THR D 67 -32.90 -39.20 -36.55
N VAL D 68 -31.61 -39.22 -36.20
CA VAL D 68 -30.57 -39.51 -37.18
C VAL D 68 -29.81 -40.78 -36.79
N ARG D 69 -29.12 -41.34 -37.78
CA ARG D 69 -28.36 -42.57 -37.61
C ARG D 69 -26.93 -42.28 -38.03
N VAL D 70 -26.02 -42.43 -37.08
CA VAL D 70 -24.61 -42.13 -37.29
C VAL D 70 -23.85 -43.42 -37.07
N ALA D 71 -23.04 -43.84 -38.04
CA ALA D 71 -22.48 -45.18 -37.94
C ALA D 71 -21.04 -45.30 -38.43
N PHE D 72 -20.23 -46.02 -37.67
CA PHE D 72 -18.92 -46.42 -38.15
C PHE D 72 -19.06 -47.28 -39.39
N ASN D 73 -18.18 -47.06 -40.37
CA ASN D 73 -18.29 -47.73 -41.64
C ASN D 73 -16.96 -48.31 -42.11
N ARG D 74 -16.24 -48.92 -41.17
CA ARG D 74 -15.03 -49.66 -41.50
C ARG D 74 -15.12 -51.09 -40.94
N PRO D 75 -16.15 -51.85 -41.34
CA PRO D 75 -16.42 -53.13 -40.71
C PRO D 75 -15.32 -54.17 -40.94
N GLU D 76 -14.45 -53.94 -41.92
CA GLU D 76 -13.35 -54.86 -42.20
C GLU D 76 -12.30 -54.87 -41.09
N VAL D 77 -12.24 -53.79 -40.30
CA VAL D 77 -11.36 -53.76 -39.15
C VAL D 77 -12.15 -53.53 -37.86
N ARG D 78 -13.30 -54.20 -37.77
CA ARG D 78 -14.18 -54.12 -36.61
C ARG D 78 -14.52 -52.67 -36.26
N ASN D 79 -14.63 -51.84 -37.29
CA ASN D 79 -15.02 -50.44 -37.14
C ASN D 79 -14.07 -49.64 -36.24
N ALA D 80 -12.78 -49.93 -36.35
CA ALA D 80 -11.76 -49.12 -35.68
C ALA D 80 -11.72 -47.72 -36.29
N PHE D 81 -11.56 -46.69 -35.45
CA PHE D 81 -11.46 -45.34 -36.01
C PHE D 81 -10.02 -44.86 -36.18
N ARG D 82 -9.77 -44.21 -37.31
CA ARG D 82 -8.52 -43.49 -37.54
C ARG D 82 -8.82 -41.99 -37.46
N PRO D 83 -7.79 -41.13 -37.49
CA PRO D 83 -8.09 -39.71 -37.25
C PRO D 83 -9.12 -39.10 -38.22
N HIS D 84 -9.11 -39.56 -39.46
CA HIS D 84 -10.10 -39.08 -40.43
C HIS D 84 -11.51 -39.52 -40.04
N THR D 85 -11.64 -40.74 -39.54
CA THR D 85 -12.91 -41.22 -38.99
C THR D 85 -13.39 -40.27 -37.90
N VAL D 86 -12.48 -39.86 -37.01
CA VAL D 86 -12.84 -38.99 -35.91
C VAL D 86 -13.33 -37.63 -36.44
N ASP D 87 -12.62 -37.13 -37.46
CA ASP D 87 -13.00 -35.86 -38.10
C ASP D 87 -14.40 -35.94 -38.69
N GLU D 88 -14.69 -37.02 -39.40
CA GLU D 88 -15.99 -37.22 -40.00
C GLU D 88 -17.06 -37.34 -38.94
N LEU D 89 -16.76 -38.11 -37.89
CA LEU D 89 -17.72 -38.33 -36.80
C LEU D 89 -18.06 -37.02 -36.10
N TYR D 90 -17.04 -36.20 -35.85
CA TYR D 90 -17.26 -34.91 -35.21
C TYR D 90 -18.13 -34.02 -36.10
N ARG D 91 -17.81 -33.99 -37.39
CA ARG D 91 -18.53 -33.15 -38.33
C ARG D 91 -20.00 -33.55 -38.40
N VAL D 92 -20.25 -34.86 -38.43
CA VAL D 92 -21.60 -35.38 -38.55
C VAL D 92 -22.40 -35.11 -37.27
N LEU D 93 -21.82 -35.39 -36.11
CA LEU D 93 -22.50 -35.12 -34.84
C LEU D 93 -22.74 -33.62 -34.62
N ASP D 94 -21.79 -32.80 -35.03
CA ASP D 94 -21.93 -31.36 -34.91
C ASP D 94 -23.09 -30.87 -35.80
N HIS D 95 -23.19 -31.44 -37.00
CA HIS D 95 -24.32 -31.13 -37.87
C HIS D 95 -25.64 -31.52 -37.21
N ALA D 96 -25.71 -32.72 -36.65
CA ALA D 96 -26.92 -33.15 -35.94
C ALA D 96 -27.27 -32.23 -34.76
N ARG D 97 -26.25 -31.82 -34.01
CA ARG D 97 -26.42 -30.90 -32.90
C ARG D 97 -27.13 -29.61 -33.32
N MET D 98 -26.75 -29.12 -34.50
CA MET D 98 -27.23 -27.85 -34.99
C MET D 98 -28.48 -27.97 -35.85
N SER D 99 -29.05 -29.18 -35.92
CA SER D 99 -30.26 -29.45 -36.70
C SER D 99 -31.51 -29.37 -35.82
N PRO D 100 -32.27 -28.28 -35.93
CA PRO D 100 -33.42 -28.10 -35.03
C PRO D 100 -34.51 -29.14 -35.20
N ASP D 101 -34.60 -29.76 -36.38
CA ASP D 101 -35.58 -30.82 -36.60
C ASP D 101 -35.12 -32.21 -36.16
N VAL D 102 -34.00 -32.28 -35.45
CA VAL D 102 -33.50 -33.56 -34.94
C VAL D 102 -33.45 -33.54 -33.43
N GLY D 103 -34.08 -34.53 -32.80
CA GLY D 103 -34.08 -34.63 -31.35
C GLY D 103 -33.18 -35.72 -30.78
N VAL D 104 -32.97 -36.79 -31.54
CA VAL D 104 -32.24 -37.93 -31.03
C VAL D 104 -31.22 -38.46 -32.06
N VAL D 105 -30.03 -38.80 -31.55
CA VAL D 105 -28.98 -39.40 -32.36
C VAL D 105 -28.83 -40.86 -32.00
N LEU D 106 -28.88 -41.73 -33.00
CA LEU D 106 -28.57 -43.14 -32.82
C LEU D 106 -27.16 -43.36 -33.32
N LEU D 107 -26.27 -43.78 -32.44
CA LEU D 107 -24.87 -44.02 -32.79
C LEU D 107 -24.59 -45.53 -32.83
N THR D 108 -24.07 -46.02 -33.96
CA THR D 108 -23.92 -47.47 -34.10
C THR D 108 -22.77 -47.80 -35.04
N GLY D 109 -22.65 -49.07 -35.42
CA GLY D 109 -21.65 -49.48 -36.40
C GLY D 109 -22.32 -50.28 -37.50
N ASN D 110 -21.85 -50.11 -38.74
CA ASN D 110 -22.36 -50.90 -39.86
C ASN D 110 -21.66 -52.25 -39.91
N GLY D 111 -22.31 -53.22 -40.55
CA GLY D 111 -21.71 -54.53 -40.68
C GLY D 111 -22.55 -55.45 -41.54
N PRO D 112 -22.18 -56.74 -41.57
CA PRO D 112 -21.02 -57.30 -40.86
C PRO D 112 -19.74 -57.14 -41.66
N SER D 113 -18.63 -57.64 -41.13
CA SER D 113 -17.38 -57.67 -41.87
C SER D 113 -17.54 -58.48 -43.15
N PRO D 114 -17.13 -57.90 -44.29
CA PRO D 114 -17.18 -58.68 -45.53
C PRO D 114 -16.13 -59.81 -45.54
N LYS D 115 -15.17 -59.77 -44.64
CA LYS D 115 -14.13 -60.80 -44.60
C LYS D 115 -14.54 -62.03 -43.79
N ASP D 116 -15.13 -61.83 -42.61
CA ASP D 116 -15.44 -62.97 -41.76
C ASP D 116 -16.85 -62.96 -41.15
N GLY D 117 -17.66 -61.98 -41.54
CA GLY D 117 -19.03 -61.90 -41.04
C GLY D 117 -19.15 -61.42 -39.61
N GLY D 118 -18.03 -61.02 -39.01
CA GLY D 118 -18.03 -60.52 -37.64
C GLY D 118 -18.73 -59.18 -37.50
N TRP D 119 -19.50 -59.02 -36.42
CA TRP D 119 -20.23 -57.78 -36.14
C TRP D 119 -19.46 -56.89 -35.17
N ALA D 120 -19.39 -55.59 -35.47
CA ALA D 120 -18.74 -54.63 -34.57
C ALA D 120 -19.50 -53.32 -34.47
N PHE D 121 -19.60 -52.80 -33.25
CA PHE D 121 -19.95 -51.40 -33.06
C PHE D 121 -18.71 -50.57 -33.36
N CYS D 122 -17.65 -50.79 -32.60
CA CYS D 122 -16.41 -50.04 -32.75
C CYS D 122 -15.31 -50.68 -31.90
N SER D 123 -14.17 -50.97 -32.50
CA SER D 123 -13.06 -51.57 -31.77
C SER D 123 -12.01 -50.55 -31.32
N GLY D 124 -12.37 -49.27 -31.30
CA GLY D 124 -11.45 -48.27 -30.79
C GLY D 124 -10.49 -47.75 -31.83
N GLY D 125 -9.39 -47.14 -31.37
CA GLY D 125 -8.39 -46.58 -32.25
C GLY D 125 -7.76 -47.63 -33.15
N ASP D 126 -7.58 -47.27 -34.42
CA ASP D 126 -6.94 -48.14 -35.40
C ASP D 126 -5.45 -48.30 -35.07
N GLN D 127 -5.09 -49.46 -34.54
CA GLN D 127 -3.74 -49.68 -34.03
C GLN D 127 -2.69 -49.64 -35.14
N ARG D 128 -3.12 -49.86 -36.37
CA ARG D 128 -2.21 -49.86 -37.51
C ARG D 128 -1.53 -48.51 -37.70
N ILE D 129 -2.21 -47.42 -37.35
CA ILE D 129 -1.62 -46.11 -37.56
C ILE D 129 -1.38 -45.39 -36.24
N ARG D 130 -1.36 -46.15 -35.16
CA ARG D 130 -0.98 -45.60 -33.86
C ARG D 130 0.54 -45.43 -33.81
N GLY D 131 1.00 -44.22 -33.48
CA GLY D 131 2.42 -43.97 -33.33
C GLY D 131 2.75 -43.57 -31.90
N ARG D 132 3.99 -43.13 -31.68
CA ARG D 132 4.39 -42.72 -30.34
C ARG D 132 3.74 -41.40 -29.94
N SER D 133 3.28 -40.62 -30.93
CA SER D 133 2.59 -39.37 -30.64
C SER D 133 1.07 -39.49 -30.73
N GLY D 134 0.57 -40.72 -30.83
CA GLY D 134 -0.87 -40.93 -30.94
C GLY D 134 -1.28 -41.49 -32.28
N TYR D 135 -2.55 -41.32 -32.64
CA TYR D 135 -3.08 -41.87 -33.88
C TYR D 135 -2.77 -40.92 -35.02
N GLN D 136 -2.18 -41.43 -36.09
CA GLN D 136 -1.68 -40.54 -37.12
C GLN D 136 -2.45 -40.64 -38.42
N TYR D 137 -2.57 -39.49 -39.10
CA TYR D 137 -3.13 -39.42 -40.44
C TYR D 137 -2.24 -40.16 -41.42
N ALA D 138 -2.87 -40.89 -42.33
CA ALA D 138 -2.14 -41.61 -43.37
C ALA D 138 -2.94 -41.56 -44.66
N SER D 139 -2.26 -41.65 -45.79
CA SER D 139 -2.97 -41.64 -47.07
C SER D 139 -3.63 -42.98 -47.34
N GLY D 140 -3.09 -44.04 -46.74
CA GLY D 140 -3.65 -45.39 -46.90
C GLY D 140 -4.11 -45.97 -45.57
N ASP D 141 -4.26 -47.29 -45.52
CA ASP D 141 -4.79 -47.95 -44.32
C ASP D 141 -3.73 -48.40 -43.32
N THR D 142 -2.46 -48.36 -43.72
CA THR D 142 -1.41 -48.94 -42.90
C THR D 142 -0.31 -47.95 -42.56
N ALA D 143 0.61 -48.36 -41.71
CA ALA D 143 1.63 -47.47 -41.17
C ALA D 143 2.58 -46.95 -42.24
N ASP D 144 2.76 -47.73 -43.31
CA ASP D 144 3.57 -47.31 -44.46
C ASP D 144 3.25 -45.89 -44.93
N THR D 145 1.96 -45.52 -44.90
CA THR D 145 1.52 -44.27 -45.52
C THR D 145 1.26 -43.14 -44.54
N VAL D 146 1.67 -43.32 -43.29
CA VAL D 146 1.53 -42.26 -42.29
C VAL D 146 2.31 -41.02 -42.68
N ASP D 147 1.68 -39.85 -42.53
CA ASP D 147 2.34 -38.56 -42.76
C ASP D 147 3.33 -38.26 -41.63
N VAL D 148 4.60 -38.46 -41.91
CA VAL D 148 5.66 -38.38 -40.90
C VAL D 148 5.82 -36.99 -40.29
N ALA D 149 5.39 -35.96 -41.02
CA ALA D 149 5.62 -34.59 -40.59
C ALA D 149 4.49 -34.11 -39.70
N ARG D 150 3.55 -34.99 -39.42
CA ARG D 150 2.32 -34.60 -38.75
C ARG D 150 2.15 -35.38 -37.45
N ALA D 151 2.06 -34.65 -36.34
CA ALA D 151 1.94 -35.27 -35.02
C ALA D 151 0.64 -36.04 -34.89
N GLY D 152 0.68 -37.09 -34.06
CA GLY D 152 -0.50 -37.88 -33.80
C GLY D 152 -1.50 -37.13 -32.95
N ARG D 153 -2.72 -37.67 -32.91
CA ARG D 153 -3.79 -37.05 -32.16
C ARG D 153 -4.56 -38.11 -31.37
N LEU D 154 -5.22 -37.65 -30.31
CA LEU D 154 -6.09 -38.50 -29.50
C LEU D 154 -7.49 -37.90 -29.45
N HIS D 155 -7.95 -37.34 -30.58
CA HIS D 155 -9.09 -36.42 -30.48
C HIS D 155 -10.46 -37.08 -30.58
N ILE D 156 -10.54 -38.41 -30.41
CA ILE D 156 -11.84 -38.98 -30.09
C ILE D 156 -12.35 -38.33 -28.79
N LEU D 157 -11.45 -37.79 -27.97
CA LEU D 157 -11.87 -37.10 -26.75
C LEU D 157 -12.75 -35.88 -27.09
N GLU D 158 -12.50 -35.27 -28.24
CA GLU D 158 -13.34 -34.14 -28.66
C GLU D 158 -14.74 -34.61 -29.03
N VAL D 159 -14.83 -35.81 -29.62
CA VAL D 159 -16.12 -36.41 -29.94
C VAL D 159 -16.85 -36.80 -28.65
N GLN D 160 -16.12 -37.34 -27.68
CA GLN D 160 -16.73 -37.63 -26.37
C GLN D 160 -17.39 -36.39 -25.78
N ARG D 161 -16.67 -35.26 -25.82
CA ARG D 161 -17.22 -34.01 -25.28
C ARG D 161 -18.39 -33.51 -26.10
N LEU D 162 -18.33 -33.69 -27.42
CA LEU D 162 -19.45 -33.25 -28.25
C LEU D 162 -20.72 -34.03 -27.90
N ILE D 163 -20.59 -35.34 -27.69
CA ILE D 163 -21.73 -36.17 -27.29
C ILE D 163 -22.27 -35.73 -25.93
N ARG D 164 -21.33 -35.55 -25.01
CA ARG D 164 -21.66 -35.14 -23.64
C ARG D 164 -22.37 -33.79 -23.57
N PHE D 165 -21.91 -32.82 -24.34
CA PHE D 165 -22.41 -31.45 -24.22
C PHE D 165 -23.58 -31.13 -25.15
N MET D 166 -23.91 -32.03 -26.07
CA MET D 166 -24.95 -31.64 -27.01
C MET D 166 -26.33 -31.77 -26.35
N PRO D 167 -27.20 -30.79 -26.61
CA PRO D 167 -28.49 -30.68 -25.93
C PRO D 167 -29.53 -31.66 -26.47
N LYS D 168 -29.09 -32.86 -26.81
CA LYS D 168 -29.92 -33.89 -27.42
C LYS D 168 -29.51 -35.24 -26.90
N VAL D 169 -30.43 -36.18 -26.84
CA VAL D 169 -30.11 -37.51 -26.33
C VAL D 169 -29.38 -38.32 -27.39
N VAL D 170 -28.26 -38.91 -26.99
CA VAL D 170 -27.49 -39.77 -27.88
C VAL D 170 -27.62 -41.21 -27.37
N ILE D 171 -28.16 -42.07 -28.22
CA ILE D 171 -28.34 -43.48 -27.87
C ILE D 171 -27.34 -44.33 -28.64
N CYS D 172 -26.50 -45.06 -27.91
CA CYS D 172 -25.58 -45.98 -28.54
C CYS D 172 -26.30 -47.30 -28.80
N LEU D 173 -26.26 -47.77 -30.05
CA LEU D 173 -26.78 -49.09 -30.40
C LEU D 173 -25.61 -50.03 -30.62
N VAL D 174 -25.30 -50.83 -29.61
CA VAL D 174 -24.16 -51.72 -29.71
C VAL D 174 -24.57 -53.00 -30.42
N ASN D 175 -24.16 -53.10 -31.68
CA ASN D 175 -24.56 -54.16 -32.60
C ASN D 175 -23.52 -55.26 -32.72
N GLY D 176 -22.46 -55.16 -31.94
CA GLY D 176 -21.35 -56.10 -32.06
C GLY D 176 -20.27 -55.78 -31.05
N TRP D 177 -19.03 -56.10 -31.38
CA TRP D 177 -17.90 -55.77 -30.50
C TRP D 177 -17.87 -54.29 -30.17
N ALA D 178 -17.76 -54.01 -28.88
CA ALA D 178 -17.43 -52.67 -28.42
C ALA D 178 -16.18 -52.80 -27.59
N ALA D 179 -15.05 -52.39 -28.14
CA ALA D 179 -13.76 -52.60 -27.50
C ALA D 179 -12.94 -51.33 -27.45
N GLY D 180 -12.10 -51.22 -26.43
CA GLY D 180 -11.24 -50.04 -26.28
C GLY D 180 -12.00 -48.73 -26.33
N GLY D 181 -11.55 -47.82 -27.20
CA GLY D 181 -12.22 -46.54 -27.36
C GLY D 181 -13.65 -46.67 -27.83
N GLY D 182 -13.97 -47.77 -28.49
CA GLY D 182 -15.33 -48.06 -28.90
C GLY D 182 -16.18 -48.28 -27.67
N HIS D 183 -15.63 -49.04 -26.72
CA HIS D 183 -16.32 -49.25 -25.46
C HIS D 183 -16.54 -47.91 -24.75
N SER D 184 -15.50 -47.08 -24.73
CA SER D 184 -15.62 -45.79 -24.05
C SER D 184 -16.66 -44.85 -24.70
N LEU D 185 -16.84 -44.96 -26.02
CA LEU D 185 -17.89 -44.17 -26.69
C LEU D 185 -19.27 -44.60 -26.21
N HIS D 186 -19.48 -45.91 -26.09
CA HIS D 186 -20.73 -46.45 -25.55
C HIS D 186 -20.97 -45.89 -24.15
N VAL D 187 -19.93 -45.85 -23.34
CA VAL D 187 -20.07 -45.38 -21.97
C VAL D 187 -20.52 -43.91 -21.89
N VAL D 188 -19.99 -43.04 -22.72
CA VAL D 188 -20.31 -41.61 -22.63
C VAL D 188 -21.69 -41.27 -23.24
N CYS D 189 -22.26 -42.18 -24.03
CA CYS D 189 -23.59 -41.93 -24.57
C CYS D 189 -24.63 -41.89 -23.46
N ASP D 190 -25.72 -41.18 -23.69
CA ASP D 190 -26.76 -41.05 -22.67
C ASP D 190 -27.44 -42.37 -22.35
N LEU D 191 -27.69 -43.17 -23.39
CA LEU D 191 -28.37 -44.46 -23.25
C LEU D 191 -27.67 -45.49 -24.12
N THR D 192 -27.78 -46.77 -23.78
CA THR D 192 -27.24 -47.83 -24.62
C THR D 192 -28.23 -48.99 -24.79
N LEU D 193 -28.49 -49.35 -26.04
CA LEU D 193 -29.23 -50.58 -26.36
C LEU D 193 -28.25 -51.55 -27.00
N ALA D 194 -28.39 -52.84 -26.73
CA ALA D 194 -27.39 -53.77 -27.25
C ALA D 194 -28.01 -55.02 -27.84
N SER D 195 -27.37 -55.52 -28.89
CA SER D 195 -27.78 -56.75 -29.56
C SER D 195 -27.60 -58.00 -28.68
N ARG D 196 -28.68 -58.72 -28.42
CA ARG D 196 -28.59 -59.91 -27.59
C ARG D 196 -27.57 -60.91 -28.12
N GLU D 197 -27.63 -61.17 -29.42
CA GLU D 197 -26.79 -62.20 -30.01
C GLU D 197 -25.35 -61.79 -30.20
N TYR D 198 -25.11 -60.53 -30.57
CA TYR D 198 -23.79 -60.17 -31.09
C TYR D 198 -23.03 -59.07 -30.35
N ALA D 199 -23.68 -58.36 -29.44
CA ALA D 199 -22.97 -57.34 -28.70
C ALA D 199 -21.93 -58.01 -27.82
N ARG D 200 -20.72 -57.48 -27.81
CA ARG D 200 -19.63 -57.99 -26.98
C ARG D 200 -18.87 -56.82 -26.43
N PHE D 201 -18.86 -56.66 -25.11
CA PHE D 201 -18.19 -55.55 -24.44
C PHE D 201 -16.87 -56.07 -23.91
N LYS D 202 -15.77 -55.46 -24.35
CA LYS D 202 -14.44 -55.88 -23.93
C LYS D 202 -13.50 -54.69 -23.82
N GLN D 203 -13.12 -54.32 -22.61
CA GLN D 203 -12.24 -53.17 -22.48
C GLN D 203 -10.79 -53.62 -22.55
N THR D 204 -10.24 -53.52 -23.75
CA THR D 204 -8.93 -54.05 -24.12
C THR D 204 -7.80 -53.02 -23.93
N ASP D 205 -8.12 -51.82 -23.44
CA ASP D 205 -7.12 -50.75 -23.29
C ASP D 205 -5.78 -51.23 -22.74
N ALA D 206 -5.82 -51.84 -21.55
CA ALA D 206 -4.57 -52.20 -20.87
C ALA D 206 -3.82 -53.33 -21.57
N ASP D 207 -4.54 -54.10 -22.40
CA ASP D 207 -3.92 -55.14 -23.22
C ASP D 207 -2.93 -54.55 -24.22
N VAL D 208 -3.22 -53.35 -24.74
CA VAL D 208 -2.33 -52.77 -25.72
C VAL D 208 -1.59 -51.55 -25.16
N GLY D 209 -1.58 -51.43 -23.85
CA GLY D 209 -0.80 -50.39 -23.19
C GLY D 209 -1.44 -49.02 -23.22
N SER D 210 -2.74 -48.99 -23.47
CA SER D 210 -3.48 -47.73 -23.54
C SER D 210 -4.39 -47.62 -22.32
N PHE D 211 -4.96 -46.43 -22.14
CA PHE D 211 -5.98 -46.25 -21.12
C PHE D 211 -6.80 -45.03 -21.43
N ASP D 212 -8.10 -45.14 -21.20
CA ASP D 212 -8.96 -43.96 -21.16
C ASP D 212 -9.18 -43.65 -19.69
N GLY D 213 -8.51 -42.61 -19.21
CA GLY D 213 -8.58 -42.25 -17.80
C GLY D 213 -9.60 -41.15 -17.53
N GLY D 214 -10.52 -40.94 -18.47
CA GLY D 214 -11.59 -39.95 -18.31
C GLY D 214 -12.97 -40.57 -18.29
N TYR D 215 -13.79 -40.26 -19.29
CA TYR D 215 -15.15 -40.79 -19.32
C TYR D 215 -15.17 -42.32 -19.46
N GLY D 216 -14.18 -42.89 -20.13
CA GLY D 216 -14.22 -44.32 -20.39
C GLY D 216 -14.16 -45.14 -19.12
N SER D 217 -13.41 -44.67 -18.14
CA SER D 217 -13.21 -45.42 -16.90
C SER D 217 -14.00 -44.82 -15.74
N ALA D 218 -13.69 -43.59 -15.37
CA ALA D 218 -14.33 -42.96 -14.22
C ALA D 218 -15.85 -42.85 -14.41
N TYR D 219 -16.28 -42.55 -15.63
CA TYR D 219 -17.72 -42.38 -15.84
C TYR D 219 -18.43 -43.75 -15.93
N LEU D 220 -17.71 -44.79 -16.35
CA LEU D 220 -18.26 -46.14 -16.29
C LEU D 220 -18.61 -46.50 -14.85
N ALA D 221 -17.77 -46.07 -13.91
CA ALA D 221 -18.06 -46.35 -12.51
C ALA D 221 -19.35 -45.67 -12.05
N ARG D 222 -19.74 -44.58 -12.71
CA ARG D 222 -21.01 -43.93 -12.36
C ARG D 222 -22.21 -44.63 -12.99
N GLN D 223 -21.96 -45.73 -13.69
CA GLN D 223 -23.03 -46.55 -14.24
C GLN D 223 -23.12 -47.92 -13.56
N VAL D 224 -21.97 -48.56 -13.36
CA VAL D 224 -21.96 -49.93 -12.84
C VAL D 224 -21.39 -50.01 -11.43
N GLY D 225 -20.93 -48.88 -10.90
CA GLY D 225 -20.25 -48.89 -9.61
C GLY D 225 -18.76 -49.13 -9.72
N GLN D 226 -18.02 -48.76 -8.67
CA GLN D 226 -16.56 -48.86 -8.73
C GLN D 226 -16.01 -50.29 -8.83
N LYS D 227 -16.62 -51.26 -8.14
CA LYS D 227 -16.11 -52.63 -8.22
C LYS D 227 -16.19 -53.19 -9.64
N PHE D 228 -17.36 -53.07 -10.26
CA PHE D 228 -17.55 -53.62 -11.60
C PHE D 228 -16.74 -52.87 -12.65
N ALA D 229 -16.64 -51.54 -12.50
CA ALA D 229 -15.89 -50.77 -13.47
C ALA D 229 -14.41 -51.15 -13.45
N ARG D 230 -13.87 -51.32 -12.24
CA ARG D 230 -12.50 -51.75 -12.08
C ARG D 230 -12.30 -53.15 -12.67
N GLU D 231 -13.27 -54.05 -12.45
CA GLU D 231 -13.16 -55.39 -13.03
C GLU D 231 -13.09 -55.32 -14.55
N ILE D 232 -14.00 -54.56 -15.14
CA ILE D 232 -14.07 -54.44 -16.59
C ILE D 232 -12.72 -54.00 -17.19
N PHE D 233 -12.07 -53.03 -16.55
CA PHE D 233 -10.80 -52.52 -17.06
C PHE D 233 -9.60 -53.37 -16.68
N PHE D 234 -9.53 -53.78 -15.41
CA PHE D 234 -8.34 -54.50 -14.93
C PHE D 234 -8.20 -55.89 -15.55
N LEU D 235 -9.32 -56.57 -15.82
CA LEU D 235 -9.23 -57.93 -16.35
C LEU D 235 -9.53 -57.97 -17.85
N GLY D 236 -10.29 -57.00 -18.35
CA GLY D 236 -10.55 -56.93 -19.78
C GLY D 236 -11.29 -58.14 -20.34
N ARG D 237 -12.19 -58.69 -19.54
CA ARG D 237 -12.99 -59.84 -19.99
C ARG D 237 -14.06 -59.41 -20.97
N THR D 238 -14.61 -60.39 -21.66
CA THR D 238 -15.68 -60.17 -22.64
C THR D 238 -17.04 -60.37 -21.99
N TYR D 239 -17.93 -59.38 -22.12
CA TYR D 239 -19.25 -59.45 -21.52
C TYR D 239 -20.33 -59.41 -22.59
N THR D 240 -21.44 -60.07 -22.30
CA THR D 240 -22.60 -60.05 -23.19
C THR D 240 -23.45 -58.82 -22.91
N ALA D 241 -24.40 -58.54 -23.81
CA ALA D 241 -25.40 -57.52 -23.58
C ALA D 241 -26.16 -57.75 -22.26
N GLU D 242 -26.55 -58.98 -21.99
CA GLU D 242 -27.33 -59.26 -20.79
C GLU D 242 -26.50 -59.01 -19.53
N GLN D 243 -25.22 -59.38 -19.59
CA GLN D 243 -24.34 -59.18 -18.43
C GLN D 243 -24.15 -57.69 -18.15
N MET D 244 -23.99 -56.91 -19.19
CA MET D 244 -23.80 -55.47 -19.01
C MET D 244 -25.08 -54.78 -18.59
N HIS D 245 -26.22 -55.32 -19.01
CA HIS D 245 -27.51 -54.81 -18.57
C HIS D 245 -27.68 -55.04 -17.08
N GLN D 246 -27.29 -56.24 -16.63
CA GLN D 246 -27.33 -56.55 -15.20
C GLN D 246 -26.42 -55.64 -14.40
N MET D 247 -25.27 -55.25 -14.96
CA MET D 247 -24.34 -54.40 -14.22
C MET D 247 -24.74 -52.92 -14.21
N GLY D 248 -25.46 -52.48 -15.24
CA GLY D 248 -26.02 -51.15 -15.24
C GLY D 248 -25.53 -50.25 -16.36
N ALA D 249 -24.78 -50.82 -17.31
CA ALA D 249 -24.22 -50.02 -18.40
C ALA D 249 -25.03 -50.11 -19.68
N VAL D 250 -25.95 -51.08 -19.73
CA VAL D 250 -26.79 -51.28 -20.91
C VAL D 250 -28.25 -51.14 -20.49
N ASN D 251 -28.99 -50.24 -21.13
CA ASN D 251 -30.37 -49.95 -20.72
C ASN D 251 -31.31 -51.07 -21.04
N ALA D 252 -31.13 -51.63 -22.23
CA ALA D 252 -31.98 -52.74 -22.68
C ALA D 252 -31.29 -53.58 -23.74
N VAL D 253 -31.68 -54.84 -23.75
CA VAL D 253 -31.21 -55.84 -24.70
C VAL D 253 -32.29 -56.06 -25.76
N ALA D 254 -31.90 -56.04 -27.03
CA ALA D 254 -32.85 -56.26 -28.12
C ALA D 254 -32.33 -57.35 -29.06
N GLU D 255 -33.25 -58.03 -29.74
CA GLU D 255 -32.83 -58.97 -30.78
C GLU D 255 -32.06 -58.21 -31.84
N HIS D 256 -31.01 -58.84 -32.35
CA HIS D 256 -30.11 -58.18 -33.29
C HIS D 256 -30.84 -57.50 -34.43
N ALA D 257 -31.73 -58.25 -35.08
CA ALA D 257 -32.46 -57.73 -36.23
C ALA D 257 -33.35 -56.57 -35.87
N GLU D 258 -33.68 -56.44 -34.59
CA GLU D 258 -34.60 -55.41 -34.13
C GLU D 258 -33.93 -54.23 -33.46
N LEU D 259 -32.60 -54.24 -33.41
CA LEU D 259 -31.88 -53.25 -32.61
C LEU D 259 -32.20 -51.81 -33.00
N GLU D 260 -32.27 -51.53 -34.30
CA GLU D 260 -32.51 -50.16 -34.74
C GLU D 260 -33.98 -49.80 -34.65
N THR D 261 -34.85 -50.80 -34.84
CA THR D 261 -36.27 -50.61 -34.63
C THR D 261 -36.56 -50.22 -33.17
N VAL D 262 -35.91 -50.91 -32.23
CA VAL D 262 -36.07 -50.58 -30.81
C VAL D 262 -35.49 -49.19 -30.56
N GLY D 263 -34.31 -48.93 -31.11
CA GLY D 263 -33.72 -47.59 -31.04
C GLY D 263 -34.64 -46.48 -31.50
N LEU D 264 -35.31 -46.71 -32.63
CA LEU D 264 -36.27 -45.74 -33.15
C LEU D 264 -37.47 -45.54 -32.22
N GLN D 265 -37.91 -46.62 -31.57
CA GLN D 265 -39.02 -46.54 -30.62
C GLN D 265 -38.60 -45.71 -29.40
N TRP D 266 -37.41 -45.97 -28.89
CA TRP D 266 -36.88 -45.21 -27.77
C TRP D 266 -36.77 -43.74 -28.15
N ALA D 267 -36.26 -43.47 -29.35
CA ALA D 267 -36.16 -42.09 -29.82
C ALA D 267 -37.55 -41.44 -29.90
N ALA D 268 -38.55 -42.20 -30.32
CA ALA D 268 -39.88 -41.63 -30.45
C ALA D 268 -40.46 -41.26 -29.10
N GLU D 269 -40.21 -42.09 -28.08
CA GLU D 269 -40.68 -41.76 -26.75
C GLU D 269 -39.98 -40.50 -26.20
N ILE D 270 -38.69 -40.36 -26.48
CA ILE D 270 -37.95 -39.17 -26.09
C ILE D 270 -38.46 -37.93 -26.82
N ASN D 271 -38.71 -38.07 -28.12
CA ASN D 271 -39.14 -36.94 -28.94
C ASN D 271 -40.60 -36.53 -28.69
N ALA D 272 -41.34 -37.33 -27.92
CA ALA D 272 -42.74 -37.00 -27.64
C ALA D 272 -42.90 -36.13 -26.39
N LYS D 273 -41.78 -35.83 -25.73
CA LYS D 273 -41.81 -35.01 -24.52
C LYS D 273 -41.40 -33.57 -24.80
N SER D 274 -41.54 -32.70 -23.80
CA SER D 274 -41.11 -31.31 -23.90
C SER D 274 -39.63 -31.22 -24.24
N PRO D 275 -39.30 -30.68 -25.42
CA PRO D 275 -37.88 -30.61 -25.80
C PRO D 275 -37.08 -29.76 -24.82
N GLN D 276 -37.70 -28.70 -24.29
CA GLN D 276 -37.09 -27.84 -23.31
C GLN D 276 -36.75 -28.58 -22.01
N ALA D 277 -37.69 -29.40 -21.54
CA ALA D 277 -37.48 -30.16 -20.33
C ALA D 277 -36.37 -31.19 -20.54
N GLN D 278 -36.37 -31.84 -21.70
CA GLN D 278 -35.37 -32.87 -21.99
C GLN D 278 -33.96 -32.29 -21.99
N ARG D 279 -33.83 -31.11 -22.59
CA ARG D 279 -32.57 -30.36 -22.64
C ARG D 279 -32.05 -30.06 -21.24
N MET D 280 -32.91 -29.49 -20.40
CA MET D 280 -32.53 -29.14 -19.05
C MET D 280 -32.17 -30.39 -18.25
N LEU D 281 -32.91 -31.47 -18.45
CA LEU D 281 -32.60 -32.70 -17.71
C LEU D 281 -31.23 -33.27 -18.06
N LYS D 282 -30.87 -33.28 -19.35
CA LYS D 282 -29.58 -33.84 -19.71
C LYS D 282 -28.46 -33.05 -19.02
N PHE D 283 -28.57 -31.72 -19.03
CA PHE D 283 -27.52 -30.92 -18.42
C PHE D 283 -27.58 -31.03 -16.89
N ALA D 284 -28.75 -31.33 -16.35
CA ALA D 284 -28.84 -31.58 -14.90
C ALA D 284 -28.12 -32.86 -14.52
N PHE D 285 -28.27 -33.91 -15.34
CA PHE D 285 -27.57 -35.16 -15.08
C PHE D 285 -26.05 -34.98 -15.17
N ASN D 286 -25.61 -34.18 -16.14
CA ASN D 286 -24.18 -33.94 -16.34
C ASN D 286 -23.55 -33.11 -15.22
N LEU D 287 -24.33 -32.18 -14.67
CA LEU D 287 -23.79 -30.99 -13.98
C LEU D 287 -22.64 -31.23 -13.00
N LEU D 288 -22.92 -31.88 -11.89
CA LEU D 288 -21.95 -31.94 -10.81
C LEU D 288 -20.75 -32.81 -11.17
N ASP D 289 -21.01 -33.92 -11.84
CA ASP D 289 -19.94 -34.78 -12.34
C ASP D 289 -18.97 -33.96 -13.20
N ASP D 290 -19.50 -33.00 -13.96
CA ASP D 290 -18.69 -32.18 -14.88
C ASP D 290 -18.21 -30.86 -14.28
N GLY D 291 -18.35 -30.68 -12.97
CA GLY D 291 -17.85 -29.48 -12.31
C GLY D 291 -18.28 -28.17 -12.96
N LEU D 292 -17.33 -27.23 -13.07
CA LEU D 292 -17.63 -25.91 -13.63
C LEU D 292 -18.11 -25.95 -15.07
N VAL D 293 -17.64 -26.94 -15.82
CA VAL D 293 -18.10 -27.11 -17.20
C VAL D 293 -19.58 -27.50 -17.21
N GLY D 294 -19.93 -28.43 -16.32
CA GLY D 294 -21.33 -28.82 -16.17
C GLY D 294 -22.17 -27.63 -15.74
N GLN D 295 -21.66 -26.83 -14.82
CA GLN D 295 -22.39 -25.65 -14.38
C GLN D 295 -22.55 -24.67 -15.55
N GLN D 296 -21.49 -24.52 -16.34
CA GLN D 296 -21.54 -23.59 -17.45
C GLN D 296 -22.65 -23.98 -18.43
N LEU D 297 -22.75 -25.27 -18.74
CA LEU D 297 -23.76 -25.73 -19.69
C LEU D 297 -25.18 -25.58 -19.14
N PHE D 298 -25.40 -25.98 -17.90
CA PHE D 298 -26.73 -25.87 -17.31
C PHE D 298 -27.13 -24.41 -17.11
N ALA D 299 -26.21 -23.60 -16.58
CA ALA D 299 -26.48 -22.19 -16.36
C ALA D 299 -26.73 -21.49 -17.69
N GLY D 300 -26.09 -21.97 -18.75
CA GLY D 300 -26.29 -21.40 -20.07
C GLY D 300 -27.72 -21.57 -20.51
N GLU D 301 -28.28 -22.75 -20.26
CA GLU D 301 -29.68 -22.99 -20.58
C GLU D 301 -30.62 -22.17 -19.69
N ALA D 302 -30.23 -21.96 -18.43
CA ALA D 302 -31.03 -21.11 -17.55
C ALA D 302 -31.01 -19.66 -18.02
N THR D 303 -29.86 -19.20 -18.52
CA THR D 303 -29.79 -17.87 -19.08
C THR D 303 -30.76 -17.71 -20.25
N ARG D 304 -30.81 -18.72 -21.11
CA ARG D 304 -31.73 -18.65 -22.25
C ARG D 304 -33.17 -18.55 -21.75
N LEU D 305 -33.52 -19.35 -20.74
CA LEU D 305 -34.87 -19.28 -20.19
C LEU D 305 -35.15 -17.88 -19.65
N ALA D 306 -34.16 -17.27 -19.02
CA ALA D 306 -34.34 -15.92 -18.49
C ALA D 306 -34.52 -14.89 -19.60
N TYR D 307 -33.81 -15.06 -20.71
CA TYR D 307 -33.91 -14.13 -21.84
C TYR D 307 -35.32 -14.10 -22.44
N MET D 308 -36.07 -15.17 -22.23
CA MET D 308 -37.44 -15.25 -22.73
C MET D 308 -38.41 -14.35 -21.94
N THR D 309 -38.02 -13.96 -20.73
CA THR D 309 -38.93 -13.27 -19.83
C THR D 309 -39.11 -11.81 -20.18
N ASP D 310 -40.29 -11.27 -19.87
CA ASP D 310 -40.53 -9.84 -19.97
C ASP D 310 -39.50 -9.04 -19.16
N GLU D 311 -39.08 -9.58 -18.01
CA GLU D 311 -38.10 -8.89 -17.19
C GLU D 311 -36.79 -8.70 -17.96
N ALA D 312 -36.31 -9.75 -18.62
CA ALA D 312 -35.06 -9.63 -19.38
C ALA D 312 -35.20 -8.66 -20.55
N VAL D 313 -36.35 -8.68 -21.20
CA VAL D 313 -36.59 -7.77 -22.31
C VAL D 313 -36.55 -6.32 -21.84
N GLU D 314 -37.08 -6.06 -20.65
CA GLU D 314 -37.01 -4.72 -20.08
C GLU D 314 -35.55 -4.29 -19.84
N GLY D 315 -34.71 -5.23 -19.42
CA GLY D 315 -33.29 -4.95 -19.25
C GLY D 315 -32.65 -4.53 -20.57
N ARG D 316 -32.98 -5.27 -21.63
CA ARG D 316 -32.48 -4.95 -22.96
C ARG D 316 -32.99 -3.59 -23.41
N ASP D 317 -34.29 -3.39 -23.34
CA ASP D 317 -34.92 -2.17 -23.82
C ASP D 317 -34.41 -0.91 -23.11
N ALA D 318 -34.24 -0.99 -21.80
CA ALA D 318 -33.75 0.16 -21.06
C ALA D 318 -32.34 0.54 -21.50
N PHE D 319 -31.49 -0.46 -21.76
CA PHE D 319 -30.14 -0.17 -22.22
C PHE D 319 -30.19 0.52 -23.59
N LEU D 320 -30.99 -0.04 -24.49
CA LEU D 320 -31.05 0.47 -25.85
C LEU D 320 -31.71 1.85 -25.91
N GLN D 321 -32.61 2.11 -24.97
CA GLN D 321 -33.33 3.39 -24.96
C GLN D 321 -32.65 4.40 -24.03
N LYS D 322 -31.51 4.01 -23.47
CA LYS D 322 -30.68 4.89 -22.64
C LYS D 322 -31.50 5.49 -21.49
N ARG D 323 -32.21 4.63 -20.78
CA ARG D 323 -33.07 5.04 -19.68
C ARG D 323 -32.92 4.04 -18.55
N PRO D 324 -33.32 4.41 -17.33
CA PRO D 324 -33.31 3.42 -16.25
C PRO D 324 -34.32 2.31 -16.50
N PRO D 325 -33.97 1.06 -16.13
CA PRO D 325 -34.96 0.00 -16.19
C PRO D 325 -36.01 0.16 -15.11
N ASP D 326 -37.22 -0.27 -15.40
CA ASP D 326 -38.29 -0.31 -14.40
C ASP D 326 -38.58 -1.75 -14.03
N TRP D 327 -38.13 -2.17 -12.85
CA TRP D 327 -38.29 -3.56 -12.43
C TRP D 327 -39.58 -3.78 -11.63
N SER D 328 -40.33 -2.71 -11.35
CA SER D 328 -41.51 -2.82 -10.49
C SER D 328 -42.58 -3.86 -10.88
N PRO D 329 -42.78 -4.13 -12.19
CA PRO D 329 -43.79 -5.16 -12.49
C PRO D 329 -43.37 -6.60 -12.16
N PHE D 330 -42.11 -6.82 -11.82
CA PHE D 330 -41.61 -8.19 -11.68
C PHE D 330 -41.34 -8.57 -10.23
N PRO D 331 -42.22 -9.39 -9.66
CA PRO D 331 -42.15 -9.75 -8.23
C PRO D 331 -40.92 -10.56 -7.85
N ARG D 332 -40.53 -10.45 -6.59
CA ARG D 332 -39.48 -11.29 -6.04
C ARG D 332 -40.06 -12.62 -5.57
N TYR D 333 -39.65 -13.69 -6.22
CA TYR D 333 -40.16 -15.01 -5.90
C TYR D 333 -39.31 -15.64 -4.82
N PHE D 334 -39.92 -16.54 -4.06
CA PHE D 334 -39.19 -17.28 -3.03
C PHE D 334 -39.77 -18.69 -2.92
N ASP E 37 -11.73 -78.75 2.32
CA ASP E 37 -12.64 -77.63 2.18
C ASP E 37 -11.92 -76.29 2.34
N ASN E 38 -10.64 -76.32 2.70
CA ASN E 38 -9.92 -75.09 2.96
C ASN E 38 -9.39 -74.42 1.69
N PRO E 39 -9.69 -73.12 1.52
CA PRO E 39 -9.26 -72.35 0.36
C PRO E 39 -7.74 -72.28 0.20
N PHE E 40 -7.01 -72.43 1.31
CA PHE E 40 -5.54 -72.32 1.28
C PHE E 40 -4.85 -73.58 0.78
N ASP E 41 -4.07 -73.41 -0.29
CA ASP E 41 -3.23 -74.46 -0.85
C ASP E 41 -1.79 -74.21 -0.43
N ALA E 42 -1.33 -74.93 0.59
CA ALA E 42 0.01 -74.70 1.17
C ALA E 42 1.12 -74.81 0.13
N LYS E 43 0.94 -75.69 -0.85
CA LYS E 43 1.98 -75.95 -1.84
C LYS E 43 2.20 -74.76 -2.79
N ALA E 44 1.22 -73.87 -2.87
CA ALA E 44 1.30 -72.77 -3.84
C ALA E 44 2.00 -71.52 -3.31
N TRP E 45 2.29 -71.51 -2.01
CA TRP E 45 2.71 -70.29 -1.32
C TRP E 45 4.02 -70.44 -0.54
N ARG E 46 4.82 -69.39 -0.55
CA ARG E 46 6.11 -69.36 0.17
C ARG E 46 6.19 -68.14 1.09
N LEU E 47 6.95 -68.27 2.18
CA LEU E 47 7.13 -67.15 3.10
C LEU E 47 8.04 -66.07 2.50
N VAL E 48 8.01 -64.89 3.10
CA VAL E 48 8.73 -63.73 2.58
C VAL E 48 9.83 -63.29 3.54
N ASP E 49 10.98 -62.88 2.99
CA ASP E 49 12.12 -62.41 3.78
C ASP E 49 11.75 -61.32 4.76
N GLY E 50 12.12 -61.53 6.02
CA GLY E 50 12.01 -60.49 7.03
C GLY E 50 10.71 -60.48 7.80
N PHE E 51 9.89 -61.50 7.61
CA PHE E 51 8.60 -61.52 8.29
C PHE E 51 8.43 -62.71 9.21
N ASP E 52 9.54 -63.21 9.75
CA ASP E 52 9.47 -64.38 10.60
C ASP E 52 8.84 -64.06 11.96
N ASP E 53 8.72 -62.77 12.27
CA ASP E 53 8.18 -62.33 13.56
C ASP E 53 6.65 -62.12 13.55
N LEU E 54 6.00 -62.26 12.39
CA LEU E 54 4.55 -62.03 12.32
C LEU E 54 3.73 -62.92 13.25
N THR E 55 2.76 -62.33 13.95
CA THR E 55 1.92 -63.10 14.87
C THR E 55 0.42 -63.04 14.55
N ASP E 56 -0.03 -61.91 14.01
CA ASP E 56 -1.47 -61.65 13.81
C ASP E 56 -1.91 -61.77 12.36
N ILE E 57 -0.91 -61.78 11.46
CA ILE E 57 -1.09 -61.72 10.01
C ILE E 57 -0.21 -62.81 9.40
N THR E 58 -0.63 -63.42 8.29
CA THR E 58 0.30 -64.21 7.50
C THR E 58 0.56 -63.53 6.15
N TYR E 59 1.72 -63.80 5.58
CA TYR E 59 2.18 -63.15 4.37
C TYR E 59 2.93 -64.18 3.53
N HIS E 60 2.41 -64.45 2.34
CA HIS E 60 3.06 -65.38 1.42
C HIS E 60 3.19 -64.78 0.04
N ARG E 61 4.18 -65.26 -0.68
CA ARG E 61 4.36 -64.92 -2.08
C ARG E 61 4.10 -66.20 -2.86
N HIS E 62 3.39 -66.08 -3.98
CA HIS E 62 3.10 -67.27 -4.78
C HIS E 62 4.39 -67.87 -5.33
N VAL E 63 4.41 -69.20 -5.49
CA VAL E 63 5.64 -69.87 -5.90
C VAL E 63 6.08 -69.50 -7.32
N ASP E 64 5.12 -69.16 -8.17
CA ASP E 64 5.35 -68.86 -9.58
C ASP E 64 4.86 -67.47 -9.99
N ASP E 65 3.72 -67.06 -9.45
CA ASP E 65 3.04 -65.85 -9.93
C ASP E 65 3.48 -64.56 -9.19
N ALA E 66 3.25 -63.42 -9.84
CA ALA E 66 3.52 -62.10 -9.25
C ALA E 66 2.37 -61.67 -8.34
N THR E 67 2.07 -62.52 -7.36
CA THR E 67 0.90 -62.35 -6.51
C THR E 67 1.28 -62.69 -5.07
N VAL E 68 0.79 -61.89 -4.12
CA VAL E 68 1.00 -62.20 -2.71
C VAL E 68 -0.33 -62.50 -2.04
N ARG E 69 -0.24 -63.18 -0.89
CA ARG E 69 -1.40 -63.52 -0.09
C ARG E 69 -1.19 -62.91 1.29
N VAL E 70 -2.09 -62.03 1.68
CA VAL E 70 -2.03 -61.34 2.96
C VAL E 70 -3.27 -61.70 3.74
N ALA E 71 -3.10 -62.26 4.94
CA ALA E 71 -4.27 -62.82 5.63
C ALA E 71 -4.30 -62.54 7.12
N PHE E 72 -5.50 -62.22 7.61
CA PHE E 72 -5.70 -62.15 9.06
C PHE E 72 -5.50 -63.54 9.67
N ASN E 73 -4.85 -63.56 10.82
CA ASN E 73 -4.50 -64.84 11.43
C ASN E 73 -4.94 -64.92 12.87
N ARG E 74 -6.15 -64.45 13.14
CA ARG E 74 -6.73 -64.54 14.48
C ARG E 74 -8.12 -65.16 14.40
N PRO E 75 -8.21 -66.39 13.85
CA PRO E 75 -9.53 -66.94 13.54
C PRO E 75 -10.38 -67.29 14.79
N GLU E 76 -9.74 -67.34 15.96
CA GLU E 76 -10.44 -67.61 17.20
C GLU E 76 -11.35 -66.43 17.61
N VAL E 77 -11.09 -65.23 17.09
CA VAL E 77 -11.99 -64.12 17.34
C VAL E 77 -12.53 -63.54 16.02
N ARG E 78 -12.81 -64.46 15.09
CA ARG E 78 -13.36 -64.12 13.77
C ARG E 78 -12.44 -63.11 13.07
N ASN E 79 -11.14 -63.24 13.30
CA ASN E 79 -10.11 -62.41 12.65
C ASN E 79 -10.25 -60.92 12.93
N ALA E 80 -10.70 -60.58 14.13
CA ALA E 80 -10.71 -59.20 14.58
C ALA E 80 -9.31 -58.62 14.65
N PHE E 81 -9.14 -57.35 14.29
CA PHE E 81 -7.80 -56.77 14.39
C PHE E 81 -7.63 -55.93 15.66
N ARG E 82 -6.45 -56.06 16.25
CA ARG E 82 -6.02 -55.18 17.34
C ARG E 82 -4.92 -54.26 16.78
N PRO E 83 -4.46 -53.27 17.59
CA PRO E 83 -3.49 -52.34 16.98
C PRO E 83 -2.23 -53.01 16.43
N HIS E 84 -1.71 -54.02 17.12
CA HIS E 84 -0.58 -54.77 16.59
C HIS E 84 -0.89 -55.42 15.24
N THR E 85 -2.12 -55.90 15.08
CA THR E 85 -2.55 -56.47 13.81
C THR E 85 -2.45 -55.43 12.70
N VAL E 86 -2.89 -54.22 13.01
CA VAL E 86 -2.91 -53.14 12.03
C VAL E 86 -1.47 -52.81 11.63
N ASP E 87 -0.58 -52.73 12.62
CA ASP E 87 0.83 -52.46 12.34
C ASP E 87 1.44 -53.53 11.43
N GLU E 88 1.12 -54.79 11.69
CA GLU E 88 1.63 -55.88 10.88
C GLU E 88 1.09 -55.81 9.46
N LEU E 89 -0.22 -55.59 9.37
CA LEU E 89 -0.89 -55.48 8.08
C LEU E 89 -0.29 -54.34 7.25
N TYR E 90 -0.07 -53.18 7.88
CA TYR E 90 0.54 -52.06 7.18
C TYR E 90 1.92 -52.43 6.65
N ARG E 91 2.74 -53.00 7.52
CA ARG E 91 4.11 -53.39 7.17
C ARG E 91 4.14 -54.35 5.98
N VAL E 92 3.27 -55.34 6.01
CA VAL E 92 3.21 -56.34 4.93
C VAL E 92 2.72 -55.74 3.62
N LEU E 93 1.66 -54.94 3.67
CA LEU E 93 1.13 -54.29 2.46
C LEU E 93 2.13 -53.28 1.88
N ASP E 94 2.84 -52.58 2.76
CA ASP E 94 3.85 -51.62 2.32
C ASP E 94 4.99 -52.36 1.62
N HIS E 95 5.39 -53.49 2.20
CA HIS E 95 6.38 -54.33 1.57
C HIS E 95 5.92 -54.80 0.18
N ALA E 96 4.67 -55.23 0.07
CA ALA E 96 4.15 -55.66 -1.22
C ALA E 96 4.12 -54.49 -2.22
N ARG E 97 3.74 -53.31 -1.73
CA ARG E 97 3.75 -52.09 -2.54
C ARG E 97 5.11 -51.86 -3.18
N MET E 98 6.15 -52.06 -2.39
CA MET E 98 7.51 -51.73 -2.82
C MET E 98 8.22 -52.91 -3.48
N SER E 99 7.50 -54.02 -3.70
CA SER E 99 8.06 -55.20 -4.38
C SER E 99 7.79 -55.17 -5.89
N PRO E 100 8.80 -54.89 -6.70
CA PRO E 100 8.61 -54.72 -8.15
C PRO E 100 8.15 -56.00 -8.85
N ASP E 101 8.43 -57.15 -8.26
CA ASP E 101 8.01 -58.41 -8.85
C ASP E 101 6.63 -58.86 -8.38
N VAL E 102 5.91 -57.98 -7.69
CA VAL E 102 4.55 -58.29 -7.27
C VAL E 102 3.56 -57.35 -7.93
N GLY E 103 2.55 -57.91 -8.58
CA GLY E 103 1.55 -57.11 -9.26
C GLY E 103 0.20 -57.05 -8.55
N VAL E 104 -0.13 -58.11 -7.82
CA VAL E 104 -1.46 -58.20 -7.24
C VAL E 104 -1.39 -58.71 -5.79
N VAL E 105 -2.20 -58.10 -4.93
CA VAL E 105 -2.36 -58.51 -3.54
C VAL E 105 -3.71 -59.21 -3.35
N LEU E 106 -3.68 -60.44 -2.81
CA LEU E 106 -4.89 -61.10 -2.36
C LEU E 106 -4.99 -60.90 -0.86
N LEU E 107 -6.05 -60.21 -0.42
CA LEU E 107 -6.26 -59.93 1.00
C LEU E 107 -7.39 -60.82 1.52
N THR E 108 -7.13 -61.63 2.53
CA THR E 108 -8.14 -62.58 2.98
C THR E 108 -8.00 -62.86 4.48
N GLY E 109 -8.70 -63.90 4.95
CA GLY E 109 -8.58 -64.30 6.33
C GLY E 109 -8.34 -65.80 6.42
N ASN E 110 -7.50 -66.20 7.38
CA ASN E 110 -7.25 -67.63 7.62
C ASN E 110 -8.33 -68.23 8.48
N GLY E 111 -8.48 -69.55 8.41
CA GLY E 111 -9.51 -70.21 9.20
C GLY E 111 -9.49 -71.71 8.97
N PRO E 112 -10.46 -72.42 9.56
CA PRO E 112 -11.56 -71.81 10.32
C PRO E 112 -11.19 -71.63 11.79
N SER E 113 -12.11 -71.11 12.58
CA SER E 113 -11.89 -71.04 14.03
C SER E 113 -11.61 -72.43 14.59
N PRO E 114 -10.53 -72.57 15.36
CA PRO E 114 -10.27 -73.86 16.01
C PRO E 114 -11.29 -74.15 17.10
N LYS E 115 -11.99 -73.14 17.57
CA LYS E 115 -12.95 -73.32 18.64
C LYS E 115 -14.33 -73.81 18.18
N ASP E 116 -14.87 -73.23 17.10
CA ASP E 116 -16.21 -73.59 16.67
C ASP E 116 -16.33 -73.83 15.17
N GLY E 117 -15.21 -73.80 14.46
CA GLY E 117 -15.20 -74.03 13.03
C GLY E 117 -15.78 -72.92 12.17
N GLY E 118 -16.05 -71.76 12.77
CA GLY E 118 -16.61 -70.64 12.03
C GLY E 118 -15.56 -70.00 11.11
N TRP E 119 -16.00 -69.56 9.94
CA TRP E 119 -15.13 -68.93 8.94
C TRP E 119 -15.25 -67.41 8.98
N ALA E 120 -14.11 -66.71 8.99
CA ALA E 120 -14.14 -65.25 8.96
C ALA E 120 -13.10 -64.68 8.03
N PHE E 121 -13.49 -63.64 7.30
CA PHE E 121 -12.50 -62.77 6.68
C PHE E 121 -11.94 -61.85 7.76
N CYS E 122 -12.81 -61.03 8.36
CA CYS E 122 -12.39 -60.07 9.37
C CYS E 122 -13.65 -59.51 10.04
N SER E 123 -13.68 -59.52 11.36
CA SER E 123 -14.83 -58.98 12.10
C SER E 123 -14.58 -57.57 12.64
N GLY E 124 -13.56 -56.89 12.13
CA GLY E 124 -13.30 -55.52 12.52
C GLY E 124 -12.44 -55.39 13.76
N GLY E 125 -12.52 -54.22 14.39
CA GLY E 125 -11.73 -53.94 15.58
C GLY E 125 -12.06 -54.88 16.72
N ASP E 126 -11.01 -55.32 17.39
CA ASP E 126 -11.12 -56.23 18.53
C ASP E 126 -11.73 -55.49 19.73
N GLN E 127 -12.99 -55.80 20.05
CA GLN E 127 -13.72 -55.07 21.09
C GLN E 127 -13.15 -55.29 22.47
N ARG E 128 -12.39 -56.37 22.64
CA ARG E 128 -11.78 -56.66 23.93
C ARG E 128 -10.83 -55.56 24.36
N ILE E 129 -10.20 -54.88 23.42
CA ILE E 129 -9.21 -53.87 23.81
C ILE E 129 -9.59 -52.48 23.31
N ARG E 130 -10.86 -52.35 22.97
CA ARG E 130 -11.44 -51.05 22.62
C ARG E 130 -11.74 -50.24 23.87
N GLY E 131 -11.26 -49.01 23.90
CA GLY E 131 -11.48 -48.13 25.03
C GLY E 131 -12.06 -46.81 24.56
N ARG E 132 -12.16 -45.85 25.47
CA ARG E 132 -12.74 -44.56 25.11
C ARG E 132 -11.85 -43.79 24.13
N SER E 133 -10.54 -44.09 24.09
CA SER E 133 -9.64 -43.41 23.17
C SER E 133 -9.36 -44.18 21.89
N GLY E 134 -10.06 -45.31 21.69
CA GLY E 134 -9.87 -46.11 20.49
C GLY E 134 -9.34 -47.48 20.85
N TYR E 135 -8.71 -48.16 19.90
CA TYR E 135 -8.22 -49.51 20.16
C TYR E 135 -6.84 -49.42 20.78
N GLN E 136 -6.64 -50.15 21.86
CA GLN E 136 -5.42 -50.00 22.65
C GLN E 136 -4.49 -51.21 22.55
N TYR E 137 -3.19 -50.90 22.52
CA TYR E 137 -2.13 -51.89 22.63
C TYR E 137 -2.18 -52.59 23.98
N ALA E 138 -2.06 -53.91 23.94
CA ALA E 138 -2.01 -54.73 25.14
C ALA E 138 -0.98 -55.82 24.92
N SER E 139 -0.36 -56.28 25.99
CA SER E 139 0.65 -57.33 25.85
C SER E 139 -0.02 -58.68 25.59
N GLY E 140 -1.24 -58.83 26.08
CA GLY E 140 -2.03 -60.04 25.85
C GLY E 140 -3.25 -59.74 24.99
N ASP E 141 -4.28 -60.57 25.15
CA ASP E 141 -5.44 -60.54 24.28
C ASP E 141 -6.63 -59.79 24.84
N THR E 142 -6.56 -59.36 26.10
CA THR E 142 -7.72 -58.73 26.75
C THR E 142 -7.40 -57.37 27.34
N ALA E 143 -8.43 -56.68 27.82
CA ALA E 143 -8.26 -55.36 28.42
C ALA E 143 -7.37 -55.42 29.66
N ASP E 144 -7.24 -56.62 30.23
CA ASP E 144 -6.42 -56.85 31.44
C ASP E 144 -4.97 -56.42 31.24
N THR E 145 -4.47 -56.51 30.01
CA THR E 145 -3.06 -56.18 29.78
C THR E 145 -2.83 -54.94 28.91
N VAL E 146 -3.83 -54.07 28.83
CA VAL E 146 -3.68 -52.81 28.12
C VAL E 146 -2.59 -51.95 28.75
N ASP E 147 -1.74 -51.36 27.92
CA ASP E 147 -0.73 -50.41 28.38
C ASP E 147 -1.37 -49.06 28.69
N VAL E 148 -1.49 -48.75 29.98
CA VAL E 148 -2.14 -47.53 30.41
C VAL E 148 -1.44 -46.26 29.89
N ALA E 149 -0.15 -46.38 29.62
CA ALA E 149 0.65 -45.22 29.19
C ALA E 149 0.45 -44.84 27.72
N ARG E 150 -0.41 -45.58 27.03
CA ARG E 150 -0.50 -45.47 25.58
C ARG E 150 -1.94 -45.23 25.14
N ALA E 151 -2.20 -44.09 24.49
CA ALA E 151 -3.55 -43.77 24.02
C ALA E 151 -4.00 -44.70 22.91
N GLY E 152 -5.31 -44.90 22.79
CA GLY E 152 -5.85 -45.73 21.73
C GLY E 152 -5.67 -45.16 20.33
N ARG E 153 -5.84 -46.02 19.33
CA ARG E 153 -5.67 -45.64 17.94
C ARG E 153 -6.80 -46.18 17.09
N LEU E 154 -7.05 -45.51 15.97
CA LEU E 154 -8.01 -45.97 14.97
C LEU E 154 -7.30 -46.13 13.63
N HIS E 155 -6.07 -46.62 13.65
CA HIS E 155 -5.26 -46.46 12.45
C HIS E 155 -5.42 -47.55 11.38
N ILE E 156 -6.49 -48.34 11.45
CA ILE E 156 -6.87 -49.11 10.27
C ILE E 156 -7.12 -48.15 9.11
N LEU E 157 -7.45 -46.90 9.43
CA LEU E 157 -7.60 -45.88 8.39
C LEU E 157 -6.32 -45.72 7.57
N GLU E 158 -5.17 -45.92 8.21
CA GLU E 158 -3.89 -45.83 7.48
C GLU E 158 -3.74 -46.98 6.50
N VAL E 159 -4.21 -48.16 6.90
CA VAL E 159 -4.21 -49.31 6.01
C VAL E 159 -5.20 -49.11 4.84
N GLN E 160 -6.37 -48.55 5.11
CA GLN E 160 -7.32 -48.22 4.03
C GLN E 160 -6.64 -47.33 2.99
N ARG E 161 -5.93 -46.31 3.44
CA ARG E 161 -5.27 -45.41 2.48
C ARG E 161 -4.15 -46.11 1.73
N LEU E 162 -3.42 -46.98 2.43
CA LEU E 162 -2.34 -47.73 1.79
C LEU E 162 -2.88 -48.60 0.67
N ILE E 163 -4.01 -49.25 0.93
CA ILE E 163 -4.68 -50.05 -0.09
C ILE E 163 -5.14 -49.17 -1.25
N ARG E 164 -5.79 -48.06 -0.91
CA ARG E 164 -6.28 -47.11 -1.90
C ARG E 164 -5.18 -46.53 -2.80
N PHE E 165 -4.06 -46.18 -2.19
CA PHE E 165 -3.04 -45.43 -2.91
C PHE E 165 -1.98 -46.29 -3.57
N MET E 166 -1.96 -47.58 -3.29
CA MET E 166 -0.86 -48.37 -3.84
C MET E 166 -1.13 -48.69 -5.31
N PRO E 167 -0.09 -48.60 -6.15
CA PRO E 167 -0.24 -48.71 -7.60
C PRO E 167 -0.33 -50.15 -8.07
N LYS E 168 -1.09 -50.94 -7.33
CA LYS E 168 -1.31 -52.36 -7.62
C LYS E 168 -2.72 -52.72 -7.24
N VAL E 169 -3.30 -53.68 -7.93
CA VAL E 169 -4.65 -54.11 -7.63
C VAL E 169 -4.69 -54.98 -6.37
N VAL E 170 -5.59 -54.61 -5.46
CA VAL E 170 -5.81 -55.39 -4.25
C VAL E 170 -7.18 -56.07 -4.36
N ILE E 171 -7.18 -57.40 -4.29
CA ILE E 171 -8.41 -58.17 -4.36
C ILE E 171 -8.74 -58.75 -3.00
N CYS E 172 -9.91 -58.43 -2.48
CA CYS E 172 -10.35 -59.01 -1.22
C CYS E 172 -11.00 -60.37 -1.49
N LEU E 173 -10.54 -61.41 -0.80
CA LEU E 173 -11.17 -62.74 -0.90
C LEU E 173 -11.96 -62.95 0.38
N VAL E 174 -13.27 -62.72 0.32
CA VAL E 174 -14.10 -62.84 1.51
C VAL E 174 -14.50 -64.30 1.71
N ASN E 175 -13.82 -64.94 2.64
CA ASN E 175 -13.93 -66.37 2.92
C ASN E 175 -14.88 -66.71 4.06
N GLY E 176 -15.49 -65.69 4.66
CA GLY E 176 -16.30 -65.88 5.84
C GLY E 176 -16.93 -64.56 6.23
N TRP E 177 -17.19 -64.38 7.52
CA TRP E 177 -17.74 -63.14 8.03
C TRP E 177 -16.89 -61.95 7.66
N ALA E 178 -17.54 -60.91 7.16
CA ALA E 178 -16.92 -59.61 6.97
C ALA E 178 -17.80 -58.62 7.68
N ALA E 179 -17.35 -58.14 8.84
CA ALA E 179 -18.18 -57.32 9.70
C ALA E 179 -17.46 -56.09 10.22
N GLY E 180 -18.21 -55.01 10.44
CA GLY E 180 -17.61 -53.79 10.95
C GLY E 180 -16.46 -53.33 10.08
N GLY E 181 -15.32 -53.04 10.71
CA GLY E 181 -14.17 -52.59 9.95
C GLY E 181 -13.66 -53.62 8.95
N GLY E 182 -13.96 -54.90 9.17
CA GLY E 182 -13.61 -55.93 8.20
C GLY E 182 -14.44 -55.78 6.94
N HIS E 183 -15.71 -55.42 7.13
CA HIS E 183 -16.58 -55.12 6.00
C HIS E 183 -16.03 -53.90 5.26
N SER E 184 -15.60 -52.88 6.00
CA SER E 184 -15.06 -51.68 5.34
C SER E 184 -13.76 -51.95 4.60
N LEU E 185 -12.93 -52.88 5.08
CA LEU E 185 -11.72 -53.25 4.35
C LEU E 185 -12.08 -53.87 3.00
N HIS E 186 -13.08 -54.74 2.99
CA HIS E 186 -13.59 -55.29 1.72
C HIS E 186 -14.03 -54.18 0.77
N VAL E 187 -14.75 -53.20 1.30
CA VAL E 187 -15.25 -52.10 0.48
C VAL E 187 -14.13 -51.30 -0.22
N VAL E 188 -13.04 -51.03 0.50
CA VAL E 188 -11.98 -50.20 -0.07
C VAL E 188 -11.05 -50.94 -1.06
N CYS E 189 -11.06 -52.27 -1.05
CA CYS E 189 -10.27 -53.02 -2.04
C CYS E 189 -10.81 -52.78 -3.46
N ASP E 190 -9.94 -52.92 -4.44
CA ASP E 190 -10.33 -52.69 -5.83
C ASP E 190 -11.37 -53.69 -6.32
N LEU E 191 -11.21 -54.95 -5.92
CA LEU E 191 -12.09 -56.02 -6.34
C LEU E 191 -12.40 -56.91 -5.13
N THR E 192 -13.54 -57.61 -5.18
CA THR E 192 -13.90 -58.57 -4.12
C THR E 192 -14.45 -59.86 -4.73
N LEU E 193 -13.88 -61.00 -4.33
CA LEU E 193 -14.42 -62.32 -4.65
C LEU E 193 -14.90 -62.91 -3.34
N ALA E 194 -15.98 -63.69 -3.37
CA ALA E 194 -16.60 -64.12 -2.12
C ALA E 194 -17.03 -65.58 -2.17
N SER E 195 -16.83 -66.26 -1.06
CA SER E 195 -17.19 -67.66 -0.87
C SER E 195 -18.69 -67.84 -0.90
N ARG E 196 -19.19 -68.63 -1.85
CA ARG E 196 -20.62 -68.87 -1.95
C ARG E 196 -21.19 -69.40 -0.63
N GLU E 197 -20.52 -70.38 -0.04
CA GLU E 197 -21.05 -71.05 1.13
C GLU E 197 -20.90 -70.27 2.43
N TYR E 198 -19.79 -69.55 2.59
CA TYR E 198 -19.44 -69.04 3.91
C TYR E 198 -19.30 -67.52 4.01
N ALA E 199 -19.21 -66.81 2.89
CA ALA E 199 -19.10 -65.37 2.99
C ALA E 199 -20.38 -64.82 3.63
N ARG E 200 -20.22 -63.90 4.57
CA ARG E 200 -21.37 -63.28 5.24
C ARG E 200 -21.03 -61.84 5.49
N PHE E 201 -21.74 -60.94 4.82
CA PHE E 201 -21.48 -59.51 4.95
C PHE E 201 -22.45 -58.91 5.96
N LYS E 202 -21.91 -58.23 6.97
CA LYS E 202 -22.79 -57.68 8.01
C LYS E 202 -22.16 -56.45 8.62
N GLN E 203 -22.71 -55.30 8.29
CA GLN E 203 -22.15 -54.06 8.81
C GLN E 203 -22.73 -53.78 10.20
N THR E 204 -21.99 -54.22 11.20
CA THR E 204 -22.40 -54.16 12.60
C THR E 204 -21.98 -52.88 13.35
N ASP E 205 -21.37 -51.92 12.65
CA ASP E 205 -20.87 -50.69 13.28
C ASP E 205 -21.86 -50.07 14.27
N ALA E 206 -23.05 -49.73 13.79
CA ALA E 206 -24.02 -49.04 14.63
C ALA E 206 -24.53 -49.91 15.79
N ASP E 207 -24.43 -51.24 15.65
CA ASP E 207 -24.80 -52.13 16.75
C ASP E 207 -23.93 -51.94 17.98
N VAL E 208 -22.66 -51.57 17.76
CA VAL E 208 -21.73 -51.44 18.89
C VAL E 208 -21.32 -49.99 19.05
N GLY E 209 -22.11 -49.08 18.48
CA GLY E 209 -21.92 -47.66 18.69
C GLY E 209 -20.74 -47.06 17.94
N SER E 210 -20.30 -47.75 16.90
CA SER E 210 -19.18 -47.27 16.09
C SER E 210 -19.69 -46.83 14.73
N PHE E 211 -18.83 -46.20 13.92
CA PHE E 211 -19.19 -45.96 12.53
C PHE E 211 -17.93 -45.69 11.73
N ASP E 212 -17.91 -46.18 10.49
CA ASP E 212 -16.89 -45.78 9.53
C ASP E 212 -17.56 -44.75 8.65
N GLY E 213 -17.21 -43.50 8.88
CA GLY E 213 -17.84 -42.41 8.16
C GLY E 213 -17.06 -42.01 6.92
N GLY E 214 -16.13 -42.86 6.49
CA GLY E 214 -15.31 -42.57 5.31
C GLY E 214 -15.47 -43.57 4.17
N TYR E 215 -14.40 -44.30 3.85
CA TYR E 215 -14.47 -45.28 2.79
C TYR E 215 -15.51 -46.37 3.06
N GLY E 216 -15.69 -46.77 4.31
CA GLY E 216 -16.58 -47.88 4.59
C GLY E 216 -18.03 -47.61 4.25
N SER E 217 -18.46 -46.36 4.36
CA SER E 217 -19.85 -46.01 4.11
C SER E 217 -20.03 -45.25 2.80
N ALA E 218 -19.42 -44.08 2.70
CA ALA E 218 -19.60 -43.25 1.51
C ALA E 218 -19.08 -43.95 0.25
N TYR E 219 -18.00 -44.71 0.38
CA TYR E 219 -17.48 -45.37 -0.80
C TYR E 219 -18.28 -46.65 -1.13
N LEU E 220 -18.89 -47.27 -0.12
CA LEU E 220 -19.83 -48.37 -0.38
C LEU E 220 -20.95 -47.88 -1.32
N ALA E 221 -21.38 -46.64 -1.13
CA ALA E 221 -22.45 -46.08 -1.94
C ALA E 221 -22.00 -45.95 -3.39
N ARG E 222 -20.70 -45.80 -3.61
CA ARG E 222 -20.19 -45.72 -4.97
C ARG E 222 -20.09 -47.09 -5.65
N GLN E 223 -20.47 -48.14 -4.93
CA GLN E 223 -20.51 -49.51 -5.47
C GLN E 223 -21.95 -50.02 -5.62
N VAL E 224 -22.77 -49.82 -4.60
CA VAL E 224 -24.13 -50.37 -4.62
C VAL E 224 -25.23 -49.31 -4.73
N GLY E 225 -24.84 -48.03 -4.77
CA GLY E 225 -25.79 -46.94 -4.82
C GLY E 225 -26.19 -46.50 -3.41
N GLN E 226 -26.73 -45.29 -3.29
CA GLN E 226 -27.07 -44.72 -1.99
C GLN E 226 -28.15 -45.49 -1.22
N LYS E 227 -29.19 -45.97 -1.89
CA LYS E 227 -30.25 -46.71 -1.20
C LYS E 227 -29.72 -47.99 -0.54
N PHE E 228 -29.04 -48.82 -1.31
CA PHE E 228 -28.53 -50.08 -0.76
C PHE E 228 -27.45 -49.83 0.29
N ALA E 229 -26.62 -48.80 0.13
CA ALA E 229 -25.56 -48.55 1.10
C ALA E 229 -26.14 -48.14 2.44
N ARG E 230 -27.13 -47.25 2.40
CA ARG E 230 -27.83 -46.86 3.59
C ARG E 230 -28.53 -48.05 4.25
N GLU E 231 -29.14 -48.93 3.47
CA GLU E 231 -29.77 -50.12 4.05
C GLU E 231 -28.73 -50.99 4.77
N ILE E 232 -27.59 -51.21 4.12
CA ILE E 232 -26.56 -52.07 4.70
C ILE E 232 -26.11 -51.54 6.07
N PHE E 233 -25.89 -50.24 6.20
CA PHE E 233 -25.48 -49.67 7.49
C PHE E 233 -26.61 -49.46 8.49
N PHE E 234 -27.75 -48.93 8.04
CA PHE E 234 -28.79 -48.55 8.98
C PHE E 234 -29.46 -49.78 9.61
N LEU E 235 -29.55 -50.88 8.87
CA LEU E 235 -30.21 -52.07 9.42
C LEU E 235 -29.20 -53.14 9.85
N GLY E 236 -28.02 -53.15 9.25
CA GLY E 236 -26.99 -54.10 9.68
C GLY E 236 -27.39 -55.56 9.53
N ARG E 237 -28.14 -55.85 8.47
CA ARG E 237 -28.53 -57.22 8.19
C ARG E 237 -27.37 -58.04 7.64
N THR E 238 -27.49 -59.36 7.68
CA THR E 238 -26.50 -60.26 7.12
C THR E 238 -26.83 -60.57 5.67
N TYR E 239 -25.84 -60.42 4.79
CA TYR E 239 -26.03 -60.69 3.37
C TYR E 239 -25.08 -61.79 2.89
N THR E 240 -25.52 -62.56 1.90
CA THR E 240 -24.68 -63.58 1.30
C THR E 240 -23.81 -63.00 0.20
N ALA E 241 -22.89 -63.80 -0.30
CA ALA E 241 -22.06 -63.44 -1.45
C ALA E 241 -22.92 -63.09 -2.65
N GLU E 242 -23.93 -63.92 -2.91
CA GLU E 242 -24.76 -63.71 -4.09
C GLU E 242 -25.57 -62.41 -3.97
N GLN E 243 -26.10 -62.12 -2.79
CA GLN E 243 -26.84 -60.89 -2.59
C GLN E 243 -25.94 -59.68 -2.79
N MET E 244 -24.73 -59.73 -2.25
CA MET E 244 -23.81 -58.61 -2.41
C MET E 244 -23.33 -58.46 -3.85
N HIS E 245 -23.21 -59.57 -4.57
CA HIS E 245 -22.89 -59.55 -5.99
C HIS E 245 -24.02 -58.89 -6.79
N GLN E 246 -25.26 -59.21 -6.45
CA GLN E 246 -26.41 -58.60 -7.10
C GLN E 246 -26.48 -57.09 -6.86
N MET E 247 -26.02 -56.63 -5.70
CA MET E 247 -26.09 -55.22 -5.36
C MET E 247 -24.92 -54.42 -5.94
N GLY E 248 -23.82 -55.09 -6.23
CA GLY E 248 -22.67 -54.47 -6.86
C GLY E 248 -21.40 -54.33 -6.04
N ALA E 249 -21.35 -54.97 -4.87
CA ALA E 249 -20.17 -54.86 -3.99
C ALA E 249 -19.24 -56.05 -4.11
N VAL E 250 -19.76 -57.15 -4.68
CA VAL E 250 -18.93 -58.34 -4.88
C VAL E 250 -18.81 -58.62 -6.37
N ASN E 251 -17.59 -58.76 -6.87
CA ASN E 251 -17.39 -58.96 -8.30
C ASN E 251 -17.83 -60.33 -8.79
N ALA E 252 -17.53 -61.35 -8.00
CA ALA E 252 -17.90 -62.71 -8.37
C ALA E 252 -17.95 -63.60 -7.15
N VAL E 253 -18.76 -64.64 -7.27
CA VAL E 253 -18.96 -65.62 -6.24
C VAL E 253 -18.19 -66.86 -6.64
N ALA E 254 -17.47 -67.47 -5.71
CA ALA E 254 -16.75 -68.71 -6.01
C ALA E 254 -17.02 -69.77 -4.95
N GLU E 255 -16.89 -71.04 -5.33
CA GLU E 255 -16.98 -72.11 -4.35
C GLU E 255 -15.88 -71.91 -3.32
N HIS E 256 -16.21 -72.14 -2.05
CA HIS E 256 -15.29 -71.89 -0.94
C HIS E 256 -13.91 -72.49 -1.17
N ALA E 257 -13.86 -73.78 -1.50
CA ALA E 257 -12.61 -74.46 -1.73
C ALA E 257 -11.79 -73.87 -2.88
N GLU E 258 -12.47 -73.17 -3.79
CA GLU E 258 -11.81 -72.62 -4.97
C GLU E 258 -11.52 -71.13 -4.86
N LEU E 259 -11.84 -70.52 -3.72
CA LEU E 259 -11.82 -69.06 -3.64
C LEU E 259 -10.44 -68.49 -3.99
N GLU E 260 -9.39 -69.12 -3.48
CA GLU E 260 -8.04 -68.59 -3.69
C GLU E 260 -7.54 -68.96 -5.08
N THR E 261 -7.97 -70.13 -5.58
CA THR E 261 -7.68 -70.53 -6.95
C THR E 261 -8.25 -69.53 -7.97
N VAL E 262 -9.50 -69.12 -7.73
CA VAL E 262 -10.15 -68.13 -8.58
C VAL E 262 -9.44 -66.77 -8.44
N GLY E 263 -9.12 -66.39 -7.20
CA GLY E 263 -8.33 -65.20 -6.97
C GLY E 263 -7.01 -65.19 -7.73
N LEU E 264 -6.34 -66.34 -7.78
CA LEU E 264 -5.07 -66.41 -8.50
C LEU E 264 -5.28 -66.25 -10.01
N GLN E 265 -6.41 -66.73 -10.50
CA GLN E 265 -6.74 -66.61 -11.91
C GLN E 265 -7.01 -65.16 -12.28
N TRP E 266 -7.78 -64.48 -11.43
CA TRP E 266 -8.04 -63.06 -11.62
C TRP E 266 -6.73 -62.29 -11.59
N ALA E 267 -5.88 -62.63 -10.63
CA ALA E 267 -4.58 -61.98 -10.52
C ALA E 267 -3.76 -62.18 -11.79
N ALA E 268 -3.80 -63.40 -12.34
CA ALA E 268 -3.05 -63.69 -13.56
C ALA E 268 -3.54 -62.87 -14.76
N GLU E 269 -4.86 -62.68 -14.86
CA GLU E 269 -5.39 -61.86 -15.95
C GLU E 269 -4.97 -60.41 -15.77
N ILE E 270 -4.96 -59.93 -14.53
CA ILE E 270 -4.47 -58.58 -14.24
C ILE E 270 -2.98 -58.44 -14.58
N ASN E 271 -2.20 -59.42 -14.18
CA ASN E 271 -0.76 -59.40 -14.38
C ASN E 271 -0.33 -59.60 -15.84
N ALA E 272 -1.27 -59.98 -16.70
CA ALA E 272 -0.96 -60.18 -18.13
C ALA E 272 -1.10 -58.91 -18.96
N LYS E 273 -1.47 -57.80 -18.32
CA LYS E 273 -1.64 -56.55 -19.02
C LYS E 273 -0.49 -55.58 -18.76
N SER E 274 -0.45 -54.49 -19.52
CA SER E 274 0.54 -53.43 -19.30
C SER E 274 0.55 -52.93 -17.85
N PRO E 275 1.66 -53.13 -17.12
CA PRO E 275 1.69 -52.63 -15.73
C PRO E 275 1.46 -51.13 -15.64
N GLN E 276 2.00 -50.41 -16.62
CA GLN E 276 1.88 -48.96 -16.69
C GLN E 276 0.43 -48.54 -16.85
N ALA E 277 -0.28 -49.19 -17.79
CA ALA E 277 -1.69 -48.87 -18.01
C ALA E 277 -2.52 -49.19 -16.77
N GLN E 278 -2.23 -50.31 -16.13
CA GLN E 278 -2.99 -50.71 -14.95
C GLN E 278 -2.84 -49.71 -13.81
N ARG E 279 -1.60 -49.25 -13.60
CA ARG E 279 -1.28 -48.21 -12.63
C ARG E 279 -2.07 -46.93 -12.89
N MET E 280 -2.00 -46.44 -14.12
CA MET E 280 -2.73 -45.23 -14.50
C MET E 280 -4.22 -45.40 -14.32
N LEU E 281 -4.75 -46.57 -14.67
CA LEU E 281 -6.17 -46.81 -14.54
C LEU E 281 -6.66 -46.80 -13.08
N LYS E 282 -5.89 -47.42 -12.18
CA LYS E 282 -6.33 -47.41 -10.78
C LYS E 282 -6.43 -45.99 -10.28
N PHE E 283 -5.44 -45.17 -10.60
CA PHE E 283 -5.45 -43.79 -10.13
C PHE E 283 -6.51 -42.96 -10.83
N ALA E 284 -6.85 -43.31 -12.07
CA ALA E 284 -7.95 -42.63 -12.75
C ALA E 284 -9.28 -42.95 -12.08
N PHE E 285 -9.47 -44.21 -11.68
CA PHE E 285 -10.70 -44.56 -10.96
C PHE E 285 -10.81 -43.86 -9.59
N ASN E 286 -9.67 -43.65 -8.94
CA ASN E 286 -9.66 -43.00 -7.63
C ASN E 286 -9.89 -41.50 -7.72
N LEU E 287 -9.44 -40.90 -8.83
CA LEU E 287 -9.09 -39.48 -8.87
C LEU E 287 -10.11 -38.51 -8.29
N LEU E 288 -11.25 -38.37 -8.95
CA LEU E 288 -12.19 -37.33 -8.60
C LEU E 288 -12.84 -37.59 -7.25
N ASP E 289 -13.17 -38.85 -6.98
CA ASP E 289 -13.70 -39.23 -5.67
C ASP E 289 -12.71 -38.78 -4.57
N ASP E 290 -11.41 -38.84 -4.86
CA ASP E 290 -10.38 -38.51 -3.87
C ASP E 290 -9.87 -37.05 -3.93
N GLY E 291 -10.58 -36.18 -4.64
CA GLY E 291 -10.22 -34.76 -4.72
C GLY E 291 -8.77 -34.49 -5.04
N LEU E 292 -8.17 -33.56 -4.31
CA LEU E 292 -6.78 -33.18 -4.53
C LEU E 292 -5.80 -34.33 -4.30
N VAL E 293 -6.14 -35.24 -3.40
CA VAL E 293 -5.25 -36.36 -3.14
C VAL E 293 -5.25 -37.26 -4.36
N GLY E 294 -6.43 -37.50 -4.91
CA GLY E 294 -6.55 -38.28 -6.14
C GLY E 294 -5.79 -37.64 -7.28
N GLN E 295 -5.90 -36.33 -7.38
CA GLN E 295 -5.15 -35.61 -8.41
C GLN E 295 -3.65 -35.75 -8.18
N GLN E 296 -3.23 -35.63 -6.92
CA GLN E 296 -1.82 -35.76 -6.61
C GLN E 296 -1.26 -37.11 -7.07
N LEU E 297 -1.99 -38.19 -6.82
CA LEU E 297 -1.48 -39.50 -7.16
C LEU E 297 -1.45 -39.69 -8.68
N PHE E 298 -2.55 -39.30 -9.33
CA PHE E 298 -2.61 -39.47 -10.79
C PHE E 298 -1.60 -38.55 -11.48
N ALA E 299 -1.54 -37.29 -11.07
CA ALA E 299 -0.57 -36.37 -11.67
C ALA E 299 0.87 -36.81 -11.40
N GLY E 300 1.11 -37.45 -10.26
CA GLY E 300 2.42 -37.95 -9.93
C GLY E 300 2.88 -38.98 -10.95
N GLU E 301 1.98 -39.84 -11.37
CA GLU E 301 2.34 -40.83 -12.36
C GLU E 301 2.50 -40.19 -13.73
N ALA E 302 1.75 -39.14 -14.00
CA ALA E 302 1.90 -38.38 -15.24
C ALA E 302 3.27 -37.72 -15.29
N THR E 303 3.72 -37.21 -14.14
CA THR E 303 5.06 -36.62 -14.03
C THR E 303 6.12 -37.66 -14.35
N ARG E 304 5.95 -38.86 -13.82
CA ARG E 304 6.90 -39.93 -14.11
C ARG E 304 6.94 -40.21 -15.61
N LEU E 305 5.77 -40.25 -16.24
CA LEU E 305 5.72 -40.47 -17.69
C LEU E 305 6.46 -39.37 -18.44
N ALA E 306 6.31 -38.12 -17.99
CA ALA E 306 7.01 -37.00 -18.60
C ALA E 306 8.53 -37.12 -18.42
N TYR E 307 8.96 -37.61 -17.26
CA TYR E 307 10.40 -37.73 -17.00
C TYR E 307 11.07 -38.70 -17.97
N MET E 308 10.29 -39.61 -18.55
CA MET E 308 10.87 -40.59 -19.46
C MET E 308 11.21 -39.99 -20.82
N THR E 309 10.65 -38.83 -21.13
CA THR E 309 10.77 -38.23 -22.46
C THR E 309 12.10 -37.51 -22.69
N ASP E 310 12.48 -37.47 -23.96
CA ASP E 310 13.67 -36.72 -24.36
C ASP E 310 13.55 -35.25 -23.97
N GLU E 311 12.34 -34.71 -24.03
CA GLU E 311 12.12 -33.31 -23.66
C GLU E 311 12.49 -33.06 -22.20
N ALA E 312 12.07 -33.96 -21.31
CA ALA E 312 12.38 -33.79 -19.90
C ALA E 312 13.87 -33.96 -19.63
N VAL E 313 14.51 -34.85 -20.37
CA VAL E 313 15.94 -35.07 -20.23
C VAL E 313 16.73 -33.82 -20.64
N GLU E 314 16.27 -33.13 -21.68
CA GLU E 314 16.91 -31.88 -22.09
C GLU E 314 16.78 -30.81 -21.00
N GLY E 315 15.63 -30.78 -20.33
CA GLY E 315 15.45 -29.84 -19.23
C GLY E 315 16.45 -30.09 -18.12
N ARG E 316 16.63 -31.37 -17.78
CA ARG E 316 17.63 -31.75 -16.79
C ARG E 316 19.03 -31.38 -17.23
N ASP E 317 19.38 -31.77 -18.45
CA ASP E 317 20.74 -31.59 -18.95
C ASP E 317 21.11 -30.12 -19.05
N ALA E 318 20.18 -29.31 -19.51
CA ALA E 318 20.44 -27.88 -19.64
C ALA E 318 20.74 -27.28 -18.27
N PHE E 319 20.00 -27.71 -17.25
CA PHE E 319 20.25 -27.19 -15.90
C PHE E 319 21.63 -27.61 -15.41
N LEU E 320 21.98 -28.89 -15.59
CA LEU E 320 23.27 -29.40 -15.14
C LEU E 320 24.44 -28.76 -15.89
N GLN E 321 24.22 -28.47 -17.15
CA GLN E 321 25.28 -27.91 -17.99
C GLN E 321 25.27 -26.38 -17.98
N LYS E 322 24.40 -25.79 -17.15
CA LYS E 322 24.33 -24.34 -16.98
C LYS E 322 24.19 -23.62 -18.32
N ARG E 323 23.26 -24.11 -19.13
CA ARG E 323 22.97 -23.53 -20.43
C ARG E 323 21.47 -23.45 -20.65
N PRO E 324 21.04 -22.61 -21.60
CA PRO E 324 19.60 -22.58 -21.92
C PRO E 324 19.15 -23.89 -22.54
N PRO E 325 17.95 -24.34 -22.20
CA PRO E 325 17.42 -25.53 -22.85
C PRO E 325 17.02 -25.24 -24.29
N ASP E 326 17.11 -26.24 -25.15
CA ASP E 326 16.64 -26.11 -26.52
C ASP E 326 15.40 -26.98 -26.71
N TRP E 327 14.23 -26.34 -26.76
CA TRP E 327 12.97 -27.06 -26.88
C TRP E 327 12.55 -27.28 -28.34
N SER E 328 13.31 -26.77 -29.30
CA SER E 328 12.91 -26.84 -30.71
C SER E 328 12.68 -28.28 -31.26
N PRO E 329 13.42 -29.29 -30.76
CA PRO E 329 13.11 -30.62 -31.29
C PRO E 329 11.75 -31.20 -30.90
N PHE E 330 11.03 -30.52 -30.00
CA PHE E 330 9.84 -31.10 -29.38
C PHE E 330 8.56 -30.36 -29.75
N PRO E 331 7.74 -30.97 -30.63
CA PRO E 331 6.51 -30.36 -31.16
C PRO E 331 5.43 -30.11 -30.12
N ARG E 332 4.65 -29.04 -30.31
CA ARG E 332 3.46 -28.80 -29.51
C ARG E 332 2.32 -29.67 -30.01
N TYR E 333 1.85 -30.56 -29.14
CA TYR E 333 0.75 -31.45 -29.50
C TYR E 333 -0.59 -30.84 -29.13
N PHE E 334 -1.63 -31.22 -29.86
CA PHE E 334 -2.99 -30.77 -29.54
C PHE E 334 -4.00 -31.88 -29.80
N ASP F 37 -57.27 -55.29 2.55
CA ASP F 37 -56.08 -55.18 1.72
C ASP F 37 -55.41 -53.80 1.88
N ASN F 38 -55.87 -53.02 2.84
CA ASN F 38 -55.30 -51.68 3.05
C ASN F 38 -54.06 -51.78 3.90
N PRO F 39 -52.96 -51.16 3.44
CA PRO F 39 -51.71 -51.17 4.21
C PRO F 39 -51.86 -50.55 5.61
N PHE F 40 -52.83 -49.67 5.79
CA PHE F 40 -52.98 -48.94 7.05
C PHE F 40 -53.70 -49.75 8.12
N ASP F 41 -53.04 -49.94 9.26
CA ASP F 41 -53.61 -50.62 10.42
C ASP F 41 -54.00 -49.59 11.48
N ALA F 42 -55.28 -49.24 11.51
CA ALA F 42 -55.74 -48.16 12.39
C ALA F 42 -55.43 -48.39 13.88
N LYS F 43 -55.38 -49.64 14.31
CA LYS F 43 -55.14 -49.91 15.73
C LYS F 43 -53.69 -49.67 16.15
N ALA F 44 -52.81 -49.44 15.18
CA ALA F 44 -51.39 -49.33 15.47
C ALA F 44 -50.91 -47.89 15.60
N TRP F 45 -51.79 -46.94 15.31
CA TRP F 45 -51.36 -45.55 15.15
C TRP F 45 -52.21 -44.57 15.96
N ARG F 46 -51.57 -43.54 16.49
CA ARG F 46 -52.32 -42.53 17.22
C ARG F 46 -52.04 -41.14 16.69
N LEU F 47 -53.03 -40.27 16.79
CA LEU F 47 -52.88 -38.88 16.37
C LEU F 47 -51.88 -38.17 17.27
N VAL F 48 -51.25 -37.15 16.72
CA VAL F 48 -50.26 -36.36 17.43
C VAL F 48 -50.89 -35.07 17.91
N ASP F 49 -50.70 -34.74 19.18
CA ASP F 49 -51.23 -33.49 19.75
C ASP F 49 -50.80 -32.28 18.93
N GLY F 50 -51.76 -31.42 18.62
CA GLY F 50 -51.48 -30.15 17.97
C GLY F 50 -51.77 -30.11 16.49
N PHE F 51 -52.20 -31.23 15.93
CA PHE F 51 -52.35 -31.35 14.48
C PHE F 51 -53.76 -31.70 14.02
N ASP F 52 -54.78 -31.36 14.82
CA ASP F 52 -56.15 -31.68 14.41
C ASP F 52 -56.63 -30.79 13.27
N ASP F 53 -55.83 -29.80 12.90
CA ASP F 53 -56.19 -28.90 11.81
C ASP F 53 -55.68 -29.36 10.43
N LEU F 54 -54.99 -30.51 10.38
CA LEU F 54 -54.46 -31.00 9.10
C LEU F 54 -55.58 -31.40 8.14
N THR F 55 -55.42 -31.03 6.86
CA THR F 55 -56.43 -31.34 5.85
C THR F 55 -55.90 -32.16 4.67
N ASP F 56 -54.63 -31.94 4.30
CA ASP F 56 -54.05 -32.57 3.11
C ASP F 56 -53.08 -33.72 3.43
N ILE F 57 -52.75 -33.86 4.71
CA ILE F 57 -51.70 -34.76 5.22
C ILE F 57 -52.26 -35.45 6.46
N THR F 58 -51.90 -36.72 6.69
CA THR F 58 -52.13 -37.29 8.00
C THR F 58 -50.80 -37.55 8.72
N TYR F 59 -50.84 -37.53 10.05
CA TYR F 59 -49.66 -37.63 10.89
C TYR F 59 -50.00 -38.48 12.10
N HIS F 60 -49.33 -39.62 12.23
CA HIS F 60 -49.55 -40.52 13.36
C HIS F 60 -48.23 -40.90 14.00
N ARG F 61 -48.31 -41.27 15.26
CA ARG F 61 -47.19 -41.84 15.99
C ARG F 61 -47.58 -43.27 16.31
N HIS F 62 -46.65 -44.20 16.19
CA HIS F 62 -46.97 -45.59 16.50
C HIS F 62 -47.29 -45.77 17.99
N VAL F 63 -48.23 -46.67 18.31
CA VAL F 63 -48.66 -46.80 19.70
C VAL F 63 -47.56 -47.41 20.59
N ASP F 64 -46.65 -48.16 19.99
CA ASP F 64 -45.55 -48.79 20.73
C ASP F 64 -44.17 -48.23 20.37
N ASP F 65 -43.96 -47.95 19.09
CA ASP F 65 -42.59 -47.73 18.56
C ASP F 65 -42.19 -46.26 18.39
N ALA F 66 -40.88 -46.04 18.28
CA ALA F 66 -40.32 -44.70 18.04
C ALA F 66 -40.37 -44.38 16.55
N THR F 67 -41.57 -44.44 16.00
CA THR F 67 -41.78 -44.35 14.56
C THR F 67 -43.03 -43.53 14.30
N VAL F 68 -42.97 -42.64 13.30
CA VAL F 68 -44.17 -41.91 12.91
C VAL F 68 -44.55 -42.23 11.47
N ARG F 69 -45.80 -41.91 11.13
CA ARG F 69 -46.34 -42.16 9.80
C ARG F 69 -46.86 -40.84 9.25
N VAL F 70 -46.28 -40.42 8.13
CA VAL F 70 -46.62 -39.17 7.48
C VAL F 70 -47.13 -39.51 6.10
N ALA F 71 -48.36 -39.09 5.77
CA ALA F 71 -48.99 -39.56 4.53
C ALA F 71 -49.77 -38.49 3.80
N PHE F 72 -49.64 -38.48 2.48
CA PHE F 72 -50.51 -37.66 1.64
C PHE F 72 -51.95 -38.09 1.79
N ASN F 73 -52.84 -37.11 1.87
CA ASN F 73 -54.25 -37.43 2.09
C ASN F 73 -55.15 -36.78 1.05
N ARG F 74 -54.74 -36.86 -0.21
CA ARG F 74 -55.60 -36.40 -1.31
C ARG F 74 -55.74 -37.49 -2.38
N PRO F 75 -56.24 -38.66 -1.99
CA PRO F 75 -56.18 -39.77 -2.95
C PRO F 75 -57.09 -39.59 -4.16
N GLU F 76 -58.02 -38.64 -4.10
CA GLU F 76 -58.91 -38.38 -5.23
C GLU F 76 -58.15 -37.82 -6.44
N VAL F 77 -56.97 -37.24 -6.20
CA VAL F 77 -56.10 -36.76 -7.28
C VAL F 77 -54.73 -37.43 -7.21
N ARG F 78 -54.73 -38.73 -6.91
CA ARG F 78 -53.51 -39.54 -6.85
C ARG F 78 -52.48 -38.90 -5.92
N ASN F 79 -52.99 -38.26 -4.88
CA ASN F 79 -52.18 -37.66 -3.84
C ASN F 79 -51.22 -36.58 -4.34
N ALA F 80 -51.67 -35.83 -5.36
CA ALA F 80 -50.93 -34.65 -5.81
C ALA F 80 -50.85 -33.62 -4.69
N PHE F 81 -49.73 -32.91 -4.58
CA PHE F 81 -49.64 -31.86 -3.57
C PHE F 81 -49.85 -30.44 -4.12
N ARG F 82 -50.54 -29.62 -3.33
CA ARG F 82 -50.68 -28.20 -3.60
C ARG F 82 -49.85 -27.45 -2.55
N PRO F 83 -49.70 -26.12 -2.67
CA PRO F 83 -48.80 -25.45 -1.72
C PRO F 83 -49.17 -25.65 -0.24
N HIS F 84 -50.47 -25.69 0.07
CA HIS F 84 -50.91 -25.97 1.43
C HIS F 84 -50.44 -27.36 1.89
N THR F 85 -50.47 -28.33 0.99
CA THR F 85 -49.98 -29.68 1.30
C THR F 85 -48.51 -29.65 1.70
N VAL F 86 -47.73 -28.93 0.90
CA VAL F 86 -46.32 -28.78 1.18
C VAL F 86 -46.10 -28.13 2.54
N ASP F 87 -46.88 -27.10 2.86
CA ASP F 87 -46.78 -26.44 4.17
C ASP F 87 -47.05 -27.41 5.32
N GLU F 88 -48.10 -28.22 5.16
CA GLU F 88 -48.44 -29.21 6.17
C GLU F 88 -47.38 -30.27 6.29
N LEU F 89 -46.85 -30.72 5.15
CA LEU F 89 -45.83 -31.75 5.14
C LEU F 89 -44.56 -31.24 5.84
N TYR F 90 -44.19 -30.00 5.56
CA TYR F 90 -43.01 -29.43 6.22
C TYR F 90 -43.22 -29.37 7.74
N ARG F 91 -44.38 -28.85 8.13
CA ARG F 91 -44.70 -28.68 9.54
C ARG F 91 -44.64 -30.01 10.29
N VAL F 92 -45.22 -31.05 9.70
CA VAL F 92 -45.26 -32.36 10.31
C VAL F 92 -43.88 -33.02 10.39
N LEU F 93 -43.12 -32.93 9.28
CA LEU F 93 -41.78 -33.50 9.27
C LEU F 93 -40.86 -32.73 10.22
N ASP F 94 -41.04 -31.41 10.33
CA ASP F 94 -40.22 -30.62 11.22
C ASP F 94 -40.51 -31.00 12.68
N HIS F 95 -41.78 -31.25 12.97
CA HIS F 95 -42.18 -31.69 14.31
C HIS F 95 -41.55 -33.05 14.62
N ALA F 96 -41.57 -33.97 13.65
CA ALA F 96 -40.95 -35.28 13.84
C ALA F 96 -39.44 -35.14 14.07
N ARG F 97 -38.80 -34.26 13.31
CA ARG F 97 -37.39 -33.97 13.49
C ARG F 97 -37.06 -33.56 14.92
N MET F 98 -37.93 -32.75 15.53
CA MET F 98 -37.66 -32.21 16.86
C MET F 98 -38.24 -33.06 17.99
N SER F 99 -38.77 -34.24 17.66
CA SER F 99 -39.33 -35.16 18.66
C SER F 99 -38.28 -36.18 19.08
N PRO F 100 -37.71 -36.04 20.29
CA PRO F 100 -36.61 -36.92 20.70
C PRO F 100 -37.02 -38.38 20.83
N ASP F 101 -38.31 -38.65 21.02
CA ASP F 101 -38.77 -40.02 21.18
C ASP F 101 -39.10 -40.69 19.84
N VAL F 102 -38.75 -40.03 18.73
CA VAL F 102 -39.00 -40.60 17.41
C VAL F 102 -37.68 -40.79 16.69
N GLY F 103 -37.46 -42.00 16.18
CA GLY F 103 -36.24 -42.27 15.43
C GLY F 103 -36.41 -42.45 13.93
N VAL F 104 -37.61 -42.87 13.51
CA VAL F 104 -37.80 -43.16 12.09
C VAL F 104 -39.11 -42.57 11.60
N VAL F 105 -39.06 -42.04 10.37
CA VAL F 105 -40.24 -41.52 9.70
C VAL F 105 -40.63 -42.44 8.56
N LEU F 106 -41.89 -42.89 8.55
CA LEU F 106 -42.44 -43.58 7.39
C LEU F 106 -43.27 -42.58 6.58
N LEU F 107 -42.84 -42.33 5.34
CA LEU F 107 -43.53 -41.38 4.46
C LEU F 107 -44.28 -42.17 3.40
N THR F 108 -45.58 -41.94 3.30
CA THR F 108 -46.40 -42.75 2.39
C THR F 108 -47.61 -41.95 1.89
N GLY F 109 -48.53 -42.63 1.24
CA GLY F 109 -49.75 -41.98 0.77
C GLY F 109 -50.95 -42.80 1.21
N ASN F 110 -52.03 -42.11 1.55
CA ASN F 110 -53.25 -42.82 1.92
C ASN F 110 -54.07 -43.21 0.69
N GLY F 111 -54.94 -44.20 0.82
CA GLY F 111 -55.77 -44.57 -0.30
C GLY F 111 -56.74 -45.68 0.09
N PRO F 112 -57.43 -46.24 -0.89
CA PRO F 112 -57.33 -45.88 -2.30
C PRO F 112 -58.19 -44.67 -2.66
N SER F 113 -58.17 -44.27 -3.92
CA SER F 113 -59.07 -43.23 -4.39
C SER F 113 -60.51 -43.66 -4.19
N PRO F 114 -61.32 -42.81 -3.53
CA PRO F 114 -62.75 -43.14 -3.39
C PRO F 114 -63.47 -43.12 -4.74
N LYS F 115 -62.88 -42.44 -5.72
CA LYS F 115 -63.51 -42.34 -7.04
C LYS F 115 -63.30 -43.58 -7.93
N ASP F 116 -62.06 -44.02 -8.14
CA ASP F 116 -61.83 -45.16 -9.02
C ASP F 116 -61.04 -46.31 -8.39
N GLY F 117 -60.73 -46.19 -7.11
CA GLY F 117 -60.06 -47.27 -6.40
C GLY F 117 -58.56 -47.37 -6.67
N GLY F 118 -58.02 -46.39 -7.38
CA GLY F 118 -56.61 -46.39 -7.71
C GLY F 118 -55.72 -46.02 -6.53
N TRP F 119 -54.55 -46.62 -6.46
CA TRP F 119 -53.60 -46.37 -5.37
C TRP F 119 -52.47 -45.41 -5.77
N ALA F 120 -52.13 -44.50 -4.85
CA ALA F 120 -51.03 -43.57 -5.11
C ALA F 120 -50.23 -43.29 -3.87
N PHE F 121 -48.92 -43.23 -4.05
CA PHE F 121 -48.06 -42.59 -3.09
C PHE F 121 -48.21 -41.08 -3.25
N CYS F 122 -47.84 -40.59 -4.44
CA CYS F 122 -47.85 -39.15 -4.71
C CYS F 122 -47.61 -38.92 -6.18
N SER F 123 -48.48 -38.12 -6.81
CA SER F 123 -48.38 -37.85 -8.24
C SER F 123 -47.74 -36.49 -8.52
N GLY F 124 -47.08 -35.90 -7.52
CA GLY F 124 -46.35 -34.66 -7.74
C GLY F 124 -47.24 -33.44 -7.59
N GLY F 125 -46.80 -32.32 -8.15
CA GLY F 125 -47.53 -31.07 -7.99
C GLY F 125 -48.91 -31.14 -8.64
N ASP F 126 -49.88 -30.53 -7.96
CA ASP F 126 -51.26 -30.49 -8.42
C ASP F 126 -51.39 -29.56 -9.64
N GLN F 127 -51.54 -30.15 -10.82
CA GLN F 127 -51.54 -29.37 -12.06
C GLN F 127 -52.72 -28.39 -12.15
N ARG F 128 -53.78 -28.64 -11.40
CA ARG F 128 -54.96 -27.76 -11.42
C ARG F 128 -54.63 -26.34 -10.95
N ILE F 129 -53.63 -26.19 -10.10
CA ILE F 129 -53.30 -24.86 -9.59
C ILE F 129 -51.87 -24.46 -9.94
N ARG F 130 -51.32 -25.14 -10.94
CA ARG F 130 -50.01 -24.76 -11.48
C ARG F 130 -50.19 -23.55 -12.40
N GLY F 131 -49.41 -22.51 -12.16
CA GLY F 131 -49.42 -21.33 -13.01
C GLY F 131 -48.04 -21.06 -13.57
N ARG F 132 -47.91 -19.95 -14.28
CA ARG F 132 -46.62 -19.59 -14.86
C ARG F 132 -45.60 -19.25 -13.79
N SER F 133 -46.07 -18.85 -12.61
CA SER F 133 -45.18 -18.54 -11.49
C SER F 133 -45.02 -19.69 -10.50
N GLY F 134 -45.50 -20.88 -10.85
CA GLY F 134 -45.37 -22.03 -9.97
C GLY F 134 -46.72 -22.48 -9.43
N TYR F 135 -46.69 -23.28 -8.36
CA TYR F 135 -47.93 -23.82 -7.81
C TYR F 135 -48.53 -22.77 -6.89
N GLN F 136 -49.82 -22.55 -7.03
CA GLN F 136 -50.47 -21.42 -6.40
C GLN F 136 -51.42 -21.81 -5.29
N TYR F 137 -51.41 -21.01 -4.23
CA TYR F 137 -52.42 -21.13 -3.20
C TYR F 137 -53.82 -20.80 -3.75
N ALA F 138 -54.78 -21.65 -3.43
CA ALA F 138 -56.17 -21.43 -3.79
C ALA F 138 -57.05 -21.75 -2.58
N SER F 139 -58.21 -21.11 -2.49
CA SER F 139 -59.09 -21.37 -1.37
C SER F 139 -59.84 -22.69 -1.58
N GLY F 140 -60.00 -23.08 -2.85
CA GLY F 140 -60.60 -24.35 -3.21
C GLY F 140 -59.61 -25.25 -3.95
N ASP F 141 -60.14 -26.14 -4.79
CA ASP F 141 -59.32 -27.16 -5.44
C ASP F 141 -58.89 -26.82 -6.87
N THR F 142 -59.43 -25.75 -7.45
CA THR F 142 -59.12 -25.43 -8.85
C THR F 142 -58.56 -24.02 -9.04
N ALA F 143 -58.12 -23.73 -10.27
CA ALA F 143 -57.49 -22.45 -10.58
C ALA F 143 -58.44 -21.27 -10.40
N ASP F 144 -59.74 -21.57 -10.35
CA ASP F 144 -60.71 -20.49 -10.24
C ASP F 144 -60.80 -19.90 -8.86
N THR F 145 -60.14 -20.52 -7.88
CA THR F 145 -60.07 -19.92 -6.56
C THR F 145 -58.66 -19.56 -6.15
N VAL F 146 -57.75 -19.47 -7.13
CA VAL F 146 -56.39 -19.03 -6.88
C VAL F 146 -56.37 -17.57 -6.40
N ASP F 147 -55.52 -17.30 -5.42
CA ASP F 147 -55.25 -15.93 -4.96
C ASP F 147 -54.14 -15.28 -5.80
N VAL F 148 -54.51 -14.46 -6.77
CA VAL F 148 -53.51 -13.93 -7.72
C VAL F 148 -52.51 -12.95 -7.14
N ALA F 149 -52.82 -12.37 -5.99
CA ALA F 149 -51.90 -11.45 -5.33
C ALA F 149 -50.70 -12.19 -4.76
N ARG F 150 -50.75 -13.51 -4.90
CA ARG F 150 -49.79 -14.37 -4.26
C ARG F 150 -49.04 -15.17 -5.32
N ALA F 151 -47.73 -14.94 -5.43
CA ALA F 151 -46.94 -15.60 -6.46
C ALA F 151 -46.88 -17.09 -6.21
N GLY F 152 -46.73 -17.87 -7.28
CA GLY F 152 -46.59 -19.31 -7.16
C GLY F 152 -45.32 -19.71 -6.45
N ARG F 153 -45.28 -20.96 -5.98
CA ARG F 153 -44.12 -21.47 -5.28
C ARG F 153 -43.75 -22.88 -5.77
N LEU F 154 -42.48 -23.22 -5.60
CA LEU F 154 -41.98 -24.56 -5.90
C LEU F 154 -41.36 -25.16 -4.66
N HIS F 155 -41.99 -24.96 -3.50
CA HIS F 155 -41.25 -25.19 -2.26
C HIS F 155 -41.32 -26.62 -1.71
N ILE F 156 -41.76 -27.57 -2.52
CA ILE F 156 -41.46 -28.97 -2.20
C ILE F 156 -39.94 -29.17 -2.07
N LEU F 157 -39.14 -28.31 -2.71
CA LEU F 157 -37.69 -28.37 -2.52
C LEU F 157 -37.27 -28.20 -1.05
N GLU F 158 -38.03 -27.40 -0.31
CA GLU F 158 -37.76 -27.20 1.12
C GLU F 158 -38.01 -28.48 1.90
N VAL F 159 -39.05 -29.21 1.50
CA VAL F 159 -39.34 -30.50 2.12
C VAL F 159 -38.26 -31.51 1.76
N GLN F 160 -37.76 -31.44 0.52
CA GLN F 160 -36.68 -32.34 0.13
C GLN F 160 -35.47 -32.13 1.02
N ARG F 161 -35.12 -30.87 1.27
CA ARG F 161 -33.97 -30.57 2.13
C ARG F 161 -34.23 -30.98 3.58
N LEU F 162 -35.47 -30.84 4.03
CA LEU F 162 -35.80 -31.21 5.39
C LEU F 162 -35.61 -32.72 5.60
N ILE F 163 -36.06 -33.52 4.63
CA ILE F 163 -35.86 -34.96 4.65
C ILE F 163 -34.37 -35.31 4.62
N ARG F 164 -33.65 -34.63 3.75
CA ARG F 164 -32.21 -34.86 3.57
C ARG F 164 -31.39 -34.54 4.82
N PHE F 165 -31.72 -33.43 5.47
CA PHE F 165 -30.91 -32.92 6.57
C PHE F 165 -31.35 -33.41 7.94
N MET F 166 -32.49 -34.10 8.02
CA MET F 166 -32.93 -34.46 9.37
C MET F 166 -32.12 -35.65 9.86
N PRO F 167 -31.70 -35.59 11.13
CA PRO F 167 -30.80 -36.61 11.72
C PRO F 167 -31.53 -37.90 12.07
N LYS F 168 -32.46 -38.30 11.20
CA LYS F 168 -33.32 -39.47 11.41
C LYS F 168 -33.54 -40.14 10.07
N VAL F 169 -33.72 -41.45 10.06
CA VAL F 169 -33.94 -42.14 8.80
C VAL F 169 -35.38 -41.96 8.33
N VAL F 170 -35.54 -41.58 7.06
CA VAL F 170 -36.85 -41.48 6.45
C VAL F 170 -37.02 -42.60 5.44
N ILE F 171 -38.03 -43.43 5.63
CA ILE F 171 -38.31 -44.54 4.74
C ILE F 171 -39.55 -44.18 3.93
N CYS F 172 -39.41 -44.17 2.61
CA CYS F 172 -40.57 -44.00 1.75
C CYS F 172 -41.27 -45.34 1.54
N LEU F 173 -42.59 -45.37 1.77
CA LEU F 173 -43.39 -46.55 1.49
C LEU F 173 -44.25 -46.28 0.26
N VAL F 174 -43.80 -46.75 -0.89
CA VAL F 174 -44.52 -46.51 -2.13
C VAL F 174 -45.63 -47.52 -2.30
N ASN F 175 -46.84 -47.06 -2.02
CA ASN F 175 -48.05 -47.89 -1.99
C ASN F 175 -48.85 -47.83 -3.29
N GLY F 176 -48.34 -47.09 -4.27
CA GLY F 176 -49.08 -46.88 -5.51
C GLY F 176 -48.26 -46.06 -6.47
N TRP F 177 -48.92 -45.29 -7.33
CA TRP F 177 -48.22 -44.39 -8.25
C TRP F 177 -47.27 -43.45 -7.53
N ALA F 178 -46.04 -43.39 -8.05
CA ALA F 178 -45.08 -42.37 -7.65
C ALA F 178 -44.63 -41.68 -8.92
N ALA F 179 -45.10 -40.46 -9.14
CA ALA F 179 -44.89 -39.78 -10.42
C ALA F 179 -44.52 -38.33 -10.22
N GLY F 180 -43.70 -37.80 -11.13
CA GLY F 180 -43.28 -36.41 -11.06
C GLY F 180 -42.60 -36.12 -9.74
N GLY F 181 -43.02 -35.03 -9.09
CA GLY F 181 -42.47 -34.68 -7.79
C GLY F 181 -42.65 -35.75 -6.72
N GLY F 182 -43.66 -36.59 -6.85
CA GLY F 182 -43.83 -37.71 -5.94
C GLY F 182 -42.73 -38.73 -6.12
N HIS F 183 -42.34 -38.94 -7.37
CA HIS F 183 -41.22 -39.84 -7.65
C HIS F 183 -39.94 -39.26 -7.06
N SER F 184 -39.76 -37.95 -7.19
CA SER F 184 -38.55 -37.32 -6.65
C SER F 184 -38.52 -37.34 -5.11
N LEU F 185 -39.67 -37.32 -4.45
CA LEU F 185 -39.69 -37.46 -2.99
C LEU F 185 -39.19 -38.85 -2.58
N HIS F 186 -39.65 -39.88 -3.30
CA HIS F 186 -39.16 -41.23 -3.07
C HIS F 186 -37.64 -41.28 -3.22
N VAL F 187 -37.11 -40.60 -4.23
CA VAL F 187 -35.68 -40.63 -4.49
C VAL F 187 -34.87 -40.05 -3.34
N VAL F 188 -35.36 -38.98 -2.71
CA VAL F 188 -34.56 -38.29 -1.72
C VAL F 188 -34.63 -38.95 -0.33
N CYS F 189 -35.62 -39.81 -0.11
CA CYS F 189 -35.68 -40.56 1.15
C CYS F 189 -34.49 -41.49 1.29
N ASP F 190 -34.14 -41.81 2.55
CA ASP F 190 -32.99 -42.66 2.80
C ASP F 190 -33.20 -44.07 2.27
N LEU F 191 -34.40 -44.59 2.47
CA LEU F 191 -34.76 -45.95 2.05
C LEU F 191 -36.12 -45.93 1.39
N THR F 192 -36.37 -46.91 0.51
CA THR F 192 -37.68 -47.07 -0.11
C THR F 192 -38.14 -48.52 -0.09
N LEU F 193 -39.35 -48.76 0.41
CA LEU F 193 -40.03 -50.06 0.32
C LEU F 193 -41.22 -49.90 -0.60
N ALA F 194 -41.54 -50.89 -1.41
CA ALA F 194 -42.60 -50.68 -2.39
C ALA F 194 -43.57 -51.86 -2.51
N SER F 195 -44.85 -51.51 -2.66
CA SER F 195 -45.92 -52.48 -2.88
C SER F 195 -45.73 -53.29 -4.15
N ARG F 196 -45.62 -54.62 -4.02
CA ARG F 196 -45.46 -55.49 -5.18
C ARG F 196 -46.60 -55.29 -6.18
N GLU F 197 -47.83 -55.26 -5.69
CA GLU F 197 -48.98 -55.21 -6.57
C GLU F 197 -49.25 -53.83 -7.17
N TYR F 198 -49.09 -52.79 -6.37
CA TYR F 198 -49.60 -51.48 -6.80
C TYR F 198 -48.57 -50.37 -6.96
N ALA F 199 -47.32 -50.55 -6.51
CA ALA F 199 -46.34 -49.49 -6.71
C ALA F 199 -46.11 -49.32 -8.21
N ARG F 200 -46.12 -48.07 -8.66
CA ARG F 200 -45.84 -47.78 -10.05
C ARG F 200 -44.99 -46.53 -10.08
N PHE F 201 -43.80 -46.66 -10.63
CA PHE F 201 -42.85 -45.55 -10.69
C PHE F 201 -42.85 -44.98 -12.09
N LYS F 202 -43.13 -43.69 -12.22
CA LYS F 202 -43.20 -43.10 -13.55
C LYS F 202 -42.79 -41.64 -13.51
N GLN F 203 -41.63 -41.33 -14.04
CA GLN F 203 -41.18 -39.95 -14.02
C GLN F 203 -41.75 -39.19 -15.20
N THR F 204 -42.89 -38.54 -14.94
CA THR F 204 -43.68 -37.85 -15.94
C THR F 204 -43.28 -36.39 -16.14
N ASP F 205 -42.22 -35.93 -15.46
CA ASP F 205 -41.82 -34.52 -15.51
C ASP F 205 -41.83 -33.93 -16.92
N ALA F 206 -41.06 -34.53 -17.83
CA ALA F 206 -40.90 -33.97 -19.17
C ALA F 206 -42.20 -34.05 -19.97
N ASP F 207 -43.08 -34.97 -19.61
CA ASP F 207 -44.38 -35.05 -20.27
C ASP F 207 -45.21 -33.78 -20.08
N VAL F 208 -45.04 -33.11 -18.94
CA VAL F 208 -45.85 -31.92 -18.67
C VAL F 208 -44.99 -30.67 -18.66
N GLY F 209 -43.80 -30.77 -19.24
CA GLY F 209 -42.92 -29.61 -19.39
C GLY F 209 -42.22 -29.18 -18.11
N SER F 210 -42.15 -30.08 -17.14
CA SER F 210 -41.46 -29.77 -15.89
C SER F 210 -40.16 -30.55 -15.81
N PHE F 211 -39.36 -30.25 -14.80
CA PHE F 211 -38.18 -31.07 -14.52
C PHE F 211 -37.71 -30.82 -13.11
N ASP F 212 -37.28 -31.88 -12.44
CA ASP F 212 -36.56 -31.75 -11.19
C ASP F 212 -35.11 -31.94 -11.53
N GLY F 213 -34.37 -30.84 -11.53
CA GLY F 213 -32.98 -30.86 -11.95
C GLY F 213 -32.01 -30.97 -10.77
N GLY F 214 -32.52 -31.38 -9.62
CA GLY F 214 -31.71 -31.52 -8.43
C GLY F 214 -31.71 -32.94 -7.87
N TYR F 215 -32.29 -33.13 -6.69
CA TYR F 215 -32.32 -34.46 -6.08
C TYR F 215 -33.11 -35.47 -6.92
N GLY F 216 -34.18 -35.02 -7.56
CA GLY F 216 -35.02 -35.91 -8.34
C GLY F 216 -34.28 -36.66 -9.44
N SER F 217 -33.33 -35.98 -10.08
CA SER F 217 -32.62 -36.53 -11.24
C SER F 217 -31.18 -36.89 -10.92
N ALA F 218 -30.38 -35.90 -10.56
CA ALA F 218 -28.97 -36.16 -10.26
C ALA F 218 -28.81 -37.19 -9.14
N TYR F 219 -29.63 -37.11 -8.10
CA TYR F 219 -29.47 -38.03 -6.99
C TYR F 219 -30.00 -39.43 -7.35
N LEU F 220 -30.98 -39.51 -8.25
CA LEU F 220 -31.44 -40.81 -8.72
C LEU F 220 -30.28 -41.57 -9.35
N ALA F 221 -29.42 -40.85 -10.07
CA ALA F 221 -28.28 -41.47 -10.70
C ALA F 221 -27.32 -42.05 -9.67
N ARG F 222 -27.32 -41.50 -8.46
CA ARG F 222 -26.48 -42.05 -7.39
C ARG F 222 -27.09 -43.31 -6.78
N GLN F 223 -28.25 -43.71 -7.26
CA GLN F 223 -28.86 -44.96 -6.79
C GLN F 223 -28.89 -46.01 -7.87
N VAL F 224 -29.20 -45.61 -9.11
CA VAL F 224 -29.37 -46.60 -10.16
C VAL F 224 -28.32 -46.48 -11.25
N GLY F 225 -27.45 -45.49 -11.14
CA GLY F 225 -26.44 -45.27 -12.16
C GLY F 225 -26.92 -44.31 -13.22
N GLN F 226 -25.98 -43.70 -13.94
CA GLN F 226 -26.34 -42.68 -14.91
C GLN F 226 -27.19 -43.17 -16.09
N LYS F 227 -26.95 -44.39 -16.60
CA LYS F 227 -27.72 -44.88 -17.74
C LYS F 227 -29.19 -45.08 -17.37
N PHE F 228 -29.45 -45.78 -16.27
CA PHE F 228 -30.82 -46.03 -15.84
C PHE F 228 -31.55 -44.76 -15.44
N ALA F 229 -30.85 -43.82 -14.79
CA ALA F 229 -31.51 -42.60 -14.35
C ALA F 229 -31.92 -41.79 -15.57
N ARG F 230 -31.05 -41.72 -16.57
CA ARG F 230 -31.40 -41.02 -17.79
C ARG F 230 -32.58 -41.69 -18.49
N GLU F 231 -32.59 -43.03 -18.50
CA GLU F 231 -33.72 -43.74 -19.10
C GLU F 231 -35.04 -43.38 -18.40
N ILE F 232 -35.01 -43.40 -17.08
CA ILE F 232 -36.21 -43.14 -16.30
C ILE F 232 -36.80 -41.76 -16.62
N PHE F 233 -35.96 -40.74 -16.75
CA PHE F 233 -36.45 -39.40 -17.04
C PHE F 233 -36.74 -39.13 -18.52
N PHE F 234 -35.83 -39.55 -19.40
CA PHE F 234 -35.98 -39.23 -20.81
C PHE F 234 -37.14 -39.96 -21.47
N LEU F 235 -37.46 -41.18 -21.02
CA LEU F 235 -38.55 -41.93 -21.64
C LEU F 235 -39.82 -41.92 -20.80
N GLY F 236 -39.68 -41.71 -19.50
CA GLY F 236 -40.86 -41.62 -18.64
C GLY F 236 -41.73 -42.87 -18.63
N ARG F 237 -41.10 -44.04 -18.75
CA ARG F 237 -41.85 -45.29 -18.72
C ARG F 237 -42.32 -45.63 -17.32
N THR F 238 -43.33 -46.49 -17.24
CA THR F 238 -43.82 -47.01 -15.96
C THR F 238 -43.04 -48.24 -15.52
N TYR F 239 -42.56 -48.24 -14.28
CA TYR F 239 -41.82 -49.38 -13.73
C TYR F 239 -42.50 -49.95 -12.50
N THR F 240 -42.36 -51.26 -12.32
CA THR F 240 -42.87 -51.93 -11.13
C THR F 240 -41.89 -51.84 -9.96
N ALA F 241 -42.37 -52.22 -8.78
CA ALA F 241 -41.52 -52.31 -7.60
C ALA F 241 -40.32 -53.22 -7.87
N GLU F 242 -40.56 -54.37 -8.49
CA GLU F 242 -39.47 -55.32 -8.74
C GLU F 242 -38.45 -54.77 -9.72
N GLN F 243 -38.93 -54.07 -10.77
CA GLN F 243 -37.99 -53.48 -11.72
C GLN F 243 -37.13 -52.39 -11.07
N MET F 244 -37.75 -51.55 -10.24
CA MET F 244 -36.97 -50.52 -9.54
C MET F 244 -36.04 -51.10 -8.50
N HIS F 245 -36.43 -52.21 -7.89
CA HIS F 245 -35.56 -52.93 -6.96
C HIS F 245 -34.33 -53.47 -7.69
N GLN F 246 -34.54 -54.04 -8.87
CA GLN F 246 -33.42 -54.54 -9.66
C GLN F 246 -32.48 -53.42 -10.11
N MET F 247 -33.01 -52.21 -10.33
CA MET F 247 -32.16 -51.11 -10.76
C MET F 247 -31.39 -50.44 -9.63
N GLY F 248 -31.88 -50.56 -8.40
CA GLY F 248 -31.18 -50.02 -7.24
C GLY F 248 -31.89 -48.88 -6.49
N ALA F 249 -33.13 -48.56 -6.88
CA ALA F 249 -33.81 -47.41 -6.24
C ALA F 249 -34.85 -47.84 -5.21
N VAL F 250 -35.15 -49.14 -5.16
CA VAL F 250 -36.10 -49.68 -4.18
C VAL F 250 -35.35 -50.73 -3.35
N ASN F 251 -35.37 -50.57 -2.03
CA ASN F 251 -34.64 -51.47 -1.16
C ASN F 251 -35.25 -52.85 -1.09
N ALA F 252 -36.57 -52.90 -1.02
CA ALA F 252 -37.27 -54.19 -0.93
C ALA F 252 -38.69 -54.06 -1.40
N VAL F 253 -39.22 -55.18 -1.87
CA VAL F 253 -40.59 -55.29 -2.34
C VAL F 253 -41.38 -55.99 -1.25
N ALA F 254 -42.58 -55.48 -0.96
CA ALA F 254 -43.45 -56.11 0.03
C ALA F 254 -44.85 -56.29 -0.54
N GLU F 255 -45.59 -57.25 0.00
CA GLU F 255 -47.00 -57.38 -0.35
C GLU F 255 -47.72 -56.13 0.09
N HIS F 256 -48.69 -55.69 -0.72
CA HIS F 256 -49.39 -54.44 -0.48
C HIS F 256 -49.93 -54.34 0.95
N ALA F 257 -50.64 -55.38 1.38
CA ALA F 257 -51.25 -55.36 2.70
C ALA F 257 -50.23 -55.32 3.83
N GLU F 258 -49.01 -55.75 3.53
CA GLU F 258 -47.95 -55.84 4.54
C GLU F 258 -46.95 -54.68 4.47
N LEU F 259 -47.19 -53.73 3.59
CA LEU F 259 -46.17 -52.71 3.30
C LEU F 259 -45.79 -51.90 4.54
N GLU F 260 -46.78 -51.55 5.37
CA GLU F 260 -46.48 -50.73 6.53
C GLU F 260 -45.96 -51.60 7.67
N THR F 261 -46.43 -52.85 7.71
CA THR F 261 -45.90 -53.82 8.65
C THR F 261 -44.41 -54.04 8.43
N VAL F 262 -44.02 -54.18 7.16
CA VAL F 262 -42.61 -54.33 6.82
C VAL F 262 -41.86 -53.02 7.13
N GLY F 263 -42.49 -51.89 6.85
CA GLY F 263 -41.88 -50.60 7.17
C GLY F 263 -41.61 -50.48 8.65
N LEU F 264 -42.55 -50.93 9.46
CA LEU F 264 -42.37 -50.88 10.91
C LEU F 264 -41.25 -51.82 11.39
N GLN F 265 -41.08 -52.93 10.69
CA GLN F 265 -40.01 -53.88 11.02
C GLN F 265 -38.65 -53.27 10.69
N TRP F 266 -38.55 -52.64 9.53
CA TRP F 266 -37.31 -51.94 9.17
C TRP F 266 -37.04 -50.84 10.18
N ALA F 267 -38.06 -50.07 10.53
CA ALA F 267 -37.89 -49.01 11.53
C ALA F 267 -37.40 -49.59 12.85
N ALA F 268 -37.92 -50.75 13.23
CA ALA F 268 -37.52 -51.35 14.50
C ALA F 268 -36.06 -51.77 14.48
N GLU F 269 -35.59 -52.27 13.35
CA GLU F 269 -34.18 -52.64 13.23
C GLU F 269 -33.28 -51.41 13.30
N ILE F 270 -33.74 -50.32 12.71
CA ILE F 270 -32.98 -49.08 12.75
C ILE F 270 -32.93 -48.55 14.18
N ASN F 271 -34.07 -48.58 14.86
CA ASN F 271 -34.20 -48.03 16.20
C ASN F 271 -33.50 -48.88 17.27
N ALA F 272 -33.06 -50.08 16.91
CA ALA F 272 -32.39 -50.96 17.87
C ALA F 272 -30.87 -50.71 17.91
N LYS F 273 -30.39 -49.79 17.09
CA LYS F 273 -28.97 -49.46 17.05
C LYS F 273 -28.66 -48.16 17.79
N SER F 274 -27.38 -47.85 17.95
CA SER F 274 -26.94 -46.60 18.57
C SER F 274 -27.50 -45.40 17.83
N PRO F 275 -28.37 -44.61 18.47
CA PRO F 275 -28.91 -43.46 17.74
C PRO F 275 -27.82 -42.46 17.32
N GLN F 276 -26.79 -42.35 18.14
CA GLN F 276 -25.65 -41.50 17.83
C GLN F 276 -24.92 -41.97 16.56
N ALA F 277 -24.67 -43.26 16.45
CA ALA F 277 -23.99 -43.81 15.28
C ALA F 277 -24.84 -43.64 14.03
N GLN F 278 -26.15 -43.88 14.15
CA GLN F 278 -27.04 -43.73 13.01
C GLN F 278 -27.07 -42.30 12.47
N ARG F 279 -27.11 -41.34 13.38
CA ARG F 279 -27.08 -39.92 13.02
C ARG F 279 -25.81 -39.58 12.22
N MET F 280 -24.66 -39.99 12.76
CA MET F 280 -23.38 -39.73 12.12
C MET F 280 -23.29 -40.40 10.75
N LEU F 281 -23.83 -41.62 10.65
CA LEU F 281 -23.81 -42.33 9.38
C LEU F 281 -24.65 -41.63 8.33
N LYS F 282 -25.83 -41.13 8.69
CA LYS F 282 -26.65 -40.49 7.67
C LYS F 282 -25.90 -39.28 7.11
N PHE F 283 -25.28 -38.52 7.99
CA PHE F 283 -24.58 -37.33 7.53
C PHE F 283 -23.32 -37.70 6.79
N ALA F 284 -22.72 -38.84 7.11
CA ALA F 284 -21.55 -39.31 6.33
C ALA F 284 -21.99 -39.70 4.90
N PHE F 285 -23.13 -40.35 4.76
CA PHE F 285 -23.58 -40.70 3.41
C PHE F 285 -23.89 -39.45 2.58
N ASN F 286 -24.43 -38.43 3.24
CA ASN F 286 -24.81 -37.20 2.57
C ASN F 286 -23.61 -36.36 2.13
N LEU F 287 -22.54 -36.43 2.93
CA LEU F 287 -21.52 -35.37 3.00
C LEU F 287 -20.99 -34.87 1.66
N LEU F 288 -20.21 -35.68 0.97
CA LEU F 288 -19.53 -35.20 -0.22
C LEU F 288 -20.48 -34.85 -1.35
N ASP F 289 -21.56 -35.64 -1.51
CA ASP F 289 -22.55 -35.31 -2.52
C ASP F 289 -23.11 -33.92 -2.24
N ASP F 290 -23.23 -33.54 -0.96
CA ASP F 290 -23.81 -32.25 -0.59
C ASP F 290 -22.78 -31.11 -0.37
N GLY F 291 -21.54 -31.32 -0.78
CA GLY F 291 -20.53 -30.27 -0.68
C GLY F 291 -20.39 -29.61 0.68
N LEU F 292 -20.30 -28.29 0.70
CA LEU F 292 -20.13 -27.55 1.94
C LEU F 292 -21.31 -27.71 2.89
N VAL F 293 -22.49 -27.90 2.33
CA VAL F 293 -23.67 -28.11 3.17
C VAL F 293 -23.54 -29.45 3.88
N GLY F 294 -23.14 -30.47 3.12
CA GLY F 294 -22.87 -31.77 3.71
C GLY F 294 -21.82 -31.68 4.81
N GLN F 295 -20.74 -30.95 4.51
CA GLN F 295 -19.71 -30.77 5.53
C GLN F 295 -20.26 -30.02 6.75
N GLN F 296 -21.08 -29.00 6.52
CA GLN F 296 -21.64 -28.27 7.65
C GLN F 296 -22.45 -29.16 8.59
N LEU F 297 -23.32 -29.99 8.02
CA LEU F 297 -24.11 -30.89 8.84
C LEU F 297 -23.28 -31.93 9.58
N PHE F 298 -22.39 -32.61 8.88
CA PHE F 298 -21.55 -33.61 9.54
C PHE F 298 -20.62 -32.95 10.58
N ALA F 299 -19.98 -31.84 10.23
CA ALA F 299 -19.10 -31.18 11.20
C ALA F 299 -19.87 -30.66 12.41
N GLY F 300 -21.12 -30.25 12.19
CA GLY F 300 -21.94 -29.80 13.29
C GLY F 300 -22.15 -30.91 14.32
N GLU F 301 -22.42 -32.11 13.83
CA GLU F 301 -22.54 -33.25 14.74
C GLU F 301 -21.21 -33.58 15.42
N ALA F 302 -20.09 -33.41 14.70
CA ALA F 302 -18.78 -33.58 15.30
C ALA F 302 -18.51 -32.56 16.41
N THR F 303 -18.95 -31.32 16.21
CA THR F 303 -18.81 -30.29 17.24
C THR F 303 -19.56 -30.69 18.50
N ARG F 304 -20.76 -31.23 18.33
CA ARG F 304 -21.52 -31.66 19.48
C ARG F 304 -20.77 -32.77 20.24
N LEU F 305 -20.19 -33.71 19.51
CA LEU F 305 -19.41 -34.78 20.16
C LEU F 305 -18.25 -34.19 20.93
N ALA F 306 -17.61 -33.17 20.37
CA ALA F 306 -16.52 -32.53 21.08
C ALA F 306 -17.01 -31.80 22.34
N TYR F 307 -18.20 -31.20 22.26
CA TYR F 307 -18.73 -30.48 23.42
C TYR F 307 -18.94 -31.40 24.60
N MET F 308 -19.11 -32.69 24.34
CA MET F 308 -19.34 -33.66 25.42
C MET F 308 -18.08 -33.95 26.24
N THR F 309 -16.92 -33.62 25.67
CA THR F 309 -15.66 -34.00 26.29
C THR F 309 -15.23 -33.10 27.43
N ASP F 310 -14.46 -33.68 28.35
CA ASP F 310 -13.86 -32.92 29.46
C ASP F 310 -12.99 -31.78 28.93
N GLU F 311 -12.35 -32.02 27.79
CA GLU F 311 -11.50 -31.00 27.20
C GLU F 311 -12.31 -29.75 26.82
N ALA F 312 -13.43 -29.95 26.14
CA ALA F 312 -14.27 -28.81 25.75
C ALA F 312 -14.82 -28.10 26.98
N VAL F 313 -15.18 -28.86 28.00
CA VAL F 313 -15.71 -28.26 29.21
C VAL F 313 -14.66 -27.38 29.90
N GLU F 314 -13.39 -27.80 29.85
CA GLU F 314 -12.30 -26.97 30.39
C GLU F 314 -12.19 -25.67 29.62
N GLY F 315 -12.39 -25.74 28.31
CA GLY F 315 -12.37 -24.54 27.48
C GLY F 315 -13.47 -23.57 27.89
N ARG F 316 -14.67 -24.10 28.11
CA ARG F 316 -15.78 -23.27 28.58
C ARG F 316 -15.47 -22.69 29.97
N ASP F 317 -15.05 -23.55 30.88
CA ASP F 317 -14.85 -23.16 32.27
C ASP F 317 -13.76 -22.11 32.39
N ALA F 318 -12.68 -22.27 31.63
CA ALA F 318 -11.60 -21.27 31.68
C ALA F 318 -12.09 -19.90 31.21
N PHE F 319 -12.90 -19.87 30.15
CA PHE F 319 -13.45 -18.61 29.68
C PHE F 319 -14.34 -17.96 30.73
N LEU F 320 -15.22 -18.75 31.33
CA LEU F 320 -16.17 -18.22 32.31
C LEU F 320 -15.45 -17.76 33.56
N GLN F 321 -14.34 -18.43 33.89
CA GLN F 321 -13.61 -18.13 35.12
C GLN F 321 -12.47 -17.13 34.87
N LYS F 322 -12.38 -16.64 33.64
CA LYS F 322 -11.40 -15.61 33.28
C LYS F 322 -9.98 -16.02 33.66
N ARG F 323 -9.61 -17.23 33.28
CA ARG F 323 -8.31 -17.81 33.57
C ARG F 323 -7.82 -18.57 32.34
N PRO F 324 -6.51 -18.81 32.25
CA PRO F 324 -5.97 -19.63 31.15
C PRO F 324 -6.48 -21.05 31.22
N PRO F 325 -6.84 -21.64 30.07
CA PRO F 325 -7.22 -23.06 30.13
C PRO F 325 -5.99 -23.92 30.38
N ASP F 326 -6.20 -25.05 31.05
CA ASP F 326 -5.13 -26.02 31.26
C ASP F 326 -5.42 -27.26 30.42
N TRP F 327 -4.68 -27.42 29.33
CA TRP F 327 -4.93 -28.51 28.39
C TRP F 327 -4.07 -29.73 28.72
N SER F 328 -3.24 -29.63 29.76
CA SER F 328 -2.30 -30.72 30.06
C SER F 328 -2.92 -32.12 30.29
N PRO F 329 -4.16 -32.23 30.83
CA PRO F 329 -4.66 -33.61 30.97
C PRO F 329 -5.07 -34.30 29.67
N PHE F 330 -5.08 -33.59 28.54
CA PHE F 330 -5.71 -34.13 27.34
C PHE F 330 -4.71 -34.42 26.23
N PRO F 331 -4.43 -35.70 25.99
CA PRO F 331 -3.39 -36.14 25.07
C PRO F 331 -3.64 -35.80 23.60
N ARG F 332 -2.56 -35.67 22.84
CA ARG F 332 -2.63 -35.43 21.40
C ARG F 332 -2.67 -36.73 20.61
N TYR F 333 -3.88 -37.16 20.27
CA TYR F 333 -4.07 -38.42 19.57
C TYR F 333 -3.57 -38.40 18.14
N PHE F 334 -3.19 -39.57 17.65
CA PHE F 334 -2.72 -39.72 16.28
C PHE F 334 -3.13 -41.09 15.75
N ALA G 34 -11.62 -8.25 28.10
CA ALA G 34 -10.46 -7.84 28.89
C ALA G 34 -9.70 -6.73 28.18
N LEU G 35 -10.21 -6.29 27.04
CA LEU G 35 -9.61 -5.18 26.32
C LEU G 35 -10.01 -3.86 26.96
N SER G 36 -9.02 -3.10 27.44
CA SER G 36 -9.29 -1.82 28.06
C SER G 36 -9.61 -0.76 27.02
N ASP G 37 -10.60 0.07 27.33
CA ASP G 37 -10.91 1.21 26.47
C ASP G 37 -10.04 2.41 26.86
N ASN G 38 -9.20 2.23 27.87
CA ASN G 38 -8.39 3.34 28.40
C ASN G 38 -6.89 3.06 28.32
N PRO G 39 -6.14 3.97 27.70
CA PRO G 39 -4.70 3.76 27.60
C PRO G 39 -3.96 3.89 28.93
N PHE G 40 -4.61 4.46 29.94
CA PHE G 40 -3.92 4.76 31.20
C PHE G 40 -3.82 3.53 32.10
N ASP G 41 -2.60 3.20 32.51
CA ASP G 41 -2.33 2.11 33.46
C ASP G 41 -1.96 2.70 34.82
N ALA G 42 -2.93 2.76 35.73
CA ALA G 42 -2.74 3.47 36.98
C ALA G 42 -1.57 2.92 37.80
N LYS G 43 -1.25 1.65 37.61
CA LYS G 43 -0.18 1.00 38.37
C LYS G 43 1.20 1.48 37.96
N ALA G 44 1.28 2.05 36.75
CA ALA G 44 2.56 2.44 36.16
C ALA G 44 2.99 3.85 36.57
N TRP G 45 2.08 4.60 37.17
CA TRP G 45 2.26 6.03 37.37
C TRP G 45 2.06 6.47 38.82
N ARG G 46 2.86 7.45 39.24
CA ARG G 46 2.74 8.06 40.55
C ARG G 46 2.59 9.56 40.43
N LEU G 47 1.75 10.16 41.27
CA LEU G 47 1.59 11.60 41.27
C LEU G 47 2.90 12.30 41.61
N VAL G 48 3.10 13.49 41.06
CA VAL G 48 4.31 14.26 41.35
C VAL G 48 4.09 15.19 42.54
N ASP G 49 5.02 15.18 43.48
CA ASP G 49 4.93 15.99 44.69
C ASP G 49 4.83 17.47 44.37
N GLY G 50 3.92 18.15 45.06
CA GLY G 50 3.78 19.59 44.93
C GLY G 50 2.65 20.04 44.03
N PHE G 51 1.93 19.09 43.45
CA PHE G 51 0.93 19.44 42.44
C PHE G 51 -0.49 19.02 42.81
N ASP G 52 -0.77 19.02 44.10
CA ASP G 52 -2.10 18.61 44.56
C ASP G 52 -3.18 19.59 44.13
N ASP G 53 -2.78 20.80 43.74
CA ASP G 53 -3.76 21.82 43.43
C ASP G 53 -4.22 21.81 41.97
N LEU G 54 -3.64 20.92 41.15
CA LEU G 54 -3.99 20.88 39.73
C LEU G 54 -5.45 20.51 39.52
N THR G 55 -6.13 21.24 38.64
CA THR G 55 -7.54 20.96 38.34
C THR G 55 -7.80 20.63 36.86
N ASP G 56 -7.03 21.21 35.94
CA ASP G 56 -7.28 21.06 34.50
C ASP G 56 -6.30 20.13 33.80
N ILE G 57 -5.27 19.72 34.53
CA ILE G 57 -4.12 18.96 33.99
C ILE G 57 -3.79 17.85 35.00
N THR G 58 -3.33 16.69 34.53
CA THR G 58 -2.75 15.71 35.44
C THR G 58 -1.25 15.54 35.10
N TYR G 59 -0.49 15.14 36.11
CA TYR G 59 0.97 15.09 36.03
C TYR G 59 1.45 13.89 36.82
N HIS G 60 2.05 12.93 36.15
CA HIS G 60 2.55 11.72 36.79
C HIS G 60 3.99 11.46 36.40
N ARG G 61 4.72 10.81 37.30
CA ARG G 61 6.03 10.28 36.97
C ARG G 61 5.95 8.75 36.92
N HIS G 62 6.61 8.14 35.95
CA HIS G 62 6.59 6.69 35.86
C HIS G 62 7.27 6.05 37.09
N VAL G 63 6.75 4.90 37.52
CA VAL G 63 7.26 4.30 38.74
C VAL G 63 8.71 3.82 38.59
N ASP G 64 9.12 3.54 37.37
CA ASP G 64 10.47 3.01 37.12
C ASP G 64 11.30 3.89 36.17
N ASP G 65 10.64 4.44 35.15
CA ASP G 65 11.34 5.12 34.05
C ASP G 65 11.54 6.63 34.22
N ALA G 66 12.51 7.18 33.49
CA ALA G 66 12.74 8.63 33.44
C ALA G 66 11.76 9.31 32.48
N THR G 67 10.48 9.12 32.74
CA THR G 67 9.42 9.54 31.85
C THR G 67 8.26 10.10 32.66
N VAL G 68 7.71 11.22 32.22
CA VAL G 68 6.51 11.77 32.85
C VAL G 68 5.33 11.77 31.89
N ARG G 69 4.14 11.85 32.47
CA ARG G 69 2.89 11.87 31.73
C ARG G 69 2.16 13.15 32.08
N VAL G 70 1.92 13.98 31.07
CA VAL G 70 1.25 15.26 31.22
C VAL G 70 0.00 15.21 30.39
N ALA G 71 -1.17 15.44 31.00
CA ALA G 71 -2.43 15.22 30.27
C ALA G 71 -3.49 16.26 30.53
N PHE G 72 -4.21 16.66 29.48
CA PHE G 72 -5.39 17.49 29.65
C PHE G 72 -6.44 16.74 30.43
N ASN G 73 -7.12 17.44 31.32
CA ASN G 73 -8.07 16.80 32.23
C ASN G 73 -9.42 17.52 32.21
N ARG G 74 -9.89 17.87 31.03
CA ARG G 74 -11.23 18.40 30.85
C ARG G 74 -12.02 17.63 29.78
N PRO G 75 -12.18 16.32 29.97
CA PRO G 75 -12.73 15.54 28.86
C PRO G 75 -14.21 15.84 28.56
N GLU G 76 -14.89 16.53 29.47
CA GLU G 76 -16.27 16.90 29.25
C GLU G 76 -16.43 17.92 28.10
N VAL G 77 -15.37 18.66 27.77
CA VAL G 77 -15.39 19.54 26.60
C VAL G 77 -14.27 19.18 25.63
N ARG G 78 -14.04 17.87 25.48
CA ARG G 78 -13.05 17.34 24.56
C ARG G 78 -11.67 17.92 24.84
N ASN G 79 -11.39 18.13 26.12
CA ASN G 79 -10.09 18.62 26.59
C ASN G 79 -9.69 19.96 25.99
N ALA G 80 -10.68 20.83 25.80
CA ALA G 80 -10.38 22.22 25.43
C ALA G 80 -9.65 22.94 26.56
N PHE G 81 -8.71 23.82 26.22
CA PHE G 81 -7.99 24.54 27.26
C PHE G 81 -8.51 25.96 27.43
N ARG G 82 -8.59 26.37 28.68
CA ARG G 82 -8.91 27.73 29.07
C ARG G 82 -7.61 28.33 29.61
N PRO G 83 -7.58 29.65 29.87
CA PRO G 83 -6.31 30.24 30.32
C PRO G 83 -5.70 29.57 31.56
N HIS G 84 -6.53 29.18 32.53
CA HIS G 84 -6.00 28.45 33.67
C HIS G 84 -5.36 27.11 33.30
N THR G 85 -5.91 26.43 32.29
CA THR G 85 -5.34 25.19 31.80
C THR G 85 -3.93 25.44 31.28
N VAL G 86 -3.80 26.51 30.50
CA VAL G 86 -2.52 26.87 29.93
C VAL G 86 -1.52 27.15 31.04
N ASP G 87 -1.96 27.88 32.07
CA ASP G 87 -1.08 28.16 33.21
C ASP G 87 -0.57 26.88 33.88
N GLU G 88 -1.48 25.93 34.11
CA GLU G 88 -1.10 24.68 34.75
C GLU G 88 -0.19 23.87 33.85
N LEU G 89 -0.51 23.83 32.55
CA LEU G 89 0.31 23.10 31.59
C LEU G 89 1.72 23.67 31.55
N TYR G 90 1.84 25.00 31.52
CA TYR G 90 3.17 25.61 31.49
C TYR G 90 3.94 25.24 32.77
N ARG G 91 3.28 25.35 33.91
CA ARG G 91 3.92 25.04 35.19
C ARG G 91 4.45 23.60 35.25
N VAL G 92 3.62 22.67 34.79
CA VAL G 92 3.97 21.27 34.81
C VAL G 92 5.12 20.95 33.84
N LEU G 93 5.03 21.47 32.61
CA LEU G 93 6.10 21.21 31.64
C LEU G 93 7.42 21.85 32.08
N ASP G 94 7.33 23.03 32.69
CA ASP G 94 8.52 23.72 33.20
C ASP G 94 9.18 22.89 34.31
N HIS G 95 8.36 22.32 35.19
CA HIS G 95 8.88 21.45 36.23
C HIS G 95 9.57 20.20 35.63
N ALA G 96 8.95 19.59 34.62
CA ALA G 96 9.58 18.45 33.94
C ALA G 96 10.91 18.86 33.29
N ARG G 97 10.93 20.05 32.71
CA ARG G 97 12.14 20.57 32.08
C ARG G 97 13.30 20.65 33.07
N MET G 98 12.97 21.04 34.30
CA MET G 98 13.98 21.28 35.31
C MET G 98 14.24 20.05 36.18
N SER G 99 13.62 18.92 35.84
CA SER G 99 13.82 17.66 36.57
C SER G 99 14.92 16.81 35.92
N PRO G 100 16.09 16.73 36.57
CA PRO G 100 17.26 16.06 35.98
C PRO G 100 17.05 14.56 35.75
N ASP G 101 16.15 13.96 36.51
CA ASP G 101 15.91 12.52 36.42
C ASP G 101 14.80 12.18 35.43
N VAL G 102 14.37 13.17 34.66
CA VAL G 102 13.34 12.96 33.65
C VAL G 102 13.93 13.25 32.26
N GLY G 103 13.79 12.30 31.33
CA GLY G 103 14.31 12.46 29.99
C GLY G 103 13.26 12.70 28.91
N VAL G 104 12.05 12.17 29.11
CA VAL G 104 11.03 12.23 28.07
C VAL G 104 9.68 12.65 28.68
N VAL G 105 8.96 13.51 27.97
CA VAL G 105 7.62 13.89 28.37
C VAL G 105 6.60 13.25 27.43
N LEU G 106 5.62 12.54 27.98
CA LEU G 106 4.49 12.09 27.20
C LEU G 106 3.33 13.06 27.41
N LEU G 107 2.87 13.68 26.32
CA LEU G 107 1.80 14.66 26.38
C LEU G 107 0.53 14.06 25.77
N THR G 108 -0.55 14.00 26.54
CA THR G 108 -1.75 13.33 26.05
C THR G 108 -3.01 13.93 26.65
N GLY G 109 -4.15 13.26 26.52
CA GLY G 109 -5.39 13.74 27.08
C GLY G 109 -6.05 12.64 27.87
N ASN G 110 -6.70 13.00 28.97
CA ASN G 110 -7.45 12.01 29.75
C ASN G 110 -8.85 11.81 29.17
N GLY G 111 -9.48 10.70 29.50
CA GLY G 111 -10.81 10.47 29.00
C GLY G 111 -11.37 9.16 29.51
N PRO G 112 -12.54 8.75 28.98
CA PRO G 112 -13.27 9.52 27.96
C PRO G 112 -14.18 10.56 28.60
N SER G 113 -14.95 11.27 27.79
CA SER G 113 -15.99 12.15 28.33
C SER G 113 -16.97 11.35 29.19
N PRO G 114 -17.22 11.81 30.42
CA PRO G 114 -18.24 11.14 31.23
C PRO G 114 -19.65 11.34 30.66
N LYS G 115 -19.81 12.33 29.79
CA LYS G 115 -21.13 12.60 29.20
C LYS G 115 -21.49 11.67 28.04
N ASP G 116 -20.55 11.46 27.11
CA ASP G 116 -20.90 10.68 25.94
C ASP G 116 -19.86 9.62 25.56
N GLY G 117 -18.82 9.47 26.38
CA GLY G 117 -17.83 8.44 26.17
C GLY G 117 -16.87 8.77 25.04
N GLY G 118 -16.91 10.02 24.57
CA GLY G 118 -16.03 10.45 23.48
C GLY G 118 -14.61 10.71 23.95
N TRP G 119 -13.66 10.44 23.06
CA TRP G 119 -12.24 10.53 23.37
C TRP G 119 -11.59 11.74 22.72
N ALA G 120 -10.78 12.46 23.49
CA ALA G 120 -10.06 13.60 22.95
C ALA G 120 -8.64 13.70 23.48
N PHE G 121 -7.71 14.06 22.60
CA PHE G 121 -6.44 14.59 23.06
C PHE G 121 -6.65 16.03 23.54
N CYS G 122 -7.12 16.89 22.64
CA CYS G 122 -7.29 18.32 22.94
C CYS G 122 -8.03 18.98 21.80
N SER G 123 -9.06 19.76 22.12
CA SER G 123 -9.87 20.41 21.09
C SER G 123 -9.56 21.90 20.96
N GLY G 124 -8.43 22.32 21.50
CA GLY G 124 -8.01 23.70 21.35
C GLY G 124 -8.61 24.63 22.39
N GLY G 125 -8.65 25.93 22.09
CA GLY G 125 -9.15 26.90 23.04
C GLY G 125 -10.63 26.69 23.35
N ASP G 126 -10.97 26.88 24.62
CA ASP G 126 -12.34 26.77 25.10
C ASP G 126 -13.16 27.95 24.57
N GLN G 127 -13.99 27.68 23.57
CA GLN G 127 -14.75 28.72 22.89
C GLN G 127 -15.74 29.43 23.82
N ARG G 128 -16.14 28.77 24.91
CA ARG G 128 -17.10 29.36 25.85
C ARG G 128 -16.57 30.65 26.48
N ILE G 129 -15.26 30.74 26.66
CA ILE G 129 -14.69 31.90 27.33
C ILE G 129 -13.80 32.70 26.38
N ARG G 130 -13.96 32.44 25.09
CA ARG G 130 -13.27 33.25 24.06
C ARG G 130 -13.98 34.58 23.87
N GLY G 131 -13.23 35.67 23.96
CA GLY G 131 -13.81 36.98 23.77
C GLY G 131 -13.06 37.73 22.69
N ARG G 132 -13.36 39.01 22.53
CA ARG G 132 -12.73 39.78 21.47
C ARG G 132 -11.26 40.04 21.78
N SER G 133 -10.89 39.99 23.06
CA SER G 133 -9.47 40.13 23.46
C SER G 133 -8.74 38.80 23.67
N GLY G 134 -9.30 37.70 23.22
CA GLY G 134 -8.66 36.40 23.39
C GLY G 134 -9.41 35.53 24.40
N TYR G 135 -8.74 34.49 24.91
CA TYR G 135 -9.38 33.58 25.88
C TYR G 135 -9.28 34.21 27.27
N GLN G 136 -10.39 34.22 28.00
CA GLN G 136 -10.44 34.98 29.24
C GLN G 136 -10.62 34.13 30.48
N TYR G 137 -9.98 34.58 31.55
CA TYR G 137 -10.15 33.97 32.87
C TYR G 137 -11.58 34.13 33.34
N ALA G 138 -12.12 33.06 33.91
CA ALA G 138 -13.48 33.03 34.44
C ALA G 138 -13.49 32.24 35.73
N SER G 139 -14.37 32.61 36.67
CA SER G 139 -14.48 31.90 37.93
C SER G 139 -15.14 30.53 37.73
N GLY G 140 -16.05 30.45 36.75
CA GLY G 140 -16.73 29.21 36.43
C GLY G 140 -16.37 28.72 35.04
N ASP G 141 -17.24 27.90 34.44
CA ASP G 141 -16.92 27.24 33.17
C ASP G 141 -17.48 27.95 31.95
N THR G 142 -18.37 28.92 32.18
CA THR G 142 -19.09 29.56 31.08
C THR G 142 -18.84 31.06 31.00
N ALA G 143 -19.30 31.66 29.91
CA ALA G 143 -19.02 33.04 29.57
C ALA G 143 -19.51 34.06 30.63
N ASP G 144 -20.55 33.70 31.36
CA ASP G 144 -21.13 34.65 32.30
C ASP G 144 -20.29 34.81 33.56
N THR G 145 -19.28 33.97 33.74
CA THR G 145 -18.39 34.11 34.89
C THR G 145 -17.05 34.75 34.50
N VAL G 146 -16.94 35.17 33.24
CA VAL G 146 -15.74 35.86 32.79
C VAL G 146 -15.50 37.15 33.56
N ASP G 147 -14.25 37.36 33.94
CA ASP G 147 -13.81 38.60 34.57
C ASP G 147 -13.64 39.69 33.51
N VAL G 148 -14.62 40.59 33.42
CA VAL G 148 -14.64 41.60 32.36
C VAL G 148 -13.48 42.60 32.44
N ALA G 149 -12.95 42.82 33.64
CA ALA G 149 -11.89 43.82 33.82
C ALA G 149 -10.51 43.28 33.47
N ARG G 150 -10.45 42.08 32.90
CA ARG G 150 -9.18 41.41 32.65
C ARG G 150 -9.06 40.97 31.19
N ALA G 151 -8.04 41.47 30.49
CA ALA G 151 -7.90 41.19 29.07
C ALA G 151 -7.62 39.72 28.80
N GLY G 152 -8.10 39.24 27.65
CA GLY G 152 -7.86 37.87 27.26
C GLY G 152 -6.43 37.61 26.83
N ARG G 153 -6.08 36.35 26.71
CA ARG G 153 -4.73 35.96 26.35
C ARG G 153 -4.77 34.86 25.30
N LEU G 154 -3.67 34.74 24.56
CA LEU G 154 -3.50 33.65 23.60
C LEU G 154 -2.22 32.91 23.95
N HIS G 155 -2.02 32.60 25.23
CA HIS G 155 -0.68 32.23 25.64
C HIS G 155 -0.39 30.71 25.60
N ILE G 156 -1.23 29.94 24.91
CA ILE G 156 -0.79 28.59 24.51
C ILE G 156 0.50 28.72 23.67
N LEU G 157 0.71 29.88 23.05
CA LEU G 157 1.93 30.11 22.29
C LEU G 157 3.17 29.99 23.19
N GLU G 158 3.03 30.39 24.46
CA GLU G 158 4.13 30.24 25.40
C GLU G 158 4.41 28.76 25.67
N VAL G 159 3.35 27.96 25.74
CA VAL G 159 3.53 26.52 25.93
C VAL G 159 4.18 25.89 24.69
N GLN G 160 3.78 26.33 23.51
CA GLN G 160 4.43 25.86 22.29
C GLN G 160 5.94 26.10 22.31
N ARG G 161 6.34 27.28 22.76
CA ARG G 161 7.76 27.59 22.82
C ARG G 161 8.49 26.77 23.88
N LEU G 162 7.82 26.52 25.00
CA LEU G 162 8.40 25.73 26.07
C LEU G 162 8.68 24.30 25.59
N ILE G 163 7.73 23.72 24.85
CA ILE G 163 7.90 22.40 24.27
C ILE G 163 9.05 22.40 23.25
N ARG G 164 9.06 23.43 22.40
CA ARG G 164 10.05 23.58 21.35
C ARG G 164 11.46 23.72 21.91
N PHE G 165 11.59 24.48 22.99
CA PHE G 165 12.92 24.87 23.49
C PHE G 165 13.42 23.97 24.59
N MET G 166 12.61 23.06 25.10
CA MET G 166 13.10 22.30 26.23
C MET G 166 14.03 21.20 25.73
N PRO G 167 15.11 20.95 26.47
CA PRO G 167 16.19 20.05 26.00
C PRO G 167 15.86 18.59 26.22
N LYS G 168 14.60 18.24 26.02
CA LYS G 168 14.11 16.89 26.23
C LYS G 168 13.10 16.59 25.16
N VAL G 169 12.98 15.32 24.81
CA VAL G 169 12.04 14.94 23.76
C VAL G 169 10.61 14.93 24.30
N VAL G 170 9.70 15.59 23.60
CA VAL G 170 8.29 15.57 23.98
C VAL G 170 7.52 14.75 22.96
N ILE G 171 6.88 13.68 23.41
CA ILE G 171 6.09 12.83 22.52
C ILE G 171 4.62 13.07 22.75
N CYS G 172 3.90 13.40 21.68
CA CYS G 172 2.45 13.57 21.78
C CYS G 172 1.79 12.22 21.57
N LEU G 173 0.94 11.81 22.50
CA LEU G 173 0.13 10.60 22.32
C LEU G 173 -1.29 11.01 22.02
N VAL G 174 -1.65 10.95 20.75
CA VAL G 174 -2.97 11.41 20.33
C VAL G 174 -3.97 10.28 20.51
N ASN G 175 -4.76 10.41 21.58
CA ASN G 175 -5.67 9.38 22.07
C ASN G 175 -7.11 9.61 21.66
N GLY G 176 -7.36 10.62 20.82
CA GLY G 176 -8.72 10.96 20.43
C GLY G 176 -8.67 12.16 19.51
N TRP G 177 -9.74 12.96 19.50
CA TRP G 177 -9.74 14.21 18.74
C TRP G 177 -8.53 15.08 19.01
N ALA G 178 -7.91 15.56 17.95
CA ALA G 178 -6.90 16.62 18.03
C ALA G 178 -7.34 17.70 17.07
N ALA G 179 -7.91 18.77 17.61
CA ALA G 179 -8.56 19.77 16.79
C ALA G 179 -8.12 21.16 17.16
N GLY G 180 -8.06 22.04 16.16
CA GLY G 180 -7.70 23.42 16.40
C GLY G 180 -6.35 23.52 17.09
N GLY G 181 -6.30 24.29 18.17
CA GLY G 181 -5.07 24.43 18.96
C GLY G 181 -4.54 23.11 19.50
N GLY G 182 -5.41 22.11 19.62
CA GLY G 182 -4.99 20.79 20.04
C GLY G 182 -4.19 20.12 18.94
N HIS G 183 -4.63 20.33 17.71
CA HIS G 183 -3.89 19.85 16.57
C HIS G 183 -2.51 20.52 16.52
N SER G 184 -2.48 21.83 16.73
CA SER G 184 -1.20 22.54 16.65
C SER G 184 -0.22 22.11 17.76
N LEU G 185 -0.74 21.73 18.92
CA LEU G 185 0.13 21.20 19.97
C LEU G 185 0.79 19.90 19.54
N HIS G 186 0.03 19.03 18.85
CA HIS G 186 0.66 17.79 18.41
C HIS G 186 1.72 18.10 17.36
N VAL G 187 1.46 19.09 16.50
CA VAL G 187 2.42 19.45 15.46
C VAL G 187 3.77 19.90 16.04
N VAL G 188 3.74 20.65 17.14
CA VAL G 188 4.97 21.22 17.67
C VAL G 188 5.79 20.23 18.53
N CYS G 189 5.16 19.14 18.97
CA CYS G 189 5.91 18.10 19.68
C CYS G 189 6.94 17.43 18.77
N ASP G 190 7.97 16.87 19.38
CA ASP G 190 9.05 16.24 18.60
C ASP G 190 8.61 14.99 17.86
N LEU G 191 7.76 14.20 18.50
CA LEU G 191 7.25 12.95 17.94
C LEU G 191 5.76 12.84 18.26
N THR G 192 5.02 12.11 17.42
CA THR G 192 3.61 11.86 17.70
C THR G 192 3.27 10.39 17.47
N LEU G 193 2.61 9.78 18.45
CA LEU G 193 2.03 8.44 18.31
C LEU G 193 0.52 8.59 18.41
N ALA G 194 -0.23 7.81 17.63
CA ALA G 194 -1.66 8.00 17.59
C ALA G 194 -2.44 6.72 17.72
N SER G 195 -3.57 6.82 18.41
CA SER G 195 -4.52 5.70 18.59
C SER G 195 -5.20 5.32 17.27
N ARG G 196 -5.04 4.08 16.82
CA ARG G 196 -5.69 3.62 15.59
C ARG G 196 -7.19 3.89 15.61
N GLU G 197 -7.84 3.48 16.68
CA GLU G 197 -9.30 3.53 16.72
C GLU G 197 -9.87 4.91 16.96
N TYR G 198 -9.20 5.73 17.77
CA TYR G 198 -9.85 6.94 18.26
C TYR G 198 -9.18 8.25 17.83
N ALA G 199 -7.94 8.21 17.35
CA ALA G 199 -7.30 9.46 16.91
C ALA G 199 -8.08 10.04 15.74
N ARG G 200 -8.35 11.34 15.79
CA ARG G 200 -8.97 12.06 14.67
C ARG G 200 -8.31 13.40 14.61
N PHE G 201 -7.73 13.74 13.46
CA PHE G 201 -6.99 14.99 13.30
C PHE G 201 -7.86 15.94 12.48
N LYS G 202 -8.17 17.10 13.02
CA LYS G 202 -9.04 18.03 12.29
C LYS G 202 -8.66 19.45 12.60
N GLN G 203 -8.17 20.17 11.60
CA GLN G 203 -7.77 21.55 11.84
C GLN G 203 -8.96 22.45 11.57
N THR G 204 -9.70 22.74 12.63
CA THR G 204 -10.95 23.49 12.59
C THR G 204 -10.79 25.00 12.71
N ASP G 205 -9.55 25.49 12.78
CA ASP G 205 -9.29 26.92 13.00
C ASP G 205 -10.16 27.84 12.15
N ALA G 206 -10.12 27.68 10.84
CA ALA G 206 -10.83 28.63 9.98
C ALA G 206 -12.35 28.47 10.07
N ASP G 207 -12.82 27.32 10.58
CA ASP G 207 -14.25 27.13 10.80
C ASP G 207 -14.80 28.09 11.83
N VAL G 208 -13.96 28.43 12.82
CA VAL G 208 -14.43 29.32 13.87
C VAL G 208 -13.72 30.68 13.79
N GLY G 209 -13.18 31.00 12.61
CA GLY G 209 -12.60 32.31 12.38
C GLY G 209 -11.26 32.53 13.08
N SER G 210 -10.58 31.45 13.44
CA SER G 210 -9.29 31.57 14.10
C SER G 210 -8.21 31.08 13.15
N PHE G 211 -6.95 31.25 13.54
CA PHE G 211 -5.84 30.69 12.78
C PHE G 211 -4.59 30.66 13.63
N ASP G 212 -3.84 29.57 13.53
CA ASP G 212 -2.50 29.48 14.07
C ASP G 212 -1.60 29.70 12.87
N GLY G 213 -1.00 30.89 12.81
CA GLY G 213 -0.15 31.25 11.70
C GLY G 213 1.33 31.03 12.00
N GLY G 214 1.62 30.22 13.02
CA GLY G 214 3.00 29.93 13.41
C GLY G 214 3.37 28.46 13.30
N TYR G 215 3.68 27.84 14.43
CA TYR G 215 4.04 26.42 14.43
C TYR G 215 2.90 25.53 13.94
N GLY G 216 1.67 25.93 14.16
CA GLY G 216 0.57 25.03 13.82
C GLY G 216 0.38 24.83 12.33
N SER G 217 0.70 25.85 11.54
CA SER G 217 0.54 25.82 10.10
C SER G 217 1.87 25.66 9.38
N ALA G 218 2.74 26.66 9.52
CA ALA G 218 4.02 26.65 8.82
C ALA G 218 4.88 25.44 9.20
N TYR G 219 4.90 25.06 10.48
CA TYR G 219 5.73 23.95 10.88
C TYR G 219 5.09 22.61 10.45
N LEU G 220 3.76 22.56 10.35
CA LEU G 220 3.11 21.39 9.79
C LEU G 220 3.62 21.11 8.37
N ALA G 221 3.86 22.18 7.60
CA ALA G 221 4.38 22.01 6.25
C ALA G 221 5.77 21.38 6.26
N ARG G 222 6.53 21.59 7.34
CA ARG G 222 7.86 20.97 7.48
C ARG G 222 7.76 19.48 7.84
N GLN G 223 6.55 18.98 7.99
CA GLN G 223 6.34 17.57 8.30
C GLN G 223 5.67 16.84 7.14
N VAL G 224 4.68 17.48 6.53
CA VAL G 224 3.90 16.80 5.49
C VAL G 224 4.04 17.44 4.12
N GLY G 225 4.83 18.51 4.02
CA GLY G 225 4.95 19.21 2.76
C GLY G 225 3.90 20.30 2.61
N GLN G 226 4.17 21.26 1.73
CA GLN G 226 3.28 22.40 1.59
C GLN G 226 1.89 22.04 1.02
N LYS G 227 1.81 21.12 0.07
CA LYS G 227 0.48 20.78 -0.48
C LYS G 227 -0.44 20.18 0.57
N PHE G 228 0.04 19.17 1.29
CA PHE G 228 -0.82 18.55 2.30
C PHE G 228 -1.13 19.48 3.46
N ALA G 229 -0.16 20.31 3.86
CA ALA G 229 -0.41 21.21 4.98
C ALA G 229 -1.50 22.22 4.63
N ARG G 230 -1.45 22.74 3.40
CA ARG G 230 -2.46 23.67 2.96
C ARG G 230 -3.83 22.99 2.90
N GLU G 231 -3.86 21.73 2.43
CA GLU G 231 -5.11 20.97 2.41
C GLU G 231 -5.71 20.83 3.82
N ILE G 232 -4.87 20.44 4.78
CA ILE G 232 -5.32 20.20 6.14
C ILE G 232 -6.00 21.46 6.72
N PHE G 233 -5.41 22.63 6.49
CA PHE G 233 -5.97 23.88 6.99
C PHE G 233 -7.11 24.45 6.17
N PHE G 234 -6.94 24.45 4.84
CA PHE G 234 -7.92 25.11 4.00
C PHE G 234 -9.25 24.36 3.96
N LEU G 235 -9.22 23.02 4.04
CA LEU G 235 -10.48 22.27 3.97
C LEU G 235 -10.95 21.78 5.35
N GLY G 236 -10.03 21.66 6.30
CA GLY G 236 -10.41 21.24 7.64
C GLY G 236 -11.13 19.90 7.71
N ARG G 237 -10.72 18.96 6.86
CA ARG G 237 -11.27 17.62 6.90
C ARG G 237 -10.74 16.84 8.10
N THR G 238 -11.44 15.76 8.46
CA THR G 238 -10.98 14.88 9.52
C THR G 238 -10.10 13.76 8.94
N TYR G 239 -8.93 13.57 9.53
CA TYR G 239 -8.00 12.52 9.10
C TYR G 239 -7.78 11.47 10.17
N THR G 240 -7.54 10.24 9.72
CA THR G 240 -7.22 9.14 10.63
C THR G 240 -5.75 9.13 11.01
N ALA G 241 -5.41 8.32 12.01
CA ALA G 241 -4.02 8.10 12.40
C ALA G 241 -3.21 7.62 11.20
N GLU G 242 -3.74 6.62 10.48
CA GLU G 242 -3.02 6.07 9.33
C GLU G 242 -2.81 7.11 8.24
N GLN G 243 -3.82 7.94 7.97
CA GLN G 243 -3.66 8.97 6.93
C GLN G 243 -2.59 9.98 7.33
N MET G 244 -2.57 10.37 8.61
CA MET G 244 -1.56 11.34 9.04
C MET G 244 -0.18 10.73 9.08
N HIS G 245 -0.10 9.43 9.36
CA HIS G 245 1.17 8.71 9.32
C HIS G 245 1.70 8.66 7.88
N GLN G 246 0.82 8.38 6.93
CA GLN G 246 1.20 8.34 5.51
C GLN G 246 1.66 9.70 5.01
N MET G 247 1.09 10.77 5.56
CA MET G 247 1.46 12.13 5.13
C MET G 247 2.75 12.62 5.79
N GLY G 248 3.08 12.09 6.96
CA GLY G 248 4.34 12.45 7.64
C GLY G 248 4.23 13.18 8.96
N ALA G 249 3.02 13.32 9.51
CA ALA G 249 2.85 14.07 10.75
C ALA G 249 2.70 13.16 11.97
N VAL G 250 2.49 11.87 11.73
CA VAL G 250 2.40 10.90 12.83
C VAL G 250 3.47 9.83 12.66
N ASN G 251 4.27 9.63 13.71
CA ASN G 251 5.37 8.68 13.60
C ASN G 251 4.91 7.25 13.54
N ALA G 252 3.91 6.91 14.33
CA ALA G 252 3.43 5.54 14.33
C ALA G 252 2.03 5.46 14.89
N VAL G 253 1.32 4.41 14.47
CA VAL G 253 -0.05 4.16 14.92
C VAL G 253 0.02 3.00 15.91
N ALA G 254 -0.75 3.10 16.99
CA ALA G 254 -0.76 2.06 18.02
C ALA G 254 -2.20 1.74 18.37
N GLU G 255 -2.44 0.52 18.85
CA GLU G 255 -3.77 0.22 19.40
C GLU G 255 -4.05 1.16 20.57
N HIS G 256 -5.30 1.60 20.69
CA HIS G 256 -5.69 2.52 21.74
C HIS G 256 -5.25 2.04 23.12
N ALA G 257 -5.56 0.78 23.44
CA ALA G 257 -5.20 0.24 24.76
C ALA G 257 -3.70 0.20 25.02
N GLU G 258 -2.91 0.20 23.94
CA GLU G 258 -1.47 0.12 24.04
C GLU G 258 -0.75 1.45 23.80
N LEU G 259 -1.50 2.54 23.64
CA LEU G 259 -0.88 3.80 23.20
C LEU G 259 0.17 4.30 24.18
N GLU G 260 -0.10 4.20 25.48
CA GLU G 260 0.87 4.70 26.45
C GLU G 260 1.99 3.66 26.67
N THR G 261 1.67 2.37 26.54
CA THR G 261 2.70 1.35 26.58
C THR G 261 3.73 1.56 25.46
N VAL G 262 3.23 1.85 24.25
CA VAL G 262 4.15 2.11 23.14
C VAL G 262 4.90 3.42 23.37
N GLY G 263 4.21 4.43 23.87
CA GLY G 263 4.88 5.68 24.23
C GLY G 263 5.99 5.47 25.25
N LEU G 264 5.76 4.59 26.22
CA LEU G 264 6.79 4.29 27.21
C LEU G 264 7.97 3.55 26.59
N GLN G 265 7.68 2.69 25.62
CA GLN G 265 8.73 1.98 24.90
C GLN G 265 9.58 2.95 24.07
N TRP G 266 8.92 3.90 23.41
CA TRP G 266 9.66 4.89 22.63
C TRP G 266 10.54 5.73 23.56
N ALA G 267 9.98 6.12 24.69
CA ALA G 267 10.71 6.90 25.69
C ALA G 267 11.92 6.13 26.20
N ALA G 268 11.74 4.82 26.41
CA ALA G 268 12.83 3.98 26.88
C ALA G 268 13.99 3.95 25.89
N GLU G 269 13.65 3.84 24.60
CA GLU G 269 14.69 3.83 23.58
C GLU G 269 15.42 5.16 23.53
N ILE G 270 14.69 6.26 23.69
CA ILE G 270 15.30 7.59 23.72
C ILE G 270 16.21 7.72 24.94
N ASN G 271 15.71 7.25 26.07
CA ASN G 271 16.42 7.40 27.34
C ASN G 271 17.63 6.50 27.47
N ALA G 272 17.80 5.59 26.53
CA ALA G 272 18.91 4.64 26.57
C ALA G 272 20.14 5.17 25.84
N LYS G 273 20.01 6.33 25.22
CA LYS G 273 21.15 6.92 24.50
C LYS G 273 21.84 8.00 25.30
N SER G 274 22.94 8.52 24.75
CA SER G 274 23.66 9.62 25.38
C SER G 274 22.74 10.81 25.55
N PRO G 275 22.45 11.20 26.80
CA PRO G 275 21.55 12.34 26.98
C PRO G 275 22.12 13.63 26.39
N GLN G 276 23.44 13.78 26.43
CA GLN G 276 24.11 14.92 25.86
C GLN G 276 23.91 15.01 24.35
N ALA G 277 24.09 13.88 23.67
CA ALA G 277 23.88 13.84 22.23
C ALA G 277 22.41 14.11 21.86
N GLN G 278 21.49 13.58 22.67
CA GLN G 278 20.09 13.76 22.37
C GLN G 278 19.70 15.24 22.47
N ARG G 279 20.24 15.93 23.46
CA ARG G 279 20.02 17.37 23.65
C ARG G 279 20.52 18.17 22.44
N MET G 280 21.76 17.91 22.06
CA MET G 280 22.36 18.62 20.94
C MET G 280 21.58 18.36 19.66
N LEU G 281 21.10 17.12 19.49
CA LEU G 281 20.37 16.78 18.27
C LEU G 281 19.03 17.53 18.20
N LYS G 282 18.31 17.64 19.32
CA LYS G 282 17.04 18.35 19.27
C LYS G 282 17.26 19.79 18.83
N PHE G 283 18.29 20.43 19.37
CA PHE G 283 18.50 21.82 19.02
C PHE G 283 19.06 21.96 17.61
N ALA G 284 19.76 20.94 17.12
CA ALA G 284 20.20 20.95 15.73
C ALA G 284 19.00 20.87 14.77
N PHE G 285 18.01 20.05 15.09
CA PHE G 285 16.82 19.95 14.27
C PHE G 285 16.04 21.27 14.25
N ASN G 286 16.00 21.93 15.41
CA ASN G 286 15.29 23.20 15.54
C ASN G 286 15.96 24.35 14.80
N LEU G 287 17.30 24.29 14.73
CA LEU G 287 18.14 25.47 14.53
C LEU G 287 17.71 26.43 13.41
N LEU G 288 17.83 25.98 12.17
CA LEU G 288 17.65 26.88 11.05
C LEU G 288 16.20 27.33 10.90
N ASP G 289 15.26 26.40 11.10
CA ASP G 289 13.84 26.77 11.07
C ASP G 289 13.58 27.89 12.09
N ASP G 290 14.31 27.86 13.22
CA ASP G 290 14.06 28.84 14.28
C ASP G 290 14.98 30.07 14.25
N GLY G 291 15.73 30.25 13.15
CA GLY G 291 16.56 31.43 12.98
C GLY G 291 17.51 31.71 14.14
N LEU G 292 17.62 32.98 14.51
CA LEU G 292 18.51 33.40 15.61
C LEU G 292 18.15 32.78 16.94
N VAL G 293 16.88 32.48 17.14
CA VAL G 293 16.46 31.83 18.38
C VAL G 293 17.02 30.41 18.40
N GLY G 294 16.90 29.73 17.27
CA GLY G 294 17.46 28.38 17.12
C GLY G 294 18.97 28.42 17.29
N GLN G 295 19.61 29.43 16.73
CA GLN G 295 21.05 29.56 16.88
C GLN G 295 21.39 29.79 18.35
N GLN G 296 20.62 30.65 19.02
CA GLN G 296 20.88 30.94 20.42
C GLN G 296 20.85 29.67 21.27
N LEU G 297 19.83 28.84 21.05
CA LEU G 297 19.67 27.63 21.85
C LEU G 297 20.79 26.64 21.58
N PHE G 298 21.11 26.42 20.31
CA PHE G 298 22.16 25.47 19.98
C PHE G 298 23.54 25.97 20.41
N ALA G 299 23.82 27.24 20.15
CA ALA G 299 25.10 27.81 20.55
C ALA G 299 25.25 27.79 22.06
N GLY G 300 24.13 27.94 22.77
CA GLY G 300 24.14 27.93 24.22
C GLY G 300 24.61 26.58 24.73
N GLU G 301 24.15 25.52 24.09
CA GLU G 301 24.60 24.20 24.45
C GLU G 301 26.07 23.99 24.10
N ALA G 302 26.52 24.59 23.00
CA ALA G 302 27.95 24.53 22.65
C ALA G 302 28.80 25.27 23.68
N THR G 303 28.30 26.40 24.17
CA THR G 303 29.00 27.13 25.22
C THR G 303 29.16 26.27 26.47
N ARG G 304 28.10 25.55 26.84
CA ARG G 304 28.16 24.66 28.00
C ARG G 304 29.25 23.60 27.79
N LEU G 305 29.30 23.02 26.60
CA LEU G 305 30.35 22.04 26.29
C LEU G 305 31.73 22.65 26.41
N ALA G 306 31.87 23.89 25.96
CA ALA G 306 33.17 24.56 26.07
C ALA G 306 33.56 24.78 27.54
N TYR G 307 32.58 25.12 28.37
CA TYR G 307 32.87 25.40 29.79
C TYR G 307 33.46 24.19 30.52
N MET G 308 33.20 23.00 29.98
CA MET G 308 33.71 21.79 30.59
C MET G 308 35.21 21.62 30.40
N THR G 309 35.78 22.34 29.43
CA THR G 309 37.15 22.07 29.00
C THR G 309 38.19 22.72 29.90
N ASP G 310 39.38 22.12 29.94
CA ASP G 310 40.52 22.72 30.64
C ASP G 310 40.83 24.12 30.09
N GLU G 311 40.66 24.31 28.79
CA GLU G 311 40.89 25.61 28.18
C GLU G 311 39.98 26.68 28.82
N ALA G 312 38.70 26.37 28.95
CA ALA G 312 37.76 27.34 29.53
C ALA G 312 38.11 27.62 31.00
N VAL G 313 38.51 26.59 31.72
CA VAL G 313 38.92 26.73 33.11
C VAL G 313 40.15 27.64 33.24
N GLU G 314 41.08 27.52 32.30
CA GLU G 314 42.26 28.39 32.31
C GLU G 314 41.86 29.85 32.14
N GLY G 315 40.88 30.08 31.27
CA GLY G 315 40.37 31.42 31.06
C GLY G 315 39.79 32.01 32.33
N ARG G 316 38.97 31.20 33.01
CA ARG G 316 38.37 31.62 34.27
C ARG G 316 39.44 31.89 35.31
N ASP G 317 40.33 30.93 35.47
CA ASP G 317 41.33 31.01 36.54
C ASP G 317 42.26 32.21 36.33
N ALA G 318 42.63 32.49 35.09
CA ALA G 318 43.52 33.63 34.83
C ALA G 318 42.85 34.94 35.23
N PHE G 319 41.56 35.07 34.93
CA PHE G 319 40.84 36.27 35.32
C PHE G 319 40.81 36.41 36.85
N LEU G 320 40.46 35.34 37.54
CA LEU G 320 40.35 35.39 39.00
C LEU G 320 41.69 35.62 39.68
N GLN G 321 42.76 35.13 39.07
CA GLN G 321 44.10 35.30 39.61
C GLN G 321 44.77 36.60 39.14
N LYS G 322 44.07 37.36 38.31
CA LYS G 322 44.56 38.62 37.76
C LYS G 322 45.92 38.45 37.09
N ARG G 323 46.00 37.47 36.19
CA ARG G 323 47.22 37.19 35.44
C ARG G 323 46.83 36.89 34.00
N PRO G 324 47.79 36.93 33.07
CA PRO G 324 47.43 36.58 31.69
C PRO G 324 47.19 35.09 31.51
N PRO G 325 46.20 34.73 30.68
CA PRO G 325 46.00 33.32 30.39
C PRO G 325 47.16 32.73 29.60
N ASP G 326 47.38 31.43 29.76
CA ASP G 326 48.37 30.70 29.00
C ASP G 326 47.64 29.67 28.14
N TRP G 327 47.51 29.95 26.85
CA TRP G 327 46.78 29.05 25.95
C TRP G 327 47.68 28.03 25.27
N SER G 328 48.98 28.07 25.55
CA SER G 328 49.91 27.20 24.84
C SER G 328 49.60 25.69 24.96
N PRO G 329 48.98 25.24 26.08
CA PRO G 329 48.66 23.80 26.07
C PRO G 329 47.48 23.38 25.17
N PHE G 330 46.79 24.31 24.54
CA PHE G 330 45.55 24.00 23.83
C PHE G 330 45.68 24.22 22.33
N PRO G 331 45.53 23.15 21.54
CA PRO G 331 45.82 23.19 20.09
C PRO G 331 44.77 23.92 19.25
N ARG G 332 45.21 24.40 18.08
CA ARG G 332 44.30 24.95 17.07
C ARG G 332 43.78 23.86 16.14
N TYR G 333 42.61 23.32 16.45
CA TYR G 333 42.04 22.25 15.62
C TYR G 333 41.57 22.77 14.26
N PHE G 334 41.55 21.88 13.28
CA PHE G 334 41.05 22.22 11.96
C PHE G 334 40.38 21.02 11.29
N ALA H 34 -23.69 7.88 -20.53
CA ALA H 34 -22.38 7.51 -21.06
C ALA H 34 -21.27 8.22 -20.29
N LEU H 35 -20.11 7.59 -20.20
CA LEU H 35 -18.96 8.17 -19.50
C LEU H 35 -18.34 9.27 -20.33
N SER H 36 -18.24 10.48 -19.78
CA SER H 36 -17.70 11.60 -20.53
C SER H 36 -16.18 11.55 -20.51
N ASP H 37 -15.56 11.83 -21.65
CA ASP H 37 -14.10 11.90 -21.73
C ASP H 37 -13.63 13.30 -21.33
N ASN H 38 -14.58 14.18 -21.02
CA ASN H 38 -14.28 15.59 -20.76
C ASN H 38 -14.76 16.03 -19.36
N PRO H 39 -13.85 16.58 -18.56
CA PRO H 39 -14.24 17.00 -17.21
C PRO H 39 -15.18 18.21 -17.19
N PHE H 40 -15.28 18.92 -18.30
CA PHE H 40 -16.03 20.18 -18.33
C PHE H 40 -17.54 19.94 -18.43
N ASP H 41 -18.27 20.52 -17.48
CA ASP H 41 -19.73 20.51 -17.50
C ASP H 41 -20.25 21.87 -17.92
N ALA H 42 -20.63 22.01 -19.20
CA ALA H 42 -20.98 23.31 -19.75
C ALA H 42 -22.13 23.98 -19.01
N LYS H 43 -23.03 23.18 -18.44
CA LYS H 43 -24.21 23.73 -17.76
C LYS H 43 -23.83 24.43 -16.45
N ALA H 44 -22.65 24.13 -15.94
CA ALA H 44 -22.26 24.61 -14.61
C ALA H 44 -21.57 25.96 -14.65
N TRP H 45 -21.22 26.42 -15.84
CA TRP H 45 -20.33 27.57 -16.00
C TRP H 45 -20.91 28.64 -16.90
N ARG H 46 -20.60 29.90 -16.59
CA ARG H 46 -20.98 31.03 -17.46
C ARG H 46 -19.75 31.85 -17.79
N LEU H 47 -19.72 32.39 -19.01
CA LEU H 47 -18.61 33.26 -19.42
C LEU H 47 -18.57 34.51 -18.55
N VAL H 48 -17.37 35.04 -18.34
CA VAL H 48 -17.23 36.27 -17.57
C VAL H 48 -17.31 37.48 -18.49
N ASP H 49 -18.10 38.48 -18.09
CA ASP H 49 -18.26 39.71 -18.86
C ASP H 49 -16.95 40.43 -19.12
N GLY H 50 -16.74 40.84 -20.36
CA GLY H 50 -15.59 41.65 -20.70
C GLY H 50 -14.39 40.87 -21.20
N PHE H 51 -14.57 39.57 -21.41
CA PHE H 51 -13.46 38.73 -21.85
C PHE H 51 -13.77 38.02 -23.16
N ASP H 52 -14.58 38.67 -24.00
CA ASP H 52 -14.96 38.09 -25.28
C ASP H 52 -13.76 37.98 -26.23
N ASP H 53 -12.68 38.69 -25.92
CA ASP H 53 -11.54 38.77 -26.82
C ASP H 53 -10.45 37.70 -26.55
N LEU H 54 -10.62 36.90 -25.51
CA LEU H 54 -9.63 35.87 -25.18
C LEU H 54 -9.46 34.84 -26.29
N THR H 55 -8.21 34.51 -26.63
CA THR H 55 -7.94 33.48 -27.64
C THR H 55 -7.20 32.25 -27.10
N ASP H 56 -6.32 32.45 -26.13
CA ASP H 56 -5.45 31.36 -25.67
C ASP H 56 -5.89 30.74 -24.35
N ILE H 57 -6.88 31.36 -23.70
CA ILE H 57 -7.34 31.03 -22.35
C ILE H 57 -8.87 31.07 -22.34
N THR H 58 -9.51 30.25 -21.52
CA THR H 58 -10.94 30.43 -21.24
C THR H 58 -11.15 30.80 -19.78
N TYR H 59 -12.24 31.51 -19.52
CA TYR H 59 -12.52 32.07 -18.20
C TYR H 59 -14.01 31.96 -17.92
N HIS H 60 -14.37 31.15 -16.93
CA HIS H 60 -15.77 31.00 -16.55
C HIS H 60 -15.97 31.25 -15.08
N ARG H 61 -17.19 31.64 -14.73
CA ARG H 61 -17.63 31.73 -13.34
C ARG H 61 -18.71 30.67 -13.13
N HIS H 62 -18.68 29.98 -12.00
CA HIS H 62 -19.67 28.95 -11.72
C HIS H 62 -21.05 29.60 -11.59
N VAL H 63 -22.10 28.87 -11.97
CA VAL H 63 -23.42 29.49 -12.02
C VAL H 63 -23.97 29.76 -10.63
N ASP H 64 -23.50 29.00 -9.64
CA ASP H 64 -23.97 29.14 -8.26
C ASP H 64 -22.86 29.49 -7.26
N ASP H 65 -21.67 28.94 -7.47
CA ASP H 65 -20.59 28.99 -6.48
C ASP H 65 -19.61 30.16 -6.65
N ALA H 66 -18.94 30.52 -5.56
CA ALA H 66 -17.90 31.55 -5.56
C ALA H 66 -16.59 30.99 -6.12
N THR H 67 -16.65 30.45 -7.32
CA THR H 67 -15.52 29.72 -7.89
C THR H 67 -15.42 30.06 -9.35
N VAL H 68 -14.21 30.23 -9.86
CA VAL H 68 -14.04 30.44 -11.29
C VAL H 68 -13.18 29.34 -11.87
N ARG H 69 -13.25 29.23 -13.20
CA ARG H 69 -12.50 28.24 -13.96
C ARG H 69 -11.62 28.95 -14.98
N VAL H 70 -10.32 28.74 -14.87
CA VAL H 70 -9.34 29.37 -15.74
C VAL H 70 -8.59 28.27 -16.45
N ALA H 71 -8.56 28.28 -17.78
CA ALA H 71 -7.99 27.13 -18.49
C ALA H 71 -7.17 27.50 -19.73
N PHE H 72 -6.06 26.79 -19.92
CA PHE H 72 -5.33 26.91 -21.18
C PHE H 72 -6.22 26.43 -22.31
N ASN H 73 -6.14 27.11 -23.43
CA ASN H 73 -7.01 26.80 -24.56
C ASN H 73 -6.20 26.65 -25.85
N ARG H 74 -5.09 25.91 -25.78
CA ARG H 74 -4.31 25.61 -26.98
C ARG H 74 -4.01 24.11 -27.06
N PRO H 75 -5.06 23.29 -27.07
CA PRO H 75 -4.81 21.86 -26.87
C PRO H 75 -4.14 21.20 -28.08
N GLU H 76 -4.04 21.92 -29.20
CA GLU H 76 -3.36 21.38 -30.37
C GLU H 76 -1.84 21.28 -30.15
N VAL H 77 -1.30 22.04 -29.20
CA VAL H 77 0.11 21.93 -28.84
C VAL H 77 0.24 21.58 -27.35
N ARG H 78 -0.67 20.73 -26.88
CA ARG H 78 -0.66 20.25 -25.50
C ARG H 78 -0.70 21.43 -24.52
N ASN H 79 -1.42 22.47 -24.91
CA ASN H 79 -1.61 23.67 -24.09
C ASN H 79 -0.31 24.37 -23.71
N ALA H 80 0.64 24.42 -24.63
CA ALA H 80 1.86 25.19 -24.44
C ALA H 80 1.50 26.67 -24.42
N PHE H 81 2.17 27.45 -23.57
CA PHE H 81 1.89 28.89 -23.57
C PHE H 81 2.92 29.70 -24.33
N ARG H 82 2.43 30.72 -25.03
CA ARG H 82 3.27 31.72 -25.69
C ARG H 82 3.13 33.02 -24.90
N PRO H 83 3.93 34.04 -25.20
CA PRO H 83 3.82 35.26 -24.38
C PRO H 83 2.40 35.84 -24.30
N HIS H 84 1.65 35.76 -25.40
CA HIS H 84 0.28 36.24 -25.40
C HIS H 84 -0.59 35.43 -24.43
N THR H 85 -0.35 34.12 -24.38
CA THR H 85 -1.06 33.27 -23.43
C THR H 85 -0.81 33.71 -22.01
N VAL H 86 0.45 34.03 -21.71
CA VAL H 86 0.82 34.49 -20.39
C VAL H 86 0.09 35.80 -20.06
N ASP H 87 0.00 36.71 -21.04
CA ASP H 87 -0.68 37.98 -20.83
C ASP H 87 -2.18 37.79 -20.52
N GLU H 88 -2.83 36.92 -21.26
CA GLU H 88 -4.25 36.62 -21.00
C GLU H 88 -4.42 35.96 -19.64
N LEU H 89 -3.52 35.04 -19.34
CA LEU H 89 -3.62 34.30 -18.08
C LEU H 89 -3.44 35.26 -16.91
N TYR H 90 -2.49 36.19 -17.03
CA TYR H 90 -2.29 37.17 -15.97
C TYR H 90 -3.53 38.05 -15.82
N ARG H 91 -4.07 38.50 -16.94
CA ARG H 91 -5.24 39.35 -16.95
C ARG H 91 -6.44 38.67 -16.29
N VAL H 92 -6.67 37.41 -16.63
CA VAL H 92 -7.78 36.66 -16.06
C VAL H 92 -7.61 36.41 -14.56
N LEU H 93 -6.42 35.98 -14.15
CA LEU H 93 -6.18 35.70 -12.73
C LEU H 93 -6.24 36.98 -11.90
N ASP H 94 -5.77 38.09 -12.48
CA ASP H 94 -5.81 39.37 -11.81
C ASP H 94 -7.26 39.80 -11.60
N HIS H 95 -8.09 39.58 -12.62
CA HIS H 95 -9.51 39.87 -12.49
C HIS H 95 -10.17 39.02 -11.40
N ALA H 96 -9.85 37.72 -11.39
CA ALA H 96 -10.36 36.84 -10.34
C ALA H 96 -9.91 37.32 -8.95
N ARG H 97 -8.65 37.74 -8.85
CA ARG H 97 -8.10 38.23 -7.58
C ARG H 97 -8.91 39.41 -7.05
N MET H 98 -9.34 40.27 -7.96
CA MET H 98 -10.04 41.50 -7.60
C MET H 98 -11.57 41.34 -7.59
N SER H 99 -12.05 40.11 -7.73
CA SER H 99 -13.50 39.86 -7.69
C SER H 99 -13.93 39.43 -6.29
N PRO H 100 -14.61 40.31 -5.54
CA PRO H 100 -14.89 39.97 -4.14
C PRO H 100 -15.86 38.80 -3.97
N ASP H 101 -16.64 38.49 -5.00
CA ASP H 101 -17.59 37.38 -4.91
C ASP H 101 -16.97 36.06 -5.35
N VAL H 102 -15.65 36.03 -5.50
CA VAL H 102 -14.96 34.80 -5.87
C VAL H 102 -13.93 34.41 -4.80
N GLY H 103 -14.02 33.18 -4.31
CA GLY H 103 -13.11 32.71 -3.28
C GLY H 103 -12.03 31.74 -3.77
N VAL H 104 -12.31 30.99 -4.82
CA VAL H 104 -11.40 29.92 -5.25
C VAL H 104 -11.25 29.94 -6.77
N VAL H 105 -10.02 29.75 -7.23
CA VAL H 105 -9.71 29.61 -8.64
C VAL H 105 -9.38 28.16 -8.97
N LEU H 106 -10.05 27.60 -9.96
CA LEU H 106 -9.67 26.29 -10.50
C LEU H 106 -8.88 26.53 -11.78
N LEU H 107 -7.63 26.09 -11.81
CA LEU H 107 -6.74 26.31 -12.95
C LEU H 107 -6.54 24.99 -13.67
N THR H 108 -6.86 24.93 -14.96
CA THR H 108 -6.80 23.64 -15.63
C THR H 108 -6.48 23.83 -17.10
N GLY H 109 -6.64 22.78 -17.89
CA GLY H 109 -6.43 22.84 -19.33
C GLY H 109 -7.63 22.29 -20.06
N ASN H 110 -7.95 22.90 -21.20
CA ASN H 110 -9.03 22.39 -22.03
C ASN H 110 -8.51 21.33 -22.98
N GLY H 111 -9.42 20.48 -23.45
CA GLY H 111 -9.02 19.50 -24.44
C GLY H 111 -10.18 18.69 -24.91
N PRO H 112 -9.90 17.57 -25.60
CA PRO H 112 -8.53 17.14 -25.91
C PRO H 112 -8.00 17.80 -27.18
N SER H 113 -6.82 17.39 -27.61
CA SER H 113 -6.29 17.82 -28.90
C SER H 113 -7.24 17.39 -30.00
N PRO H 114 -7.65 18.33 -30.86
CA PRO H 114 -8.52 17.91 -31.98
C PRO H 114 -7.76 17.04 -32.97
N LYS H 115 -6.43 17.07 -32.90
CA LYS H 115 -5.60 16.31 -33.82
C LYS H 115 -5.45 14.83 -33.44
N ASP H 116 -5.17 14.53 -32.17
CA ASP H 116 -4.94 13.14 -31.77
C ASP H 116 -5.70 12.70 -30.51
N GLY H 117 -6.57 13.56 -30.00
CA GLY H 117 -7.35 13.24 -28.82
C GLY H 117 -6.54 13.25 -27.52
N GLY H 118 -5.31 13.73 -27.59
CA GLY H 118 -4.42 13.76 -26.43
C GLY H 118 -4.82 14.83 -25.43
N TRP H 119 -4.65 14.52 -24.14
CA TRP H 119 -5.08 15.42 -23.06
C TRP H 119 -3.88 16.09 -22.41
N ALA H 120 -3.99 17.39 -22.17
CA ALA H 120 -2.93 18.12 -21.49
C ALA H 120 -3.49 19.16 -20.53
N PHE H 121 -2.83 19.29 -19.38
CA PHE H 121 -2.99 20.49 -18.58
C PHE H 121 -2.18 21.62 -19.22
N CYS H 122 -0.88 21.43 -19.33
CA CYS H 122 0.00 22.46 -19.88
C CYS H 122 1.39 21.86 -20.13
N SER H 123 1.96 22.11 -21.31
CA SER H 123 3.26 21.56 -21.65
C SER H 123 4.38 22.60 -21.56
N GLY H 124 4.12 23.71 -20.89
CA GLY H 124 5.16 24.71 -20.70
C GLY H 124 5.27 25.67 -21.87
N GLY H 125 6.43 26.31 -21.98
CA GLY H 125 6.62 27.31 -23.01
C GLY H 125 6.54 26.73 -24.41
N ASP H 126 5.91 27.47 -25.31
CA ASP H 126 5.80 27.08 -26.71
C ASP H 126 7.18 27.15 -27.40
N GLN H 127 7.76 25.98 -27.66
CA GLN H 127 9.13 25.91 -28.16
C GLN H 127 9.29 26.51 -29.56
N ARG H 128 8.20 26.58 -30.31
CA ARG H 128 8.22 27.16 -31.65
C ARG H 128 8.64 28.62 -31.65
N ILE H 129 8.30 29.36 -30.59
CA ILE H 129 8.63 30.78 -30.58
C ILE H 129 9.64 31.13 -29.50
N ARG H 130 10.31 30.10 -28.99
CA ARG H 130 11.45 30.28 -28.09
C ARG H 130 12.68 30.73 -28.87
N GLY H 131 13.27 31.86 -28.46
CA GLY H 131 14.51 32.32 -29.07
C GLY H 131 15.63 32.35 -28.05
N ARG H 132 16.75 32.96 -28.43
CA ARG H 132 17.89 33.04 -27.52
C ARG H 132 17.63 33.96 -26.32
N SER H 133 16.68 34.86 -26.45
CA SER H 133 16.40 35.81 -25.37
C SER H 133 15.15 35.43 -24.56
N GLY H 134 14.54 34.29 -24.87
CA GLY H 134 13.35 33.85 -24.18
C GLY H 134 12.22 33.59 -25.17
N TYR H 135 10.99 33.53 -24.66
CA TYR H 135 9.84 33.30 -25.54
C TYR H 135 9.40 34.61 -26.19
N GLN H 136 9.18 34.56 -27.50
CA GLN H 136 8.97 35.80 -28.25
C GLN H 136 7.55 35.93 -28.80
N TYR H 137 7.02 37.14 -28.72
CA TYR H 137 5.78 37.49 -29.39
C TYR H 137 5.88 37.27 -30.89
N ALA H 138 4.86 36.64 -31.45
CA ALA H 138 4.82 36.40 -32.89
C ALA H 138 3.41 36.68 -33.39
N SER H 139 3.29 37.05 -34.66
CA SER H 139 1.97 37.34 -35.21
C SER H 139 1.24 36.05 -35.57
N GLY H 140 2.00 34.99 -35.85
CA GLY H 140 1.43 33.68 -36.14
C GLY H 140 1.82 32.69 -35.06
N ASP H 141 1.72 31.40 -35.37
CA ASP H 141 2.06 30.33 -34.41
C ASP H 141 3.50 29.80 -34.54
N THR H 142 4.16 30.14 -35.64
CA THR H 142 5.49 29.57 -35.89
C THR H 142 6.60 30.60 -35.77
N ALA H 143 7.83 30.11 -35.76
CA ALA H 143 9.01 30.93 -35.52
C ALA H 143 9.23 32.00 -36.59
N ASP H 144 8.74 31.76 -37.81
CA ASP H 144 8.98 32.71 -38.89
C ASP H 144 8.20 34.01 -38.70
N THR H 145 7.19 34.00 -37.84
CA THR H 145 6.39 35.20 -37.62
C THR H 145 6.79 35.94 -36.34
N VAL H 146 7.93 35.56 -35.77
CA VAL H 146 8.45 36.24 -34.59
C VAL H 146 8.85 37.68 -34.91
N ASP H 147 8.36 38.63 -34.11
CA ASP H 147 8.75 40.03 -34.21
C ASP H 147 10.20 40.19 -33.72
N VAL H 148 11.13 40.35 -34.65
CA VAL H 148 12.57 40.33 -34.32
C VAL H 148 13.04 41.57 -33.56
N ALA H 149 12.25 42.64 -33.60
CA ALA H 149 12.62 43.88 -32.91
C ALA H 149 12.20 43.84 -31.44
N ARG H 150 11.59 42.73 -31.03
CA ARG H 150 11.01 42.64 -29.69
C ARG H 150 11.71 41.56 -28.87
N ALA H 151 12.30 41.94 -27.75
CA ALA H 151 13.07 41.01 -26.92
C ALA H 151 12.17 39.91 -26.35
N GLY H 152 12.75 38.73 -26.18
CA GLY H 152 12.02 37.61 -25.60
C GLY H 152 11.72 37.83 -24.13
N ARG H 153 10.80 37.05 -23.60
CA ARG H 153 10.43 37.16 -22.20
C ARG H 153 10.23 35.82 -21.54
N LEU H 154 10.35 35.82 -20.21
CA LEU H 154 10.11 34.63 -19.42
C LEU H 154 9.08 34.91 -18.35
N HIS H 155 8.03 35.66 -18.70
CA HIS H 155 7.18 36.23 -17.66
C HIS H 155 6.01 35.34 -17.21
N ILE H 156 6.06 34.04 -17.50
CA ILE H 156 5.22 33.12 -16.74
C ILE H 156 5.61 33.23 -15.25
N LEU H 157 6.83 33.70 -14.98
CA LEU H 157 7.23 33.95 -13.59
C LEU H 157 6.32 34.98 -12.92
N GLU H 158 5.80 35.93 -13.69
CA GLU H 158 4.86 36.92 -13.16
C GLU H 158 3.54 36.27 -12.76
N VAL H 159 3.10 35.31 -13.56
CA VAL H 159 1.92 34.52 -13.26
C VAL H 159 2.14 33.65 -12.01
N GLN H 160 3.32 33.05 -11.88
CA GLN H 160 3.64 32.27 -10.69
C GLN H 160 3.50 33.15 -9.44
N ARG H 161 4.00 34.38 -9.51
CA ARG H 161 3.90 35.26 -8.34
C ARG H 161 2.47 35.72 -8.06
N LEU H 162 1.72 35.95 -9.14
CA LEU H 162 0.31 36.31 -9.01
C LEU H 162 -0.48 35.20 -8.31
N ILE H 163 -0.23 33.94 -8.68
CA ILE H 163 -0.85 32.81 -8.01
C ILE H 163 -0.44 32.74 -6.56
N ARG H 164 0.86 32.88 -6.32
CA ARG H 164 1.43 32.81 -4.99
C ARG H 164 0.90 33.90 -4.05
N PHE H 165 0.78 35.12 -4.56
CA PHE H 165 0.47 36.26 -3.71
C PHE H 165 -1.02 36.55 -3.60
N MET H 166 -1.86 35.94 -4.41
CA MET H 166 -3.26 36.34 -4.34
C MET H 166 -3.89 35.72 -3.09
N PRO H 167 -4.74 36.49 -2.42
CA PRO H 167 -5.31 36.11 -1.13
C PRO H 167 -6.48 35.14 -1.29
N LYS H 168 -6.35 34.23 -2.25
CA LYS H 168 -7.40 33.25 -2.56
C LYS H 168 -6.75 31.93 -2.86
N VAL H 169 -7.43 30.84 -2.61
CA VAL H 169 -6.85 29.54 -2.88
C VAL H 169 -6.93 29.20 -4.37
N VAL H 170 -5.82 28.78 -4.95
CA VAL H 170 -5.78 28.37 -6.35
C VAL H 170 -5.55 26.88 -6.41
N ILE H 171 -6.51 26.15 -6.98
CA ILE H 171 -6.40 24.70 -7.09
C ILE H 171 -6.09 24.33 -8.54
N CYS H 172 -5.00 23.59 -8.74
CA CYS H 172 -4.66 23.11 -10.08
C CYS H 172 -5.38 21.82 -10.33
N LEU H 173 -6.12 21.74 -11.43
CA LEU H 173 -6.73 20.48 -11.83
C LEU H 173 -5.95 19.89 -13.01
N VAL H 174 -5.09 18.93 -12.70
CA VAL H 174 -4.22 18.36 -13.73
C VAL H 174 -4.98 17.28 -14.50
N ASN H 175 -5.45 17.67 -15.68
CA ASN H 175 -6.34 16.86 -16.51
C ASN H 175 -5.62 16.12 -17.63
N GLY H 176 -4.29 16.14 -17.62
CA GLY H 176 -3.53 15.55 -18.70
C GLY H 176 -2.06 15.78 -18.44
N TRP H 177 -1.24 15.81 -19.49
CA TRP H 177 0.18 16.16 -19.34
C TRP H 177 0.40 17.45 -18.56
N ALA H 178 1.28 17.38 -17.58
CA ALA H 178 1.86 18.56 -16.96
C ALA H 178 3.37 18.45 -17.16
N ALA H 179 3.89 19.22 -18.10
CA ALA H 179 5.29 19.09 -18.50
C ALA H 179 5.98 20.45 -18.50
N GLY H 180 7.27 20.44 -18.15
CA GLY H 180 8.08 21.64 -18.16
C GLY H 180 7.45 22.75 -17.34
N GLY H 181 7.26 23.91 -17.96
CA GLY H 181 6.65 25.04 -17.27
C GLY H 181 5.24 24.76 -16.79
N GLY H 182 4.56 23.82 -17.44
CA GLY H 182 3.23 23.41 -17.00
C GLY H 182 3.30 22.67 -15.68
N HIS H 183 4.36 21.87 -15.54
CA HIS H 183 4.61 21.18 -14.28
C HIS H 183 4.89 22.18 -13.17
N SER H 184 5.68 23.20 -13.47
CA SER H 184 5.98 24.19 -12.43
C SER H 184 4.77 25.02 -12.02
N LEU H 185 3.84 25.27 -12.94
CA LEU H 185 2.61 25.97 -12.58
C LEU H 185 1.78 25.15 -11.59
N HIS H 186 1.68 23.85 -11.84
CA HIS H 186 1.05 22.94 -10.87
C HIS H 186 1.74 23.02 -9.51
N VAL H 187 3.06 23.02 -9.50
CA VAL H 187 3.79 23.07 -8.23
C VAL H 187 3.48 24.33 -7.40
N VAL H 188 3.33 25.48 -8.06
CA VAL H 188 3.16 26.72 -7.31
C VAL H 188 1.71 26.95 -6.84
N CYS H 189 0.75 26.22 -7.40
CA CYS H 189 -0.62 26.33 -6.90
C CYS H 189 -0.74 25.81 -5.47
N ASP H 190 -1.72 26.30 -4.74
CA ASP H 190 -1.89 25.91 -3.35
C ASP H 190 -2.22 24.43 -3.18
N LEU H 191 -3.08 23.93 -4.06
CA LEU H 191 -3.54 22.55 -4.03
C LEU H 191 -3.56 21.99 -5.45
N THR H 192 -3.41 20.67 -5.59
CA THR H 192 -3.50 20.04 -6.91
C THR H 192 -4.36 18.78 -6.85
N LEU H 193 -5.34 18.68 -7.75
CA LEU H 193 -6.10 17.43 -7.93
C LEU H 193 -5.75 16.89 -9.31
N ALA H 194 -5.65 15.58 -9.46
CA ALA H 194 -5.20 15.05 -10.74
C ALA H 194 -6.07 13.92 -11.27
N SER H 195 -6.23 13.90 -12.59
CA SER H 195 -6.97 12.87 -13.32
C SER H 195 -6.27 11.52 -13.23
N ARG H 196 -6.95 10.52 -12.66
CA ARG H 196 -6.36 9.18 -12.56
C ARG H 196 -5.89 8.68 -13.92
N GLU H 197 -6.77 8.75 -14.91
CA GLU H 197 -6.48 8.18 -16.21
C GLU H 197 -5.49 8.98 -17.03
N TYR H 198 -5.59 10.30 -16.99
CA TYR H 198 -4.88 11.11 -17.98
C TYR H 198 -3.75 11.98 -17.45
N ALA H 199 -3.71 12.25 -16.14
CA ALA H 199 -2.62 13.08 -15.62
C ALA H 199 -1.28 12.38 -15.81
N ARG H 200 -0.30 13.15 -16.28
CA ARG H 200 1.06 12.66 -16.44
C ARG H 200 1.97 13.80 -16.09
N PHE H 201 2.81 13.60 -15.10
CA PHE H 201 3.73 14.63 -14.62
C PHE H 201 5.12 14.34 -15.14
N LYS H 202 5.72 15.28 -15.88
CA LYS H 202 7.03 15.03 -16.46
C LYS H 202 7.82 16.32 -16.55
N GLN H 203 8.92 16.39 -15.81
CA GLN H 203 9.71 17.60 -15.82
C GLN H 203 10.78 17.48 -16.88
N THR H 204 10.46 18.02 -18.05
CA THR H 204 11.24 17.88 -19.27
C THR H 204 12.24 19.01 -19.48
N ASP H 205 12.35 19.93 -18.50
CA ASP H 205 13.20 21.12 -18.63
C ASP H 205 14.59 20.80 -19.19
N ALA H 206 15.31 19.93 -18.49
CA ALA H 206 16.71 19.66 -18.86
C ALA H 206 16.83 18.97 -20.21
N ASP H 207 15.77 18.26 -20.62
CA ASP H 207 15.76 17.66 -21.96
C ASP H 207 15.90 18.69 -23.08
N VAL H 208 15.37 19.89 -22.88
CA VAL H 208 15.42 20.91 -23.91
C VAL H 208 16.34 22.06 -23.50
N GLY H 209 17.19 21.79 -22.52
CA GLY H 209 18.22 22.75 -22.14
C GLY H 209 17.70 23.89 -21.29
N SER H 210 16.50 23.74 -20.75
CA SER H 210 15.89 24.77 -19.91
C SER H 210 15.93 24.38 -18.43
N PHE H 211 15.55 25.30 -17.56
CA PHE H 211 15.35 24.96 -16.15
C PHE H 211 14.54 26.03 -15.46
N ASP H 212 13.67 25.60 -14.56
CA ASP H 212 13.01 26.49 -13.61
C ASP H 212 13.77 26.35 -12.31
N GLY H 213 14.60 27.34 -12.00
CA GLY H 213 15.42 27.29 -10.81
C GLY H 213 14.78 28.04 -9.65
N GLY H 214 13.47 28.27 -9.73
CA GLY H 214 12.76 28.97 -8.67
C GLY H 214 11.69 28.10 -8.02
N TYR H 215 10.43 28.47 -8.19
CA TYR H 215 9.34 27.71 -7.59
C TYR H 215 9.22 26.31 -8.19
N GLY H 216 9.54 26.17 -9.46
CA GLY H 216 9.38 24.88 -10.10
C GLY H 216 10.21 23.77 -9.49
N SER H 217 11.41 24.10 -9.00
CA SER H 217 12.33 23.11 -8.47
C SER H 217 12.43 23.18 -6.96
N ALA H 218 12.92 24.32 -6.46
CA ALA H 218 13.07 24.51 -5.02
C ALA H 218 11.76 24.35 -4.25
N TYR H 219 10.67 24.87 -4.78
CA TYR H 219 9.41 24.75 -4.06
C TYR H 219 8.84 23.35 -4.19
N LEU H 220 9.16 22.65 -5.29
CA LEU H 220 8.77 21.24 -5.39
C LEU H 220 9.37 20.43 -4.25
N ALA H 221 10.62 20.77 -3.86
CA ALA H 221 11.27 20.08 -2.74
C ALA H 221 10.56 20.31 -1.41
N ARG H 222 9.83 21.43 -1.30
CA ARG H 222 9.06 21.71 -0.09
C ARG H 222 7.74 20.95 -0.06
N GLN H 223 7.50 20.14 -1.09
CA GLN H 223 6.30 19.30 -1.15
C GLN H 223 6.67 17.83 -1.05
N VAL H 224 7.71 17.43 -1.79
CA VAL H 224 8.06 16.01 -1.87
C VAL H 224 9.39 15.65 -1.22
N GLY H 225 10.10 16.66 -0.71
CA GLY H 225 11.41 16.45 -0.12
C GLY H 225 12.51 16.56 -1.16
N GLN H 226 13.73 16.79 -0.71
CA GLN H 226 14.83 17.02 -1.63
C GLN H 226 15.20 15.82 -2.51
N LYS H 227 15.11 14.59 -2.01
CA LYS H 227 15.51 13.44 -2.84
C LYS H 227 14.57 13.26 -4.02
N PHE H 228 13.27 13.26 -3.75
CA PHE H 228 12.32 13.06 -4.82
C PHE H 228 12.30 14.23 -5.79
N ALA H 229 12.48 15.45 -5.29
CA ALA H 229 12.46 16.62 -6.19
C ALA H 229 13.63 16.55 -7.17
N ARG H 230 14.79 16.17 -6.67
CA ARG H 230 15.99 16.04 -7.50
C ARG H 230 15.79 14.93 -8.52
N GLU H 231 15.21 13.82 -8.11
CA GLU H 231 14.90 12.73 -9.05
C GLU H 231 13.98 13.21 -10.17
N ILE H 232 12.94 13.94 -9.79
CA ILE H 232 11.96 14.38 -10.78
C ILE H 232 12.62 15.25 -11.86
N PHE H 233 13.51 16.15 -11.45
CA PHE H 233 14.18 17.03 -12.40
C PHE H 233 15.37 16.36 -13.12
N PHE H 234 16.21 15.65 -12.38
CA PHE H 234 17.45 15.13 -13.00
C PHE H 234 17.17 14.00 -13.98
N LEU H 235 16.12 13.21 -13.74
CA LEU H 235 15.84 12.09 -14.64
C LEU H 235 14.70 12.38 -15.60
N GLY H 236 13.79 13.27 -15.21
CA GLY H 236 12.70 13.65 -16.10
C GLY H 236 11.77 12.51 -16.49
N ARG H 237 11.56 11.58 -15.57
CA ARG H 237 10.65 10.48 -15.83
C ARG H 237 9.20 10.95 -15.80
N THR H 238 8.31 10.15 -16.37
CA THR H 238 6.89 10.45 -16.32
C THR H 238 6.27 9.78 -15.11
N TYR H 239 5.51 10.55 -14.31
CA TYR H 239 4.85 10.00 -13.13
C TYR H 239 3.33 10.08 -13.24
N THR H 240 2.67 9.12 -12.60
CA THR H 240 1.22 9.08 -12.56
C THR H 240 0.66 9.96 -11.46
N ALA H 241 -0.63 10.18 -11.49
CA ALA H 241 -1.31 10.92 -10.42
C ALA H 241 -1.05 10.24 -9.07
N GLU H 242 -1.20 8.93 -9.03
CA GLU H 242 -1.00 8.21 -7.78
C GLU H 242 0.43 8.32 -7.27
N GLN H 243 1.41 8.24 -8.17
CA GLN H 243 2.80 8.34 -7.75
C GLN H 243 3.09 9.72 -7.15
N MET H 244 2.58 10.76 -7.79
CA MET H 244 2.79 12.11 -7.28
C MET H 244 2.04 12.37 -5.98
N HIS H 245 0.87 11.75 -5.84
CA HIS H 245 0.12 11.82 -4.60
C HIS H 245 0.93 11.16 -3.48
N GLN H 246 1.52 10.01 -3.78
CA GLN H 246 2.32 9.30 -2.79
C GLN H 246 3.54 10.11 -2.38
N MET H 247 4.11 10.87 -3.30
CA MET H 247 5.31 11.65 -3.01
C MET H 247 4.98 12.95 -2.27
N GLY H 248 3.77 13.45 -2.45
CA GLY H 248 3.28 14.60 -1.73
C GLY H 248 3.04 15.86 -2.54
N ALA H 249 3.05 15.76 -3.86
CA ALA H 249 2.81 16.93 -4.70
C ALA H 249 1.38 17.03 -5.22
N VAL H 250 0.62 15.93 -5.12
CA VAL H 250 -0.76 15.91 -5.55
C VAL H 250 -1.65 15.60 -4.35
N ASN H 251 -2.63 16.46 -4.09
CA ASN H 251 -3.46 16.29 -2.91
C ASN H 251 -4.40 15.10 -3.01
N ALA H 252 -4.96 14.89 -4.18
CA ALA H 252 -5.88 13.78 -4.38
C ALA H 252 -6.03 13.43 -5.85
N VAL H 253 -6.39 12.17 -6.09
CA VAL H 253 -6.63 11.65 -7.43
C VAL H 253 -8.12 11.51 -7.63
N ALA H 254 -8.62 11.96 -8.78
CA ALA H 254 -10.04 11.84 -9.09
C ALA H 254 -10.23 11.20 -10.45
N GLU H 255 -11.37 10.56 -10.66
CA GLU H 255 -11.72 10.13 -12.01
C GLU H 255 -11.74 11.30 -12.97
N HIS H 256 -11.23 11.09 -14.18
CA HIS H 256 -11.14 12.16 -15.16
C HIS H 256 -12.46 12.90 -15.33
N ALA H 257 -13.54 12.14 -15.51
CA ALA H 257 -14.87 12.72 -15.74
C ALA H 257 -15.36 13.54 -14.54
N GLU H 258 -14.82 13.25 -13.36
CA GLU H 258 -15.28 13.90 -12.13
C GLU H 258 -14.30 14.95 -11.62
N LEU H 259 -13.24 15.23 -12.37
CA LEU H 259 -12.14 16.04 -11.83
C LEU H 259 -12.60 17.44 -11.43
N GLU H 260 -13.46 18.03 -12.26
CA GLU H 260 -13.90 19.40 -11.98
C GLU H 260 -15.00 19.37 -10.95
N THR H 261 -15.82 18.32 -10.95
CA THR H 261 -16.80 18.12 -9.89
C THR H 261 -16.12 18.04 -8.52
N VAL H 262 -15.04 17.26 -8.45
CA VAL H 262 -14.28 17.17 -7.20
C VAL H 262 -13.64 18.52 -6.89
N GLY H 263 -13.08 19.19 -7.89
CA GLY H 263 -12.54 20.52 -7.69
C GLY H 263 -13.56 21.49 -7.13
N LEU H 264 -14.78 21.46 -7.65
CA LEU H 264 -15.86 22.30 -7.12
C LEU H 264 -16.22 21.94 -5.68
N GLN H 265 -16.13 20.66 -5.33
CA GLN H 265 -16.43 20.24 -3.97
C GLN H 265 -15.35 20.75 -3.00
N TRP H 266 -14.09 20.65 -3.42
CA TRP H 266 -12.99 21.18 -2.61
C TRP H 266 -13.15 22.70 -2.43
N ALA H 267 -13.47 23.38 -3.52
CA ALA H 267 -13.70 24.82 -3.48
C ALA H 267 -14.84 25.18 -2.53
N ALA H 268 -15.92 24.39 -2.55
CA ALA H 268 -17.03 24.65 -1.65
C ALA H 268 -16.64 24.53 -0.19
N GLU H 269 -15.79 23.55 0.12
CA GLU H 269 -15.34 23.38 1.50
C GLU H 269 -14.46 24.56 1.93
N ILE H 270 -13.62 25.03 1.03
CA ILE H 270 -12.79 26.20 1.30
C ILE H 270 -13.66 27.44 1.50
N ASN H 271 -14.68 27.58 0.66
CA ASN H 271 -15.52 28.77 0.66
C ASN H 271 -16.49 28.80 1.85
N ALA H 272 -16.58 27.70 2.58
CA ALA H 272 -17.48 27.64 3.73
C ALA H 272 -16.83 28.11 5.03
N LYS H 273 -15.55 28.42 4.97
CA LYS H 273 -14.82 28.87 6.15
C LYS H 273 -14.69 30.39 6.19
N SER H 274 -14.19 30.89 7.32
CA SER H 274 -13.95 32.34 7.47
C SER H 274 -13.02 32.83 6.38
N PRO H 275 -13.50 33.72 5.50
CA PRO H 275 -12.61 34.21 4.42
C PRO H 275 -11.37 34.92 4.97
N GLN H 276 -11.55 35.62 6.08
CA GLN H 276 -10.46 36.30 6.75
C GLN H 276 -9.40 35.31 7.24
N ALA H 277 -9.83 34.22 7.87
CA ALA H 277 -8.87 33.25 8.37
C ALA H 277 -8.15 32.57 7.21
N GLN H 278 -8.88 32.31 6.12
CA GLN H 278 -8.28 31.62 4.98
C GLN H 278 -7.18 32.47 4.34
N ARG H 279 -7.44 33.77 4.24
CA ARG H 279 -6.48 34.74 3.73
C ARG H 279 -5.21 34.75 4.57
N MET H 280 -5.38 34.84 5.88
CA MET H 280 -4.23 34.92 6.78
C MET H 280 -3.42 33.63 6.74
N LEU H 281 -4.13 32.49 6.66
CA LEU H 281 -3.47 31.20 6.61
C LEU H 281 -2.63 31.03 5.34
N LYS H 282 -3.13 31.46 4.19
CA LYS H 282 -2.33 31.31 2.97
C LYS H 282 -1.04 32.10 3.11
N PHE H 283 -1.15 33.33 3.60
CA PHE H 283 0.05 34.15 3.76
C PHE H 283 0.98 33.62 4.85
N ALA H 284 0.43 32.92 5.85
CA ALA H 284 1.27 32.27 6.87
C ALA H 284 2.08 31.13 6.26
N PHE H 285 1.47 30.33 5.40
CA PHE H 285 2.19 29.23 4.74
C PHE H 285 3.30 29.77 3.83
N ASN H 286 3.03 30.88 3.14
CA ASN H 286 4.04 31.47 2.24
C ASN H 286 5.22 32.06 2.98
N LEU H 287 4.94 32.60 4.17
CA LEU H 287 5.79 33.64 4.78
C LEU H 287 7.29 33.40 4.75
N LEU H 288 7.76 32.46 5.56
CA LEU H 288 9.19 32.30 5.76
C LEU H 288 9.90 31.82 4.49
N ASP H 289 9.27 30.89 3.77
CA ASP H 289 9.81 30.45 2.48
C ASP H 289 10.03 31.66 1.57
N ASP H 290 9.14 32.66 1.66
CA ASP H 290 9.20 33.85 0.79
C ASP H 290 9.93 35.05 1.40
N GLY H 291 10.61 34.87 2.51
CA GLY H 291 11.44 35.92 3.08
C GLY H 291 10.71 37.23 3.32
N LEU H 292 11.36 38.35 3.00
CA LEU H 292 10.74 39.67 3.18
C LEU H 292 9.47 39.87 2.35
N VAL H 293 9.38 39.21 1.20
CA VAL H 293 8.17 39.35 0.40
C VAL H 293 7.02 38.68 1.14
N GLY H 294 7.30 37.51 1.70
CA GLY H 294 6.32 36.80 2.50
C GLY H 294 5.92 37.62 3.70
N GLN H 295 6.89 38.25 4.36
CA GLN H 295 6.58 39.08 5.52
C GLN H 295 5.73 40.28 5.08
N GLN H 296 6.05 40.83 3.92
CA GLN H 296 5.33 41.99 3.42
C GLN H 296 3.85 41.69 3.25
N LEU H 297 3.56 40.54 2.66
CA LEU H 297 2.16 40.17 2.39
C LEU H 297 1.41 39.86 3.68
N PHE H 298 2.02 39.08 4.56
CA PHE H 298 1.37 38.76 5.82
C PHE H 298 1.18 39.99 6.70
N ALA H 299 2.23 40.81 6.83
CA ALA H 299 2.14 42.02 7.64
C ALA H 299 1.12 42.98 7.07
N GLY H 300 0.98 43.01 5.74
CA GLY H 300 0.01 43.90 5.12
C GLY H 300 -1.40 43.56 5.54
N GLU H 301 -1.70 42.26 5.64
CA GLU H 301 -2.99 41.81 6.13
C GLU H 301 -3.15 42.10 7.62
N ALA H 302 -2.06 42.02 8.39
CA ALA H 302 -2.12 42.44 9.79
C ALA H 302 -2.41 43.94 9.92
N THR H 303 -1.86 44.75 9.02
CA THR H 303 -2.15 46.19 9.05
C THR H 303 -3.63 46.44 8.82
N ARG H 304 -4.21 45.70 7.88
CA ARG H 304 -5.62 45.85 7.60
C ARG H 304 -6.43 45.55 8.85
N LEU H 305 -6.07 44.46 9.54
CA LEU H 305 -6.76 44.10 10.78
C LEU H 305 -6.64 45.22 11.82
N ALA H 306 -5.48 45.87 11.87
CA ALA H 306 -5.29 46.98 12.80
C ALA H 306 -6.16 48.18 12.42
N TYR H 307 -6.30 48.43 11.13
CA TYR H 307 -7.08 49.60 10.70
C TYR H 307 -8.56 49.50 11.12
N MET H 308 -9.02 48.28 11.37
CA MET H 308 -10.40 48.04 11.79
C MET H 308 -10.68 48.49 13.22
N THR H 309 -9.62 48.65 14.01
CA THR H 309 -9.77 48.91 15.45
C THR H 309 -10.07 50.36 15.77
N ASP H 310 -10.78 50.57 16.88
CA ASP H 310 -11.00 51.92 17.40
C ASP H 310 -9.68 52.62 17.68
N GLU H 311 -8.66 51.86 18.11
CA GLU H 311 -7.36 52.45 18.40
C GLU H 311 -6.79 53.11 17.15
N ALA H 312 -6.86 52.40 16.02
CA ALA H 312 -6.34 52.95 14.78
C ALA H 312 -7.14 54.16 14.31
N VAL H 313 -8.45 54.13 14.53
CA VAL H 313 -9.28 55.27 14.19
C VAL H 313 -8.92 56.49 15.05
N GLU H 314 -8.61 56.26 16.32
CA GLU H 314 -8.15 57.37 17.16
C GLU H 314 -6.86 58.01 16.63
N GLY H 315 -5.93 57.17 16.16
CA GLY H 315 -4.70 57.69 15.57
C GLY H 315 -4.97 58.58 14.36
N ARG H 316 -5.81 58.08 13.46
CA ARG H 316 -6.21 58.82 12.27
C ARG H 316 -6.88 60.14 12.62
N ASP H 317 -7.86 60.07 13.50
CA ASP H 317 -8.63 61.28 13.81
C ASP H 317 -7.80 62.33 14.53
N ALA H 318 -6.90 61.90 15.42
CA ALA H 318 -6.06 62.87 16.11
C ALA H 318 -5.18 63.62 15.11
N PHE H 319 -4.62 62.90 14.14
CA PHE H 319 -3.84 63.58 13.11
C PHE H 319 -4.67 64.57 12.31
N LEU H 320 -5.86 64.15 11.88
CA LEU H 320 -6.68 65.01 11.04
C LEU H 320 -7.22 66.21 11.82
N GLN H 321 -7.37 66.03 13.14
CA GLN H 321 -7.87 67.11 13.99
C GLN H 321 -6.75 67.97 14.53
N LYS H 322 -5.52 67.60 14.21
CA LYS H 322 -4.32 68.32 14.66
C LYS H 322 -4.27 68.44 16.18
N ARG H 323 -4.48 67.31 16.85
CA ARG H 323 -4.41 67.25 18.31
C ARG H 323 -3.62 66.01 18.71
N PRO H 324 -3.10 65.97 19.94
CA PRO H 324 -2.45 64.72 20.37
C PRO H 324 -3.45 63.57 20.47
N PRO H 325 -3.01 62.37 20.10
CA PRO H 325 -3.89 61.22 20.32
C PRO H 325 -4.02 60.88 21.80
N ASP H 326 -5.13 60.25 22.17
CA ASP H 326 -5.37 59.79 23.52
C ASP H 326 -5.52 58.27 23.48
N TRP H 327 -4.52 57.56 23.96
CA TRP H 327 -4.47 56.12 23.86
C TRP H 327 -5.01 55.42 25.11
N SER H 328 -5.46 56.20 26.09
CA SER H 328 -5.88 55.64 27.37
C SER H 328 -7.02 54.61 27.29
N PRO H 329 -7.95 54.74 26.32
CA PRO H 329 -8.97 53.68 26.28
C PRO H 329 -8.49 52.31 25.82
N PHE H 330 -7.26 52.20 25.34
CA PHE H 330 -6.82 50.98 24.66
C PHE H 330 -5.73 50.24 25.43
N PRO H 331 -6.13 49.17 26.15
CA PRO H 331 -5.21 48.42 27.01
C PRO H 331 -4.04 47.80 26.26
N ARG H 332 -2.89 47.77 26.89
CA ARG H 332 -1.79 46.95 26.42
C ARG H 332 -2.20 45.49 26.59
N TYR H 333 -1.84 44.65 25.62
CA TYR H 333 -2.10 43.21 25.72
C TYR H 333 -0.78 42.46 25.76
N PHE H 334 -0.78 41.28 26.38
CA PHE H 334 0.43 40.47 26.44
C PHE H 334 0.09 38.99 26.37
N ALA I 34 22.84 -18.81 -10.53
CA ALA I 34 23.62 -17.79 -11.22
C ALA I 34 23.42 -16.40 -10.59
N LEU I 35 22.72 -16.33 -9.45
CA LEU I 35 22.46 -15.04 -8.82
C LEU I 35 23.69 -14.57 -8.04
N SER I 36 24.25 -13.42 -8.42
CA SER I 36 25.42 -12.92 -7.73
C SER I 36 25.06 -12.26 -6.41
N ASP I 37 25.87 -12.50 -5.39
CA ASP I 37 25.72 -11.82 -4.11
C ASP I 37 26.42 -10.47 -4.18
N ASN I 38 27.07 -10.19 -5.31
CA ASN I 38 27.86 -8.96 -5.43
C ASN I 38 27.36 -8.03 -6.54
N PRO I 39 27.05 -6.77 -6.19
CA PRO I 39 26.56 -5.80 -7.16
C PRO I 39 27.60 -5.40 -8.21
N PHE I 40 28.89 -5.64 -7.92
CA PHE I 40 30.00 -5.19 -8.79
C PHE I 40 30.18 -6.12 -9.97
N ASP I 41 30.17 -5.54 -11.17
CA ASP I 41 30.47 -6.25 -12.40
C ASP I 41 31.85 -5.82 -12.92
N ALA I 42 32.84 -6.66 -12.66
CA ALA I 42 34.24 -6.31 -13.00
C ALA I 42 34.45 -5.96 -14.48
N LYS I 43 33.64 -6.52 -15.38
CA LYS I 43 33.82 -6.29 -16.80
C LYS I 43 33.36 -4.88 -17.24
N ALA I 44 32.62 -4.20 -16.39
CA ALA I 44 32.02 -2.93 -16.77
C ALA I 44 32.86 -1.75 -16.31
N TRP I 45 33.92 -2.03 -15.54
CA TRP I 45 34.71 -0.99 -14.89
C TRP I 45 36.21 -1.09 -15.14
N ARG I 46 36.87 0.07 -15.23
CA ARG I 46 38.30 0.14 -15.40
C ARG I 46 38.90 1.00 -14.30
N LEU I 47 40.10 0.65 -13.83
CA LEU I 47 40.78 1.50 -12.86
C LEU I 47 41.10 2.86 -13.49
N VAL I 48 41.20 3.89 -12.65
CA VAL I 48 41.53 5.22 -13.13
C VAL I 48 43.04 5.46 -12.97
N ASP I 49 43.67 5.98 -14.02
CA ASP I 49 45.11 6.23 -14.01
C ASP I 49 45.51 7.14 -12.86
N GLY I 50 46.60 6.79 -12.19
CA GLY I 50 47.17 7.65 -11.16
C GLY I 50 46.70 7.35 -9.74
N PHE I 51 45.92 6.30 -9.58
CA PHE I 51 45.35 5.99 -8.27
C PHE I 51 45.75 4.60 -7.76
N ASP I 52 46.89 4.12 -8.23
CA ASP I 52 47.38 2.80 -7.83
C ASP I 52 47.70 2.70 -6.34
N ASP I 53 47.89 3.85 -5.69
CA ASP I 53 48.27 3.88 -4.29
C ASP I 53 47.08 3.88 -3.32
N LEU I 54 45.85 3.80 -3.85
CA LEU I 54 44.68 3.81 -2.97
C LEU I 54 44.61 2.57 -2.08
N THR I 55 44.30 2.75 -0.80
CA THR I 55 44.17 1.60 0.11
C THR I 55 42.77 1.44 0.71
N ASP I 56 42.12 2.56 1.04
CA ASP I 56 40.86 2.51 1.80
C ASP I 56 39.61 2.70 0.92
N ILE I 57 39.84 3.09 -0.33
CA ILE I 57 38.81 3.49 -1.30
C ILE I 57 39.12 2.83 -2.65
N THR I 58 38.11 2.47 -3.43
CA THR I 58 38.38 2.13 -4.83
C THR I 58 37.71 3.13 -5.77
N TYR I 59 38.28 3.26 -6.96
CA TYR I 59 37.87 4.27 -7.92
C TYR I 59 37.93 3.67 -9.33
N HIS I 60 36.77 3.60 -9.98
CA HIS I 60 36.69 3.06 -11.33
C HIS I 60 35.93 4.01 -12.25
N ARG I 61 36.25 3.91 -13.54
CA ARG I 61 35.50 4.59 -14.57
C ARG I 61 34.80 3.53 -15.43
N HIS I 62 33.54 3.77 -15.78
CA HIS I 62 32.81 2.83 -16.59
C HIS I 62 33.44 2.70 -17.98
N VAL I 63 33.39 1.49 -18.56
CA VAL I 63 34.06 1.26 -19.82
C VAL I 63 33.43 2.06 -20.96
N ASP I 64 32.14 2.37 -20.85
CA ASP I 64 31.44 3.08 -21.92
C ASP I 64 30.83 4.41 -21.48
N ASP I 65 30.35 4.48 -20.24
CA ASP I 65 29.54 5.61 -19.77
C ASP I 65 30.33 6.72 -19.07
N ALA I 66 29.74 7.92 -19.01
CA ALA I 66 30.30 9.06 -18.30
C ALA I 66 29.99 8.98 -16.82
N THR I 67 30.42 7.87 -16.23
CA THR I 67 30.05 7.52 -14.87
C THR I 67 31.24 6.91 -14.15
N VAL I 68 31.46 7.31 -12.90
CA VAL I 68 32.50 6.67 -12.09
C VAL I 68 31.89 5.98 -10.88
N ARG I 69 32.68 5.08 -10.31
CA ARG I 69 32.28 4.30 -9.15
C ARG I 69 33.31 4.55 -8.06
N VAL I 70 32.85 5.07 -6.94
CA VAL I 70 33.71 5.42 -5.82
C VAL I 70 33.23 4.61 -4.64
N ALA I 71 34.10 3.79 -4.02
CA ALA I 71 33.57 2.87 -3.00
C ALA I 71 34.49 2.72 -1.79
N PHE I 72 33.90 2.67 -0.60
CA PHE I 72 34.65 2.34 0.61
C PHE I 72 35.20 0.92 0.48
N ASN I 73 36.42 0.73 0.96
CA ASN I 73 37.11 -0.54 0.79
C ASN I 73 37.71 -1.07 2.10
N ARG I 74 36.93 -0.99 3.18
CA ARG I 74 37.32 -1.59 4.45
C ARG I 74 36.18 -2.45 4.99
N PRO I 75 35.76 -3.45 4.20
CA PRO I 75 34.56 -4.18 4.60
C PRO I 75 34.73 -4.99 5.89
N GLU I 76 35.97 -5.19 6.34
CA GLU I 76 36.20 -5.93 7.57
C GLU I 76 35.70 -5.16 8.80
N VAL I 77 35.53 -3.85 8.67
CA VAL I 77 34.92 -3.08 9.75
C VAL I 77 33.68 -2.33 9.25
N ARG I 78 32.90 -3.02 8.42
CA ARG I 78 31.63 -2.49 7.89
C ARG I 78 31.88 -1.16 7.19
N ASN I 79 33.05 -1.06 6.56
CA ASN I 79 33.44 0.12 5.80
C ASN I 79 33.45 1.41 6.64
N ALA I 80 33.88 1.32 7.89
CA ALA I 80 34.12 2.54 8.67
C ALA I 80 35.27 3.35 8.08
N PHE I 81 35.16 4.67 8.10
CA PHE I 81 36.25 5.50 7.61
C PHE I 81 37.15 6.01 8.72
N ARG I 82 38.45 6.04 8.43
CA ARG I 82 39.43 6.68 9.30
C ARG I 82 39.92 7.93 8.56
N PRO I 83 40.74 8.79 9.20
CA PRO I 83 41.14 10.03 8.51
C PRO I 83 41.81 9.80 7.14
N HIS I 84 42.61 8.75 7.02
CA HIS I 84 43.21 8.45 5.74
C HIS I 84 42.16 8.09 4.69
N THR I 85 41.08 7.43 5.11
CA THR I 85 39.97 7.12 4.20
C THR I 85 39.32 8.39 3.67
N VAL I 86 39.13 9.37 4.55
CA VAL I 86 38.51 10.63 4.19
C VAL I 86 39.39 11.38 3.18
N ASP I 87 40.70 11.37 3.43
CA ASP I 87 41.64 11.99 2.50
C ASP I 87 41.56 11.35 1.11
N GLU I 88 41.54 10.02 1.05
CA GLU I 88 41.45 9.32 -0.23
C GLU I 88 40.11 9.63 -0.91
N LEU I 89 39.05 9.64 -0.13
CA LEU I 89 37.71 9.89 -0.66
C LEU I 89 37.62 11.29 -1.25
N TYR I 90 38.18 12.27 -0.52
CA TYR I 90 38.19 13.66 -1.00
C TYR I 90 38.98 13.74 -2.30
N ARG I 91 40.17 13.12 -2.30
CA ARG I 91 41.03 13.13 -3.46
C ARG I 91 40.32 12.53 -4.69
N VAL I 92 39.67 11.40 -4.50
CA VAL I 92 38.98 10.73 -5.60
C VAL I 92 37.76 11.54 -6.09
N LEU I 93 36.96 12.06 -5.16
CA LEU I 93 35.79 12.84 -5.54
C LEU I 93 36.19 14.14 -6.24
N ASP I 94 37.29 14.74 -5.78
CA ASP I 94 37.78 15.97 -6.38
C ASP I 94 38.25 15.70 -7.81
N HIS I 95 38.91 14.57 -8.02
CA HIS I 95 39.33 14.16 -9.36
C HIS I 95 38.11 13.99 -10.29
N ALA I 96 37.08 13.29 -9.80
CA ALA I 96 35.85 13.14 -10.57
C ALA I 96 35.22 14.51 -10.89
N ARG I 97 35.22 15.41 -9.91
CA ARG I 97 34.69 16.76 -10.11
C ARG I 97 35.36 17.46 -11.29
N MET I 98 36.67 17.26 -11.40
CA MET I 98 37.45 17.96 -12.42
C MET I 98 37.62 17.18 -13.70
N SER I 99 36.90 16.06 -13.83
CA SER I 99 36.93 15.24 -15.03
C SER I 99 35.81 15.60 -15.98
N PRO I 100 36.10 16.29 -17.09
CA PRO I 100 35.00 16.78 -17.92
C PRO I 100 34.21 15.68 -18.64
N ASP I 101 34.78 14.48 -18.73
CA ASP I 101 34.11 13.37 -19.40
C ASP I 101 33.29 12.55 -18.42
N VAL I 102 33.16 13.03 -17.19
CA VAL I 102 32.36 12.32 -16.18
C VAL I 102 31.15 13.18 -15.78
N GLY I 103 29.95 12.59 -15.86
CA GLY I 103 28.76 13.31 -15.51
C GLY I 103 28.17 12.88 -14.16
N VAL I 104 28.36 11.61 -13.78
CA VAL I 104 27.70 11.11 -12.57
C VAL I 104 28.65 10.28 -11.72
N VAL I 105 28.56 10.46 -10.41
CA VAL I 105 29.33 9.67 -9.45
C VAL I 105 28.42 8.67 -8.73
N LEU I 106 28.77 7.40 -8.78
CA LEU I 106 28.10 6.39 -7.95
C LEU I 106 28.95 6.15 -6.71
N LEU I 107 28.39 6.44 -5.53
CA LEU I 107 29.10 6.29 -4.28
C LEU I 107 28.56 5.06 -3.54
N THR I 108 29.42 4.10 -3.25
CA THR I 108 28.93 2.87 -2.62
C THR I 108 29.98 2.26 -1.70
N GLY I 109 29.74 1.02 -1.28
CA GLY I 109 30.73 0.31 -0.49
C GLY I 109 31.02 -1.04 -1.08
N ASN I 110 32.28 -1.45 -0.99
CA ASN I 110 32.66 -2.80 -1.42
C ASN I 110 32.37 -3.81 -0.35
N GLY I 111 32.29 -5.08 -0.73
CA GLY I 111 32.05 -6.12 0.24
C GLY I 111 31.99 -7.50 -0.39
N PRO I 112 31.52 -8.49 0.38
CA PRO I 112 31.15 -8.32 1.78
C PRO I 112 32.37 -8.48 2.68
N SER I 113 32.14 -8.49 3.99
CA SER I 113 33.23 -8.72 4.92
C SER I 113 33.81 -10.11 4.69
N PRO I 114 35.14 -10.20 4.54
CA PRO I 114 35.73 -11.54 4.39
C PRO I 114 35.62 -12.37 5.66
N LYS I 115 35.29 -11.71 6.77
CA LYS I 115 35.16 -12.38 8.06
C LYS I 115 33.82 -13.07 8.26
N ASP I 116 32.71 -12.37 8.00
CA ASP I 116 31.39 -12.94 8.29
C ASP I 116 30.39 -12.79 7.14
N GLY I 117 30.86 -12.29 5.99
CA GLY I 117 30.00 -12.12 4.84
C GLY I 117 28.97 -11.00 4.94
N GLY I 118 29.08 -10.16 5.97
CA GLY I 118 28.15 -9.06 6.16
C GLY I 118 28.39 -7.91 5.19
N TRP I 119 27.31 -7.26 4.78
CA TRP I 119 27.38 -6.21 3.76
C TRP I 119 27.23 -4.82 4.38
N ALA I 120 28.03 -3.88 3.90
CA ALA I 120 27.98 -2.51 4.39
C ALA I 120 28.21 -1.49 3.28
N PHE I 121 27.43 -0.42 3.32
CA PHE I 121 27.83 0.77 2.57
C PHE I 121 28.92 1.47 3.37
N CYS I 122 28.59 1.89 4.59
CA CYS I 122 29.53 2.63 5.42
C CYS I 122 28.98 2.70 6.85
N SER I 123 29.81 2.38 7.84
CA SER I 123 29.37 2.44 9.23
C SER I 123 29.85 3.68 9.98
N GLY I 124 30.30 4.70 9.25
CA GLY I 124 30.71 5.94 9.88
C GLY I 124 32.16 5.93 10.35
N GLY I 125 32.47 6.80 11.30
CA GLY I 125 33.83 6.96 11.76
C GLY I 125 34.34 5.72 12.47
N ASP I 126 35.60 5.40 12.24
CA ASP I 126 36.22 4.20 12.79
C ASP I 126 36.46 4.43 14.29
N GLN I 127 35.64 3.80 15.13
CA GLN I 127 35.69 4.07 16.56
C GLN I 127 37.02 3.70 17.21
N ARG I 128 37.77 2.80 16.56
CA ARG I 128 39.05 2.37 17.13
C ARG I 128 40.03 3.51 17.28
N ILE I 129 39.92 4.50 16.40
CA ILE I 129 40.93 5.55 16.42
C ILE I 129 40.29 6.90 16.75
N ARG I 130 39.07 6.84 17.29
CA ARG I 130 38.40 8.02 17.80
C ARG I 130 38.98 8.40 19.16
N GLY I 131 39.36 9.66 19.30
CA GLY I 131 39.90 10.16 20.56
C GLY I 131 39.09 11.35 21.03
N ARG I 132 39.58 12.01 22.08
CA ARG I 132 38.84 13.14 22.63
C ARG I 132 38.83 14.36 21.71
N SER I 133 39.73 14.43 20.74
CA SER I 133 39.70 15.57 19.82
C SER I 133 39.10 15.22 18.45
N GLY I 134 38.65 13.99 18.27
CA GLY I 134 38.10 13.57 17.00
C GLY I 134 38.78 12.30 16.50
N TYR I 135 38.69 12.05 15.20
CA TYR I 135 39.26 10.83 14.64
C TYR I 135 40.71 11.07 14.33
N GLN I 136 41.57 10.13 14.75
CA GLN I 136 42.99 10.40 14.71
C GLN I 136 43.76 9.53 13.73
N TYR I 137 44.70 10.15 13.02
CA TYR I 137 45.61 9.42 12.16
C TYR I 137 46.40 8.41 12.99
N ALA I 138 46.60 7.23 12.42
CA ALA I 138 47.34 6.16 13.11
C ALA I 138 48.16 5.42 12.07
N SER I 139 49.27 4.83 12.50
CA SER I 139 50.14 4.13 11.57
C SER I 139 49.62 2.72 11.27
N GLY I 140 48.73 2.22 12.13
CA GLY I 140 48.09 0.93 11.93
C GLY I 140 46.57 1.09 12.03
N ASP I 141 45.87 -0.01 12.27
CA ASP I 141 44.40 0.01 12.37
C ASP I 141 43.89 0.25 13.78
N THR I 142 44.75 0.02 14.77
CA THR I 142 44.30 0.02 16.16
C THR I 142 44.69 1.28 16.92
N ALA I 143 44.01 1.49 18.04
CA ALA I 143 44.21 2.69 18.85
C ALA I 143 45.63 2.86 19.35
N ASP I 144 46.36 1.76 19.52
CA ASP I 144 47.71 1.85 20.07
C ASP I 144 48.67 2.51 19.08
N THR I 145 48.30 2.57 17.81
CA THR I 145 49.19 3.14 16.79
C THR I 145 48.86 4.59 16.44
N VAL I 146 47.95 5.18 17.20
CA VAL I 146 47.57 6.58 17.04
C VAL I 146 48.75 7.52 17.29
N ASP I 147 48.94 8.48 16.39
CA ASP I 147 49.94 9.54 16.57
C ASP I 147 49.42 10.53 17.62
N VAL I 148 49.89 10.40 18.86
CA VAL I 148 49.35 11.20 19.96
C VAL I 148 49.72 12.68 19.86
N ALA I 149 50.71 12.99 19.02
CA ALA I 149 51.17 14.37 18.88
C ALA I 149 50.32 15.16 17.88
N ARG I 150 49.36 14.47 17.26
CA ARG I 150 48.59 15.03 16.16
C ARG I 150 47.12 15.07 16.52
N ALA I 151 46.51 16.26 16.44
CA ALA I 151 45.12 16.42 16.86
C ALA I 151 44.15 15.68 15.95
N GLY I 152 43.04 15.23 16.53
CA GLY I 152 42.01 14.54 15.76
C GLY I 152 41.29 15.48 14.82
N ARG I 153 40.61 14.89 13.84
CA ARG I 153 39.84 15.66 12.86
C ARG I 153 38.45 15.09 12.68
N LEU I 154 37.54 15.94 12.20
CA LEU I 154 36.20 15.50 11.86
C LEU I 154 35.91 15.84 10.40
N HIS I 155 36.89 15.63 9.52
CA HIS I 155 36.79 16.26 8.21
C HIS I 155 36.04 15.43 7.15
N ILE I 156 35.27 14.43 7.57
CA ILE I 156 34.26 13.88 6.65
C ILE I 156 33.32 15.02 6.24
N LEU I 157 33.24 16.06 7.06
CA LEU I 157 32.44 17.25 6.76
C LEU I 157 32.94 17.92 5.47
N GLU I 158 34.25 17.84 5.21
CA GLU I 158 34.80 18.38 3.97
C GLU I 158 34.33 17.57 2.76
N VAL I 159 34.22 16.25 2.93
CA VAL I 159 33.69 15.39 1.87
C VAL I 159 32.20 15.66 1.67
N GLN I 160 31.47 15.87 2.76
CA GLN I 160 30.06 16.24 2.65
C GLN I 160 29.90 17.50 1.78
N ARG I 161 30.74 18.50 2.01
CA ARG I 161 30.64 19.75 1.23
C ARG I 161 31.07 19.54 -0.22
N LEU I 162 32.07 18.70 -0.43
CA LEU I 162 32.52 18.40 -1.78
C LEU I 162 31.41 17.73 -2.59
N ILE I 163 30.69 16.78 -1.98
CA ILE I 163 29.55 16.16 -2.62
C ILE I 163 28.44 17.18 -2.90
N ARG I 164 28.17 18.01 -1.91
CA ARG I 164 27.12 19.03 -2.01
C ARG I 164 27.42 20.08 -3.08
N PHE I 165 28.70 20.48 -3.18
CA PHE I 165 29.07 21.58 -4.06
C PHE I 165 29.49 21.17 -5.46
N MET I 166 29.69 19.88 -5.72
CA MET I 166 30.23 19.55 -7.02
C MET I 166 29.11 19.60 -8.05
N PRO I 167 29.44 20.10 -9.26
CA PRO I 167 28.44 20.37 -10.29
C PRO I 167 28.02 19.11 -11.05
N LYS I 168 27.92 18.00 -10.34
CA LYS I 168 27.56 16.72 -10.91
C LYS I 168 26.69 16.01 -9.91
N VAL I 169 25.81 15.16 -10.42
CA VAL I 169 24.94 14.39 -9.56
C VAL I 169 25.70 13.23 -8.91
N VAL I 170 25.56 13.11 -7.60
CA VAL I 170 26.15 12.01 -6.86
C VAL I 170 25.04 11.11 -6.38
N ILE I 171 25.09 9.84 -6.78
CA ILE I 171 24.06 8.87 -6.39
C ILE I 171 24.65 7.92 -5.38
N CYS I 172 24.07 7.85 -4.19
CA CYS I 172 24.51 6.89 -3.20
C CYS I 172 23.84 5.53 -3.50
N LEU I 173 24.64 4.47 -3.63
CA LEU I 173 24.09 3.12 -3.76
C LEU I 173 24.26 2.39 -2.44
N VAL I 174 23.19 2.31 -1.64
CA VAL I 174 23.32 1.71 -0.32
C VAL I 174 23.16 0.19 -0.42
N ASN I 175 24.31 -0.48 -0.34
CA ASN I 175 24.45 -1.92 -0.61
C ASN I 175 24.47 -2.76 0.64
N GLY I 176 24.25 -2.12 1.79
CA GLY I 176 24.39 -2.81 3.07
C GLY I 176 24.07 -1.84 4.18
N TRP I 177 24.61 -2.07 5.37
CA TRP I 177 24.47 -1.11 6.46
C TRP I 177 24.89 0.30 6.07
N ALA I 178 24.07 1.27 6.43
CA ALA I 178 24.43 2.69 6.36
C ALA I 178 24.16 3.22 7.75
N ALA I 179 25.22 3.42 8.53
CA ALA I 179 25.08 3.74 9.95
C ALA I 179 25.97 4.91 10.34
N GLY I 180 25.49 5.69 11.31
CA GLY I 180 26.24 6.81 11.85
C GLY I 180 26.62 7.76 10.72
N GLY I 181 27.91 8.11 10.62
CA GLY I 181 28.38 8.97 9.55
C GLY I 181 28.14 8.44 8.15
N GLY I 182 28.01 7.12 8.02
CA GLY I 182 27.71 6.52 6.73
C GLY I 182 26.27 6.80 6.33
N HIS I 183 25.39 6.84 7.32
CA HIS I 183 24.00 7.22 7.07
C HIS I 183 23.96 8.67 6.61
N SER I 184 24.73 9.52 7.27
CA SER I 184 24.78 10.94 6.91
C SER I 184 25.35 11.18 5.51
N LEU I 185 26.32 10.39 5.08
CA LEU I 185 26.82 10.49 3.71
C LEU I 185 25.72 10.17 2.71
N HIS I 186 24.93 9.15 3.02
CA HIS I 186 23.76 8.83 2.20
C HIS I 186 22.82 10.04 2.10
N VAL I 187 22.55 10.66 3.24
CA VAL I 187 21.63 11.80 3.27
C VAL I 187 22.09 12.96 2.37
N VAL I 188 23.39 13.25 2.34
CA VAL I 188 23.84 14.44 1.62
C VAL I 188 23.96 14.20 0.10
N CYS I 189 23.96 12.95 -0.34
CA CYS I 189 24.01 12.69 -1.77
C CYS I 189 22.72 13.17 -2.45
N ASP I 190 22.80 13.44 -3.75
CA ASP I 190 21.66 13.96 -4.48
C ASP I 190 20.52 12.94 -4.57
N LEU I 191 20.89 11.68 -4.78
CA LEU I 191 19.93 10.59 -4.97
C LEU I 191 20.44 9.38 -4.23
N THR I 192 19.54 8.51 -3.78
CA THR I 192 19.93 7.26 -3.13
C THR I 192 19.11 6.09 -3.69
N LEU I 193 19.81 5.03 -4.11
CA LEU I 193 19.19 3.75 -4.50
C LEU I 193 19.64 2.74 -3.45
N ALA I 194 18.78 1.81 -3.06
CA ALA I 194 19.13 0.92 -1.96
C ALA I 194 18.83 -0.53 -2.29
N SER I 195 19.71 -1.41 -1.85
CA SER I 195 19.57 -2.87 -1.96
C SER I 195 18.38 -3.39 -1.16
N ARG I 196 17.41 -4.04 -1.83
CA ARG I 196 16.25 -4.56 -1.12
C ARG I 196 16.68 -5.50 -0.01
N GLU I 197 17.58 -6.41 -0.33
CA GLU I 197 17.90 -7.47 0.63
C GLU I 197 18.81 -7.01 1.75
N TYR I 198 19.76 -6.13 1.44
CA TYR I 198 20.86 -5.90 2.35
C TYR I 198 20.94 -4.47 2.92
N ALA I 199 20.27 -3.51 2.30
CA ALA I 199 20.33 -2.16 2.85
C ALA I 199 19.69 -2.14 4.23
N ARG I 200 20.36 -1.48 5.17
CA ARG I 200 19.84 -1.28 6.51
C ARG I 200 20.26 0.11 6.92
N PHE I 201 19.31 0.95 7.27
CA PHE I 201 19.59 2.33 7.67
C PHE I 201 19.47 2.47 9.18
N LYS I 202 20.52 2.93 9.85
CA LYS I 202 20.47 3.02 11.30
C LYS I 202 21.32 4.17 11.79
N GLN I 203 20.68 5.17 12.36
CA GLN I 203 21.44 6.32 12.83
C GLN I 203 21.84 6.10 14.28
N THR I 204 23.05 5.58 14.45
CA THR I 204 23.59 5.14 15.74
C THR I 204 24.35 6.23 16.51
N ASP I 205 24.38 7.45 15.96
CA ASP I 205 25.15 8.55 16.55
C ASP I 205 25.00 8.65 18.08
N ALA I 206 23.77 8.77 18.56
CA ALA I 206 23.58 9.03 19.98
C ALA I 206 23.90 7.80 20.83
N ASP I 207 23.88 6.63 20.21
CA ASP I 207 24.30 5.39 20.89
C ASP I 207 25.73 5.43 21.35
N VAL I 208 26.59 6.10 20.58
CA VAL I 208 28.02 6.16 20.89
C VAL I 208 28.44 7.56 21.33
N GLY I 209 27.45 8.40 21.67
CA GLY I 209 27.71 9.72 22.22
C GLY I 209 28.10 10.77 21.21
N SER I 210 27.81 10.50 19.94
CA SER I 210 28.18 11.41 18.86
C SER I 210 26.92 12.04 18.27
N PHE I 211 27.10 13.00 17.38
CA PHE I 211 25.98 13.54 16.62
C PHE I 211 26.49 14.25 15.38
N ASP I 212 25.76 14.10 14.28
CA ASP I 212 25.92 14.98 13.11
C ASP I 212 24.84 16.03 13.21
N GLY I 213 25.22 17.23 13.65
CA GLY I 213 24.25 18.31 13.80
C GLY I 213 24.12 19.19 12.57
N GLY I 214 24.63 18.71 11.43
CA GLY I 214 24.55 19.47 10.18
C GLY I 214 23.70 18.80 9.11
N TYR I 215 24.34 18.39 8.00
CA TYR I 215 23.62 17.76 6.92
C TYR I 215 22.98 16.43 7.36
N GLY I 216 23.64 15.70 8.25
CA GLY I 216 23.12 14.38 8.61
C GLY I 216 21.75 14.39 9.25
N SER I 217 21.45 15.45 10.01
CA SER I 217 20.19 15.56 10.75
C SER I 217 19.25 16.59 10.12
N ALA I 218 19.69 17.84 10.10
CA ALA I 218 18.82 18.91 9.59
C ALA I 218 18.44 18.69 8.12
N TYR I 219 19.39 18.22 7.31
CA TYR I 219 19.07 18.01 5.91
C TYR I 219 18.22 16.74 5.73
N LEU I 220 18.34 15.78 6.67
CA LEU I 220 17.46 14.62 6.60
C LEU I 220 16.00 15.05 6.72
N ALA I 221 15.74 16.04 7.57
CA ALA I 221 14.38 16.56 7.73
C ALA I 221 13.86 17.19 6.43
N ARG I 222 14.77 17.65 5.57
CA ARG I 222 14.34 18.20 4.28
C ARG I 222 14.01 17.10 3.28
N GLN I 223 14.13 15.84 3.69
CA GLN I 223 13.79 14.71 2.83
C GLN I 223 12.58 13.95 3.37
N VAL I 224 12.56 13.72 4.68
CA VAL I 224 11.49 12.91 5.28
C VAL I 224 10.57 13.69 6.21
N GLY I 225 10.82 14.98 6.37
CA GLY I 225 10.05 15.79 7.29
C GLY I 225 10.58 15.74 8.71
N GLN I 226 10.18 16.69 9.56
CA GLN I 226 10.76 16.84 10.89
C GLN I 226 10.42 15.69 11.85
N LYS I 227 9.18 15.19 11.81
CA LYS I 227 8.79 14.07 12.69
C LYS I 227 9.62 12.83 12.43
N PHE I 228 9.69 12.42 11.17
CA PHE I 228 10.42 11.20 10.86
C PHE I 228 11.92 11.37 11.08
N ALA I 229 12.47 12.55 10.76
CA ALA I 229 13.89 12.76 10.97
C ALA I 229 14.24 12.68 12.45
N ARG I 230 13.41 13.25 13.31
CA ARG I 230 13.66 13.20 14.74
C ARG I 230 13.53 11.76 15.25
N GLU I 231 12.58 11.01 14.71
CA GLU I 231 12.45 9.60 15.08
C GLU I 231 13.71 8.81 14.74
N ILE I 232 14.19 9.00 13.53
CA ILE I 232 15.37 8.28 13.06
C ILE I 232 16.57 8.51 13.99
N PHE I 233 16.80 9.75 14.38
CA PHE I 233 17.92 10.07 15.26
C PHE I 233 17.67 9.76 16.75
N PHE I 234 16.48 10.08 17.25
CA PHE I 234 16.25 9.94 18.69
C PHE I 234 16.13 8.48 19.13
N LEU I 235 15.60 7.61 18.27
CA LEU I 235 15.44 6.20 18.64
C LEU I 235 16.49 5.30 18.01
N GLY I 236 17.06 5.73 16.90
CA GLY I 236 18.15 4.99 16.29
C GLY I 236 17.75 3.58 15.87
N ARG I 237 16.52 3.44 15.39
CA ARG I 237 16.03 2.13 14.93
C ARG I 237 16.64 1.77 13.59
N THR I 238 16.58 0.48 13.24
CA THR I 238 17.03 0.02 11.93
C THR I 238 15.87 0.01 10.96
N TYR I 239 16.06 0.65 9.81
CA TYR I 239 15.02 0.70 8.78
C TYR I 239 15.45 0.00 7.50
N THR I 240 14.47 -0.54 6.78
CA THR I 240 14.72 -1.18 5.50
C THR I 240 14.74 -0.18 4.36
N ALA I 241 15.19 -0.63 3.19
CA ALA I 241 15.14 0.20 2.00
C ALA I 241 13.70 0.65 1.72
N GLU I 242 12.75 -0.27 1.79
CA GLU I 242 11.36 0.10 1.51
C GLU I 242 10.85 1.12 2.51
N GLN I 243 11.20 0.96 3.79
CA GLN I 243 10.75 1.92 4.79
C GLN I 243 11.31 3.31 4.52
N MET I 244 12.61 3.38 4.21
CA MET I 244 13.19 4.68 3.89
C MET I 244 12.66 5.27 2.59
N HIS I 245 12.29 4.43 1.63
CA HIS I 245 11.68 4.90 0.40
C HIS I 245 10.32 5.52 0.69
N GLN I 246 9.53 4.86 1.54
CA GLN I 246 8.22 5.39 1.90
C GLN I 246 8.32 6.70 2.67
N MET I 247 9.39 6.88 3.44
CA MET I 247 9.56 8.12 4.20
C MET I 247 10.10 9.26 3.35
N GLY I 248 10.81 8.93 2.27
CA GLY I 248 11.27 9.95 1.34
C GLY I 248 12.78 10.15 1.24
N ALA I 249 13.55 9.27 1.86
CA ALA I 249 15.01 9.43 1.87
C ALA I 249 15.71 8.51 0.88
N VAL I 250 14.96 7.56 0.32
CA VAL I 250 15.51 6.63 -0.67
C VAL I 250 14.68 6.74 -1.94
N ASN I 251 15.34 7.00 -3.07
CA ASN I 251 14.61 7.23 -4.32
C ASN I 251 13.99 5.97 -4.88
N ALA I 252 14.72 4.87 -4.81
CA ALA I 252 14.17 3.62 -5.28
C ALA I 252 14.91 2.43 -4.68
N VAL I 253 14.22 1.32 -4.65
CA VAL I 253 14.77 0.07 -4.14
C VAL I 253 15.10 -0.83 -5.32
N ALA I 254 16.27 -1.47 -5.27
CA ALA I 254 16.69 -2.37 -6.35
C ALA I 254 17.13 -3.71 -5.78
N GLU I 255 17.03 -4.78 -6.57
CA GLU I 255 17.63 -6.05 -6.19
C GLU I 255 19.11 -5.84 -5.96
N HIS I 256 19.66 -6.44 -4.91
CA HIS I 256 21.08 -6.33 -4.60
C HIS I 256 21.97 -6.59 -5.82
N ALA I 257 21.71 -7.69 -6.52
CA ALA I 257 22.56 -8.06 -7.66
C ALA I 257 22.50 -7.01 -8.76
N GLU I 258 21.41 -6.24 -8.77
CA GLU I 258 21.17 -5.27 -9.84
C GLU I 258 21.42 -3.83 -9.40
N LEU I 259 21.91 -3.63 -8.18
CA LEU I 259 21.98 -2.27 -7.62
C LEU I 259 22.84 -1.33 -8.46
N GLU I 260 23.98 -1.81 -8.93
CA GLU I 260 24.85 -0.94 -9.73
C GLU I 260 24.35 -0.86 -11.17
N THR I 261 23.73 -1.92 -11.67
CA THR I 261 23.09 -1.87 -12.98
C THR I 261 22.00 -0.79 -13.01
N VAL I 262 21.18 -0.75 -11.97
CA VAL I 262 20.15 0.28 -11.89
C VAL I 262 20.80 1.66 -11.73
N GLY I 263 21.82 1.75 -10.87
CA GLY I 263 22.59 2.98 -10.75
C GLY I 263 23.12 3.51 -12.07
N LEU I 264 23.62 2.61 -12.92
CA LEU I 264 24.16 3.00 -14.23
C LEU I 264 23.03 3.46 -15.15
N GLN I 265 21.85 2.85 -14.99
CA GLN I 265 20.69 3.26 -15.77
C GLN I 265 20.26 4.68 -15.40
N TRP I 266 20.18 4.93 -14.09
CA TRP I 266 19.85 6.26 -13.60
C TRP I 266 20.88 7.29 -14.06
N ALA I 267 22.15 6.91 -14.01
CA ALA I 267 23.22 7.79 -14.46
C ALA I 267 23.08 8.08 -15.95
N ALA I 268 22.69 7.06 -16.72
CA ALA I 268 22.51 7.25 -18.16
C ALA I 268 21.38 8.23 -18.48
N GLU I 269 20.29 8.17 -17.71
CA GLU I 269 19.19 9.10 -17.95
C GLU I 269 19.63 10.51 -17.59
N ILE I 270 20.40 10.63 -16.51
CA ILE I 270 20.93 11.94 -16.13
C ILE I 270 21.87 12.48 -17.19
N ASN I 271 22.75 11.61 -17.67
CA ASN I 271 23.77 12.02 -18.63
C ASN I 271 23.22 12.33 -20.01
N ALA I 272 21.96 11.96 -20.26
CA ALA I 272 21.34 12.19 -21.57
C ALA I 272 20.70 13.58 -21.71
N LYS I 273 20.70 14.35 -20.63
CA LYS I 273 20.11 15.69 -20.64
C LYS I 273 21.18 16.78 -20.82
N SER I 274 20.75 18.02 -20.99
CA SER I 274 21.67 19.16 -21.06
C SER I 274 22.55 19.23 -19.81
N PRO I 275 23.87 19.07 -19.96
CA PRO I 275 24.73 19.12 -18.78
C PRO I 275 24.68 20.47 -18.09
N GLN I 276 24.51 21.51 -18.90
CA GLN I 276 24.40 22.87 -18.40
C GLN I 276 23.17 23.02 -17.53
N ALA I 277 22.03 22.53 -18.01
CA ALA I 277 20.79 22.59 -17.23
C ALA I 277 20.92 21.78 -15.95
N GLN I 278 21.52 20.61 -16.02
CA GLN I 278 21.61 19.75 -14.84
C GLN I 278 22.41 20.45 -13.73
N ARG I 279 23.47 21.11 -14.14
CA ARG I 279 24.34 21.86 -13.23
C ARG I 279 23.58 22.98 -12.50
N MET I 280 22.88 23.79 -13.29
CA MET I 280 22.10 24.88 -12.74
C MET I 280 21.03 24.36 -11.79
N LEU I 281 20.38 23.25 -12.17
CA LEU I 281 19.34 22.68 -11.33
C LEU I 281 19.88 22.23 -9.97
N LYS I 282 21.03 21.58 -9.95
CA LYS I 282 21.57 21.09 -8.68
C LYS I 282 21.80 22.27 -7.73
N PHE I 283 22.36 23.35 -8.27
CA PHE I 283 22.65 24.48 -7.41
C PHE I 283 21.38 25.26 -7.04
N ALA I 284 20.35 25.17 -7.89
CA ALA I 284 19.04 25.73 -7.53
C ALA I 284 18.43 24.98 -6.34
N PHE I 285 18.55 23.65 -6.34
CA PHE I 285 18.01 22.87 -5.24
C PHE I 285 18.77 23.16 -3.94
N ASN I 286 20.07 23.39 -4.05
CA ASN I 286 20.90 23.67 -2.89
C ASN I 286 20.64 25.04 -2.28
N LEU I 287 20.27 25.98 -3.13
CA LEU I 287 20.52 27.41 -2.89
C LEU I 287 20.06 27.93 -1.53
N LEU I 288 18.76 27.94 -1.30
CA LEU I 288 18.21 28.61 -0.12
C LEU I 288 18.57 27.89 1.16
N ASP I 289 18.50 26.55 1.15
CA ASP I 289 18.93 25.76 2.30
C ASP I 289 20.36 26.13 2.68
N ASP I 290 21.18 26.48 1.69
CA ASP I 290 22.61 26.74 1.91
C ASP I 290 22.97 28.22 2.06
N GLY I 291 21.95 29.08 2.18
CA GLY I 291 22.17 30.49 2.47
C GLY I 291 23.12 31.15 1.48
N LEU I 292 24.04 31.97 2.01
CA LEU I 292 24.99 32.71 1.18
C LEU I 292 25.91 31.81 0.41
N VAL I 293 26.23 30.65 0.98
CA VAL I 293 27.08 29.68 0.29
C VAL I 293 26.34 29.15 -0.94
N GLY I 294 25.06 28.82 -0.75
CA GLY I 294 24.24 28.36 -1.86
C GLY I 294 24.10 29.44 -2.93
N GLN I 295 23.93 30.67 -2.48
CA GLN I 295 23.85 31.77 -3.44
C GLN I 295 25.18 31.91 -4.18
N GLN I 296 26.30 31.76 -3.48
CA GLN I 296 27.60 31.90 -4.11
C GLN I 296 27.78 30.90 -5.25
N LEU I 297 27.39 29.65 -5.00
CA LEU I 297 27.55 28.62 -6.01
C LEU I 297 26.62 28.83 -7.20
N PHE I 298 25.36 29.13 -6.93
CA PHE I 298 24.40 29.32 -8.02
C PHE I 298 24.73 30.59 -8.82
N ALA I 299 25.03 31.69 -8.13
CA ALA I 299 25.42 32.93 -8.81
C ALA I 299 26.70 32.74 -9.60
N GLY I 300 27.60 31.91 -9.08
CA GLY I 300 28.85 31.61 -9.77
C GLY I 300 28.61 30.96 -11.13
N GLU I 301 27.64 30.05 -11.20
CA GLU I 301 27.28 29.45 -12.46
C GLU I 301 26.57 30.45 -13.38
N ALA I 302 25.81 31.36 -12.79
CA ALA I 302 25.19 32.42 -13.59
C ALA I 302 26.27 33.32 -14.21
N THR I 303 27.32 33.62 -13.44
CA THR I 303 28.42 34.42 -13.94
C THR I 303 29.09 33.74 -15.12
N ARG I 304 29.30 32.43 -15.03
CA ARG I 304 29.86 31.68 -16.15
C ARG I 304 28.97 31.81 -17.39
N LEU I 305 27.66 31.69 -17.21
CA LEU I 305 26.74 31.85 -18.34
C LEU I 305 26.86 33.25 -18.94
N ALA I 306 26.99 34.25 -18.09
CA ALA I 306 27.10 35.64 -18.55
C ALA I 306 28.37 35.85 -19.35
N TYR I 307 29.44 35.18 -18.94
CA TYR I 307 30.75 35.33 -19.62
C TYR I 307 30.69 34.86 -21.07
N MET I 308 29.76 33.96 -21.37
CA MET I 308 29.66 33.41 -22.71
C MET I 308 29.06 34.42 -23.70
N THR I 309 28.42 35.46 -23.18
CA THR I 309 27.61 36.37 -24.00
C THR I 309 28.43 37.43 -24.74
N ASP I 310 27.93 37.87 -25.88
CA ASP I 310 28.54 38.97 -26.62
C ASP I 310 28.63 40.23 -25.77
N GLU I 311 27.66 40.42 -24.88
CA GLU I 311 27.67 41.56 -23.97
C GLU I 311 28.88 41.54 -23.04
N ALA I 312 29.15 40.40 -22.40
CA ALA I 312 30.33 40.27 -21.55
C ALA I 312 31.63 40.45 -22.32
N VAL I 313 31.65 39.94 -23.54
CA VAL I 313 32.83 40.09 -24.40
C VAL I 313 33.11 41.57 -24.71
N GLU I 314 32.05 42.34 -24.95
CA GLU I 314 32.21 43.78 -25.16
C GLU I 314 32.76 44.47 -23.91
N GLY I 315 32.31 44.02 -22.74
CA GLY I 315 32.83 44.53 -21.48
C GLY I 315 34.33 44.31 -21.37
N ARG I 316 34.76 43.10 -21.65
CA ARG I 316 36.19 42.77 -21.64
C ARG I 316 36.97 43.54 -22.69
N ASP I 317 36.46 43.55 -23.92
CA ASP I 317 37.17 44.20 -25.01
C ASP I 317 37.35 45.69 -24.74
N ALA I 318 36.31 46.32 -24.20
CA ALA I 318 36.37 47.75 -23.92
C ALA I 318 37.43 48.07 -22.87
N PHE I 319 37.56 47.20 -21.87
CA PHE I 319 38.59 47.42 -20.85
C PHE I 319 39.99 47.27 -21.47
N LEU I 320 40.18 46.22 -22.25
CA LEU I 320 41.49 45.96 -22.87
C LEU I 320 41.85 47.06 -23.86
N GLN I 321 40.84 47.63 -24.50
CA GLN I 321 41.09 48.69 -25.47
C GLN I 321 40.97 50.08 -24.87
N LYS I 322 40.86 50.15 -23.55
CA LYS I 322 40.84 51.42 -22.81
C LYS I 322 39.84 52.43 -23.38
N ARG I 323 38.62 51.96 -23.64
CA ARG I 323 37.58 52.79 -24.22
C ARG I 323 36.28 52.58 -23.47
N PRO I 324 35.32 53.50 -23.62
CA PRO I 324 34.00 53.21 -23.05
C PRO I 324 33.31 52.05 -23.78
N PRO I 325 32.65 51.18 -23.02
CA PRO I 325 31.90 50.10 -23.65
C PRO I 325 30.69 50.63 -24.40
N ASP I 326 30.30 49.94 -25.46
CA ASP I 326 29.10 50.28 -26.21
C ASP I 326 28.04 49.21 -25.98
N TRP I 327 27.05 49.54 -25.15
CA TRP I 327 26.03 48.56 -24.78
C TRP I 327 24.79 48.60 -25.67
N SER I 328 24.78 49.50 -26.65
CA SER I 328 23.58 49.70 -27.47
C SER I 328 23.03 48.45 -28.17
N PRO I 329 23.89 47.46 -28.52
CA PRO I 329 23.26 46.28 -29.12
C PRO I 329 22.51 45.36 -28.15
N PHE I 330 22.60 45.60 -26.84
CA PHE I 330 22.08 44.64 -25.87
C PHE I 330 20.87 45.17 -25.12
N PRO I 331 19.71 44.54 -25.32
CA PRO I 331 18.46 45.09 -24.77
C PRO I 331 18.35 45.01 -23.25
N ARG I 332 17.53 45.90 -22.70
CA ARG I 332 17.17 45.86 -21.30
C ARG I 332 15.99 44.90 -21.13
N TYR I 333 16.31 43.63 -20.97
CA TYR I 333 15.27 42.61 -20.84
C TYR I 333 14.41 42.80 -19.61
N PHE I 334 13.15 42.40 -19.71
CA PHE I 334 12.20 42.53 -18.60
C PHE I 334 11.18 41.39 -18.62
N ASN J 38 57.47 51.36 2.03
CA ASN J 38 56.94 50.03 1.73
C ASN J 38 56.44 49.35 3.00
N PRO J 39 55.20 48.86 2.96
CA PRO J 39 54.62 48.20 4.14
C PRO J 39 55.38 46.94 4.55
N PHE J 40 56.06 46.31 3.60
CA PHE J 40 56.75 45.05 3.85
C PHE J 40 58.06 45.22 4.60
N ASP J 41 58.16 44.59 5.77
CA ASP J 41 59.37 44.60 6.58
C ASP J 41 60.08 43.24 6.49
N ALA J 42 61.04 43.13 5.57
CA ALA J 42 61.66 41.86 5.24
C ALA J 42 62.18 41.10 6.46
N LYS J 43 62.76 41.83 7.41
CA LYS J 43 63.40 41.21 8.56
C LYS J 43 62.40 40.47 9.46
N ALA J 44 61.12 40.83 9.36
CA ALA J 44 60.11 40.26 10.24
C ALA J 44 59.60 38.92 9.73
N TRP J 45 59.95 38.58 8.49
CA TRP J 45 59.34 37.45 7.81
C TRP J 45 60.34 36.41 7.30
N ARG J 46 59.90 35.17 7.26
CA ARG J 46 60.69 34.09 6.70
C ARG J 46 59.84 33.28 5.72
N LEU J 47 60.45 32.86 4.62
CA LEU J 47 59.77 32.03 3.65
C LEU J 47 59.35 30.71 4.27
N VAL J 48 58.22 30.18 3.79
CA VAL J 48 57.71 28.92 4.30
C VAL J 48 58.30 27.76 3.49
N ASP J 49 58.77 26.74 4.19
CA ASP J 49 59.39 25.59 3.53
C ASP J 49 58.44 24.86 2.58
N GLY J 50 58.91 24.56 1.38
CA GLY J 50 58.14 23.78 0.43
C GLY J 50 57.48 24.58 -0.67
N PHE J 51 57.66 25.90 -0.64
CA PHE J 51 56.97 26.77 -1.58
C PHE J 51 57.95 27.57 -2.44
N ASP J 52 59.06 26.94 -2.80
CA ASP J 52 60.07 27.58 -3.63
C ASP J 52 59.59 27.84 -5.05
N ASP J 53 58.56 27.11 -5.45
CA ASP J 53 58.06 27.16 -6.81
C ASP J 53 57.02 28.26 -7.07
N LEU J 54 56.66 29.03 -6.04
CA LEU J 54 55.63 30.05 -6.20
C LEU J 54 56.09 31.15 -7.17
N THR J 55 55.18 31.61 -8.02
CA THR J 55 55.51 32.66 -8.98
C THR J 55 54.56 33.87 -8.91
N ASP J 56 53.28 33.62 -8.60
CA ASP J 56 52.25 34.66 -8.62
C ASP J 56 51.86 35.15 -7.21
N ILE J 57 52.35 34.43 -6.20
CA ILE J 57 51.96 34.61 -4.80
C ILE J 57 53.23 34.52 -3.95
N THR J 58 53.31 35.32 -2.89
CA THR J 58 54.36 35.06 -1.90
C THR J 58 53.73 34.63 -0.58
N TYR J 59 54.51 33.91 0.21
CA TYR J 59 54.02 33.24 1.42
C TYR J 59 55.11 33.31 2.48
N HIS J 60 54.86 34.05 3.55
CA HIS J 60 55.82 34.15 4.63
C HIS J 60 55.19 33.81 5.98
N ARG J 61 56.04 33.31 6.88
CA ARG J 61 55.67 33.13 8.27
C ARG J 61 56.45 34.12 9.12
N HIS J 62 55.77 34.73 10.09
CA HIS J 62 56.43 35.71 10.94
C HIS J 62 57.52 35.05 11.79
N VAL J 63 58.63 35.75 11.98
CA VAL J 63 59.78 35.16 12.66
C VAL J 63 59.45 34.76 14.10
N ASP J 64 58.48 35.44 14.70
CA ASP J 64 58.11 35.20 16.09
C ASP J 64 56.63 34.86 16.30
N ASP J 65 55.77 35.48 15.50
CA ASP J 65 54.33 35.39 15.75
C ASP J 65 53.65 34.24 15.02
N ALA J 66 52.53 33.77 15.58
CA ALA J 66 51.65 32.79 14.93
C ALA J 66 50.80 33.43 13.82
N THR J 67 51.49 34.02 12.85
CA THR J 67 50.88 34.84 11.83
C THR J 67 51.58 34.61 10.51
N VAL J 68 50.83 34.48 9.42
CA VAL J 68 51.45 34.38 8.10
C VAL J 68 51.05 35.56 7.21
N ARG J 69 51.84 35.78 6.17
CA ARG J 69 51.59 36.84 5.20
C ARG J 69 51.46 36.20 3.82
N VAL J 70 50.29 36.38 3.23
CA VAL J 70 50.00 35.82 1.91
C VAL J 70 49.72 36.97 0.95
N ALA J 71 50.47 37.04 -0.15
CA ALA J 71 50.38 38.25 -0.97
C ALA J 71 50.38 37.98 -2.48
N PHE J 72 49.54 38.73 -3.19
CA PHE J 72 49.59 38.74 -4.65
C PHE J 72 50.92 39.30 -5.09
N ASN J 73 51.47 38.71 -6.14
CA ASN J 73 52.81 39.07 -6.60
C ASN J 73 52.85 39.33 -8.12
N ARG J 74 51.83 40.00 -8.64
CA ARG J 74 51.85 40.44 -10.03
C ARG J 74 51.62 41.96 -10.14
N PRO J 75 52.49 42.75 -9.49
CA PRO J 75 52.20 44.20 -9.39
C PRO J 75 52.26 44.94 -10.73
N GLU J 76 52.77 44.30 -11.78
CA GLU J 76 52.83 44.92 -13.09
C GLU J 76 51.44 45.05 -13.73
N VAL J 77 50.50 44.20 -13.31
CA VAL J 77 49.12 44.33 -13.80
C VAL J 77 48.16 44.57 -12.65
N ARG J 78 48.59 45.37 -11.68
CA ARG J 78 47.79 45.74 -10.51
C ARG J 78 47.37 44.50 -9.73
N ASN J 79 48.25 43.51 -9.68
CA ASN J 79 48.02 42.24 -8.97
C ASN J 79 46.75 41.51 -9.40
N ALA J 80 46.45 41.55 -10.70
CA ALA J 80 45.37 40.75 -11.26
C ALA J 80 45.69 39.27 -11.13
N PHE J 81 44.70 38.45 -10.84
CA PHE J 81 44.94 37.02 -10.77
C PHE J 81 44.52 36.29 -12.05
N ARG J 82 45.38 35.34 -12.45
CA ARG J 82 45.06 34.38 -13.50
C ARG J 82 44.82 33.02 -12.84
N PRO J 83 44.33 32.03 -13.61
CA PRO J 83 44.04 30.76 -12.94
C PRO J 83 45.21 30.16 -12.15
N HIS J 84 46.44 30.27 -12.66
CA HIS J 84 47.61 29.80 -11.92
C HIS J 84 47.75 30.51 -10.58
N THR J 85 47.49 31.81 -10.56
CA THR J 85 47.49 32.60 -9.32
C THR J 85 46.51 32.04 -8.29
N VAL J 86 45.32 31.68 -8.77
CA VAL J 86 44.28 31.20 -7.88
C VAL J 86 44.70 29.85 -7.29
N ASP J 87 45.32 29.02 -8.12
CA ASP J 87 45.79 27.69 -7.68
C ASP J 87 46.85 27.85 -6.58
N GLU J 88 47.79 28.77 -6.79
CA GLU J 88 48.83 29.06 -5.81
C GLU J 88 48.23 29.61 -4.52
N LEU J 89 47.26 30.52 -4.65
CA LEU J 89 46.62 31.15 -3.52
C LEU J 89 45.87 30.10 -2.69
N TYR J 90 45.17 29.20 -3.38
CA TYR J 90 44.44 28.17 -2.70
C TYR J 90 45.41 27.28 -1.95
N ARG J 91 46.47 26.85 -2.63
CA ARG J 91 47.46 25.97 -2.01
C ARG J 91 48.06 26.59 -0.75
N VAL J 92 48.39 27.88 -0.82
CA VAL J 92 49.02 28.57 0.28
C VAL J 92 48.05 28.78 1.45
N LEU J 93 46.83 29.18 1.15
CA LEU J 93 45.84 29.38 2.21
C LEU J 93 45.48 28.06 2.87
N ASP J 94 45.45 26.99 2.08
CA ASP J 94 45.12 25.67 2.61
C ASP J 94 46.22 25.19 3.56
N HIS J 95 47.47 25.46 3.20
CA HIS J 95 48.59 25.14 4.06
C HIS J 95 48.52 25.89 5.39
N ALA J 96 48.17 27.18 5.33
CA ALA J 96 48.04 27.97 6.54
C ALA J 96 46.90 27.43 7.42
N ARG J 97 45.81 27.02 6.78
CA ARG J 97 44.68 26.44 7.50
C ARG J 97 45.10 25.22 8.34
N MET J 98 45.95 24.40 7.76
CA MET J 98 46.37 23.14 8.37
C MET J 98 47.65 23.26 9.19
N SER J 99 48.09 24.50 9.40
CA SER J 99 49.29 24.80 10.22
C SER J 99 48.87 25.16 11.65
N PRO J 100 49.07 24.23 12.60
CA PRO J 100 48.52 24.42 13.95
C PRO J 100 49.22 25.53 14.74
N ASP J 101 50.40 25.93 14.30
CA ASP J 101 51.15 26.99 14.95
C ASP J 101 50.83 28.35 14.33
N VAL J 102 49.80 28.40 13.50
CA VAL J 102 49.38 29.65 12.88
C VAL J 102 47.95 29.96 13.25
N GLY J 103 47.71 31.16 13.76
CA GLY J 103 46.38 31.58 14.19
C GLY J 103 45.75 32.64 13.31
N VAL J 104 46.57 33.44 12.63
CA VAL J 104 46.02 34.54 11.84
C VAL J 104 46.70 34.61 10.49
N VAL J 105 45.90 34.88 9.45
CA VAL J 105 46.41 35.09 8.10
C VAL J 105 46.27 36.55 7.70
N LEU J 106 47.37 37.14 7.23
CA LEU J 106 47.35 38.48 6.64
C LEU J 106 47.40 38.34 5.12
N LEU J 107 46.34 38.80 4.47
CA LEU J 107 46.20 38.70 3.01
C LEU J 107 46.39 40.07 2.40
N THR J 108 47.37 40.22 1.51
CA THR J 108 47.68 41.55 0.99
C THR J 108 48.24 41.45 -0.43
N GLY J 109 48.74 42.56 -0.96
CA GLY J 109 49.37 42.54 -2.27
C GLY J 109 50.75 43.16 -2.19
N ASN J 110 51.67 42.66 -2.99
CA ASN J 110 53.02 43.21 -3.01
C ASN J 110 53.08 44.39 -3.95
N GLY J 111 54.03 45.29 -3.74
CA GLY J 111 54.16 46.46 -4.58
C GLY J 111 55.43 47.23 -4.32
N PRO J 112 55.60 48.36 -5.02
CA PRO J 112 54.64 48.86 -6.02
C PRO J 112 54.94 48.35 -7.43
N SER J 113 54.12 48.77 -8.40
CA SER J 113 54.36 48.44 -9.79
C SER J 113 55.70 48.98 -10.24
N PRO J 114 56.53 48.11 -10.83
CA PRO J 114 57.82 48.56 -11.38
C PRO J 114 57.62 49.43 -12.62
N LYS J 115 56.44 49.36 -13.23
CA LYS J 115 56.14 50.18 -14.40
C LYS J 115 55.82 51.63 -14.05
N ASP J 116 54.89 51.86 -13.13
CA ASP J 116 54.43 53.22 -12.86
C ASP J 116 54.40 53.60 -11.38
N GLY J 117 54.90 52.72 -10.52
CA GLY J 117 54.92 53.00 -9.08
C GLY J 117 53.57 52.94 -8.40
N GLY J 118 52.56 52.41 -9.08
CA GLY J 118 51.21 52.33 -8.50
C GLY J 118 51.05 51.16 -7.55
N TRP J 119 50.24 51.38 -6.50
CA TRP J 119 50.00 50.35 -5.49
C TRP J 119 48.70 49.60 -5.73
N ALA J 120 48.74 48.27 -5.61
CA ALA J 120 47.54 47.47 -5.70
C ALA J 120 47.50 46.34 -4.66
N PHE J 121 46.32 46.13 -4.12
CA PHE J 121 46.05 44.90 -3.41
C PHE J 121 45.77 43.82 -4.45
N CYS J 122 44.74 44.05 -5.26
CA CYS J 122 44.31 43.10 -6.27
C CYS J 122 43.26 43.70 -7.19
N SER J 123 43.49 43.63 -8.51
CA SER J 123 42.53 44.19 -9.47
C SER J 123 41.58 43.15 -10.07
N GLY J 124 41.49 41.98 -9.45
CA GLY J 124 40.54 40.98 -9.88
C GLY J 124 41.09 40.09 -10.98
N GLY J 125 40.20 39.43 -11.72
CA GLY J 125 40.62 38.54 -12.78
C GLY J 125 41.37 39.25 -13.90
N ASP J 126 42.42 38.60 -14.39
CA ASP J 126 43.24 39.11 -15.47
C ASP J 126 42.43 39.07 -16.76
N GLN J 127 41.99 40.24 -17.23
CA GLN J 127 41.07 40.32 -18.37
C GLN J 127 41.71 39.86 -19.67
N ARG J 128 43.04 39.88 -19.73
CA ARG J 128 43.77 39.43 -20.90
C ARG J 128 43.50 37.97 -21.25
N ILE J 129 43.25 37.13 -20.25
CA ILE J 129 43.05 35.72 -20.51
C ILE J 129 41.63 35.29 -20.14
N ARG J 130 40.74 36.27 -20.02
CA ARG J 130 39.33 36.00 -19.90
C ARG J 130 38.72 35.67 -21.25
N GLY J 131 38.07 34.51 -21.32
CA GLY J 131 37.39 34.09 -22.53
C GLY J 131 35.92 33.87 -22.29
N ARG J 132 35.23 33.34 -23.28
CA ARG J 132 33.81 33.07 -23.15
C ARG J 132 33.54 31.93 -22.15
N SER J 133 34.54 31.08 -21.92
CA SER J 133 34.41 30.00 -20.95
C SER J 133 35.02 30.32 -19.59
N GLY J 134 35.37 31.59 -19.37
CA GLY J 134 35.93 32.02 -18.10
C GLY J 134 37.41 32.36 -18.23
N TYR J 135 38.11 32.42 -17.10
CA TYR J 135 39.53 32.72 -17.11
C TYR J 135 40.31 31.46 -17.45
N GLN J 136 41.19 31.58 -18.44
CA GLN J 136 41.84 30.42 -19.03
C GLN J 136 43.33 30.36 -18.74
N TYR J 137 43.83 29.14 -18.53
CA TYR J 137 45.26 28.91 -18.39
C TYR J 137 46.00 29.25 -19.67
N ALA J 138 47.18 29.85 -19.51
CA ALA J 138 48.01 30.27 -20.62
C ALA J 138 49.46 29.94 -20.34
N SER J 139 50.24 29.75 -21.40
CA SER J 139 51.68 29.49 -21.24
C SER J 139 52.44 30.80 -21.02
N GLY J 140 51.80 31.92 -21.39
CA GLY J 140 52.39 33.24 -21.25
C GLY J 140 51.43 34.17 -20.56
N ASP J 141 51.66 35.48 -20.68
CA ASP J 141 50.82 36.47 -19.99
C ASP J 141 49.67 36.97 -20.85
N THR J 142 49.70 36.64 -22.14
CA THR J 142 48.75 37.22 -23.09
C THR J 142 47.83 36.19 -23.73
N ALA J 143 46.77 36.67 -24.37
CA ALA J 143 45.71 35.81 -24.90
C ALA J 143 46.20 34.82 -25.95
N ASP J 144 47.22 35.18 -26.72
CA ASP J 144 47.70 34.30 -27.78
C ASP J 144 48.40 33.05 -27.24
N THR J 145 48.56 32.98 -25.92
CA THR J 145 49.26 31.85 -25.30
C THR J 145 48.30 30.97 -24.53
N VAL J 146 47.00 31.26 -24.62
CA VAL J 146 45.96 30.50 -23.95
C VAL J 146 45.83 29.09 -24.52
N ASP J 147 45.75 28.09 -23.64
CA ASP J 147 45.49 26.73 -24.06
C ASP J 147 44.03 26.61 -24.49
N VAL J 148 43.79 26.60 -25.80
CA VAL J 148 42.43 26.62 -26.33
C VAL J 148 41.72 25.28 -26.09
N ALA J 149 42.49 24.23 -25.84
CA ALA J 149 41.92 22.90 -25.60
C ALA J 149 41.36 22.77 -24.18
N ARG J 150 41.54 23.82 -23.39
CA ARG J 150 41.24 23.75 -21.97
C ARG J 150 40.20 24.79 -21.58
N ALA J 151 39.11 24.35 -20.97
CA ALA J 151 38.04 25.26 -20.58
C ALA J 151 38.48 26.21 -19.47
N GLY J 152 37.88 27.40 -19.45
CA GLY J 152 38.20 28.39 -18.45
C GLY J 152 37.54 28.08 -17.12
N ARG J 153 37.93 28.83 -16.10
CA ARG J 153 37.42 28.63 -14.75
C ARG J 153 37.09 29.94 -14.06
N LEU J 154 36.24 29.85 -13.04
CA LEU J 154 35.93 31.00 -12.18
C LEU J 154 36.19 30.64 -10.72
N HIS J 155 37.31 29.97 -10.45
CA HIS J 155 37.45 29.29 -9.17
C HIS J 155 38.10 30.13 -8.06
N ILE J 156 38.18 31.44 -8.24
CA ILE J 156 38.43 32.31 -7.09
C ILE J 156 37.31 32.08 -6.06
N LEU J 157 36.15 31.61 -6.52
CA LEU J 157 35.05 31.28 -5.60
C LEU J 157 35.47 30.18 -4.61
N GLU J 158 36.36 29.29 -5.03
CA GLU J 158 36.84 28.24 -4.13
C GLU J 158 37.72 28.86 -3.05
N VAL J 159 38.49 29.88 -3.42
CA VAL J 159 39.32 30.56 -2.46
C VAL J 159 38.45 31.35 -1.47
N GLN J 160 37.39 31.98 -1.96
CA GLN J 160 36.45 32.68 -1.08
C GLN J 160 35.91 31.72 0.00
N ARG J 161 35.52 30.52 -0.42
CA ARG J 161 34.99 29.54 0.53
C ARG J 161 36.06 29.06 1.51
N LEU J 162 37.29 28.91 1.03
CA LEU J 162 38.40 28.51 1.90
C LEU J 162 38.62 29.55 3.00
N ILE J 163 38.64 30.83 2.63
CA ILE J 163 38.74 31.93 3.59
C ILE J 163 37.57 31.91 4.58
N ARG J 164 36.36 31.80 4.03
CA ARG J 164 35.15 31.78 4.81
C ARG J 164 35.11 30.65 5.83
N PHE J 165 35.52 29.45 5.43
CA PHE J 165 35.32 28.26 6.25
C PHE J 165 36.51 27.94 7.16
N MET J 166 37.66 28.59 6.97
CA MET J 166 38.82 28.17 7.76
C MET J 166 38.67 28.68 9.18
N PRO J 167 39.07 27.86 10.17
CA PRO J 167 38.87 28.14 11.59
C PRO J 167 39.89 29.11 12.14
N LYS J 168 40.28 30.08 11.32
CA LYS J 168 41.26 31.10 11.69
C LYS J 168 40.84 32.44 11.13
N VAL J 169 41.26 33.52 11.78
CA VAL J 169 40.89 34.85 11.33
C VAL J 169 41.78 35.27 10.15
N VAL J 170 41.14 35.68 9.06
CA VAL J 170 41.85 36.21 7.89
C VAL J 170 41.67 37.72 7.85
N ILE J 171 42.77 38.45 7.87
CA ILE J 171 42.70 39.92 7.83
C ILE J 171 43.20 40.40 6.49
N CYS J 172 42.39 41.15 5.76
CA CYS J 172 42.82 41.71 4.50
C CYS J 172 43.52 43.05 4.75
N LEU J 173 44.73 43.20 4.22
CA LEU J 173 45.45 44.47 4.30
C LEU J 173 45.43 45.12 2.93
N VAL J 174 44.57 46.12 2.75
CA VAL J 174 44.39 46.71 1.45
C VAL J 174 45.43 47.82 1.29
N ASN J 175 46.46 47.51 0.53
CA ASN J 175 47.64 48.36 0.40
C ASN J 175 47.58 49.24 -0.85
N GLY J 176 46.49 49.11 -1.60
CA GLY J 176 46.32 49.87 -2.84
C GLY J 176 44.96 49.59 -3.48
N TRP J 177 44.93 49.59 -4.81
CA TRP J 177 43.70 49.29 -5.55
C TRP J 177 43.12 47.93 -5.19
N ALA J 178 41.86 47.93 -4.85
CA ALA J 178 41.10 46.69 -4.69
C ALA J 178 39.92 46.81 -5.60
N ALA J 179 39.97 46.10 -6.73
CA ALA J 179 38.95 46.25 -7.76
C ALA J 179 38.44 44.89 -8.22
N GLY J 180 37.17 44.86 -8.65
CA GLY J 180 36.57 43.63 -9.15
C GLY J 180 36.67 42.51 -8.14
N GLY J 181 37.19 41.37 -8.58
CA GLY J 181 37.32 40.21 -7.71
C GLY J 181 38.28 40.45 -6.56
N GLY J 182 39.15 41.45 -6.73
CA GLY J 182 40.04 41.85 -5.66
C GLY J 182 39.26 42.52 -4.55
N HIS J 183 38.29 43.34 -4.96
CA HIS J 183 37.38 43.96 -4.01
C HIS J 183 36.59 42.88 -3.28
N SER J 184 36.09 41.90 -4.02
CA SER J 184 35.31 40.82 -3.41
C SER J 184 36.12 39.99 -2.42
N LEU J 185 37.42 39.81 -2.66
CA LEU J 185 38.25 39.09 -1.68
C LEU J 185 38.36 39.86 -0.36
N HIS J 186 38.52 41.16 -0.46
CA HIS J 186 38.47 42.03 0.71
C HIS J 186 37.18 41.81 1.50
N VAL J 187 36.06 41.80 0.78
CA VAL J 187 34.74 41.69 1.41
C VAL J 187 34.61 40.40 2.21
N VAL J 188 35.11 39.29 1.68
CA VAL J 188 34.87 37.98 2.32
C VAL J 188 35.81 37.75 3.52
N CYS J 189 36.90 38.52 3.61
CA CYS J 189 37.79 38.36 4.75
C CYS J 189 37.10 38.77 6.05
N ASP J 190 37.59 38.26 7.18
CA ASP J 190 36.95 38.53 8.47
C ASP J 190 37.09 39.98 8.90
N LEU J 191 38.27 40.55 8.64
CA LEU J 191 38.59 41.93 8.99
C LEU J 191 39.33 42.58 7.84
N THR J 192 39.23 43.91 7.71
CA THR J 192 40.05 44.64 6.73
C THR J 192 40.69 45.88 7.35
N LEU J 193 42.00 46.03 7.13
CA LEU J 193 42.74 47.26 7.45
C LEU J 193 43.20 47.86 6.13
N ALA J 194 43.20 49.17 6.02
CA ALA J 194 43.48 49.80 4.72
C ALA J 194 44.46 50.96 4.83
N SER J 195 45.31 51.08 3.82
CA SER J 195 46.27 52.17 3.67
C SER J 195 45.58 53.52 3.46
N ARG J 196 45.80 54.46 4.38
CA ARG J 196 45.21 55.79 4.24
C ARG J 196 45.55 56.43 2.89
N GLU J 197 46.83 56.41 2.53
CA GLU J 197 47.26 57.11 1.34
C GLU J 197 46.91 56.40 0.04
N TYR J 198 46.90 55.08 0.03
CA TYR J 198 46.89 54.38 -1.26
C TYR J 198 45.76 53.38 -1.50
N ALA J 199 45.03 53.02 -0.45
CA ALA J 199 43.90 52.11 -0.65
C ALA J 199 42.85 52.78 -1.53
N ARG J 200 42.38 52.03 -2.53
CA ARG J 200 41.35 52.51 -3.42
C ARG J 200 40.39 51.37 -3.71
N PHE J 201 39.14 51.57 -3.32
CA PHE J 201 38.13 50.54 -3.49
C PHE J 201 37.27 50.91 -4.68
N LYS J 202 37.14 50.00 -5.64
CA LYS J 202 36.36 50.29 -6.84
C LYS J 202 35.77 49.01 -7.40
N GLN J 203 34.47 48.88 -7.31
CA GLN J 203 33.84 47.68 -7.82
C GLN J 203 33.49 47.87 -9.31
N THR J 204 34.39 47.40 -10.16
CA THR J 204 34.30 47.61 -11.60
C THR J 204 33.58 46.47 -12.34
N ASP J 205 33.06 45.49 -11.60
CA ASP J 205 32.40 44.33 -12.20
C ASP J 205 31.49 44.67 -13.37
N ALA J 206 30.51 45.53 -13.12
CA ALA J 206 29.48 45.81 -14.11
C ALA J 206 30.03 46.58 -15.32
N ASP J 207 31.13 47.32 -15.12
CA ASP J 207 31.81 47.99 -16.22
C ASP J 207 32.30 47.01 -17.29
N VAL J 208 32.71 45.82 -16.87
CA VAL J 208 33.24 44.84 -17.81
C VAL J 208 32.27 43.68 -18.01
N GLY J 209 31.02 43.88 -17.63
CA GLY J 209 29.97 42.88 -17.88
C GLY J 209 30.05 41.67 -16.97
N SER J 210 30.79 41.79 -15.88
CA SER J 210 30.91 40.70 -14.94
C SER J 210 30.07 41.00 -13.70
N PHE J 211 29.99 40.04 -12.80
CA PHE J 211 29.36 40.28 -11.50
C PHE J 211 29.71 39.16 -10.56
N ASP J 212 29.97 39.53 -9.31
CA ASP J 212 30.04 38.58 -8.21
C ASP J 212 28.70 38.64 -7.49
N GLY J 213 27.87 37.63 -7.71
CA GLY J 213 26.53 37.64 -7.14
C GLY J 213 26.43 36.88 -5.83
N GLY J 214 27.57 36.61 -5.19
CA GLY J 214 27.62 35.92 -3.92
C GLY J 214 28.19 36.76 -2.79
N TYR J 215 29.36 36.35 -2.27
CA TYR J 215 29.97 37.07 -1.17
C TYR J 215 30.38 38.50 -1.57
N GLY J 216 30.72 38.70 -2.85
CA GLY J 216 31.19 40.00 -3.29
C GLY J 216 30.14 41.10 -3.12
N SER J 217 28.88 40.75 -3.33
CA SER J 217 27.80 41.72 -3.32
C SER J 217 26.88 41.57 -2.12
N ALA J 218 26.25 40.41 -2.02
CA ALA J 218 25.29 40.20 -0.95
C ALA J 218 25.94 40.29 0.43
N TYR J 219 27.18 39.81 0.55
CA TYR J 219 27.82 39.87 1.85
C TYR J 219 28.33 41.28 2.14
N LEU J 220 28.67 42.05 1.10
CA LEU J 220 29.01 43.46 1.28
C LEU J 220 27.86 44.21 1.95
N ALA J 221 26.63 43.85 1.57
CA ALA J 221 25.46 44.50 2.17
C ALA J 221 25.38 44.20 3.67
N ARG J 222 25.92 43.06 4.09
CA ARG J 222 25.93 42.71 5.50
C ARG J 222 27.00 43.48 6.28
N GLN J 223 27.76 44.33 5.57
CA GLN J 223 28.78 45.15 6.21
C GLN J 223 28.40 46.63 6.16
N VAL J 224 27.92 47.10 5.01
CA VAL J 224 27.67 48.53 4.82
C VAL J 224 26.17 48.87 4.65
N GLY J 225 25.33 47.84 4.68
CA GLY J 225 23.90 48.03 4.49
C GLY J 225 23.52 47.95 3.01
N GLN J 226 22.24 47.76 2.72
CA GLN J 226 21.83 47.54 1.33
C GLN J 226 21.99 48.78 0.44
N LYS J 227 21.72 49.97 0.97
CA LYS J 227 21.83 51.18 0.15
C LYS J 227 23.27 51.41 -0.31
N PHE J 228 24.22 51.38 0.63
CA PHE J 228 25.61 51.62 0.26
C PHE J 228 26.18 50.50 -0.62
N ALA J 229 25.80 49.25 -0.36
CA ALA J 229 26.30 48.14 -1.17
C ALA J 229 25.85 48.27 -2.62
N ARG J 230 24.58 48.62 -2.80
CA ARG J 230 24.02 48.84 -4.13
C ARG J 230 24.73 50.00 -4.84
N GLU J 231 25.02 51.08 -4.11
CA GLU J 231 25.77 52.20 -4.68
C GLU J 231 27.14 51.74 -5.18
N ILE J 232 27.86 50.98 -4.35
CA ILE J 232 29.22 50.56 -4.66
C ILE J 232 29.24 49.77 -5.99
N PHE J 233 28.29 48.86 -6.16
CA PHE J 233 28.22 48.05 -7.37
C PHE J 233 27.57 48.74 -8.57
N PHE J 234 26.47 49.46 -8.34
CA PHE J 234 25.72 50.02 -9.47
C PHE J 234 26.47 51.18 -10.12
N LEU J 235 27.22 51.95 -9.32
CA LEU J 235 27.95 53.12 -9.88
C LEU J 235 29.44 52.87 -10.06
N GLY J 236 30.01 51.92 -9.33
CA GLY J 236 31.41 51.57 -9.51
C GLY J 236 32.37 52.73 -9.30
N ARG J 237 32.06 53.60 -8.35
CA ARG J 237 32.93 54.73 -8.03
C ARG J 237 34.14 54.29 -7.20
N THR J 238 35.15 55.14 -7.16
CA THR J 238 36.34 54.88 -6.36
C THR J 238 36.20 55.46 -4.97
N TYR J 239 36.48 54.66 -3.96
CA TYR J 239 36.37 55.10 -2.56
C TYR J 239 37.71 54.98 -1.86
N THR J 240 37.97 55.89 -0.92
CA THR J 240 39.17 55.82 -0.09
C THR J 240 38.97 54.89 1.10
N ALA J 241 40.07 54.61 1.79
CA ALA J 241 40.04 53.86 3.05
C ALA J 241 39.08 54.50 4.05
N GLU J 242 39.20 55.82 4.22
CA GLU J 242 38.39 56.54 5.20
C GLU J 242 36.92 56.43 4.85
N GLN J 243 36.58 56.59 3.57
CA GLN J 243 35.19 56.47 3.16
C GLN J 243 34.64 55.07 3.44
N MET J 244 35.40 54.04 3.09
CA MET J 244 34.94 52.68 3.34
C MET J 244 34.87 52.35 4.82
N HIS J 245 35.75 52.95 5.62
CA HIS J 245 35.70 52.78 7.07
C HIS J 245 34.41 53.39 7.61
N GLN J 246 34.07 54.58 7.15
CA GLN J 246 32.81 55.21 7.53
C GLN J 246 31.58 54.38 7.14
N MET J 247 31.63 53.72 5.99
CA MET J 247 30.50 52.92 5.54
C MET J 247 30.38 51.57 6.26
N GLY J 248 31.48 51.07 6.80
CA GLY J 248 31.45 49.84 7.59
C GLY J 248 32.17 48.62 7.02
N ALA J 249 32.89 48.80 5.90
CA ALA J 249 33.58 47.67 5.27
C ALA J 249 35.07 47.62 5.59
N VAL J 250 35.59 48.69 6.17
CA VAL J 250 36.99 48.75 6.59
C VAL J 250 37.05 48.95 8.09
N ASN J 251 37.74 48.07 8.80
CA ASN J 251 37.81 48.14 10.26
C ASN J 251 38.62 49.31 10.77
N ALA J 252 39.74 49.57 10.10
CA ALA J 252 40.61 50.66 10.52
C ALA J 252 41.48 51.13 9.38
N VAL J 253 41.85 52.40 9.46
CA VAL J 253 42.74 53.02 8.50
C VAL J 253 44.12 53.17 9.13
N ALA J 254 45.16 52.80 8.40
CA ALA J 254 46.53 52.89 8.91
C ALA J 254 47.41 53.64 7.91
N GLU J 255 48.47 54.25 8.41
CA GLU J 255 49.46 54.84 7.51
C GLU J 255 50.06 53.73 6.67
N HIS J 256 50.27 54.01 5.38
CA HIS J 256 50.78 53.02 4.44
C HIS J 256 51.98 52.23 4.97
N ALA J 257 53.00 52.94 5.46
CA ALA J 257 54.22 52.28 5.90
C ALA J 257 54.00 51.40 7.13
N GLU J 258 52.89 51.65 7.84
CA GLU J 258 52.58 50.93 9.06
C GLU J 258 51.52 49.85 8.87
N LEU J 259 51.06 49.65 7.64
CA LEU J 259 49.88 48.81 7.42
C LEU J 259 50.10 47.39 7.93
N GLU J 260 51.29 46.85 7.67
CA GLU J 260 51.55 45.47 8.09
C GLU J 260 51.93 45.41 9.56
N THR J 261 52.53 46.48 10.08
CA THR J 261 52.79 46.58 11.50
C THR J 261 51.50 46.58 12.31
N VAL J 262 50.52 47.38 11.87
CA VAL J 262 49.21 47.37 12.51
C VAL J 262 48.54 46.00 12.36
N GLY J 263 48.65 45.40 11.18
CA GLY J 263 48.11 44.07 10.94
C GLY J 263 48.67 43.03 11.89
N LEU J 264 49.97 43.12 12.16
CA LEU J 264 50.61 42.20 13.10
C LEU J 264 50.13 42.45 14.53
N GLN J 265 49.85 43.71 14.85
CA GLN J 265 49.34 44.07 16.17
C GLN J 265 47.94 43.49 16.36
N TRP J 266 47.09 43.68 15.36
CA TRP J 266 45.75 43.10 15.40
C TRP J 266 45.82 41.58 15.53
N ALA J 267 46.71 40.96 14.77
CA ALA J 267 46.87 39.50 14.85
C ALA J 267 47.33 39.08 16.25
N ALA J 268 48.22 39.85 16.85
CA ALA J 268 48.68 39.53 18.20
C ALA J 268 47.53 39.56 19.22
N GLU J 269 46.61 40.52 19.07
CA GLU J 269 45.50 40.63 20.02
C GLU J 269 44.56 39.44 19.82
N ILE J 270 44.37 39.03 18.57
CA ILE J 270 43.55 37.86 18.26
C ILE J 270 44.17 36.58 18.83
N ASN J 271 45.48 36.43 18.63
CA ASN J 271 46.19 35.23 19.05
C ASN J 271 46.35 35.11 20.55
N ALA J 272 46.03 36.19 21.28
CA ALA J 272 46.15 36.19 22.73
C ALA J 272 44.89 35.69 23.43
N LYS J 273 43.88 35.31 22.66
CA LYS J 273 42.63 34.83 23.24
C LYS J 273 42.50 33.32 23.11
N SER J 274 41.46 32.77 23.73
CA SER J 274 41.20 31.34 23.64
C SER J 274 40.99 30.93 22.18
N PRO J 275 41.87 30.06 21.65
CA PRO J 275 41.70 29.59 20.26
C PRO J 275 40.37 28.90 20.05
N GLN J 276 39.93 28.15 21.06
CA GLN J 276 38.66 27.47 21.01
C GLN J 276 37.51 28.47 20.89
N ALA J 277 37.55 29.52 21.72
CA ALA J 277 36.48 30.51 21.68
C ALA J 277 36.49 31.26 20.35
N GLN J 278 37.68 31.57 19.85
CA GLN J 278 37.81 32.31 18.59
C GLN J 278 37.22 31.50 17.44
N ARG J 279 37.54 30.20 17.42
CA ARG J 279 37.01 29.29 16.43
C ARG J 279 35.48 29.27 16.42
N MET J 280 34.90 29.10 17.61
CA MET J 280 33.45 29.04 17.74
C MET J 280 32.80 30.36 17.33
N LEU J 281 33.46 31.46 17.65
CA LEU J 281 32.91 32.77 17.32
C LEU J 281 32.87 32.98 15.80
N LYS J 282 33.95 32.65 15.11
CA LYS J 282 33.93 32.84 13.66
C LYS J 282 32.80 32.04 13.04
N PHE J 283 32.62 30.79 13.47
CA PHE J 283 31.55 30.01 12.86
C PHE J 283 30.16 30.50 13.32
N ALA J 284 30.06 31.08 14.51
CA ALA J 284 28.79 31.69 14.94
C ALA J 284 28.44 32.89 14.06
N PHE J 285 29.43 33.71 13.74
CA PHE J 285 29.17 34.85 12.86
C PHE J 285 28.73 34.38 11.47
N ASN J 286 29.35 33.31 10.98
CA ASN J 286 29.02 32.78 9.65
C ASN J 286 27.62 32.17 9.59
N LEU J 287 27.20 31.55 10.69
CA LEU J 287 26.17 30.49 10.68
C LEU J 287 24.90 30.76 9.88
N LEU J 288 24.05 31.65 10.37
CA LEU J 288 22.75 31.84 9.76
C LEU J 288 22.85 32.39 8.35
N ASP J 289 23.82 33.30 8.12
CA ASP J 289 24.03 33.83 6.78
C ASP J 289 24.34 32.68 5.80
N ASP J 290 25.03 31.64 6.29
CA ASP J 290 25.49 30.53 5.46
C ASP J 290 24.58 29.31 5.51
N GLY J 291 23.38 29.47 6.05
CA GLY J 291 22.40 28.39 6.06
C GLY J 291 22.91 27.06 6.60
N LEU J 292 22.53 25.97 5.90
CA LEU J 292 22.93 24.61 6.30
C LEU J 292 24.45 24.43 6.32
N VAL J 293 25.16 25.15 5.45
CA VAL J 293 26.61 25.05 5.44
C VAL J 293 27.19 25.66 6.72
N GLY J 294 26.66 26.83 7.09
CA GLY J 294 27.01 27.47 8.35
C GLY J 294 26.70 26.58 9.53
N GLN J 295 25.54 25.94 9.49
CA GLN J 295 25.19 25.03 10.57
C GLN J 295 26.17 23.86 10.60
N GLN J 296 26.56 23.37 9.43
CA GLN J 296 27.46 22.22 9.36
C GLN J 296 28.77 22.53 10.05
N LEU J 297 29.34 23.70 9.76
CA LEU J 297 30.63 24.08 10.32
C LEU J 297 30.56 24.31 11.82
N PHE J 298 29.52 24.99 12.27
CA PHE J 298 29.40 25.28 13.70
C PHE J 298 29.10 24.01 14.48
N ALA J 299 28.16 23.22 13.98
CA ALA J 299 27.83 21.96 14.63
C ALA J 299 29.02 20.99 14.65
N GLY J 300 29.85 21.04 13.62
CA GLY J 300 31.06 20.24 13.58
C GLY J 300 31.98 20.52 14.75
N GLU J 301 32.15 21.81 15.07
CA GLU J 301 32.94 22.18 16.23
C GLU J 301 32.24 21.83 17.54
N ALA J 302 30.92 21.90 17.57
CA ALA J 302 30.19 21.44 18.76
C ALA J 302 30.38 19.92 18.97
N THR J 303 30.42 19.17 17.88
CA THR J 303 30.67 17.74 17.96
C THR J 303 32.05 17.49 18.57
N ARG J 304 33.02 18.30 18.17
CA ARG J 304 34.36 18.11 18.70
C ARG J 304 34.38 18.36 20.21
N LEU J 305 33.67 19.40 20.64
CA LEU J 305 33.57 19.69 22.08
C LEU J 305 32.94 18.52 22.81
N ALA J 306 31.92 17.91 22.20
CA ALA J 306 31.28 16.75 22.82
C ALA J 306 32.24 15.56 22.91
N TYR J 307 33.06 15.38 21.88
CA TYR J 307 33.99 14.25 21.87
C TYR J 307 34.98 14.30 23.00
N MET J 308 35.22 15.50 23.52
CA MET J 308 36.18 15.69 24.59
C MET J 308 35.66 15.19 25.93
N THR J 309 34.34 14.97 26.03
CA THR J 309 33.72 14.67 27.32
C THR J 309 33.85 13.20 27.69
N ASP J 310 33.85 12.93 28.98
CA ASP J 310 33.84 11.55 29.46
C ASP J 310 32.63 10.82 28.93
N GLU J 311 31.51 11.53 28.79
CA GLU J 311 30.30 10.91 28.28
C GLU J 311 30.53 10.34 26.87
N ALA J 312 31.15 11.14 26.00
CA ALA J 312 31.43 10.65 24.64
C ALA J 312 32.42 9.48 24.65
N VAL J 313 33.39 9.53 25.54
CA VAL J 313 34.37 8.45 25.61
C VAL J 313 33.70 7.14 26.05
N GLU J 314 32.73 7.23 26.95
CA GLU J 314 31.99 6.03 27.35
C GLU J 314 31.22 5.43 26.18
N GLY J 315 30.66 6.30 25.32
CA GLY J 315 29.98 5.85 24.14
C GLY J 315 30.91 5.06 23.22
N ARG J 316 32.12 5.60 23.01
CA ARG J 316 33.13 4.90 22.22
C ARG J 316 33.54 3.58 22.87
N ASP J 317 33.86 3.64 24.16
CA ASP J 317 34.36 2.47 24.88
C ASP J 317 33.35 1.31 24.89
N ALA J 318 32.09 1.65 25.12
CA ALA J 318 31.05 0.62 25.18
C ALA J 318 30.93 -0.07 23.83
N PHE J 319 31.01 0.70 22.75
CA PHE J 319 30.97 0.07 21.42
C PHE J 319 32.16 -0.86 21.21
N LEU J 320 33.36 -0.38 21.52
CA LEU J 320 34.58 -1.17 21.32
C LEU J 320 34.61 -2.40 22.21
N GLN J 321 34.03 -2.27 23.40
CA GLN J 321 34.04 -3.38 24.36
C GLN J 321 32.82 -4.29 24.19
N LYS J 322 31.95 -3.92 23.25
CA LYS J 322 30.77 -4.72 22.93
C LYS J 322 29.88 -4.93 24.16
N ARG J 323 29.59 -3.82 24.84
CA ARG J 323 28.77 -3.83 26.05
C ARG J 323 27.83 -2.63 26.00
N PRO J 324 26.76 -2.67 26.80
CA PRO J 324 25.90 -1.49 26.86
C PRO J 324 26.61 -0.32 27.53
N PRO J 325 26.40 0.90 27.02
CA PRO J 325 26.96 2.07 27.67
C PRO J 325 26.25 2.36 28.98
N ASP J 326 27.00 2.87 29.95
CA ASP J 326 26.42 3.30 31.21
C ASP J 326 26.42 4.82 31.29
N TRP J 327 25.26 5.43 31.03
CA TRP J 327 25.15 6.88 31.04
C TRP J 327 24.85 7.43 32.43
N SER J 328 24.75 6.56 33.43
CA SER J 328 24.35 7.01 34.77
C SER J 328 25.27 8.06 35.41
N PRO J 329 26.59 8.07 35.10
CA PRO J 329 27.36 9.14 35.74
C PRO J 329 27.17 10.53 35.15
N PHE J 330 26.41 10.65 34.05
CA PHE J 330 26.35 11.90 33.30
C PHE J 330 24.98 12.57 33.38
N PRO J 331 24.85 13.54 34.28
CA PRO J 331 23.57 14.20 34.54
C PRO J 331 23.07 14.99 33.33
N ARG J 332 21.76 15.08 33.20
CA ARG J 332 21.16 15.97 32.23
C ARG J 332 21.34 17.40 32.70
N TYR J 333 21.43 18.32 31.73
CA TYR J 333 21.53 19.75 32.03
C TYR J 333 20.39 20.50 31.39
N PHE J 334 20.01 21.63 31.98
CA PHE J 334 18.96 22.44 31.40
C PHE J 334 19.25 23.93 31.55
N ASP K 37 15.89 77.53 -5.75
CA ASP K 37 15.08 77.22 -6.91
C ASP K 37 14.39 75.87 -6.78
N ASN K 38 13.63 75.53 -7.81
CA ASN K 38 12.94 74.26 -7.91
C ASN K 38 13.88 73.21 -8.49
N PRO K 39 13.92 72.00 -7.92
CA PRO K 39 14.78 70.95 -8.48
C PRO K 39 14.43 70.57 -9.93
N PHE K 40 13.19 70.83 -10.35
CA PHE K 40 12.71 70.41 -11.66
C PHE K 40 13.14 71.37 -12.77
N ASP K 41 13.83 70.81 -13.77
CA ASP K 41 14.27 71.56 -14.94
C ASP K 41 13.40 71.19 -16.14
N ALA K 42 12.39 72.01 -16.40
CA ALA K 42 11.37 71.68 -17.42
C ALA K 42 11.95 71.39 -18.80
N LYS K 43 13.02 72.07 -19.17
CA LYS K 43 13.62 71.89 -20.48
C LYS K 43 14.31 70.54 -20.66
N ALA K 44 14.57 69.85 -19.55
CA ALA K 44 15.29 68.58 -19.61
C ALA K 44 14.37 67.38 -19.80
N TRP K 45 13.06 67.63 -19.73
CA TRP K 45 12.09 66.53 -19.65
C TRP K 45 10.97 66.65 -20.68
N ARG K 46 10.45 65.51 -21.11
CA ARG K 46 9.34 65.45 -22.05
C ARG K 46 8.25 64.55 -21.49
N LEU K 47 7.00 64.91 -21.72
CA LEU K 47 5.89 64.06 -21.31
C LEU K 47 5.93 62.73 -22.07
N VAL K 48 5.44 61.67 -21.45
CA VAL K 48 5.43 60.36 -22.09
C VAL K 48 4.10 60.15 -22.80
N ASP K 49 4.15 59.69 -24.04
CA ASP K 49 2.93 59.48 -24.82
C ASP K 49 2.00 58.45 -24.19
N GLY K 50 0.71 58.79 -24.13
CA GLY K 50 -0.29 57.87 -23.65
C GLY K 50 -0.68 58.09 -22.21
N PHE K 51 -0.20 59.18 -21.60
CA PHE K 51 -0.46 59.42 -20.18
C PHE K 51 -1.09 60.79 -19.91
N ASP K 52 -1.87 61.28 -20.87
CA ASP K 52 -2.51 62.58 -20.73
C ASP K 52 -3.56 62.61 -19.63
N ASP K 53 -3.98 61.43 -19.18
CA ASP K 53 -5.05 61.33 -18.19
C ASP K 53 -4.56 61.39 -16.74
N LEU K 54 -3.25 61.51 -16.54
CA LEU K 54 -2.69 61.49 -15.19
C LEU K 54 -3.08 62.72 -14.37
N THR K 55 -3.51 62.51 -13.12
CA THR K 55 -3.92 63.60 -12.26
C THR K 55 -3.09 63.71 -10.98
N ASP K 56 -2.69 62.56 -10.43
CA ASP K 56 -2.02 62.49 -9.12
C ASP K 56 -0.51 62.30 -9.21
N ILE K 57 -0.02 62.00 -10.41
CA ILE K 57 1.35 61.61 -10.67
C ILE K 57 1.81 62.36 -11.93
N THR K 58 3.09 62.73 -12.02
CA THR K 58 3.65 63.17 -13.29
C THR K 58 4.69 62.16 -13.77
N TYR K 59 4.87 62.10 -15.08
CA TYR K 59 5.72 61.10 -15.72
C TYR K 59 6.43 61.73 -16.89
N HIS K 60 7.75 61.80 -16.82
CA HIS K 60 8.53 62.38 -17.90
C HIS K 60 9.67 61.46 -18.32
N ARG K 61 10.03 61.55 -19.60
CA ARG K 61 11.23 60.92 -20.11
C ARG K 61 12.28 62.00 -20.36
N HIS K 62 13.54 61.73 -20.02
CA HIS K 62 14.60 62.70 -20.24
C HIS K 62 14.79 62.95 -21.73
N VAL K 63 15.21 64.15 -22.11
CA VAL K 63 15.33 64.49 -23.52
C VAL K 63 16.44 63.72 -24.22
N ASP K 64 17.48 63.38 -23.46
CA ASP K 64 18.66 62.71 -24.03
C ASP K 64 18.98 61.37 -23.35
N ASP K 65 18.71 61.25 -22.06
CA ASP K 65 19.16 60.09 -21.29
C ASP K 65 18.11 58.98 -21.19
N ALA K 66 18.59 57.78 -20.92
CA ALA K 66 17.74 56.61 -20.67
C ALA K 66 17.18 56.61 -19.25
N THR K 67 16.52 57.71 -18.90
CA THR K 67 16.08 57.97 -17.55
C THR K 67 14.69 58.58 -17.55
N VAL K 68 13.84 58.13 -16.63
CA VAL K 68 12.52 58.73 -16.48
C VAL K 68 12.39 59.39 -15.12
N ARG K 69 11.42 60.29 -15.01
CA ARG K 69 11.11 61.00 -13.77
C ARG K 69 9.66 60.71 -13.41
N VAL K 70 9.47 60.09 -12.25
CA VAL K 70 8.14 59.72 -11.78
C VAL K 70 7.91 60.46 -10.48
N ALA K 71 6.85 61.27 -10.40
CA ALA K 71 6.70 62.14 -9.24
C ALA K 71 5.27 62.22 -8.71
N PHE K 72 5.14 62.23 -7.39
CA PHE K 72 3.87 62.54 -6.75
C PHE K 72 3.48 63.98 -7.08
N ASN K 73 2.20 64.17 -7.34
CA ASN K 73 1.70 65.46 -7.80
C ASN K 73 0.50 65.94 -7.01
N ARG K 74 0.58 65.80 -5.68
CA ARG K 74 -0.43 66.34 -4.77
C ARG K 74 0.22 67.17 -3.67
N PRO K 75 0.97 68.21 -4.03
CA PRO K 75 1.80 68.88 -3.02
C PRO K 75 0.98 69.62 -1.95
N GLU K 76 -0.30 69.83 -2.22
CA GLU K 76 -1.18 70.50 -1.26
C GLU K 76 -1.41 69.65 -0.01
N VAL K 77 -1.23 68.34 -0.12
CA VAL K 77 -1.32 67.47 1.06
C VAL K 77 0.00 66.73 1.27
N ARG K 78 1.11 67.43 1.06
CA ARG K 78 2.44 66.86 1.25
C ARG K 78 2.61 65.58 0.44
N ASN K 79 1.97 65.53 -0.73
CA ASN K 79 2.08 64.42 -1.66
C ASN K 79 1.65 63.07 -1.09
N ALA K 80 0.63 63.11 -0.24
CA ALA K 80 -0.02 61.90 0.25
C ALA K 80 -0.67 61.12 -0.89
N PHE K 81 -0.60 59.80 -0.85
CA PHE K 81 -1.23 59.05 -1.93
C PHE K 81 -2.59 58.48 -1.52
N ARG K 82 -3.54 58.57 -2.44
CA ARG K 82 -4.83 57.91 -2.31
C ARG K 82 -4.84 56.70 -3.25
N PRO K 83 -5.88 55.86 -3.18
CA PRO K 83 -5.83 54.66 -4.05
C PRO K 83 -5.66 54.95 -5.54
N HIS K 84 -6.28 56.01 -6.05
CA HIS K 84 -6.07 56.39 -7.44
C HIS K 84 -4.59 56.78 -7.69
N THR K 85 -3.96 57.42 -6.72
CA THR K 85 -2.53 57.76 -6.85
C THR K 85 -1.70 56.50 -7.03
N VAL K 86 -1.99 55.50 -6.20
CA VAL K 86 -1.28 54.23 -6.27
C VAL K 86 -1.47 53.54 -7.63
N ASP K 87 -2.70 53.54 -8.13
CA ASP K 87 -2.99 53.01 -9.46
C ASP K 87 -2.18 53.70 -10.54
N GLU K 88 -2.11 55.03 -10.50
CA GLU K 88 -1.36 55.79 -11.50
C GLU K 88 0.12 55.49 -11.36
N LEU K 89 0.58 55.42 -10.12
CA LEU K 89 2.00 55.17 -9.85
C LEU K 89 2.41 53.79 -10.36
N TYR K 90 1.57 52.80 -10.10
CA TYR K 90 1.84 51.45 -10.57
C TYR K 90 1.90 51.42 -12.10
N ARG K 91 0.92 52.06 -12.72
CA ARG K 91 0.81 52.10 -14.16
C ARG K 91 2.06 52.72 -14.80
N VAL K 92 2.51 53.83 -14.23
CA VAL K 92 3.67 54.54 -14.74
C VAL K 92 4.96 53.73 -14.54
N LEU K 93 5.16 53.17 -13.34
CA LEU K 93 6.36 52.38 -13.07
C LEU K 93 6.40 51.12 -13.92
N ASP K 94 5.22 50.53 -14.14
CA ASP K 94 5.12 49.34 -14.98
C ASP K 94 5.47 49.67 -16.43
N HIS K 95 5.00 50.82 -16.91
CA HIS K 95 5.35 51.28 -18.24
C HIS K 95 6.88 51.49 -18.36
N ALA K 96 7.48 52.12 -17.34
CA ALA K 96 8.94 52.31 -17.34
C ALA K 96 9.68 50.97 -17.33
N ARG K 97 9.16 50.04 -16.54
CA ARG K 97 9.73 48.70 -16.48
C ARG K 97 9.80 48.08 -17.86
N MET K 98 8.74 48.27 -18.64
CA MET K 98 8.62 47.63 -19.94
C MET K 98 9.18 48.47 -21.07
N SER K 99 9.78 49.61 -20.74
CA SER K 99 10.42 50.50 -21.73
C SER K 99 11.91 50.18 -21.90
N PRO K 100 12.28 49.49 -23.00
CA PRO K 100 13.66 49.04 -23.14
C PRO K 100 14.66 50.18 -23.35
N ASP K 101 14.20 51.36 -23.73
CA ASP K 101 15.12 52.49 -23.87
C ASP K 101 15.26 53.27 -22.55
N VAL K 102 14.76 52.70 -21.47
CA VAL K 102 14.87 53.31 -20.14
C VAL K 102 15.64 52.42 -19.16
N GLY K 103 16.71 52.95 -18.58
CA GLY K 103 17.51 52.18 -17.64
C GLY K 103 17.30 52.52 -16.17
N VAL K 104 16.93 53.76 -15.88
CA VAL K 104 16.86 54.23 -14.50
C VAL K 104 15.59 55.03 -14.27
N VAL K 105 14.97 54.80 -13.12
CA VAL K 105 13.81 55.55 -12.67
C VAL K 105 14.21 56.48 -11.55
N LEU K 106 13.91 57.78 -11.70
CA LEU K 106 14.03 58.75 -10.62
C LEU K 106 12.64 58.97 -10.02
N LEU K 107 12.47 58.58 -8.77
CA LEU K 107 11.17 58.69 -8.08
C LEU K 107 11.22 59.84 -7.08
N THR K 108 10.31 60.81 -7.21
CA THR K 108 10.42 61.99 -6.38
C THR K 108 9.03 62.59 -6.13
N GLY K 109 9.01 63.79 -5.56
CA GLY K 109 7.77 64.50 -5.33
C GLY K 109 7.84 65.90 -5.93
N ASN K 110 6.74 66.34 -6.51
CA ASN K 110 6.66 67.70 -7.06
C ASN K 110 6.37 68.69 -5.96
N GLY K 111 6.79 69.94 -6.14
CA GLY K 111 6.54 70.96 -5.14
C GLY K 111 6.89 72.35 -5.62
N PRO K 112 6.77 73.33 -4.72
CA PRO K 112 6.31 73.16 -3.35
C PRO K 112 4.79 73.23 -3.23
N SER K 113 4.29 73.11 -2.00
CA SER K 113 2.88 73.30 -1.75
C SER K 113 2.48 74.70 -2.13
N PRO K 114 1.44 74.85 -2.96
CA PRO K 114 0.93 76.18 -3.31
C PRO K 114 0.30 76.88 -2.09
N LYS K 115 -0.02 76.12 -1.06
CA LYS K 115 -0.65 76.69 0.13
C LYS K 115 0.34 77.31 1.10
N ASP K 116 1.37 76.56 1.50
CA ASP K 116 2.29 77.06 2.51
C ASP K 116 3.76 76.99 2.10
N GLY K 117 4.02 76.64 0.84
CA GLY K 117 5.38 76.60 0.35
C GLY K 117 6.21 75.44 0.89
N GLY K 118 5.56 74.49 1.53
CA GLY K 118 6.26 73.35 2.10
C GLY K 118 6.66 72.31 1.05
N TRP K 119 7.78 71.65 1.29
CA TRP K 119 8.34 70.67 0.36
C TRP K 119 8.08 69.26 0.86
N ALA K 120 7.64 68.38 -0.04
CA ALA K 120 7.42 66.99 0.33
C ALA K 120 7.79 66.04 -0.79
N PHE K 121 8.43 64.95 -0.42
CA PHE K 121 8.54 63.80 -1.30
C PHE K 121 7.19 63.08 -1.30
N CYS K 122 6.81 62.60 -0.12
CA CYS K 122 5.58 61.85 0.04
C CYS K 122 5.28 61.67 1.53
N SER K 123 4.05 61.97 1.94
CA SER K 123 3.69 61.86 3.35
C SER K 123 2.90 60.58 3.63
N GLY K 124 2.93 59.63 2.70
CA GLY K 124 2.28 58.34 2.92
C GLY K 124 0.82 58.33 2.52
N GLY K 125 0.06 57.38 3.05
CA GLY K 125 -1.34 57.27 2.73
C GLY K 125 -2.15 58.49 3.12
N ASP K 126 -3.08 58.87 2.25
CA ASP K 126 -3.96 60.02 2.48
C ASP K 126 -4.96 59.65 3.60
N GLN K 127 -4.70 60.17 4.79
CA GLN K 127 -5.50 59.81 5.96
C GLN K 127 -6.95 60.24 5.85
N ARG K 128 -7.24 61.23 5.00
CA ARG K 128 -8.62 61.71 4.80
C ARG K 128 -9.55 60.61 4.32
N ILE K 129 -9.02 59.67 3.55
CA ILE K 129 -9.86 58.63 2.98
C ILE K 129 -9.49 57.24 3.51
N ARG K 130 -8.78 57.21 4.64
CA ARG K 130 -8.49 55.96 5.32
C ARG K 130 -9.68 55.53 6.16
N GLY K 131 -10.27 54.39 5.84
CA GLY K 131 -11.38 53.88 6.61
C GLY K 131 -10.94 52.65 7.39
N ARG K 132 -11.91 51.95 7.99
CA ARG K 132 -11.55 50.80 8.80
C ARG K 132 -11.03 49.64 7.97
N SER K 133 -11.37 49.63 6.66
CA SER K 133 -10.89 48.56 5.78
C SER K 133 -9.73 48.99 4.89
N GLY K 134 -9.10 50.11 5.23
CA GLY K 134 -7.95 50.60 4.47
C GLY K 134 -8.29 51.86 3.68
N TYR K 135 -7.44 52.20 2.73
CA TYR K 135 -7.62 53.45 1.99
C TYR K 135 -8.66 53.28 0.91
N GLN K 136 -9.62 54.20 0.84
CA GLN K 136 -10.77 54.01 -0.04
C GLN K 136 -10.83 55.00 -1.19
N TYR K 137 -11.25 54.48 -2.35
CA TYR K 137 -11.59 55.29 -3.50
C TYR K 137 -12.69 56.27 -3.19
N ALA K 138 -12.55 57.49 -3.71
CA ALA K 138 -13.52 58.55 -3.48
C ALA K 138 -13.62 59.40 -4.73
N SER K 139 -14.79 59.99 -4.97
CA SER K 139 -14.96 60.83 -6.15
C SER K 139 -14.30 62.19 -5.97
N GLY K 140 -14.18 62.62 -4.72
CA GLY K 140 -13.52 63.88 -4.42
C GLY K 140 -12.33 63.65 -3.51
N ASP K 141 -11.93 64.70 -2.80
CA ASP K 141 -10.72 64.63 -1.98
C ASP K 141 -10.96 64.11 -0.58
N THR K 142 -12.22 64.08 -0.15
CA THR K 142 -12.51 63.91 1.27
C THR K 142 -13.46 62.74 1.57
N ALA K 143 -13.52 62.36 2.84
CA ALA K 143 -14.25 61.17 3.27
C ALA K 143 -15.71 61.14 2.84
N ASP K 144 -16.32 62.31 2.69
CA ASP K 144 -17.72 62.41 2.31
C ASP K 144 -18.01 61.82 0.92
N THR K 145 -16.98 61.70 0.09
CA THR K 145 -17.17 61.24 -1.29
C THR K 145 -16.67 59.81 -1.50
N VAL K 146 -16.34 59.14 -0.40
CA VAL K 146 -15.91 57.74 -0.46
C VAL K 146 -17.04 56.83 -0.96
N ASP K 147 -16.70 55.94 -1.89
CA ASP K 147 -17.62 54.91 -2.36
C ASP K 147 -17.78 53.85 -1.26
N VAL K 148 -18.90 53.89 -0.56
CA VAL K 148 -19.09 53.02 0.61
C VAL K 148 -19.24 51.56 0.24
N ALA K 149 -19.57 51.29 -1.01
CA ALA K 149 -19.79 49.90 -1.45
C ALA K 149 -18.47 49.22 -1.75
N ARG K 150 -17.40 50.01 -1.74
CA ARG K 150 -16.11 49.53 -2.18
C ARG K 150 -15.11 49.44 -1.03
N ALA K 151 -14.58 48.25 -0.78
CA ALA K 151 -13.66 48.02 0.33
C ALA K 151 -12.35 48.76 0.12
N GLY K 152 -11.70 49.10 1.24
CA GLY K 152 -10.43 49.78 1.20
C GLY K 152 -9.31 48.87 0.76
N ARG K 153 -8.20 49.47 0.36
CA ARG K 153 -7.03 48.74 -0.10
C ARG K 153 -5.75 49.25 0.55
N LEU K 154 -4.73 48.41 0.57
CA LEU K 154 -3.42 48.82 1.05
C LEU K 154 -2.39 48.59 -0.05
N HIS K 155 -2.75 48.88 -1.29
CA HIS K 155 -1.97 48.32 -2.39
C HIS K 155 -0.77 49.15 -2.80
N ILE K 156 -0.36 50.12 -1.97
CA ILE K 156 1.00 50.64 -2.13
C ILE K 156 2.02 49.49 -1.96
N LEU K 157 1.63 48.41 -1.27
CA LEU K 157 2.49 47.23 -1.18
C LEU K 157 2.78 46.63 -2.56
N GLU K 158 1.82 46.77 -3.48
CA GLU K 158 2.03 46.30 -4.85
C GLU K 158 3.07 47.15 -5.58
N VAL K 159 3.06 48.46 -5.32
CA VAL K 159 4.08 49.34 -5.88
C VAL K 159 5.46 49.04 -5.27
N GLN K 160 5.51 48.76 -3.97
CA GLN K 160 6.79 48.37 -3.34
C GLN K 160 7.38 47.16 -4.05
N ARG K 161 6.55 46.14 -4.32
CA ARG K 161 7.05 44.94 -4.99
C ARG K 161 7.47 45.23 -6.42
N LEU K 162 6.74 46.12 -7.09
CA LEU K 162 7.09 46.49 -8.46
C LEU K 162 8.48 47.13 -8.52
N ILE K 163 8.77 48.01 -7.57
CA ILE K 163 10.09 48.64 -7.45
C ILE K 163 11.17 47.62 -7.14
N ARG K 164 10.86 46.76 -6.17
CA ARG K 164 11.75 45.69 -5.75
C ARG K 164 12.13 44.75 -6.89
N PHE K 165 11.14 44.37 -7.68
CA PHE K 165 11.33 43.29 -8.65
C PHE K 165 11.72 43.81 -10.04
N MET K 166 11.69 45.11 -10.25
CA MET K 166 11.93 45.56 -11.63
C MET K 166 13.44 45.51 -11.91
N PRO K 167 13.81 45.05 -13.12
CA PRO K 167 15.22 44.82 -13.46
C PRO K 167 15.90 46.10 -13.88
N LYS K 168 15.62 47.17 -13.14
CA LYS K 168 16.18 48.48 -13.39
C LYS K 168 16.39 49.18 -12.06
N VAL K 169 17.36 50.07 -11.98
CA VAL K 169 17.61 50.76 -10.73
C VAL K 169 16.61 51.89 -10.51
N VAL K 170 16.02 51.92 -9.32
CA VAL K 170 15.10 53.00 -8.97
C VAL K 170 15.76 53.88 -7.90
N ILE K 171 15.96 55.15 -8.22
CA ILE K 171 16.56 56.09 -7.29
C ILE K 171 15.48 57.00 -6.72
N CYS K 172 15.35 57.00 -5.39
CA CYS K 172 14.44 57.93 -4.74
C CYS K 172 15.15 59.27 -4.53
N LEU K 173 14.55 60.34 -5.03
CA LEU K 173 15.03 61.69 -4.77
C LEU K 173 14.14 62.35 -3.72
N VAL K 174 14.62 62.43 -2.48
CA VAL K 174 13.82 62.95 -1.38
C VAL K 174 14.01 64.45 -1.29
N ASN K 175 13.02 65.17 -1.78
CA ASN K 175 13.05 66.62 -1.98
C ASN K 175 12.36 67.38 -0.85
N GLY K 176 11.83 66.66 0.13
CA GLY K 176 11.12 67.27 1.24
C GLY K 176 10.74 66.21 2.26
N TRP K 177 9.62 66.40 2.93
CA TRP K 177 9.12 65.41 3.87
C TRP K 177 8.95 64.03 3.23
N ALA K 178 9.47 63.02 3.93
CA ALA K 178 9.19 61.61 3.63
C ALA K 178 8.71 61.00 4.93
N ALA K 179 7.40 60.78 5.02
CA ALA K 179 6.76 60.33 6.25
C ALA K 179 5.83 59.15 5.99
N GLY K 180 5.70 58.27 6.97
CA GLY K 180 4.82 57.13 6.85
C GLY K 180 5.15 56.26 5.66
N GLY K 181 4.13 55.95 4.86
CA GLY K 181 4.34 55.18 3.65
C GLY K 181 5.30 55.82 2.65
N GLY K 182 5.40 57.14 2.67
CA GLY K 182 6.38 57.83 1.84
C GLY K 182 7.80 57.49 2.29
N HIS K 183 7.99 57.38 3.59
CA HIS K 183 9.29 56.98 4.14
C HIS K 183 9.59 55.57 3.67
N SER K 184 8.59 54.69 3.76
CA SER K 184 8.80 53.29 3.37
C SER K 184 9.09 53.15 1.88
N LEU K 185 8.53 54.02 1.03
CA LEU K 185 8.84 53.98 -0.39
C LEU K 185 10.32 54.33 -0.63
N HIS K 186 10.81 55.35 0.07
CA HIS K 186 12.24 55.66 0.05
C HIS K 186 13.06 54.44 0.44
N VAL K 187 12.66 53.75 1.51
CA VAL K 187 13.42 52.61 1.99
C VAL K 187 13.55 51.48 0.95
N VAL K 188 12.48 51.22 0.21
CA VAL K 188 12.52 50.09 -0.71
C VAL K 188 13.24 50.42 -2.03
N CYS K 189 13.45 51.69 -2.32
CA CYS K 189 14.17 52.03 -3.54
C CYS K 189 15.60 51.55 -3.45
N ASP K 190 16.25 51.36 -4.60
CA ASP K 190 17.61 50.85 -4.60
C ASP K 190 18.61 51.84 -4.01
N LEU K 191 18.41 53.11 -4.30
CA LEU K 191 19.29 54.19 -3.86
C LEU K 191 18.43 55.39 -3.46
N THR K 192 18.94 56.24 -2.56
CA THR K 192 18.25 57.46 -2.18
C THR K 192 19.21 58.63 -2.17
N LEU K 193 18.85 59.71 -2.86
CA LEU K 193 19.56 60.98 -2.79
C LEU K 193 18.62 61.95 -2.10
N ALA K 194 19.14 62.86 -1.28
CA ALA K 194 18.24 63.69 -0.49
C ALA K 194 18.64 65.15 -0.46
N SER K 195 17.64 66.02 -0.45
CA SER K 195 17.84 67.47 -0.38
C SER K 195 18.43 67.93 0.94
N ARG K 196 19.60 68.56 0.92
CA ARG K 196 20.25 69.02 2.14
C ARG K 196 19.35 69.91 2.97
N GLU K 197 18.79 70.92 2.30
CA GLU K 197 17.98 71.92 2.98
C GLU K 197 16.61 71.41 3.41
N TYR K 198 15.98 70.55 2.61
CA TYR K 198 14.55 70.31 2.80
C TYR K 198 14.13 68.86 3.07
N ALA K 199 14.99 67.89 2.79
CA ALA K 199 14.61 66.51 3.10
C ALA K 199 14.38 66.37 4.60
N ARG K 200 13.26 65.75 4.97
CA ARG K 200 12.92 65.48 6.36
C ARG K 200 12.34 64.08 6.44
N PHE K 201 13.03 63.21 7.17
CA PHE K 201 12.60 61.84 7.30
C PHE K 201 11.91 61.64 8.64
N LYS K 202 10.68 61.14 8.63
CA LYS K 202 9.92 60.98 9.85
C LYS K 202 8.95 59.83 9.73
N GLN K 203 9.22 58.76 10.48
CA GLN K 203 8.34 57.59 10.42
C GLN K 203 7.21 57.74 11.42
N THR K 204 6.11 58.26 10.92
CA THR K 204 4.94 58.62 11.71
C THR K 204 3.91 57.50 11.85
N ASP K 205 4.22 56.30 11.35
CA ASP K 205 3.26 55.18 11.36
C ASP K 205 2.55 54.99 12.70
N ALA K 206 3.33 54.82 13.78
CA ALA K 206 2.73 54.44 15.05
C ALA K 206 1.99 55.62 15.69
N ASP K 207 2.34 56.84 15.32
CA ASP K 207 1.56 58.00 15.73
C ASP K 207 0.09 57.92 15.30
N VAL K 208 -0.16 57.36 14.13
CA VAL K 208 -1.54 57.32 13.61
C VAL K 208 -2.10 55.90 13.64
N GLY K 209 -1.45 55.03 14.39
CA GLY K 209 -1.95 53.69 14.60
C GLY K 209 -1.67 52.71 13.47
N SER K 210 -0.81 53.11 12.54
CA SER K 210 -0.47 52.26 11.42
C SER K 210 0.88 51.58 11.65
N PHE K 211 1.26 50.69 10.74
CA PHE K 211 2.61 50.16 10.70
C PHE K 211 2.86 49.49 9.37
N ASP K 212 4.08 49.66 8.86
CA ASP K 212 4.56 48.89 7.73
C ASP K 212 5.45 47.83 8.32
N GLY K 213 4.92 46.61 8.39
CA GLY K 213 5.65 45.50 8.99
C GLY K 213 6.41 44.67 7.98
N GLY K 214 6.65 45.25 6.80
CA GLY K 214 7.42 44.57 5.76
C GLY K 214 8.66 45.35 5.35
N TYR K 215 8.70 45.83 4.12
CA TYR K 215 9.89 46.53 3.63
C TYR K 215 10.14 47.82 4.41
N GLY K 216 9.09 48.45 4.92
CA GLY K 216 9.24 49.74 5.56
C GLY K 216 10.10 49.68 6.81
N SER K 217 9.94 48.60 7.56
CA SER K 217 10.61 48.45 8.85
C SER K 217 11.75 47.44 8.78
N ALA K 218 11.42 46.20 8.44
CA ALA K 218 12.42 45.15 8.45
C ALA K 218 13.54 45.46 7.45
N TYR K 219 13.20 45.98 6.27
CA TYR K 219 14.24 46.24 5.29
C TYR K 219 15.02 47.52 5.63
N LEU K 220 14.41 48.45 6.35
CA LEU K 220 15.17 49.59 6.89
C LEU K 220 16.31 49.10 7.77
N ALA K 221 16.07 48.05 8.57
CA ALA K 221 17.12 47.50 9.43
C ALA K 221 18.29 46.96 8.62
N ARG K 222 18.03 46.57 7.38
CA ARG K 222 19.07 46.06 6.49
C ARG K 222 19.89 47.20 5.92
N GLN K 223 19.51 48.43 6.24
CA GLN K 223 20.24 49.60 5.78
C GLN K 223 20.95 50.32 6.92
N VAL K 224 20.27 50.50 8.05
CA VAL K 224 20.83 51.28 9.15
C VAL K 224 21.13 50.43 10.38
N GLY K 225 20.80 49.15 10.32
CA GLY K 225 20.99 48.27 11.46
C GLY K 225 19.77 48.24 12.37
N GLN K 226 19.66 47.20 13.18
CA GLN K 226 18.45 47.01 13.97
C GLN K 226 18.22 48.08 15.03
N LYS K 227 19.28 48.58 15.66
CA LYS K 227 19.11 49.61 16.69
C LYS K 227 18.55 50.90 16.10
N PHE K 228 19.17 51.38 15.02
CA PHE K 228 18.72 52.64 14.44
C PHE K 228 17.33 52.50 13.81
N ALA K 229 17.06 51.34 13.21
CA ALA K 229 15.74 51.13 12.59
C ALA K 229 14.64 51.16 13.66
N ARG K 230 14.89 50.51 14.78
CA ARG K 230 13.91 50.50 15.86
C ARG K 230 13.70 51.90 16.41
N GLU K 231 14.79 52.68 16.52
CA GLU K 231 14.67 54.06 16.98
C GLU K 231 13.77 54.88 16.04
N ILE K 232 14.01 54.74 14.74
CA ILE K 232 13.29 55.51 13.74
C ILE K 232 11.80 55.25 13.86
N PHE K 233 11.41 53.98 14.02
CA PHE K 233 9.99 53.67 14.12
C PHE K 233 9.39 53.90 15.50
N PHE K 234 10.11 53.51 16.55
CA PHE K 234 9.52 53.54 17.90
C PHE K 234 9.36 54.97 18.41
N LEU K 235 10.27 55.86 18.03
CA LEU K 235 10.19 57.25 18.48
C LEU K 235 9.64 58.21 17.44
N GLY K 236 9.75 57.86 16.15
CA GLY K 236 9.18 58.70 15.10
C GLY K 236 9.72 60.12 15.07
N ARG K 237 11.00 60.28 15.37
CA ARG K 237 11.64 61.58 15.33
C ARG K 237 11.89 62.01 13.90
N THR K 238 12.13 63.31 13.72
CA THR K 238 12.48 63.87 12.42
C THR K 238 13.98 63.91 12.23
N TYR K 239 14.46 63.38 11.10
CA TYR K 239 15.87 63.37 10.78
C TYR K 239 16.18 64.15 9.52
N THR K 240 17.36 64.76 9.48
CA THR K 240 17.81 65.44 8.26
C THR K 240 18.42 64.46 7.26
N ALA K 241 18.64 64.94 6.04
CA ALA K 241 19.35 64.16 5.02
C ALA K 241 20.71 63.71 5.53
N GLU K 242 21.44 64.63 6.14
CA GLU K 242 22.77 64.30 6.67
C GLU K 242 22.69 63.22 7.76
N GLN K 243 21.70 63.31 8.64
CA GLN K 243 21.58 62.30 9.70
C GLN K 243 21.29 60.92 9.11
N MET K 244 20.43 60.87 8.10
CA MET K 244 20.10 59.58 7.49
C MET K 244 21.24 59.04 6.66
N HIS K 245 22.03 59.93 6.09
CA HIS K 245 23.23 59.55 5.37
C HIS K 245 24.23 58.90 6.34
N GLN K 246 24.38 59.50 7.51
CA GLN K 246 25.29 58.97 8.51
C GLN K 246 24.82 57.60 9.02
N MET K 247 23.51 57.37 9.02
CA MET K 247 22.99 56.11 9.54
C MET K 247 23.01 54.99 8.49
N GLY K 248 23.01 55.36 7.22
CA GLY K 248 23.15 54.41 6.13
C GLY K 248 21.94 54.25 5.23
N ALA K 249 20.94 55.12 5.38
CA ALA K 249 19.70 54.98 4.60
C ALA K 249 19.64 55.94 3.43
N VAL K 250 20.53 56.93 3.43
CA VAL K 250 20.65 57.89 2.33
C VAL K 250 22.05 57.82 1.72
N ASN K 251 22.10 57.65 0.41
CA ASN K 251 23.38 57.48 -0.29
C ASN K 251 24.18 58.76 -0.38
N ALA K 252 23.50 59.85 -0.67
CA ALA K 252 24.20 61.14 -0.78
C ALA K 252 23.23 62.28 -0.54
N VAL K 253 23.80 63.38 -0.07
CA VAL K 253 23.07 64.61 0.19
C VAL K 253 23.42 65.59 -0.91
N ALA K 254 22.40 66.24 -1.48
CA ALA K 254 22.64 67.19 -2.56
C ALA K 254 21.98 68.52 -2.23
N GLU K 255 22.52 69.60 -2.78
CA GLU K 255 21.84 70.89 -2.71
C GLU K 255 20.47 70.76 -3.35
N HIS K 256 19.46 71.34 -2.70
CA HIS K 256 18.07 71.19 -3.14
C HIS K 256 17.88 71.46 -4.64
N ALA K 257 18.43 72.58 -5.10
CA ALA K 257 18.24 72.99 -6.49
C ALA K 257 18.92 72.04 -7.48
N GLU K 258 19.87 71.26 -7.00
CA GLU K 258 20.66 70.35 -7.82
C GLU K 258 20.26 68.90 -7.66
N LEU K 259 19.23 68.64 -6.86
CA LEU K 259 18.89 67.27 -6.50
C LEU K 259 18.61 66.38 -7.72
N GLU K 260 17.91 66.93 -8.71
CA GLU K 260 17.56 66.12 -9.87
C GLU K 260 18.73 66.05 -10.85
N THR K 261 19.52 67.13 -10.91
CA THR K 261 20.76 67.09 -11.67
C THR K 261 21.71 66.00 -11.18
N VAL K 262 21.84 65.86 -9.86
CA VAL K 262 22.69 64.82 -9.29
C VAL K 262 22.07 63.46 -9.57
N GLY K 263 20.74 63.35 -9.47
CA GLY K 263 20.05 62.13 -9.82
C GLY K 263 20.34 61.70 -11.25
N LEU K 264 20.31 62.66 -12.18
CA LEU K 264 20.60 62.38 -13.57
C LEU K 264 22.05 61.93 -13.75
N GLN K 265 22.94 62.46 -12.92
CA GLN K 265 24.35 62.07 -13.00
C GLN K 265 24.54 60.65 -12.51
N TRP K 266 23.93 60.34 -11.38
CA TRP K 266 23.95 58.98 -10.85
C TRP K 266 23.36 58.01 -11.89
N ALA K 267 22.26 58.41 -12.50
CA ALA K 267 21.63 57.56 -13.50
C ALA K 267 22.56 57.36 -14.71
N ALA K 268 23.25 58.42 -15.12
CA ALA K 268 24.20 58.27 -16.22
C ALA K 268 25.30 57.26 -15.88
N GLU K 269 25.81 57.30 -14.66
CA GLU K 269 26.83 56.33 -14.26
C GLU K 269 26.28 54.91 -14.26
N ILE K 270 25.06 54.73 -13.79
CA ILE K 270 24.41 53.42 -13.84
C ILE K 270 24.20 52.93 -15.28
N ASN K 271 23.75 53.83 -16.13
CA ASN K 271 23.43 53.47 -17.51
C ASN K 271 24.68 53.21 -18.37
N ALA K 272 25.85 53.57 -17.87
CA ALA K 272 27.09 53.35 -18.60
C ALA K 272 27.64 51.94 -18.39
N LYS K 273 26.97 51.15 -17.56
CA LYS K 273 27.46 49.81 -17.26
C LYS K 273 26.63 48.76 -17.99
N SER K 274 27.12 47.52 -18.01
CA SER K 274 26.40 46.42 -18.65
C SER K 274 24.98 46.25 -18.07
N PRO K 275 23.95 46.38 -18.92
CA PRO K 275 22.57 46.19 -18.45
C PRO K 275 22.36 44.80 -17.86
N GLN K 276 22.96 43.80 -18.48
CA GLN K 276 22.90 42.43 -18.02
C GLN K 276 23.47 42.28 -16.61
N ALA K 277 24.65 42.85 -16.40
CA ALA K 277 25.29 42.75 -15.10
C ALA K 277 24.47 43.51 -14.06
N GLN K 278 23.97 44.68 -14.42
CA GLN K 278 23.18 45.47 -13.47
C GLN K 278 21.93 44.72 -13.02
N ARG K 279 21.24 44.08 -13.97
CA ARG K 279 20.06 43.25 -13.71
C ARG K 279 20.39 42.14 -12.71
N MET K 280 21.47 41.40 -13.01
CA MET K 280 21.87 40.29 -12.15
C MET K 280 22.27 40.76 -10.77
N LEU K 281 22.97 41.90 -10.70
CA LEU K 281 23.38 42.42 -9.41
C LEU K 281 22.18 42.79 -8.55
N LYS K 282 21.20 43.47 -9.13
CA LYS K 282 20.04 43.88 -8.36
C LYS K 282 19.37 42.64 -7.76
N PHE K 283 19.21 41.60 -8.56
CA PHE K 283 18.53 40.43 -8.05
C PHE K 283 19.42 39.66 -7.09
N ALA K 284 20.74 39.76 -7.25
CA ALA K 284 21.66 39.15 -6.29
C ALA K 284 21.51 39.83 -4.92
N PHE K 285 21.38 41.16 -4.92
CA PHE K 285 21.19 41.88 -3.67
C PHE K 285 19.87 41.55 -3.01
N ASN K 286 18.83 41.39 -3.83
CA ASN K 286 17.49 41.04 -3.31
C ASN K 286 17.41 39.64 -2.74
N LEU K 287 18.22 38.73 -3.27
CA LEU K 287 17.89 37.29 -3.25
C LEU K 287 17.54 36.69 -1.88
N LEU K 288 18.53 36.57 -1.01
CA LEU K 288 18.32 35.83 0.23
C LEU K 288 17.30 36.52 1.15
N ASP K 289 17.32 37.86 1.19
CA ASP K 289 16.34 38.59 1.99
C ASP K 289 14.92 38.28 1.48
N ASP K 290 14.78 38.05 0.18
CA ASP K 290 13.46 37.76 -0.42
C ASP K 290 13.14 36.26 -0.55
N GLY K 291 13.93 35.37 0.07
CA GLY K 291 13.60 33.95 0.06
C GLY K 291 13.37 33.33 -1.31
N LEU K 292 12.33 32.50 -1.42
CA LEU K 292 12.02 31.85 -2.69
C LEU K 292 11.68 32.83 -3.81
N VAL K 293 11.08 33.96 -3.46
CA VAL K 293 10.74 34.95 -4.46
C VAL K 293 12.03 35.56 -5.02
N GLY K 294 12.97 35.84 -4.11
CA GLY K 294 14.27 36.31 -4.55
C GLY K 294 14.97 35.31 -5.42
N GLN K 295 14.89 34.02 -5.06
CA GLN K 295 15.50 32.99 -5.89
C GLN K 295 14.80 32.93 -7.24
N GLN K 296 13.48 33.08 -7.24
CA GLN K 296 12.73 33.04 -8.49
C GLN K 296 13.21 34.10 -9.50
N LEU K 297 13.43 35.31 -9.01
CA LEU K 297 13.81 36.40 -9.90
C LEU K 297 15.24 36.21 -10.40
N PHE K 298 16.15 35.87 -9.49
CA PHE K 298 17.54 35.69 -9.90
C PHE K 298 17.67 34.49 -10.83
N ALA K 299 17.02 33.38 -10.48
CA ALA K 299 17.07 32.20 -11.33
C ALA K 299 16.42 32.43 -12.68
N GLY K 300 15.40 33.30 -12.72
CA GLY K 300 14.75 33.64 -13.98
C GLY K 300 15.72 34.26 -14.96
N GLU K 301 16.57 35.15 -14.47
CA GLU K 301 17.55 35.78 -15.34
C GLU K 301 18.67 34.80 -15.70
N ALA K 302 18.99 33.87 -14.81
CA ALA K 302 19.96 32.84 -15.13
C ALA K 302 19.42 31.94 -16.23
N THR K 303 18.12 31.65 -16.20
CA THR K 303 17.49 30.89 -17.26
C THR K 303 17.64 31.60 -18.60
N ARG K 304 17.42 32.91 -18.59
CA ARG K 304 17.58 33.67 -19.82
C ARG K 304 19.00 33.58 -20.35
N LEU K 305 19.99 33.63 -19.45
CA LEU K 305 21.39 33.50 -19.86
C LEU K 305 21.62 32.13 -20.49
N ALA K 306 21.00 31.10 -19.93
CA ALA K 306 21.16 29.76 -20.49
C ALA K 306 20.53 29.70 -21.88
N TYR K 307 19.38 30.36 -22.05
CA TYR K 307 18.67 30.31 -23.33
C TYR K 307 19.50 30.90 -24.46
N MET K 308 20.42 31.80 -24.14
CA MET K 308 21.24 32.44 -25.15
C MET K 308 22.30 31.51 -25.73
N THR K 309 22.54 30.38 -25.07
CA THR K 309 23.64 29.50 -25.45
C THR K 309 23.29 28.55 -26.59
N ASP K 310 24.31 28.16 -27.35
CA ASP K 310 24.16 27.15 -28.37
C ASP K 310 23.57 25.86 -27.81
N GLU K 311 23.96 25.51 -26.59
CA GLU K 311 23.46 24.30 -25.95
C GLU K 311 21.95 24.33 -25.82
N ALA K 312 21.42 25.46 -25.34
CA ALA K 312 19.97 25.58 -25.16
C ALA K 312 19.25 25.57 -26.49
N VAL K 313 19.86 26.17 -27.51
CA VAL K 313 19.28 26.18 -28.84
C VAL K 313 19.17 24.76 -29.41
N GLU K 314 20.18 23.92 -29.15
CA GLU K 314 20.13 22.52 -29.56
C GLU K 314 18.98 21.79 -28.86
N GLY K 315 18.75 22.09 -27.58
CA GLY K 315 17.63 21.49 -26.87
C GLY K 315 16.31 21.85 -27.52
N ARG K 316 16.14 23.12 -27.86
CA ARG K 316 14.95 23.57 -28.58
C ARG K 316 14.82 22.88 -29.93
N ASP K 317 15.90 22.89 -30.70
CA ASP K 317 15.87 22.39 -32.07
C ASP K 317 15.57 20.89 -32.13
N ALA K 318 16.17 20.13 -31.22
CA ALA K 318 15.92 18.69 -31.17
C ALA K 318 14.45 18.40 -30.93
N PHE K 319 13.84 19.15 -30.01
CA PHE K 319 12.42 18.96 -29.74
C PHE K 319 11.60 19.25 -30.99
N LEU K 320 11.88 20.36 -31.66
CA LEU K 320 11.10 20.81 -32.81
C LEU K 320 11.29 19.88 -34.01
N GLN K 321 12.48 19.29 -34.09
CA GLN K 321 12.83 18.42 -35.22
C GLN K 321 12.57 16.94 -34.89
N LYS K 322 12.05 16.70 -33.70
CA LYS K 322 11.66 15.37 -33.23
C LYS K 322 12.82 14.38 -33.35
N ARG K 323 13.95 14.77 -32.79
CA ARG K 323 15.14 13.94 -32.80
C ARG K 323 15.82 14.01 -31.43
N PRO K 324 16.72 13.05 -31.14
CA PRO K 324 17.47 13.18 -29.89
C PRO K 324 18.43 14.36 -29.92
N PRO K 325 18.56 15.09 -28.80
CA PRO K 325 19.56 16.17 -28.74
C PRO K 325 20.98 15.61 -28.71
N ASP K 326 21.90 16.34 -29.35
CA ASP K 326 23.30 15.97 -29.35
C ASP K 326 24.07 16.93 -28.46
N TRP K 327 24.38 16.50 -27.25
CA TRP K 327 25.05 17.38 -26.28
C TRP K 327 26.58 17.30 -26.38
N SER K 328 27.10 16.47 -27.28
CA SER K 328 28.56 16.28 -27.38
C SER K 328 29.39 17.56 -27.62
N PRO K 329 28.87 18.59 -28.31
CA PRO K 329 29.72 19.77 -28.50
C PRO K 329 29.91 20.64 -27.26
N PHE K 330 29.18 20.33 -26.20
CA PHE K 330 29.11 21.23 -25.06
C PHE K 330 29.73 20.63 -23.81
N PRO K 331 30.97 21.02 -23.50
CA PRO K 331 31.74 20.47 -22.38
C PRO K 331 31.11 20.77 -21.03
N ARG K 332 31.32 19.87 -20.08
CA ARG K 332 30.96 20.13 -18.70
C ARG K 332 31.98 21.12 -18.14
N TYR K 333 31.48 22.08 -17.37
CA TYR K 333 32.37 23.04 -16.73
C TYR K 333 32.37 22.79 -15.23
N PHE K 334 33.45 23.19 -14.58
CA PHE K 334 33.54 23.05 -13.13
C PHE K 334 34.31 24.22 -12.53
N ASP L 37 26.04 63.65 40.32
CA ASP L 37 26.75 62.93 39.27
C ASP L 37 26.11 61.55 39.00
N ASN L 38 25.38 61.04 39.97
CA ASN L 38 24.70 59.75 39.84
C ASN L 38 23.46 59.88 38.94
N PRO L 39 23.30 58.95 37.98
CA PRO L 39 22.17 58.97 37.04
C PRO L 39 20.82 58.78 37.73
N PHE L 40 20.84 58.14 38.90
CA PHE L 40 19.61 57.79 39.60
C PHE L 40 19.01 58.95 40.38
N ASP L 41 17.76 59.29 40.04
CA ASP L 41 17.01 60.32 40.75
C ASP L 41 15.97 59.67 41.64
N ALA L 42 16.29 59.52 42.93
CA ALA L 42 15.43 58.81 43.88
C ALA L 42 14.01 59.35 43.92
N LYS L 43 13.86 60.66 43.74
CA LYS L 43 12.56 61.31 43.77
C LYS L 43 11.61 60.83 42.67
N ALA L 44 12.18 60.33 41.58
CA ALA L 44 11.39 59.98 40.40
C ALA L 44 10.85 58.55 40.44
N TRP L 45 11.31 57.75 41.39
CA TRP L 45 11.06 56.32 41.35
C TRP L 45 10.46 55.76 42.64
N ARG L 46 9.59 54.77 42.50
CA ARG L 46 9.02 54.09 43.66
C ARG L 46 9.20 52.58 43.56
N LEU L 47 9.44 51.95 44.69
CA LEU L 47 9.56 50.50 44.72
C LEU L 47 8.26 49.83 44.29
N VAL L 48 8.38 48.71 43.60
CA VAL L 48 7.22 47.95 43.16
C VAL L 48 6.80 47.02 44.28
N ASP L 49 5.50 47.00 44.59
CA ASP L 49 4.99 46.13 45.65
C ASP L 49 5.27 44.66 45.37
N GLY L 50 5.61 43.92 46.42
CA GLY L 50 5.80 42.49 46.30
C GLY L 50 7.22 42.06 46.00
N PHE L 51 8.14 43.02 45.91
CA PHE L 51 9.53 42.71 45.57
C PHE L 51 10.51 43.11 46.65
N ASP L 52 10.07 43.08 47.91
CA ASP L 52 10.93 43.51 49.00
C ASP L 52 12.07 42.52 49.27
N ASP L 53 11.97 41.34 48.66
CA ASP L 53 12.95 40.28 48.89
C ASP L 53 14.14 40.32 47.92
N LEU L 54 14.10 41.20 46.93
CA LEU L 54 15.20 41.30 45.96
C LEU L 54 16.54 41.65 46.61
N THR L 55 17.61 40.99 46.16
CA THR L 55 18.93 41.22 46.71
C THR L 55 19.96 41.66 45.66
N ASP L 56 19.80 41.15 44.43
CA ASP L 56 20.80 41.35 43.38
C ASP L 56 20.34 42.34 42.29
N ILE L 57 19.07 42.72 42.35
CA ILE L 57 18.41 43.51 41.32
C ILE L 57 17.59 44.57 42.04
N THR L 58 17.46 45.77 41.47
CA THR L 58 16.45 46.68 41.97
C THR L 58 15.38 46.89 40.90
N TYR L 59 14.17 47.21 41.36
CA TYR L 59 12.99 47.29 40.51
C TYR L 59 12.14 48.48 40.95
N HIS L 60 12.04 49.51 40.12
CA HIS L 60 11.22 50.68 40.42
C HIS L 60 10.21 50.96 39.31
N ARG L 61 9.11 51.59 39.70
CA ARG L 61 8.14 52.15 38.77
C ARG L 61 8.23 53.65 38.84
N HIS L 62 8.20 54.32 37.69
CA HIS L 62 8.26 55.78 37.70
C HIS L 62 7.05 56.37 38.44
N VAL L 63 7.24 57.50 39.11
CA VAL L 63 6.15 58.06 39.91
C VAL L 63 4.99 58.56 39.04
N ASP L 64 5.30 58.95 37.80
CA ASP L 64 4.27 59.44 36.87
C ASP L 64 4.10 58.61 35.59
N ASP L 65 5.20 58.10 35.05
CA ASP L 65 5.20 57.54 33.70
C ASP L 65 4.99 56.03 33.66
N ALA L 66 4.59 55.54 32.50
CA ALA L 66 4.40 54.10 32.24
C ALA L 66 5.73 53.44 31.95
N THR L 67 6.66 53.60 32.89
CA THR L 67 8.04 53.21 32.68
C THR L 67 8.59 52.60 33.95
N VAL L 68 9.31 51.48 33.83
CA VAL L 68 10.00 50.90 34.98
C VAL L 68 11.51 50.95 34.81
N ARG L 69 12.20 50.87 35.96
CA ARG L 69 13.64 50.83 36.01
C ARG L 69 14.11 49.50 36.62
N VAL L 70 14.86 48.73 35.84
CA VAL L 70 15.37 47.44 36.28
C VAL L 70 16.89 47.52 36.28
N ALA L 71 17.52 47.24 37.41
CA ALA L 71 18.96 47.46 37.48
C ALA L 71 19.73 46.39 38.25
N PHE L 72 20.88 46.01 37.71
CA PHE L 72 21.81 45.18 38.45
C PHE L 72 22.24 45.90 39.72
N ASN L 73 22.33 45.15 40.80
CA ASN L 73 22.62 45.73 42.11
C ASN L 73 23.78 45.01 42.81
N ARG L 74 24.83 44.73 42.05
CA ARG L 74 26.06 44.17 42.62
C ARG L 74 27.27 44.96 42.17
N PRO L 75 27.29 46.27 42.47
CA PRO L 75 28.34 47.12 41.89
C PRO L 75 29.74 46.79 42.40
N GLU L 76 29.86 46.07 43.51
CA GLU L 76 31.17 45.70 44.03
C GLU L 76 31.90 44.71 43.12
N VAL L 77 31.16 44.00 42.26
CA VAL L 77 31.81 43.13 41.27
C VAL L 77 31.43 43.55 39.84
N ARG L 78 31.35 44.86 39.63
CA ARG L 78 31.01 45.44 38.32
C ARG L 78 29.69 44.87 37.79
N ASN L 79 28.77 44.60 38.71
CA ASN L 79 27.43 44.13 38.40
C ASN L 79 27.39 42.83 37.61
N ALA L 80 28.34 41.94 37.90
CA ALA L 80 28.31 40.57 37.38
C ALA L 80 27.08 39.82 37.89
N PHE L 81 26.45 39.01 37.03
CA PHE L 81 25.30 38.23 37.48
C PHE L 81 25.67 36.79 37.84
N ARG L 82 25.09 36.31 38.94
CA ARG L 82 25.13 34.89 39.32
C ARG L 82 23.74 34.31 39.04
N PRO L 83 23.57 32.98 39.16
CA PRO L 83 22.27 32.40 38.80
C PRO L 83 21.10 33.01 39.55
N HIS L 84 21.30 33.38 40.82
CA HIS L 84 20.24 34.02 41.58
C HIS L 84 19.89 35.38 40.98
N THR L 85 20.89 36.10 40.49
CA THR L 85 20.66 37.38 39.83
C THR L 85 19.77 37.19 38.61
N VAL L 86 20.10 36.16 37.83
CA VAL L 86 19.33 35.83 36.63
C VAL L 86 17.87 35.54 36.99
N ASP L 87 17.67 34.78 38.07
CA ASP L 87 16.31 34.44 38.52
C ASP L 87 15.52 35.68 38.88
N GLU L 88 16.14 36.59 39.64
CA GLU L 88 15.49 37.84 40.03
C GLU L 88 15.21 38.70 38.80
N LEU L 89 16.15 38.75 37.88
CA LEU L 89 15.99 39.55 36.68
C LEU L 89 14.85 39.03 35.80
N TYR L 90 14.76 37.70 35.66
CA TYR L 90 13.68 37.11 34.90
C TYR L 90 12.34 37.45 35.56
N ARG L 91 12.27 37.25 36.88
CA ARG L 91 11.04 37.51 37.63
C ARG L 91 10.57 38.95 37.48
N VAL L 92 11.51 39.88 37.55
CA VAL L 92 11.18 41.30 37.48
C VAL L 92 10.72 41.67 36.07
N LEU L 93 11.47 41.25 35.06
CA LEU L 93 11.10 41.55 33.68
C LEU L 93 9.75 40.89 33.31
N ASP L 94 9.52 39.69 33.84
CA ASP L 94 8.25 39.00 33.56
C ASP L 94 7.09 39.80 34.16
N HIS L 95 7.30 40.31 35.37
CA HIS L 95 6.29 41.13 36.04
C HIS L 95 6.03 42.41 35.22
N ALA L 96 7.09 43.03 34.71
CA ALA L 96 6.92 44.22 33.90
C ALA L 96 6.14 43.89 32.62
N ARG L 97 6.46 42.74 32.02
CA ARG L 97 5.78 42.26 30.83
C ARG L 97 4.26 42.16 31.05
N MET L 98 3.88 41.64 32.22
CA MET L 98 2.46 41.40 32.50
C MET L 98 1.76 42.60 33.16
N SER L 99 2.47 43.72 33.25
CA SER L 99 1.92 44.96 33.84
C SER L 99 1.31 45.87 32.78
N PRO L 100 -0.03 45.94 32.71
CA PRO L 100 -0.65 46.69 31.61
C PRO L 100 -0.38 48.20 31.66
N ASP L 101 -0.06 48.71 32.84
CA ASP L 101 0.20 50.14 32.96
C ASP L 101 1.65 50.51 32.68
N VAL L 102 2.43 49.52 32.25
CA VAL L 102 3.85 49.75 31.92
C VAL L 102 4.09 49.54 30.42
N GLY L 103 4.67 50.55 29.78
CA GLY L 103 4.97 50.47 28.36
C GLY L 103 6.44 50.26 28.03
N VAL L 104 7.33 50.77 28.88
CA VAL L 104 8.76 50.76 28.56
C VAL L 104 9.60 50.30 29.76
N VAL L 105 10.59 49.47 29.49
CA VAL L 105 11.55 49.02 30.50
C VAL L 105 12.89 49.71 30.28
N LEU L 106 13.42 50.36 31.31
CA LEU L 106 14.81 50.86 31.31
C LEU L 106 15.66 49.86 32.07
N LEU L 107 16.60 49.23 31.38
CA LEU L 107 17.49 48.24 31.97
C LEU L 107 18.87 48.86 32.18
N THR L 108 19.38 48.84 33.40
CA THR L 108 20.64 49.54 33.67
C THR L 108 21.40 48.87 34.81
N GLY L 109 22.45 49.54 35.31
CA GLY L 109 23.17 49.04 36.45
C GLY L 109 23.30 50.11 37.53
N ASN L 110 23.23 49.70 38.79
CA ASN L 110 23.44 50.65 39.88
C ASN L 110 24.91 50.85 40.14
N GLY L 111 25.26 52.00 40.71
CA GLY L 111 26.63 52.25 41.09
C GLY L 111 26.80 53.55 41.84
N PRO L 112 28.06 53.95 42.05
CA PRO L 112 29.24 53.21 41.61
C PRO L 112 29.66 52.16 42.62
N SER L 113 30.76 51.48 42.34
CA SER L 113 31.31 50.52 43.29
C SER L 113 31.70 51.24 44.57
N PRO L 114 31.22 50.75 45.73
CA PRO L 114 31.64 51.31 47.01
C PRO L 114 33.12 51.07 47.29
N LYS L 115 33.73 50.14 46.54
CA LYS L 115 35.13 49.81 46.74
C LYS L 115 36.10 50.73 46.00
N ASP L 116 35.88 50.95 44.70
CA ASP L 116 36.82 51.75 43.93
C ASP L 116 36.17 52.87 43.10
N GLY L 117 34.87 53.06 43.28
CA GLY L 117 34.16 54.10 42.55
C GLY L 117 33.92 53.82 41.07
N GLY L 118 34.24 52.60 40.63
CA GLY L 118 34.04 52.25 39.24
C GLY L 118 32.58 52.11 38.86
N TRP L 119 32.24 52.50 37.63
CA TRP L 119 30.87 52.38 37.13
C TRP L 119 30.69 51.16 36.22
N ALA L 120 29.60 50.42 36.44
CA ALA L 120 29.30 49.29 35.58
C ALA L 120 27.82 49.17 35.26
N PHE L 121 27.54 48.87 33.99
CA PHE L 121 26.23 48.34 33.65
C PHE L 121 26.16 46.88 34.10
N CYS L 122 27.04 46.06 33.54
CA CYS L 122 27.06 44.63 33.81
C CYS L 122 28.32 44.01 33.19
N SER L 123 29.10 43.28 34.00
CA SER L 123 30.32 42.65 33.51
C SER L 123 30.12 41.18 33.16
N GLY L 124 28.87 40.75 33.01
CA GLY L 124 28.58 39.39 32.57
C GLY L 124 28.50 38.40 33.71
N GLY L 125 28.71 37.12 33.39
CA GLY L 125 28.62 36.07 34.39
C GLY L 125 29.66 36.20 35.49
N ASP L 126 29.24 35.97 36.73
CA ASP L 126 30.12 36.02 37.90
C ASP L 126 31.11 34.85 37.83
N GLN L 127 32.35 35.16 37.43
CA GLN L 127 33.36 34.13 37.23
C GLN L 127 33.71 33.36 38.50
N ARG L 128 33.45 33.95 39.67
CA ARG L 128 33.71 33.29 40.95
C ARG L 128 32.92 32.00 41.12
N ILE L 129 31.74 31.94 40.52
CA ILE L 129 30.90 30.75 40.71
C ILE L 129 30.68 30.03 39.39
N ARG L 130 31.54 30.32 38.42
CA ARG L 130 31.53 29.59 37.16
C ARG L 130 32.29 28.27 37.31
N GLY L 131 31.62 27.16 37.00
CA GLY L 131 32.24 25.86 37.08
C GLY L 131 32.24 25.19 35.72
N ARG L 132 32.68 23.94 35.68
CA ARG L 132 32.70 23.22 34.42
C ARG L 132 31.31 23.00 33.87
N SER L 133 30.29 23.02 34.73
CA SER L 133 28.91 22.84 34.26
C SER L 133 28.15 24.16 34.08
N GLY L 134 28.84 25.29 34.12
CA GLY L 134 28.20 26.57 33.97
C GLY L 134 28.18 27.33 35.28
N TYR L 135 27.37 28.39 35.33
CA TYR L 135 27.32 29.22 36.53
C TYR L 135 26.48 28.52 37.56
N GLN L 136 27.02 28.42 38.77
CA GLN L 136 26.40 27.61 39.80
C GLN L 136 25.86 28.40 40.98
N TYR L 137 24.75 27.90 41.52
CA TYR L 137 24.20 28.44 42.77
C TYR L 137 25.14 28.17 43.92
N ALA L 138 25.24 29.16 44.80
CA ALA L 138 26.12 29.10 45.95
C ALA L 138 25.44 29.77 47.13
N SER L 139 25.77 29.34 48.34
CA SER L 139 25.17 29.93 49.53
C SER L 139 25.83 31.26 49.89
N GLY L 140 27.06 31.46 49.42
CA GLY L 140 27.77 32.71 49.63
C GLY L 140 28.22 33.33 48.31
N ASP L 141 29.22 34.20 48.37
CA ASP L 141 29.66 34.94 47.18
C ASP L 141 30.76 34.25 46.41
N THR L 142 31.41 33.27 47.04
CA THR L 142 32.66 32.77 46.49
C THR L 142 32.57 31.33 46.04
N ALA L 143 33.57 30.93 45.26
CA ALA L 143 33.63 29.61 44.66
C ALA L 143 33.46 28.50 45.69
N ASP L 144 34.02 28.68 46.89
CA ASP L 144 33.98 27.61 47.88
C ASP L 144 32.61 27.37 48.49
N THR L 145 31.63 28.21 48.18
CA THR L 145 30.28 28.00 48.72
C THR L 145 29.29 27.45 47.70
N VAL L 146 29.78 27.08 46.53
CA VAL L 146 28.95 26.47 45.49
C VAL L 146 28.30 25.16 45.97
N ASP L 147 27.03 24.97 45.64
CA ASP L 147 26.33 23.70 45.90
C ASP L 147 26.82 22.63 44.92
N VAL L 148 27.68 21.73 45.40
CA VAL L 148 28.32 20.76 44.53
C VAL L 148 27.32 19.78 43.92
N ALA L 149 26.16 19.62 44.54
CA ALA L 149 25.17 18.65 44.09
C ALA L 149 24.29 19.20 42.98
N ARG L 150 24.53 20.45 42.59
CA ARG L 150 23.61 21.13 41.70
C ARG L 150 24.33 21.60 40.44
N ALA L 151 23.89 21.14 39.28
CA ALA L 151 24.54 21.48 38.02
C ALA L 151 24.42 22.96 37.71
N GLY L 152 25.42 23.50 37.02
CA GLY L 152 25.40 24.89 36.61
C GLY L 152 24.41 25.17 35.50
N ARG L 153 24.17 26.47 35.28
CA ARG L 153 23.21 26.92 34.28
C ARG L 153 23.80 28.07 33.46
N LEU L 154 23.26 28.26 32.25
CA LEU L 154 23.62 29.38 31.41
C LEU L 154 22.35 30.16 31.08
N HIS L 155 21.47 30.35 32.05
CA HIS L 155 20.12 30.76 31.69
C HIS L 155 19.90 32.27 31.62
N ILE L 156 20.99 33.05 31.57
CA ILE L 156 20.83 34.41 31.08
C ILE L 156 20.22 34.36 29.66
N LEU L 157 20.40 33.24 28.96
CA LEU L 157 19.79 33.08 27.65
C LEU L 157 18.26 33.18 27.74
N GLU L 158 17.70 32.76 28.87
CA GLU L 158 16.25 32.83 29.06
C GLU L 158 15.82 34.28 29.22
N VAL L 159 16.65 35.08 29.89
CA VAL L 159 16.40 36.51 29.99
C VAL L 159 16.53 37.19 28.63
N GLN L 160 17.53 36.80 27.83
CA GLN L 160 17.66 37.35 26.47
C GLN L 160 16.36 37.14 25.69
N ARG L 161 15.80 35.94 25.77
CA ARG L 161 14.55 35.63 25.07
C ARG L 161 13.37 36.38 25.64
N LEU L 162 13.34 36.58 26.96
CA LEU L 162 12.25 37.34 27.56
C LEU L 162 12.27 38.79 27.06
N ILE L 163 13.46 39.36 26.95
CA ILE L 163 13.60 40.73 26.45
C ILE L 163 13.18 40.80 24.99
N ARG L 164 13.67 39.83 24.23
CA ARG L 164 13.39 39.70 22.81
C ARG L 164 11.91 39.54 22.49
N PHE L 165 11.23 38.70 23.27
CA PHE L 165 9.84 38.35 22.96
C PHE L 165 8.81 39.23 23.65
N MET L 166 9.21 40.08 24.58
CA MET L 166 8.18 40.81 25.31
C MET L 166 7.66 41.96 24.43
N PRO L 167 6.34 42.17 24.43
CA PRO L 167 5.68 43.13 23.56
C PRO L 167 5.85 44.58 24.04
N LYS L 168 7.04 44.90 24.52
CA LYS L 168 7.33 46.22 25.08
C LYS L 168 8.75 46.57 24.73
N VAL L 169 9.02 47.86 24.60
CA VAL L 169 10.36 48.29 24.23
C VAL L 169 11.25 48.27 25.45
N VAL L 170 12.40 47.61 25.34
CA VAL L 170 13.36 47.58 26.42
C VAL L 170 14.54 48.43 26.01
N ILE L 171 14.84 49.47 26.79
CA ILE L 171 15.96 50.34 26.50
C ILE L 171 17.08 50.05 27.49
N CYS L 172 18.26 49.72 26.98
CA CYS L 172 19.43 49.55 27.83
C CYS L 172 20.10 50.90 28.07
N LEU L 173 20.29 51.25 29.35
CA LEU L 173 21.02 52.46 29.70
C LEU L 173 22.41 52.05 30.20
N VAL L 174 23.40 52.14 29.32
CA VAL L 174 24.74 51.70 29.66
C VAL L 174 25.50 52.79 30.41
N ASN L 175 25.59 52.61 31.72
CA ASN L 175 26.10 53.61 32.65
C ASN L 175 27.55 53.40 33.04
N GLY L 176 28.17 52.34 32.53
CA GLY L 176 29.54 52.02 32.87
C GLY L 176 30.00 50.85 32.02
N TRP L 177 30.89 50.02 32.54
CA TRP L 177 31.34 48.82 31.83
C TRP L 177 30.18 47.95 31.39
N ALA L 178 30.20 47.61 30.10
CA ALA L 178 29.38 46.53 29.56
C ALA L 178 30.32 45.50 28.95
N ALA L 179 30.50 44.38 29.65
CA ALA L 179 31.48 43.36 29.25
C ALA L 179 30.88 41.97 29.27
N GLY L 180 31.39 41.09 28.41
CA GLY L 180 30.94 39.71 28.38
C GLY L 180 29.43 39.64 28.21
N GLY L 181 28.77 38.86 29.04
CA GLY L 181 27.33 38.72 28.99
C GLY L 181 26.57 40.02 29.17
N GLY L 182 27.21 40.98 29.83
CA GLY L 182 26.60 42.29 30.01
C GLY L 182 26.56 43.04 28.69
N HIS L 183 27.62 42.89 27.90
CA HIS L 183 27.67 43.45 26.58
C HIS L 183 26.57 42.82 25.72
N SER L 184 26.41 41.50 25.80
CA SER L 184 25.37 40.81 25.03
C SER L 184 23.96 41.22 25.45
N LEU L 185 23.74 41.54 26.72
CA LEU L 185 22.43 42.02 27.17
C LEU L 185 22.09 43.37 26.53
N HIS L 186 23.08 44.25 26.44
CA HIS L 186 22.94 45.49 25.71
C HIS L 186 22.53 45.23 24.26
N VAL L 187 23.21 44.28 23.64
CA VAL L 187 22.99 44.01 22.22
C VAL L 187 21.55 43.57 21.96
N VAL L 188 20.98 42.74 22.83
CA VAL L 188 19.65 42.22 22.56
C VAL L 188 18.50 43.21 22.90
N CYS L 189 18.79 44.24 23.68
CA CYS L 189 17.75 45.24 23.95
C CYS L 189 17.36 45.98 22.65
N ASP L 190 16.15 46.53 22.63
CA ASP L 190 15.65 47.20 21.42
C ASP L 190 16.43 48.46 21.09
N LEU L 191 16.81 49.20 22.14
CA LEU L 191 17.51 50.48 22.01
C LEU L 191 18.57 50.56 23.10
N THR L 192 19.63 51.32 22.85
CA THR L 192 20.66 51.52 23.87
C THR L 192 21.07 52.98 23.92
N LEU L 193 21.04 53.56 25.12
CA LEU L 193 21.59 54.89 25.38
C LEU L 193 22.81 54.69 26.28
N ALA L 194 23.83 55.52 26.11
CA ALA L 194 25.07 55.26 26.85
C ALA L 194 25.69 56.52 27.43
N SER L 195 26.27 56.38 28.61
CA SER L 195 26.96 57.47 29.31
C SER L 195 28.22 57.90 28.57
N ARG L 196 28.29 59.18 28.20
CA ARG L 196 29.47 59.68 27.47
C ARG L 196 30.73 59.46 28.28
N GLU L 197 30.66 59.78 29.57
CA GLU L 197 31.86 59.74 30.40
C GLU L 197 32.28 58.34 30.81
N TYR L 198 31.32 57.47 31.12
CA TYR L 198 31.68 56.21 31.80
C TYR L 198 31.30 54.91 31.08
N ALA L 199 30.48 54.97 30.02
CA ALA L 199 30.19 53.73 29.30
C ALA L 199 31.46 53.19 28.67
N ARG L 200 31.66 51.89 28.80
CA ARG L 200 32.83 51.22 28.23
C ARG L 200 32.39 49.89 27.72
N PHE L 201 32.46 49.70 26.41
CA PHE L 201 32.01 48.47 25.79
C PHE L 201 33.20 47.57 25.53
N LYS L 202 33.20 46.35 26.08
CA LYS L 202 34.33 45.46 25.90
C LYS L 202 33.89 44.02 25.87
N GLN L 203 34.04 43.38 24.71
CA GLN L 203 33.56 42.00 24.61
C GLN L 203 34.70 41.06 24.99
N THR L 204 34.72 40.71 26.26
CA THR L 204 35.79 39.94 26.88
C THR L 204 35.60 38.42 26.81
N ASP L 205 34.55 37.96 26.12
CA ASP L 205 34.23 36.51 26.08
C ASP L 205 35.46 35.64 25.80
N ALA L 206 36.15 35.89 24.70
CA ALA L 206 37.21 34.97 24.30
C ALA L 206 38.42 35.07 25.21
N ASP L 207 38.55 36.19 25.93
CA ASP L 207 39.61 36.37 26.93
C ASP L 207 39.51 35.38 28.07
N VAL L 208 38.30 34.96 28.38
CA VAL L 208 38.10 34.04 29.50
C VAL L 208 37.60 32.68 28.99
N GLY L 209 37.73 32.45 27.69
CA GLY L 209 37.39 31.16 27.11
C GLY L 209 35.90 30.92 26.95
N SER L 210 35.11 32.00 26.99
CA SER L 210 33.68 31.87 26.81
C SER L 210 33.29 32.38 25.43
N PHE L 211 32.02 32.23 25.08
CA PHE L 211 31.47 32.86 23.88
C PHE L 211 29.96 32.85 23.91
N ASP L 212 29.39 33.93 23.41
CA ASP L 212 27.97 34.00 23.14
C ASP L 212 27.82 33.85 21.64
N GLY L 213 27.42 32.66 21.20
CA GLY L 213 27.31 32.38 19.78
C GLY L 213 25.92 32.61 19.24
N GLY L 214 25.11 33.36 19.99
CA GLY L 214 23.74 33.65 19.61
C GLY L 214 23.48 35.13 19.42
N TYR L 215 22.61 35.71 20.25
CA TYR L 215 22.28 37.12 20.10
C TYR L 215 23.49 38.03 20.37
N GLY L 216 24.41 37.60 21.21
CA GLY L 216 25.52 38.47 21.57
C GLY L 216 26.42 38.81 20.40
N SER L 217 26.60 37.83 19.51
CA SER L 217 27.52 37.95 18.38
C SER L 217 26.79 38.14 17.06
N ALA L 218 26.04 37.13 16.65
CA ALA L 218 25.31 37.21 15.38
C ALA L 218 24.39 38.43 15.31
N TYR L 219 23.70 38.74 16.40
CA TYR L 219 22.77 39.84 16.36
C TYR L 219 23.52 41.18 16.40
N LEU L 220 24.69 41.21 17.03
CA LEU L 220 25.52 42.41 17.00
C LEU L 220 25.84 42.78 15.55
N ALA L 221 26.09 41.78 14.71
CA ALA L 221 26.36 42.01 13.29
C ALA L 221 25.18 42.67 12.58
N ARG L 222 23.98 42.47 13.09
CA ARG L 222 22.79 43.07 12.50
C ARG L 222 22.63 44.51 12.95
N GLN L 223 23.59 44.99 13.75
CA GLN L 223 23.57 46.38 14.18
C GLN L 223 24.77 47.15 13.61
N VAL L 224 25.95 46.54 13.67
CA VAL L 224 27.16 47.23 13.26
C VAL L 224 27.78 46.67 11.98
N GLY L 225 27.19 45.62 11.43
CA GLY L 225 27.74 44.96 10.26
C GLY L 225 28.74 43.89 10.64
N GLN L 226 29.02 42.99 9.69
CA GLN L 226 29.87 41.84 9.99
C GLN L 226 31.34 42.18 10.31
N LYS L 227 31.93 43.15 9.61
CA LYS L 227 33.32 43.50 9.88
C LYS L 227 33.50 44.01 11.30
N PHE L 228 32.67 44.98 11.69
CA PHE L 228 32.81 45.60 13.01
C PHE L 228 32.45 44.60 14.13
N ALA L 229 31.43 43.76 13.89
CA ALA L 229 31.05 42.79 14.91
C ALA L 229 32.19 41.80 15.16
N ARG L 230 32.83 41.37 14.08
CA ARG L 230 33.95 40.44 14.20
C ARG L 230 35.12 41.10 14.93
N GLU L 231 35.39 42.36 14.63
CA GLU L 231 36.42 43.12 15.34
C GLU L 231 36.16 43.16 16.85
N ILE L 232 34.94 43.53 17.21
CA ILE L 232 34.54 43.66 18.61
C ILE L 232 34.82 42.36 19.37
N PHE L 233 34.47 41.21 18.80
CA PHE L 233 34.68 39.94 19.47
C PHE L 233 36.10 39.39 19.35
N PHE L 234 36.68 39.44 18.16
CA PHE L 234 37.97 38.79 17.96
C PHE L 234 39.10 39.51 18.71
N LEU L 235 39.01 40.84 18.82
CA LEU L 235 40.07 41.59 19.50
C LEU L 235 39.70 42.01 20.91
N GLY L 236 38.41 42.15 21.19
CA GLY L 236 37.97 42.45 22.55
C GLY L 236 38.52 43.76 23.09
N ARG L 237 38.59 44.76 22.22
CA ARG L 237 39.06 46.08 22.61
C ARG L 237 37.97 46.83 23.39
N THR L 238 38.37 47.90 24.06
CA THR L 238 37.44 48.76 24.79
C THR L 238 36.98 49.90 23.92
N TYR L 239 35.67 50.08 23.83
CA TYR L 239 35.08 51.16 23.04
C TYR L 239 34.27 52.15 23.89
N THR L 240 34.30 53.41 23.50
CA THR L 240 33.50 54.44 24.16
C THR L 240 32.07 54.45 23.64
N ALA L 241 31.20 55.16 24.34
CA ALA L 241 29.84 55.40 23.86
C ALA L 241 29.84 55.99 22.45
N GLU L 242 30.65 57.03 22.24
CA GLU L 242 30.69 57.68 20.94
C GLU L 242 31.13 56.72 19.83
N GLN L 243 32.12 55.88 20.13
CA GLN L 243 32.62 54.95 19.13
C GLN L 243 31.54 53.93 18.76
N MET L 244 30.87 53.41 19.77
CA MET L 244 29.78 52.46 19.53
C MET L 244 28.59 53.09 18.82
N HIS L 245 28.35 54.37 19.11
CA HIS L 245 27.29 55.11 18.43
C HIS L 245 27.59 55.23 16.94
N GLN L 246 28.85 55.53 16.62
CA GLN L 246 29.28 55.63 15.22
C GLN L 246 29.20 54.30 14.48
N MET L 247 29.44 53.19 15.17
CA MET L 247 29.36 51.88 14.54
C MET L 247 27.93 51.38 14.35
N GLY L 248 27.00 51.88 15.17
CA GLY L 248 25.59 51.53 15.03
C GLY L 248 24.96 50.70 16.14
N ALA L 249 25.67 50.52 17.26
CA ALA L 249 25.14 49.68 18.34
C ALA L 249 24.57 50.51 19.48
N VAL L 250 24.85 51.81 19.48
CA VAL L 250 24.35 52.71 20.50
C VAL L 250 23.52 53.80 19.83
N ASN L 251 22.26 53.95 20.27
CA ASN L 251 21.37 54.90 19.62
C ASN L 251 21.75 56.35 19.88
N ALA L 252 22.16 56.64 21.11
CA ALA L 252 22.56 58.00 21.46
C ALA L 252 23.44 58.02 22.70
N VAL L 253 24.25 59.06 22.77
CA VAL L 253 25.15 59.29 23.87
C VAL L 253 24.55 60.40 24.73
N ALA L 254 24.58 60.22 26.05
CA ALA L 254 24.05 61.20 26.99
C ALA L 254 25.08 61.48 28.07
N GLU L 255 25.02 62.66 28.67
CA GLU L 255 25.82 62.97 29.84
C GLU L 255 25.45 61.99 30.94
N HIS L 256 26.45 61.54 31.69
CA HIS L 256 26.27 60.52 32.71
C HIS L 256 25.11 60.84 33.65
N ALA L 257 25.12 62.07 34.16
CA ALA L 257 24.13 62.50 35.15
C ALA L 257 22.73 62.55 34.56
N GLU L 258 22.66 62.66 33.24
CA GLU L 258 21.40 62.79 32.52
C GLU L 258 20.92 61.51 31.87
N LEU L 259 21.68 60.43 32.03
CA LEU L 259 21.40 59.20 31.29
C LEU L 259 19.98 58.68 31.51
N GLU L 260 19.50 58.69 32.75
CA GLU L 260 18.19 58.14 33.02
C GLU L 260 17.11 59.17 32.68
N THR L 261 17.45 60.45 32.77
CA THR L 261 16.56 61.51 32.36
C THR L 261 16.30 61.41 30.86
N VAL L 262 17.36 61.16 30.10
CA VAL L 262 17.20 60.97 28.66
C VAL L 262 16.42 59.67 28.39
N GLY L 263 16.75 58.59 29.12
CA GLY L 263 15.99 57.36 29.01
C GLY L 263 14.49 57.55 29.20
N LEU L 264 14.13 58.33 30.22
CA LEU L 264 12.73 58.64 30.50
C LEU L 264 12.09 59.45 29.36
N GLN L 265 12.88 60.32 28.73
CA GLN L 265 12.38 61.10 27.60
C GLN L 265 12.09 60.20 26.41
N TRP L 266 13.03 59.29 26.11
CA TRP L 266 12.84 58.32 25.04
C TRP L 266 11.61 57.46 25.34
N ALA L 267 11.48 57.04 26.59
CA ALA L 267 10.33 56.24 27.00
C ALA L 267 9.00 56.98 26.79
N ALA L 268 8.99 58.27 27.10
CA ALA L 268 7.78 59.07 26.95
C ALA L 268 7.37 59.15 25.49
N GLU L 269 8.36 59.32 24.61
CA GLU L 269 8.08 59.39 23.18
C GLU L 269 7.52 58.06 22.67
N ILE L 270 8.08 56.96 23.17
CA ILE L 270 7.55 55.64 22.81
C ILE L 270 6.12 55.48 23.33
N ASN L 271 5.89 55.92 24.56
CA ASN L 271 4.60 55.72 25.20
C ASN L 271 3.51 56.65 24.66
N ALA L 272 3.90 57.61 23.82
CA ALA L 272 2.93 58.54 23.24
C ALA L 272 2.40 58.06 21.90
N LYS L 273 2.82 56.87 21.47
CA LYS L 273 2.31 56.30 20.23
C LYS L 273 1.32 55.17 20.48
N SER L 274 0.69 54.70 19.40
CA SER L 274 -0.25 53.60 19.50
C SER L 274 0.42 52.37 20.09
N PRO L 275 -0.04 51.91 21.27
CA PRO L 275 0.58 50.74 21.87
C PRO L 275 0.46 49.49 20.98
N GLN L 276 -0.67 49.40 20.28
CA GLN L 276 -0.91 48.30 19.36
C GLN L 276 0.08 48.30 18.21
N ALA L 277 0.31 49.48 17.61
CA ALA L 277 1.27 49.57 16.52
C ALA L 277 2.69 49.26 16.99
N GLN L 278 3.02 49.72 18.20
CA GLN L 278 4.38 49.54 18.72
C GLN L 278 4.67 48.04 18.91
N ARG L 279 3.67 47.31 19.40
CA ARG L 279 3.77 45.88 19.59
C ARG L 279 4.02 45.17 18.27
N MET L 280 3.21 45.51 17.26
CA MET L 280 3.33 44.90 15.95
C MET L 280 4.69 45.21 15.33
N LEU L 281 5.15 46.45 15.52
CA LEU L 281 6.43 46.83 14.94
C LEU L 281 7.58 46.03 15.56
N LYS L 282 7.57 45.85 16.88
CA LYS L 282 8.67 45.14 17.50
C LYS L 282 8.75 43.73 16.94
N PHE L 283 7.61 43.07 16.81
CA PHE L 283 7.62 41.71 16.30
C PHE L 283 7.93 41.67 14.81
N ALA L 284 7.59 42.73 14.08
CA ALA L 284 7.99 42.82 12.68
C ALA L 284 9.51 42.90 12.54
N PHE L 285 10.15 43.70 13.39
CA PHE L 285 11.60 43.82 13.38
C PHE L 285 12.26 42.48 13.74
N ASN L 286 11.68 41.76 14.68
CA ASN L 286 12.21 40.47 15.10
C ASN L 286 12.08 39.39 14.03
N LEU L 287 11.01 39.47 13.22
CA LEU L 287 10.44 38.30 12.54
C LEU L 287 11.42 37.39 11.80
N LEU L 288 11.95 37.87 10.70
CA LEU L 288 12.74 37.01 9.83
C LEU L 288 14.03 36.54 10.49
N ASP L 289 14.71 37.43 11.20
CA ASP L 289 15.92 37.06 11.91
C ASP L 289 15.61 35.88 12.83
N ASP L 290 14.41 35.89 13.44
CA ASP L 290 14.00 34.84 14.39
C ASP L 290 13.26 33.65 13.77
N GLY L 291 13.23 33.54 12.44
CA GLY L 291 12.66 32.37 11.79
C GLY L 291 11.25 32.01 12.23
N LEU L 292 10.99 30.72 12.46
CA LEU L 292 9.66 30.28 12.86
C LEU L 292 9.20 30.87 14.19
N VAL L 293 10.13 31.12 15.10
CA VAL L 293 9.76 31.71 16.38
C VAL L 293 9.27 33.13 16.16
N GLY L 294 9.99 33.88 15.32
CA GLY L 294 9.57 35.22 14.94
C GLY L 294 8.22 35.21 14.28
N GLN L 295 8.01 34.25 13.38
CA GLN L 295 6.71 34.12 12.74
C GLN L 295 5.62 33.84 13.78
N GLN L 296 5.93 32.96 14.73
CA GLN L 296 4.96 32.60 15.76
C GLN L 296 4.52 33.82 16.57
N LEU L 297 5.48 34.66 16.96
CA LEU L 297 5.13 35.83 17.77
C LEU L 297 4.34 36.85 16.96
N PHE L 298 4.77 37.11 15.72
CA PHE L 298 4.08 38.11 14.92
C PHE L 298 2.69 37.62 14.53
N ALA L 299 2.61 36.37 14.09
CA ALA L 299 1.31 35.79 13.73
C ALA L 299 0.37 35.71 14.94
N GLY L 300 0.94 35.54 16.13
CA GLY L 300 0.15 35.50 17.35
C GLY L 300 -0.54 36.83 17.62
N GLU L 301 0.17 37.92 17.37
CA GLU L 301 -0.43 39.24 17.46
C GLU L 301 -1.48 39.47 16.38
N ALA L 302 -1.24 38.95 15.18
CA ALA L 302 -2.23 39.03 14.11
C ALA L 302 -3.50 38.27 14.48
N THR L 303 -3.35 37.12 15.10
CA THR L 303 -4.49 36.35 15.58
C THR L 303 -5.29 37.18 16.58
N ARG L 304 -4.60 37.87 17.48
CA ARG L 304 -5.31 38.71 18.44
C ARG L 304 -6.13 39.80 17.74
N LEU L 305 -5.53 40.45 16.75
CA LEU L 305 -6.25 41.45 15.97
C LEU L 305 -7.51 40.84 15.32
N ALA L 306 -7.37 39.63 14.78
CA ALA L 306 -8.49 38.95 14.14
C ALA L 306 -9.60 38.63 15.14
N TYR L 307 -9.22 38.22 16.35
CA TYR L 307 -10.23 37.87 17.35
C TYR L 307 -11.13 39.06 17.70
N MET L 308 -10.65 40.27 17.44
CA MET L 308 -11.44 41.46 17.77
C MET L 308 -12.58 41.71 16.79
N THR L 309 -12.54 41.04 15.65
CA THR L 309 -13.47 41.32 14.54
C THR L 309 -14.82 40.63 14.71
N ASP L 310 -15.85 41.26 14.15
CA ASP L 310 -17.18 40.65 14.11
C ASP L 310 -17.14 39.28 13.45
N GLU L 311 -16.29 39.14 12.43
CA GLU L 311 -16.13 37.86 11.73
C GLU L 311 -15.66 36.74 12.67
N ALA L 312 -14.66 37.03 13.49
CA ALA L 312 -14.20 36.04 14.45
C ALA L 312 -15.29 35.72 15.46
N VAL L 313 -16.03 36.74 15.89
CA VAL L 313 -17.09 36.54 16.85
C VAL L 313 -18.18 35.63 16.26
N GLU L 314 -18.47 35.77 14.98
CA GLU L 314 -19.47 34.91 14.34
C GLU L 314 -18.99 33.44 14.36
N GLY L 315 -17.70 33.23 14.14
CA GLY L 315 -17.12 31.91 14.20
C GLY L 315 -17.33 31.26 15.55
N ARG L 316 -17.05 32.01 16.62
CA ARG L 316 -17.25 31.51 17.98
C ARG L 316 -18.73 31.24 18.22
N ASP L 317 -19.57 32.21 17.88
CA ASP L 317 -21.00 32.11 18.16
C ASP L 317 -21.64 30.92 17.47
N ALA L 318 -21.27 30.71 16.21
CA ALA L 318 -21.86 29.62 15.45
C ALA L 318 -21.48 28.26 16.06
N PHE L 319 -20.25 28.13 16.54
CA PHE L 319 -19.84 26.90 17.22
C PHE L 319 -20.65 26.69 18.49
N LEU L 320 -20.79 27.75 19.28
CA LEU L 320 -21.45 27.65 20.59
C LEU L 320 -22.94 27.37 20.43
N GLN L 321 -23.50 27.91 19.36
CA GLN L 321 -24.93 27.75 19.11
C GLN L 321 -25.24 26.55 18.23
N LYS L 322 -24.19 25.80 17.88
CA LYS L 322 -24.30 24.56 17.10
C LYS L 322 -25.06 24.77 15.78
N ARG L 323 -24.64 25.79 15.05
CA ARG L 323 -25.27 26.16 13.79
C ARG L 323 -24.17 26.50 12.79
N PRO L 324 -24.50 26.49 11.48
CA PRO L 324 -23.47 26.89 10.52
C PRO L 324 -23.16 28.38 10.64
N PRO L 325 -21.89 28.75 10.45
CA PRO L 325 -21.60 30.18 10.47
C PRO L 325 -22.08 30.86 9.20
N ASP L 326 -22.45 32.13 9.31
CA ASP L 326 -22.86 32.93 8.17
C ASP L 326 -21.79 33.97 7.92
N TRP L 327 -20.99 33.76 6.88
CA TRP L 327 -19.90 34.67 6.57
C TRP L 327 -20.30 35.75 5.59
N SER L 328 -21.56 35.76 5.16
CA SER L 328 -21.98 36.70 4.12
C SER L 328 -21.76 38.19 4.46
N PRO L 329 -21.86 38.59 5.75
CA PRO L 329 -21.60 40.02 6.00
C PRO L 329 -20.15 40.46 5.83
N PHE L 330 -19.22 39.53 5.61
CA PHE L 330 -17.80 39.86 5.68
C PHE L 330 -17.09 39.72 4.33
N PRO L 331 -16.80 40.87 3.70
CA PRO L 331 -16.24 40.89 2.34
C PRO L 331 -14.84 40.30 2.25
N ARG L 332 -14.50 39.79 1.07
CA ARG L 332 -13.14 39.37 0.76
C ARG L 332 -12.28 40.54 0.32
N TYR L 333 -11.31 40.90 1.16
CA TYR L 333 -10.42 42.01 0.85
C TYR L 333 -9.26 41.54 -0.04
N PHE L 334 -8.71 42.48 -0.82
CA PHE L 334 -7.58 42.18 -1.68
C PHE L 334 -6.65 43.37 -1.82
#